data_9N9P
#
_entry.id   9N9P
#
_cell.length_a   1.00
_cell.length_b   1.00
_cell.length_c   1.00
_cell.angle_alpha   90.00
_cell.angle_beta   90.00
_cell.angle_gamma   90.00
#
_symmetry.space_group_name_H-M   'P 1'
#
loop_
_entity.id
_entity.type
_entity.pdbx_description
1 polymer 'DNA-directed RNA polymerase subunit alpha'
2 polymer 'DNA-directed RNA polymerase subunit beta'
3 polymer "DNA-directed RNA polymerase subunit beta'"
4 polymer 'RNA polymerase Rpb6'
5 non-polymer 'MAGNESIUM ION'
6 non-polymer 'ZINC ION'
#
loop_
_entity_poly.entity_id
_entity_poly.type
_entity_poly.pdbx_seq_one_letter_code
_entity_poly.pdbx_strand_id
1 'polypeptide(L)'
;MALLNFQKPDKVIMIDSTDFEGKFEFRPLEPGYGLTVGNALRRVLLSSLEGFAITSVRIDGVEHEFSVVPGVVEDVTEII
LNLKQVRFKRQIDDVESETVSISVSGKEQLTAGDFQKFISGYQVLNPDLVICNMGPKVSINMEIVIEKGRGYVPAEENKK
SNAPLGSIAVDSVYTPVKNVKYSIENYRVEQKTDYEKLVFEIITDGSIHPKDALTEAAKVLIHHFMLFSDERITLEADEI
AQTETYDEESLHMRQLLKTKLVDMDLSVRALNCLKAAEVDTLGDLVSFNKNDLMKFRNFGKKSLTELEELVINKGLQFGM
DLSKYKLDKD
;
A,B
2 'polypeptide(L)'
;MFTNTIERVNFASAKNIPEYPDFLDIQIKSFQDFFQLETKSDERGNEGLYNTFMENFPITDTRNQFVLEFLDYFIDPPRY
SIQECIERGLTYSVPLKARLKLYCTDPEHEDFETIVQDVYLGTIPYMTPSGTFVINGAERVVVSQLHRSPGVFFGQSFHA
NGTKLYSARVIPFKGSWIEFATDINGVMYAYIDRKKKLPVTTLFRAIGFERDKDILEIFDLSEEVKVSKAGLKKVLGRKL
AARVLNTWHEDFVDEDTGEVVSIERNEIILDRDTILEKEHIDEIIDADVKTILLHKENNAQSDYAIIHNTLQKDPTNSEK
EAVEHIYRQLRNAEPPDEETARGIIEKLFFSDQRYSLGEVGRYRMNKKLGLDIGMDKEVLTKEDIITIIKYLIELINSKA
EIDDIDHLSNRRVRTVGEQLSQQFGVGLARMARTIRERMNVRDNEVFTPIDLINAKTLSSVINSFFGTNQLSQFMDQTNP
LAEITHKRRLSALGPGGLSRERAGFEVRDVHYTHYGRLCPIETPEGPNIGLISSLSVFAKVNSMGFLETPYRKVVDGKVD
VKEHIYLSAEEEEGMKIAQANIPLKDDGTIDREKVIARDEGDFPVVDPVEINYTDVAPNQIASISASLIPFLEHDDANRA
LMGSNMMRQAVPLLRPESPIVGTGLERQVATDSRVLINAEGDGVVEYVDAQKITIKYDRTEEERLVSFEEDSKTYELVKF
RKTNQGTSINLKPIVRKGDKVKKGQVLCEGYATEKGELALGRNMKVAFMPWKGYNFEDAIVISEKVVREDIFTSVHIDEY
ALEVRDTKLGAEELTNDIPNVSEEATRDLDEYGMIRIGAEVKPGDILIGKITPKGESDPTPEEKLLRAIFGDKAGDVKDA
SLKASPSLRGVVIDKKLFSRSIKDKRKRSEDKEAISRLEMDYEVKFQQLKDVLIEKLFGLVNGKTSQGVINDLGEEVLPK
GKKYTIKMLNAVDDFAHLVGGSWTTDEDTNALVADLLHNYKIKLNDIQGNLRRDKFTISVGDELPAGIMKLAKVYIAKKR
KLKVGDKMAGRHGNKGIVARIVRQEDMPFLEDGTPVDIVLNPLGVPSRMNIGQIYETVLGWAGLKLGQKYGTPIFDGATL
DDINELTDKAGVPRFGHTYLYDGGTGQRFDQAATVGVIYMLKLGHMVDDKMHARSIGPYSLITQQPLGGKAQFGGQRFGE
MEVWALEAYGASATLREILTVKSDDVIGRAKTYESIVKGETMPEPGLPESFNVLMHELKGLGLDIRLEE
;
C
3 'polypeptide(L)'
;MARIKDNNAPKRFNKISIGLASPESILAESRGEVLKPETINYRTHKPERDGLFCERIFGPVKDYECACGKYKRIRYRGIV
CDRCGVEVTEKKVRRDRVGHINLVVPVAHIWYFRSLPNKIGYLLGLPSKKLDMIIYYERYVVIQPGIAKGPEGEEIHKLD
FLTEEEYLNILESLPSENQYLEENDPNKFIAKMGAECLIDLLARIDLEQLSYELRHKANTETSKQRKTEALKRLQVVEAL
RESQDNRENNPEWMIMKVIPVIPPELRPLVPLDGGRFATSDLNDLYRRVIIRNNRLKRLMEIKAPEVILRNEKRMLQEAV
DSLFDNTRKASAVKTESNRPLKSLSDSLKGKQGRFRQNLLGKRVDYSARSVIVVGPEMKLYECGLPKDMAAELYKPFIIR
KLIERGIVKTVKSAKKIIDKKEPVVWDILENVLKGHPVLLNRAPTLHRLGIQAFQPKLIEGKAIRLHPLACTAFNADFDG
DQMAVHLPLGPEAILEAQLLMLASQNILNPANGSPITVPSQDMVLGLYYMTKEKRSTPEEPVIGEGLTFYSSEEVEIAFN
ERKVALNAIIKVRTKDFNEAGELVNKIIETTVGRVLFNTVVPEQAGYINTVLNKKSLRNIIGDILAVTDVPTTADFLDKI
KTMGYEFAFKGGLSFSLGDIIIPKEKHEMIAEANEQVDGIMMNYNMGLITFNERYNQVIDVWTSTNAMLTELAMKRIRED
KQGFNSVYMMLDSGARGSKEQIRQLTGMRGLMAKPKKSTAGGGEIIENPILSNFKEGLSILEYFISTHGARKGLADTALK
TADAGYLTRRLVDVSQDVIINTEDCGTLRGIEVEALKKNEEVVETLGERILGRVSLHDVYNPLTEELILKAGQEISEADV
KKVEAAPIEKVEVRSPLTCEAAQGICAKCYGRNLATNKMVQRGEAVGVVAAQSIGEPGTQLTLRTFHVGGIAGNISEDSK
LEAKFDGIAEIEDLRVVEGVDNGGGKSDIVISRTSEIKIVDAKTGITLSTNNIPYGSQLFVKNGEKITKGTVICQWDPYN
GVIVSEFTGQIAYENIEQGMTYQVEIDEQTGFQEKVISESRNKRLIPTLLIKDGKGETIRSYNLPVGSHLMVDNGEKIKE
GKILVKIPRKSAKAGDITGGLPRVTELFEARNPSNPAVVTEIDGVVSFGKIKRGNREIIIESKAGEVKKYLVKLSNQILV
QENDYVRAGMALSDGSITPEDILAIKGPSAVQQYLVNEVQEVYRLQGVKINDKHFEVVVRQMMRKVQIQDSGDTTFLENQ
LVHKDDFINENDEIFGKKVVEDAGDSERLKPGQIVTARQLRDENSILRREDKTLVTARDAVAATATPILQGITRASLQTK
SFISAASFQETTKVLNEAAVNGKVDTLEGLKENVIVGHKIPAGTGMRDYDSIIVGSKEEYDEIMARKEEFKF
;
D
4 'polypeptide(L)'
;MQDLKNTKAPVSTATLNRNEFDSKTGNIYEAISIASKRAVQINSDIKKELLEKLEEFATYSDSLEEVFENKEQIEVSKFY
EKLPKPHALAVQEWLEDKIYYRNTEKDA
;
E
#
# COMPACT_ATOMS: atom_id res chain seq x y z
N MET A 1 -63.65 2.10 -16.76
CA MET A 1 -64.96 1.48 -16.73
C MET A 1 -64.85 -0.04 -16.72
N ALA A 2 -63.62 -0.54 -16.85
CA ALA A 2 -63.36 -1.97 -16.86
C ALA A 2 -63.04 -2.49 -15.47
N LEU A 3 -63.15 -1.61 -14.46
CA LEU A 3 -62.83 -1.94 -13.07
C LEU A 3 -63.98 -2.63 -12.35
N LEU A 4 -64.93 -3.21 -13.08
CA LEU A 4 -66.13 -3.78 -12.45
C LEU A 4 -65.78 -4.99 -11.59
N ASN A 5 -64.96 -5.90 -12.09
CA ASN A 5 -64.76 -7.21 -11.47
C ASN A 5 -63.59 -7.24 -10.50
N PHE A 6 -62.91 -6.12 -10.27
CA PHE A 6 -61.81 -6.09 -9.30
C PHE A 6 -62.39 -5.89 -7.90
N GLN A 7 -62.31 -6.93 -7.08
CA GLN A 7 -62.85 -6.87 -5.73
C GLN A 7 -61.95 -6.02 -4.83
N LYS A 8 -62.45 -4.86 -4.45
CA LYS A 8 -61.69 -3.93 -3.62
C LYS A 8 -62.17 -3.96 -2.18
N PRO A 9 -61.29 -3.74 -1.21
CA PRO A 9 -61.72 -3.74 0.19
C PRO A 9 -62.63 -2.56 0.49
N ASP A 10 -63.41 -2.71 1.55
CA ASP A 10 -64.31 -1.64 1.98
C ASP A 10 -63.68 -0.73 3.02
N LYS A 11 -62.88 -1.29 3.93
CA LYS A 11 -62.29 -0.50 5.01
C LYS A 11 -61.05 -1.21 5.51
N VAL A 12 -60.32 -0.54 6.39
CA VAL A 12 -59.21 -1.13 7.12
C VAL A 12 -59.66 -1.38 8.56
N ILE A 13 -59.49 -2.61 9.01
CA ILE A 13 -60.06 -3.07 10.27
C ILE A 13 -58.96 -3.19 11.32
N MET A 14 -59.19 -2.57 12.48
CA MET A 14 -58.21 -2.52 13.56
C MET A 14 -58.55 -3.62 14.57
N ILE A 15 -57.69 -4.64 14.65
CA ILE A 15 -57.94 -5.74 15.58
C ILE A 15 -57.68 -5.30 17.01
N ASP A 16 -56.42 -4.96 17.31
CA ASP A 16 -56.02 -4.50 18.63
C ASP A 16 -54.98 -3.41 18.46
N SER A 17 -55.12 -2.33 19.23
CA SER A 17 -54.19 -1.22 19.10
C SER A 17 -54.06 -0.48 20.42
N THR A 18 -52.82 -0.26 20.83
CA THR A 18 -52.47 0.61 21.94
C THR A 18 -51.82 1.88 21.37
N ASP A 19 -51.31 2.72 22.27
CA ASP A 19 -50.57 3.90 21.81
C ASP A 19 -49.20 3.54 21.25
N PHE A 20 -48.75 2.29 21.41
CA PHE A 20 -47.43 1.87 20.96
C PHE A 20 -47.46 0.74 19.94
N GLU A 21 -48.45 -0.15 20.00
CA GLU A 21 -48.58 -1.24 19.04
C GLU A 21 -49.99 -1.24 18.45
N GLY A 22 -50.09 -1.62 17.18
CA GLY A 22 -51.37 -1.72 16.52
C GLY A 22 -51.41 -2.81 15.48
N LYS A 23 -52.48 -3.59 15.45
CA LYS A 23 -52.67 -4.66 14.47
C LYS A 23 -53.85 -4.31 13.58
N PHE A 24 -53.64 -4.39 12.26
CA PHE A 24 -54.62 -3.95 11.28
C PHE A 24 -54.81 -5.04 10.23
N GLU A 25 -55.98 -5.02 9.58
CA GLU A 25 -56.32 -5.98 8.53
C GLU A 25 -56.75 -5.23 7.28
N PHE A 26 -56.51 -5.84 6.12
CA PHE A 26 -56.91 -5.30 4.83
C PHE A 26 -57.40 -6.45 3.96
N ARG A 27 -58.70 -6.48 3.70
CA ARG A 27 -59.31 -7.54 2.91
C ARG A 27 -60.64 -7.05 2.36
N PRO A 28 -61.11 -7.61 1.24
CA PRO A 28 -60.46 -8.63 0.38
C PRO A 28 -59.54 -7.99 -0.65
N LEU A 29 -58.47 -8.67 -1.04
CA LEU A 29 -57.49 -8.15 -1.97
C LEU A 29 -57.30 -9.11 -3.13
N GLU A 30 -57.09 -8.56 -4.32
CA GLU A 30 -56.75 -9.38 -5.47
C GLU A 30 -55.37 -10.00 -5.27
N PRO A 31 -55.14 -11.18 -5.84
CA PRO A 31 -53.82 -11.82 -5.68
C PRO A 31 -52.69 -10.93 -6.16
N GLY A 32 -51.65 -10.83 -5.35
CA GLY A 32 -50.51 -9.99 -5.65
C GLY A 32 -50.61 -8.57 -5.15
N TYR A 33 -51.81 -8.10 -4.80
CA TYR A 33 -51.96 -6.73 -4.33
C TYR A 33 -51.55 -6.57 -2.87
N GLY A 34 -51.67 -7.65 -2.09
CA GLY A 34 -51.27 -7.57 -0.69
C GLY A 34 -49.82 -7.20 -0.52
N LEU A 35 -48.94 -7.82 -1.32
CA LEU A 35 -47.52 -7.50 -1.25
C LEU A 35 -47.25 -6.06 -1.65
N THR A 36 -47.90 -5.60 -2.72
CA THR A 36 -47.70 -4.22 -3.17
C THR A 36 -48.08 -3.23 -2.07
N VAL A 37 -49.29 -3.37 -1.53
CA VAL A 37 -49.76 -2.44 -0.50
C VAL A 37 -48.88 -2.54 0.73
N GLY A 38 -48.58 -3.76 1.18
CA GLY A 38 -47.81 -3.92 2.39
C GLY A 38 -46.41 -3.35 2.28
N ASN A 39 -45.72 -3.63 1.16
CA ASN A 39 -44.35 -3.15 1.02
C ASN A 39 -44.30 -1.65 0.85
N ALA A 40 -45.22 -1.07 0.07
CA ALA A 40 -45.26 0.37 -0.05
C ALA A 40 -45.49 1.03 1.30
N LEU A 41 -46.47 0.53 2.06
CA LEU A 41 -46.75 1.11 3.36
C LEU A 41 -45.59 0.93 4.32
N ARG A 42 -44.94 -0.24 4.29
CA ARG A 42 -43.80 -0.46 5.20
C ARG A 42 -42.66 0.50 4.90
N ARG A 43 -42.34 0.69 3.63
CA ARG A 43 -41.25 1.59 3.28
C ARG A 43 -41.58 3.02 3.66
N VAL A 44 -42.81 3.46 3.38
CA VAL A 44 -43.19 4.84 3.72
C VAL A 44 -43.21 5.02 5.23
N LEU A 45 -43.65 3.99 5.97
CA LEU A 45 -43.70 4.08 7.42
C LEU A 45 -42.30 4.17 8.03
N LEU A 46 -41.38 3.32 7.56
CA LEU A 46 -40.02 3.34 8.09
C LEU A 46 -39.18 4.48 7.53
N SER A 47 -39.68 5.22 6.55
CA SER A 47 -38.87 6.26 5.92
C SER A 47 -39.27 7.69 6.24
N SER A 48 -40.53 8.08 6.02
CA SER A 48 -40.87 9.49 5.85
C SER A 48 -41.73 10.09 6.96
N LEU A 49 -42.02 9.35 8.02
CA LEU A 49 -42.90 9.91 9.06
C LEU A 49 -42.15 10.87 9.96
N GLU A 50 -42.82 11.97 10.29
CA GLU A 50 -42.21 13.04 11.08
C GLU A 50 -42.16 12.64 12.55
N GLY A 51 -41.34 13.38 13.31
CA GLY A 51 -41.18 13.13 14.73
C GLY A 51 -40.50 14.30 15.40
N PHE A 52 -40.20 14.12 16.68
CA PHE A 52 -39.59 15.16 17.49
C PHE A 52 -38.39 14.60 18.23
N ALA A 53 -37.33 15.42 18.34
CA ALA A 53 -36.11 15.02 19.03
C ALA A 53 -35.35 16.27 19.44
N ILE A 54 -34.21 16.06 20.09
CA ILE A 54 -33.39 17.16 20.60
C ILE A 54 -32.29 17.48 19.61
N THR A 55 -32.00 18.77 19.42
CA THR A 55 -31.00 19.22 18.46
C THR A 55 -29.77 19.81 19.11
N SER A 56 -29.90 20.49 20.25
CA SER A 56 -28.76 21.12 20.90
C SER A 56 -28.87 20.92 22.41
N VAL A 57 -27.70 20.87 23.07
CA VAL A 57 -27.61 20.72 24.51
C VAL A 57 -26.50 21.61 25.02
N ARG A 58 -26.74 22.28 26.16
CA ARG A 58 -25.76 23.14 26.81
C ARG A 58 -25.76 22.86 28.29
N ILE A 59 -24.71 22.21 28.78
CA ILE A 59 -24.53 21.94 30.21
C ILE A 59 -23.65 23.03 30.79
N ASP A 60 -24.09 23.62 31.90
CA ASP A 60 -23.35 24.72 32.50
C ASP A 60 -21.98 24.25 32.98
N GLY A 61 -20.95 25.02 32.65
CA GLY A 61 -19.58 24.68 32.98
C GLY A 61 -18.92 23.72 32.02
N VAL A 62 -19.62 23.26 31.00
CA VAL A 62 -19.09 22.34 30.00
C VAL A 62 -18.95 23.10 28.69
N GLU A 63 -17.75 23.06 28.11
CA GLU A 63 -17.46 23.81 26.89
C GLU A 63 -17.41 22.94 25.65
N HIS A 64 -17.13 21.64 25.80
CA HIS A 64 -17.11 20.73 24.67
C HIS A 64 -17.62 19.37 25.12
N GLU A 65 -18.05 18.56 24.16
CA GLU A 65 -18.66 17.28 24.47
C GLU A 65 -17.67 16.28 25.05
N PHE A 66 -16.37 16.57 25.00
CA PHE A 66 -15.33 15.69 25.53
C PHE A 66 -14.86 16.13 26.91
N SER A 67 -15.76 16.66 27.73
CA SER A 67 -15.46 17.09 29.08
C SER A 67 -16.26 16.27 30.08
N VAL A 68 -16.18 16.65 31.35
CA VAL A 68 -16.83 15.93 32.43
C VAL A 68 -17.46 16.94 33.39
N VAL A 69 -18.67 16.64 33.85
CA VAL A 69 -19.36 17.46 34.85
C VAL A 69 -18.96 16.96 36.23
N PRO A 70 -18.51 17.84 37.13
CA PRO A 70 -18.11 17.39 38.46
C PRO A 70 -19.23 16.69 39.20
N GLY A 71 -18.92 15.55 39.81
CA GLY A 71 -19.87 14.80 40.60
C GLY A 71 -20.75 13.84 39.82
N VAL A 72 -20.65 13.82 38.49
CA VAL A 72 -21.50 12.98 37.66
C VAL A 72 -20.70 11.78 37.18
N VAL A 73 -21.27 10.59 37.36
CA VAL A 73 -20.59 9.36 36.98
C VAL A 73 -20.38 9.31 35.46
N GLU A 74 -21.40 9.67 34.69
CA GLU A 74 -21.32 9.60 33.25
C GLU A 74 -20.70 10.87 32.67
N ASP A 75 -19.84 10.69 31.68
CA ASP A 75 -19.25 11.82 30.97
C ASP A 75 -20.29 12.49 30.08
N VAL A 76 -19.92 13.64 29.53
CA VAL A 76 -20.85 14.40 28.70
C VAL A 76 -21.23 13.61 27.45
N THR A 77 -20.33 12.76 26.95
CA THR A 77 -20.64 11.95 25.79
C THR A 77 -21.77 10.97 26.07
N GLU A 78 -21.71 10.29 27.22
CA GLU A 78 -22.78 9.36 27.58
C GLU A 78 -24.08 10.10 27.85
N ILE A 79 -24.00 11.30 28.44
CA ILE A 79 -25.19 12.12 28.64
C ILE A 79 -25.81 12.47 27.29
N ILE A 80 -24.98 12.80 26.30
CA ILE A 80 -25.49 13.14 24.97
C ILE A 80 -26.14 11.93 24.33
N LEU A 81 -25.51 10.76 24.46
CA LEU A 81 -26.05 9.55 23.85
C LEU A 81 -27.37 9.15 24.51
N ASN A 82 -27.51 9.41 25.82
CA ASN A 82 -28.78 9.14 26.49
C ASN A 82 -29.84 10.17 26.08
N LEU A 83 -29.44 11.43 25.94
CA LEU A 83 -30.38 12.48 25.53
C LEU A 83 -30.91 12.21 24.13
N LYS A 84 -30.10 11.56 23.29
CA LYS A 84 -30.57 11.19 21.95
C LYS A 84 -31.73 10.21 22.01
N GLN A 85 -31.86 9.47 23.11
CA GLN A 85 -32.88 8.43 23.22
C GLN A 85 -34.20 8.93 23.79
N VAL A 86 -34.30 10.20 24.18
CA VAL A 86 -35.55 10.71 24.74
C VAL A 86 -36.56 10.88 23.62
N ARG A 87 -37.81 10.52 23.90
CA ARG A 87 -38.89 10.57 22.93
C ARG A 87 -39.96 11.55 23.38
N PHE A 88 -40.50 12.31 22.43
CA PHE A 88 -41.46 13.37 22.70
C PHE A 88 -42.74 13.17 21.90
N LYS A 89 -43.87 13.41 22.55
CA LYS A 89 -45.17 13.44 21.90
C LYS A 89 -45.75 14.84 22.04
N ARG A 90 -46.24 15.39 20.93
CA ARG A 90 -46.74 16.76 20.94
C ARG A 90 -48.02 16.86 21.76
N GLN A 91 -48.06 17.86 22.64
CA GLN A 91 -49.24 18.12 23.46
C GLN A 91 -49.98 19.38 23.04
N ILE A 92 -49.27 20.41 22.58
CA ILE A 92 -49.86 21.67 22.13
C ILE A 92 -49.67 21.76 20.62
N ASP A 93 -50.75 22.04 19.90
CA ASP A 93 -50.69 22.11 18.45
C ASP A 93 -49.91 23.34 18.01
N ASP A 94 -49.39 23.28 16.78
CA ASP A 94 -48.61 24.33 16.12
C ASP A 94 -47.28 24.60 16.79
N VAL A 95 -46.87 23.79 17.76
CA VAL A 95 -45.57 23.96 18.40
C VAL A 95 -44.53 23.17 17.61
N GLU A 96 -43.65 23.88 16.91
CA GLU A 96 -42.62 23.23 16.10
C GLU A 96 -41.25 23.21 16.77
N SER A 97 -40.94 24.20 17.60
CA SER A 97 -39.66 24.24 18.29
C SER A 97 -39.86 24.86 19.67
N GLU A 98 -39.13 24.32 20.65
CA GLU A 98 -39.22 24.80 22.03
C GLU A 98 -37.83 24.73 22.66
N THR A 99 -37.50 25.74 23.46
CA THR A 99 -36.26 25.78 24.21
C THR A 99 -36.58 25.49 25.67
N VAL A 100 -35.93 24.47 26.23
CA VAL A 100 -36.22 24.00 27.58
C VAL A 100 -34.99 24.24 28.45
N SER A 101 -35.18 24.99 29.54
CA SER A 101 -34.15 25.20 30.53
C SER A 101 -34.40 24.26 31.71
N ILE A 102 -33.43 23.40 32.01
CA ILE A 102 -33.57 22.34 33.00
C ILE A 102 -32.58 22.59 34.14
N SER A 103 -33.08 22.60 35.36
CA SER A 103 -32.25 22.75 36.56
C SER A 103 -32.67 21.70 37.57
N VAL A 104 -31.85 20.69 37.76
CA VAL A 104 -32.13 19.56 38.65
C VAL A 104 -31.04 19.49 39.70
N SER A 105 -31.44 19.39 40.97
CA SER A 105 -30.52 19.29 42.08
C SER A 105 -31.15 18.47 43.20
N GLY A 106 -30.29 17.91 44.05
CA GLY A 106 -30.75 17.12 45.18
C GLY A 106 -31.19 15.71 44.85
N LYS A 107 -30.97 15.24 43.64
CA LYS A 107 -31.37 13.91 43.22
C LYS A 107 -30.15 13.04 42.96
N GLU A 108 -30.34 11.73 43.12
CA GLU A 108 -29.29 10.77 42.86
C GLU A 108 -29.32 10.22 41.44
N GLN A 109 -30.29 10.64 40.62
CA GLN A 109 -30.43 10.14 39.26
C GLN A 109 -31.28 11.10 38.46
N LEU A 110 -30.76 11.55 37.31
CA LEU A 110 -31.49 12.43 36.41
C LEU A 110 -32.20 11.57 35.37
N THR A 111 -33.53 11.54 35.44
CA THR A 111 -34.35 10.80 34.49
C THR A 111 -35.04 11.76 33.53
N ALA A 112 -35.52 11.21 32.42
CA ALA A 112 -36.18 12.03 31.42
C ALA A 112 -37.46 12.66 31.97
N GLY A 113 -38.08 12.03 32.96
CA GLY A 113 -39.27 12.60 33.55
C GLY A 113 -39.01 13.90 34.29
N ASP A 114 -37.77 14.10 34.75
CA ASP A 114 -37.42 15.36 35.39
C ASP A 114 -37.43 16.53 34.42
N PHE A 115 -37.35 16.26 33.12
CA PHE A 115 -37.47 17.32 32.14
C PHE A 115 -38.90 17.79 31.99
N GLN A 116 -39.87 16.95 32.37
CA GLN A 116 -41.27 17.24 32.09
C GLN A 116 -41.77 18.49 32.79
N LYS A 117 -41.27 18.76 34.00
CA LYS A 117 -41.71 19.95 34.73
C LYS A 117 -41.28 21.23 34.05
N PHE A 118 -40.35 21.17 33.10
CA PHE A 118 -39.89 22.33 32.37
C PHE A 118 -40.38 22.39 30.92
N ILE A 119 -40.78 21.25 30.35
CA ILE A 119 -41.28 21.20 28.99
C ILE A 119 -42.77 21.53 28.99
N SER A 120 -43.19 22.44 28.11
CA SER A 120 -44.57 22.87 28.03
C SER A 120 -45.32 22.29 26.83
N GLY A 121 -44.68 22.25 25.66
CA GLY A 121 -45.39 21.83 24.46
C GLY A 121 -45.23 20.37 24.08
N TYR A 122 -44.36 19.64 24.76
CA TYR A 122 -44.07 18.26 24.43
C TYR A 122 -44.18 17.38 25.68
N GLN A 123 -44.43 16.10 25.44
CA GLN A 123 -44.57 15.12 26.52
C GLN A 123 -43.52 14.02 26.36
N VAL A 124 -42.81 13.73 27.44
CA VAL A 124 -41.79 12.69 27.42
C VAL A 124 -42.47 11.33 27.51
N LEU A 125 -42.22 10.48 26.53
CA LEU A 125 -42.88 9.18 26.45
C LEU A 125 -42.16 8.10 27.24
N ASN A 126 -40.90 8.30 27.60
CA ASN A 126 -40.13 7.35 28.40
C ASN A 126 -39.49 8.09 29.57
N PRO A 127 -40.28 8.47 30.57
CA PRO A 127 -39.72 9.19 31.72
C PRO A 127 -38.75 8.35 32.55
N ASP A 128 -38.77 7.03 32.40
CA ASP A 128 -37.88 6.16 33.15
C ASP A 128 -36.47 6.10 32.57
N LEU A 129 -36.22 6.76 31.44
CA LEU A 129 -34.90 6.74 30.84
C LEU A 129 -33.94 7.56 31.69
N VAL A 130 -32.86 6.92 32.14
CA VAL A 130 -31.87 7.58 32.99
C VAL A 130 -30.88 8.34 32.11
N ILE A 131 -30.72 9.62 32.37
CA ILE A 131 -29.74 10.43 31.66
C ILE A 131 -28.35 10.27 32.27
N CYS A 132 -28.25 10.39 33.59
CA CYS A 132 -26.96 10.29 34.27
C CYS A 132 -27.19 10.01 35.74
N ASN A 133 -26.18 9.44 36.38
CA ASN A 133 -26.16 9.25 37.83
C ASN A 133 -25.30 10.35 38.46
N MET A 134 -25.87 11.07 39.42
CA MET A 134 -25.14 12.16 40.06
C MET A 134 -25.11 11.93 41.56
N GLY A 135 -24.25 12.69 42.23
CA GLY A 135 -24.24 12.74 43.67
C GLY A 135 -25.39 13.59 44.19
N PRO A 136 -25.75 13.42 45.46
CA PRO A 136 -26.85 14.21 46.03
C PRO A 136 -26.59 15.70 46.09
N LYS A 137 -25.32 16.12 46.05
CA LYS A 137 -24.97 17.54 46.11
C LYS A 137 -24.67 18.13 44.75
N VAL A 138 -24.97 17.41 43.67
CA VAL A 138 -24.66 17.89 42.32
C VAL A 138 -25.87 18.61 41.75
N SER A 139 -25.64 19.83 41.27
CA SER A 139 -26.68 20.63 40.63
C SER A 139 -26.40 20.68 39.14
N ILE A 140 -27.36 20.22 38.34
CA ILE A 140 -27.20 20.13 36.89
C ILE A 140 -28.10 21.19 36.26
N ASN A 141 -27.50 22.10 35.50
CA ASN A 141 -28.23 23.12 34.76
C ASN A 141 -27.94 22.96 33.28
N MET A 142 -28.92 22.44 32.54
CA MET A 142 -28.74 22.17 31.13
C MET A 142 -29.91 22.75 30.33
N GLU A 143 -29.62 23.12 29.08
CA GLU A 143 -30.59 23.68 28.16
C GLU A 143 -30.65 22.81 26.92
N ILE A 144 -31.84 22.31 26.60
CA ILE A 144 -32.04 21.45 25.44
C ILE A 144 -33.04 22.14 24.50
N VAL A 145 -32.88 21.88 23.20
CA VAL A 145 -33.76 22.43 22.17
C VAL A 145 -34.41 21.28 21.43
N ILE A 146 -35.74 21.30 21.36
CA ILE A 146 -36.52 20.24 20.72
C ILE A 146 -37.09 20.80 19.42
N GLU A 147 -36.88 20.08 18.32
CA GLU A 147 -37.33 20.51 17.00
C GLU A 147 -37.99 19.35 16.27
N LYS A 148 -38.63 19.69 15.15
CA LYS A 148 -39.34 18.71 14.33
C LYS A 148 -38.51 18.37 13.10
N GLY A 149 -38.51 17.10 12.72
CA GLY A 149 -37.77 16.67 11.55
C GLY A 149 -38.21 15.30 11.09
N ARG A 150 -37.54 14.82 10.04
CA ARG A 150 -37.83 13.51 9.46
C ARG A 150 -36.55 12.69 9.41
N GLY A 151 -36.70 11.39 9.67
CA GLY A 151 -35.58 10.47 9.53
C GLY A 151 -34.46 10.80 10.48
N TYR A 152 -33.26 10.96 9.93
CA TYR A 152 -32.03 11.17 10.70
C TYR A 152 -31.30 12.39 10.18
N VAL A 153 -30.93 13.28 11.09
CA VAL A 153 -30.13 14.46 10.77
C VAL A 153 -28.88 14.41 11.63
N PRO A 154 -27.68 14.32 11.04
CA PRO A 154 -26.46 14.25 11.85
C PRO A 154 -26.18 15.55 12.58
N ALA A 155 -25.39 15.45 13.64
CA ALA A 155 -25.06 16.61 14.45
C ALA A 155 -24.34 17.68 13.65
N GLU A 156 -23.68 17.30 12.55
CA GLU A 156 -23.02 18.27 11.70
C GLU A 156 -24.01 19.23 11.09
N GLU A 157 -25.17 18.73 10.65
CA GLU A 157 -26.18 19.58 10.04
C GLU A 157 -26.95 20.39 11.07
N ASN A 158 -26.98 19.95 12.33
CA ASN A 158 -27.74 20.64 13.36
C ASN A 158 -26.97 21.79 14.00
N LYS A 159 -25.73 22.02 13.58
CA LYS A 159 -24.90 23.07 14.19
C LYS A 159 -25.34 24.43 13.67
N LYS A 160 -25.77 25.30 14.58
CA LYS A 160 -26.21 26.64 14.23
C LYS A 160 -25.08 27.63 14.45
N SER A 161 -24.86 28.51 13.47
CA SER A 161 -23.76 29.46 13.55
C SER A 161 -24.00 30.53 14.59
N ASN A 162 -25.26 30.80 14.93
CA ASN A 162 -25.61 31.82 15.91
C ASN A 162 -25.87 31.22 17.30
N ALA A 163 -25.51 29.96 17.50
CA ALA A 163 -25.72 29.32 18.79
C ALA A 163 -24.80 29.93 19.84
N PRO A 164 -25.23 30.01 21.10
CA PRO A 164 -24.35 30.54 22.15
C PRO A 164 -23.18 29.63 22.42
N LEU A 165 -22.13 30.20 23.01
CA LEU A 165 -20.94 29.43 23.32
C LEU A 165 -21.26 28.31 24.29
N GLY A 166 -20.63 27.15 24.08
CA GLY A 166 -20.88 25.98 24.87
C GLY A 166 -22.01 25.10 24.39
N SER A 167 -22.72 25.50 23.34
CA SER A 167 -23.81 24.70 22.80
C SER A 167 -23.24 23.51 22.05
N ILE A 168 -23.72 22.32 22.37
CA ILE A 168 -23.24 21.08 21.75
C ILE A 168 -24.37 20.51 20.90
N ALA A 169 -24.14 20.42 19.59
CA ALA A 169 -25.11 19.81 18.70
C ALA A 169 -25.08 18.30 18.84
N VAL A 170 -26.25 17.68 18.66
CA VAL A 170 -26.40 16.24 18.87
C VAL A 170 -27.07 15.63 17.64
N ASP A 171 -26.80 14.35 17.42
CA ASP A 171 -27.49 13.60 16.39
C ASP A 171 -28.96 13.46 16.75
N SER A 172 -29.83 13.57 15.75
CA SER A 172 -31.28 13.51 15.96
C SER A 172 -31.86 12.36 15.14
N VAL A 173 -32.50 11.41 15.84
CA VAL A 173 -33.20 10.31 15.19
C VAL A 173 -34.69 10.64 15.32
N TYR A 174 -35.26 11.23 14.27
CA TYR A 174 -36.62 11.74 14.31
C TYR A 174 -37.68 10.68 14.07
N THR A 175 -37.29 9.49 13.61
CA THR A 175 -38.27 8.51 13.15
C THR A 175 -39.16 8.03 14.30
N PRO A 176 -40.48 8.03 14.13
CA PRO A 176 -41.37 7.56 15.21
C PRO A 176 -41.71 6.08 15.15
N VAL A 177 -41.43 5.40 14.04
CA VAL A 177 -41.82 4.00 13.87
C VAL A 177 -40.62 3.11 14.16
N LYS A 178 -40.82 2.13 15.05
CA LYS A 178 -39.76 1.22 15.44
C LYS A 178 -39.75 -0.05 14.61
N ASN A 179 -40.92 -0.52 14.18
CA ASN A 179 -41.00 -1.79 13.45
C ASN A 179 -42.30 -1.85 12.69
N VAL A 180 -42.23 -2.36 11.45
CA VAL A 180 -43.40 -2.63 10.63
C VAL A 180 -43.29 -4.06 10.14
N LYS A 181 -44.27 -4.89 10.48
CA LYS A 181 -44.34 -6.28 10.04
C LYS A 181 -45.69 -6.53 9.39
N TYR A 182 -45.66 -7.13 8.20
CA TYR A 182 -46.88 -7.43 7.49
C TYR A 182 -46.87 -8.88 7.03
N SER A 183 -48.06 -9.47 6.95
CA SER A 183 -48.24 -10.84 6.50
C SER A 183 -49.40 -10.90 5.53
N ILE A 184 -49.35 -11.89 4.63
CA ILE A 184 -50.37 -12.06 3.61
C ILE A 184 -50.95 -13.46 3.77
N GLU A 185 -52.25 -13.53 4.04
CA GLU A 185 -52.96 -14.79 4.17
C GLU A 185 -54.08 -14.85 3.15
N ASN A 186 -54.38 -16.07 2.69
CA ASN A 186 -55.46 -16.25 1.73
C ASN A 186 -56.82 -16.02 2.38
N TYR A 187 -57.77 -15.54 1.60
CA TYR A 187 -59.11 -15.23 2.08
C TYR A 187 -60.13 -15.77 1.08
N ARG A 188 -61.18 -16.40 1.60
CA ARG A 188 -62.22 -16.98 0.75
C ARG A 188 -63.43 -16.06 0.72
N VAL A 189 -63.77 -15.58 -0.47
CA VAL A 189 -64.96 -14.78 -0.70
C VAL A 189 -65.90 -15.61 -1.56
N GLU A 190 -67.03 -16.02 -0.97
CA GLU A 190 -67.99 -16.89 -1.63
C GLU A 190 -67.32 -18.18 -2.11
N GLN A 191 -67.14 -18.30 -3.44
CA GLN A 191 -66.57 -19.50 -4.02
C GLN A 191 -65.09 -19.39 -4.33
N LYS A 192 -64.54 -18.18 -4.41
CA LYS A 192 -63.14 -17.98 -4.74
C LYS A 192 -62.29 -17.95 -3.47
N THR A 193 -61.27 -18.81 -3.42
CA THR A 193 -60.36 -18.88 -2.29
C THR A 193 -59.03 -18.20 -2.57
N ASP A 194 -58.88 -17.57 -3.72
CA ASP A 194 -57.60 -16.98 -4.13
C ASP A 194 -57.41 -15.55 -3.65
N TYR A 195 -58.44 -14.93 -3.07
CA TYR A 195 -58.31 -13.56 -2.59
C TYR A 195 -57.35 -13.51 -1.40
N GLU A 196 -56.70 -12.36 -1.24
CA GLU A 196 -55.64 -12.19 -0.25
C GLU A 196 -56.11 -11.32 0.90
N LYS A 197 -55.60 -11.62 2.09
CA LYS A 197 -55.86 -10.86 3.31
C LYS A 197 -54.54 -10.32 3.84
N LEU A 198 -54.50 -9.02 4.12
CA LEU A 198 -53.30 -8.35 4.57
C LEU A 198 -53.40 -8.05 6.05
N VAL A 199 -52.34 -8.40 6.80
CA VAL A 199 -52.25 -8.14 8.23
C VAL A 199 -51.07 -7.23 8.48
N PHE A 200 -51.27 -6.20 9.29
CA PHE A 200 -50.26 -5.20 9.59
C PHE A 200 -50.00 -5.14 11.09
N GLU A 201 -48.73 -5.17 11.48
CA GLU A 201 -48.31 -5.00 12.86
C GLU A 201 -47.26 -3.89 12.92
N ILE A 202 -47.61 -2.79 13.57
CA ILE A 202 -46.76 -1.60 13.63
C ILE A 202 -46.41 -1.32 15.08
N ILE A 203 -45.13 -1.12 15.34
CA ILE A 203 -44.63 -0.72 16.65
C ILE A 203 -44.12 0.71 16.54
N THR A 204 -44.72 1.62 17.29
CA THR A 204 -44.34 3.02 17.30
C THR A 204 -43.72 3.39 18.64
N ASP A 205 -43.11 4.57 18.67
CA ASP A 205 -42.53 5.10 19.90
C ASP A 205 -43.55 5.80 20.79
N GLY A 206 -44.80 5.89 20.36
CA GLY A 206 -45.83 6.57 21.10
C GLY A 206 -46.10 8.00 20.65
N SER A 207 -45.22 8.58 19.84
CA SER A 207 -45.45 9.95 19.37
C SER A 207 -46.60 9.99 18.36
N ILE A 208 -46.73 8.97 17.53
CA ILE A 208 -47.81 8.87 16.57
C ILE A 208 -48.50 7.52 16.75
N HIS A 209 -49.82 7.54 16.78
CA HIS A 209 -50.59 6.31 16.91
C HIS A 209 -50.44 5.47 15.65
N PRO A 210 -50.44 4.13 15.78
CA PRO A 210 -50.27 3.28 14.58
C PRO A 210 -51.30 3.55 13.48
N LYS A 211 -52.55 3.80 13.85
CA LYS A 211 -53.55 4.15 12.86
C LYS A 211 -53.20 5.45 12.15
N ASP A 212 -52.74 6.45 12.92
CA ASP A 212 -52.34 7.71 12.32
C ASP A 212 -51.10 7.54 11.45
N ALA A 213 -50.19 6.65 11.85
CA ALA A 213 -49.02 6.36 11.02
C ALA A 213 -49.43 5.74 9.70
N LEU A 214 -50.36 4.78 9.73
CA LEU A 214 -50.87 4.19 8.50
C LEU A 214 -51.54 5.25 7.63
N THR A 215 -52.34 6.12 8.24
CA THR A 215 -53.02 7.16 7.48
C THR A 215 -52.04 8.12 6.82
N GLU A 216 -50.97 8.49 7.54
CA GLU A 216 -49.99 9.42 6.97
C GLU A 216 -49.18 8.76 5.85
N ALA A 217 -48.80 7.48 6.03
CA ALA A 217 -48.11 6.77 4.97
C ALA A 217 -49.00 6.67 3.72
N ALA A 218 -50.28 6.36 3.91
CA ALA A 218 -51.21 6.33 2.79
C ALA A 218 -51.34 7.71 2.15
N LYS A 219 -51.35 8.77 2.95
CA LYS A 219 -51.44 10.11 2.40
C LYS A 219 -50.24 10.41 1.51
N VAL A 220 -49.05 10.03 1.95
CA VAL A 220 -47.85 10.23 1.14
C VAL A 220 -47.95 9.43 -0.16
N LEU A 221 -48.44 8.19 -0.07
CA LEU A 221 -48.54 7.35 -1.26
C LEU A 221 -49.53 7.93 -2.27
N ILE A 222 -50.69 8.42 -1.79
CA ILE A 222 -51.64 9.11 -2.66
C ILE A 222 -51.01 10.34 -3.28
N HIS A 223 -50.27 11.12 -2.49
CA HIS A 223 -49.69 12.34 -3.03
C HIS A 223 -48.69 12.01 -4.14
N HIS A 224 -47.95 10.91 -3.98
CA HIS A 224 -47.00 10.51 -5.02
C HIS A 224 -47.72 9.97 -6.26
N PHE A 225 -48.80 9.21 -6.06
CA PHE A 225 -49.45 8.57 -7.20
C PHE A 225 -50.44 9.47 -7.93
N MET A 226 -50.83 10.61 -7.34
CA MET A 226 -51.65 11.55 -8.10
C MET A 226 -50.92 12.15 -9.28
N LEU A 227 -49.59 12.22 -9.23
CA LEU A 227 -48.83 12.88 -10.28
C LEU A 227 -48.92 12.14 -11.62
N PHE A 228 -49.35 10.88 -11.61
CA PHE A 228 -49.47 10.10 -12.84
C PHE A 228 -50.88 10.18 -13.43
N SER A 229 -51.61 11.26 -13.17
CA SER A 229 -52.95 11.42 -13.70
C SER A 229 -52.91 11.91 -15.14
N MET B 1 -49.02 21.67 5.52
CA MET B 1 -47.94 22.64 5.59
C MET B 1 -46.65 22.01 6.11
N ALA B 2 -46.79 20.85 6.75
CA ALA B 2 -45.63 20.16 7.31
C ALA B 2 -44.79 19.46 6.25
N LEU B 3 -45.28 19.35 5.02
CA LEU B 3 -44.57 18.67 3.95
C LEU B 3 -43.55 19.57 3.25
N LEU B 4 -43.13 20.66 3.89
CA LEU B 4 -42.21 21.59 3.25
C LEU B 4 -40.86 20.94 2.98
N ASN B 5 -40.36 20.16 3.93
CA ASN B 5 -39.01 19.61 3.84
C ASN B 5 -38.91 18.36 2.98
N PHE B 6 -40.03 17.82 2.52
CA PHE B 6 -40.04 16.62 1.69
C PHE B 6 -40.02 17.04 0.22
N GLN B 7 -38.94 16.71 -0.48
CA GLN B 7 -38.83 17.05 -1.89
C GLN B 7 -39.63 16.05 -2.73
N LYS B 8 -40.50 16.57 -3.60
CA LYS B 8 -41.37 15.75 -4.43
C LYS B 8 -41.34 16.23 -5.86
N PRO B 9 -41.61 15.34 -6.82
CA PRO B 9 -41.67 15.77 -8.22
C PRO B 9 -42.85 16.68 -8.49
N ASP B 10 -42.80 17.36 -9.63
CA ASP B 10 -43.91 18.21 -10.04
C ASP B 10 -44.77 17.58 -11.14
N LYS B 11 -44.17 16.75 -11.98
CA LYS B 11 -44.90 16.12 -13.08
C LYS B 11 -44.18 14.85 -13.50
N VAL B 12 -44.89 14.04 -14.27
CA VAL B 12 -44.30 12.86 -14.93
C VAL B 12 -43.97 13.25 -16.36
N ILE B 13 -42.69 13.20 -16.71
CA ILE B 13 -42.20 13.68 -18.00
C ILE B 13 -42.24 12.53 -18.98
N MET B 14 -42.77 12.80 -20.18
CA MET B 14 -42.91 11.79 -21.23
C MET B 14 -41.85 12.05 -22.29
N ILE B 15 -40.87 11.14 -22.41
CA ILE B 15 -39.78 11.35 -23.34
C ILE B 15 -40.21 10.96 -24.75
N ASP B 16 -40.52 9.67 -24.96
CA ASP B 16 -40.88 9.15 -26.26
C ASP B 16 -42.12 8.29 -26.11
N SER B 17 -43.07 8.47 -27.04
CA SER B 17 -44.34 7.77 -26.95
C SER B 17 -44.81 7.36 -28.34
N THR B 18 -44.99 6.06 -28.52
CA THR B 18 -45.65 5.49 -29.69
C THR B 18 -46.93 4.79 -29.23
N ASP B 19 -47.59 4.14 -30.18
CA ASP B 19 -48.78 3.36 -29.83
C ASP B 19 -48.44 2.03 -29.19
N PHE B 20 -47.16 1.67 -29.12
CA PHE B 20 -46.73 0.40 -28.55
C PHE B 20 -45.72 0.53 -27.42
N GLU B 21 -44.91 1.59 -27.42
CA GLU B 21 -43.89 1.79 -26.39
C GLU B 21 -43.94 3.22 -25.87
N GLY B 22 -43.58 3.39 -24.61
CA GLY B 22 -43.54 4.70 -23.99
C GLY B 22 -42.45 4.85 -22.95
N LYS B 23 -41.91 6.05 -22.81
CA LYS B 23 -40.84 6.34 -21.86
C LYS B 23 -41.29 7.48 -20.96
N PHE B 24 -41.17 7.29 -19.64
CA PHE B 24 -41.63 8.24 -18.65
C PHE B 24 -40.49 8.58 -17.70
N GLU B 25 -40.53 9.80 -17.15
CA GLU B 25 -39.55 10.24 -16.16
C GLU B 25 -40.26 10.80 -14.93
N PHE B 26 -39.70 10.52 -13.76
CA PHE B 26 -40.26 10.97 -12.48
C PHE B 26 -39.11 11.45 -11.62
N ARG B 27 -39.00 12.77 -11.44
CA ARG B 27 -37.87 13.37 -10.74
C ARG B 27 -38.33 14.69 -10.14
N PRO B 28 -37.73 15.13 -9.03
CA PRO B 28 -36.78 14.39 -8.16
C PRO B 28 -37.51 13.58 -7.11
N LEU B 29 -36.94 12.49 -6.63
CA LEU B 29 -37.58 11.63 -5.64
C LEU B 29 -36.69 11.51 -4.40
N GLU B 30 -37.34 11.41 -3.24
CA GLU B 30 -36.62 11.18 -2.01
C GLU B 30 -36.00 9.79 -2.07
N PRO B 31 -34.84 9.58 -1.42
CA PRO B 31 -34.16 8.27 -1.52
C PRO B 31 -35.07 7.13 -1.08
N GLY B 32 -35.09 6.08 -1.89
CA GLY B 32 -35.87 4.90 -1.63
C GLY B 32 -37.27 4.92 -2.20
N TYR B 33 -37.78 6.10 -2.57
CA TYR B 33 -39.14 6.18 -3.10
C TYR B 33 -39.21 5.73 -4.55
N GLY B 34 -38.12 5.88 -5.31
CA GLY B 34 -38.12 5.40 -6.68
C GLY B 34 -38.40 3.92 -6.76
N LEU B 35 -37.74 3.13 -5.91
CA LEU B 35 -37.95 1.69 -5.89
C LEU B 35 -39.40 1.37 -5.50
N THR B 36 -39.94 2.06 -4.50
CA THR B 36 -41.31 1.80 -4.06
C THR B 36 -42.30 2.06 -5.18
N VAL B 37 -42.24 3.25 -5.79
CA VAL B 37 -43.18 3.61 -6.84
C VAL B 37 -43.02 2.69 -8.03
N GLY B 38 -41.78 2.42 -8.44
CA GLY B 38 -41.55 1.57 -9.59
C GLY B 38 -42.07 0.16 -9.38
N ASN B 39 -41.77 -0.43 -8.23
CA ASN B 39 -42.21 -1.79 -7.97
C ASN B 39 -43.73 -1.87 -7.88
N ALA B 40 -44.36 -0.92 -7.20
CA ALA B 40 -45.82 -0.93 -7.09
C ALA B 40 -46.47 -0.81 -8.46
N LEU B 41 -46.02 0.16 -9.26
CA LEU B 41 -46.61 0.36 -10.58
C LEU B 41 -46.35 -0.84 -11.48
N ARG B 42 -45.16 -1.43 -11.42
CA ARG B 42 -44.86 -2.59 -12.24
C ARG B 42 -45.76 -3.77 -11.88
N ARG B 43 -45.90 -4.04 -10.58
CA ARG B 43 -46.75 -5.15 -10.16
C ARG B 43 -48.19 -4.94 -10.57
N VAL B 44 -48.71 -3.72 -10.40
CA VAL B 44 -50.10 -3.46 -10.77
C VAL B 44 -50.28 -3.56 -12.28
N LEU B 45 -49.35 -3.00 -13.06
CA LEU B 45 -49.45 -3.05 -14.51
C LEU B 45 -49.40 -4.49 -15.01
N LEU B 46 -48.57 -5.33 -14.38
CA LEU B 46 -48.47 -6.71 -14.82
C LEU B 46 -49.72 -7.50 -14.44
N SER B 47 -50.09 -7.49 -13.17
CA SER B 47 -51.09 -8.41 -12.65
C SER B 47 -52.54 -8.08 -13.02
N SER B 48 -52.86 -6.80 -13.23
CA SER B 48 -54.26 -6.36 -13.15
C SER B 48 -54.99 -6.30 -14.49
N LEU B 49 -54.31 -5.91 -15.57
CA LEU B 49 -55.03 -5.50 -16.78
C LEU B 49 -55.72 -6.67 -17.47
N GLU B 50 -56.83 -6.36 -18.12
CA GLU B 50 -57.67 -7.34 -18.82
C GLU B 50 -57.48 -7.23 -20.33
N GLY B 51 -57.99 -8.23 -21.05
CA GLY B 51 -57.88 -8.22 -22.50
C GLY B 51 -58.64 -9.37 -23.13
N PHE B 52 -58.49 -9.47 -24.44
CA PHE B 52 -59.16 -10.50 -25.24
C PHE B 52 -58.13 -11.22 -26.09
N ALA B 53 -58.31 -12.53 -26.27
CA ALA B 53 -57.37 -13.33 -27.03
C ALA B 53 -58.05 -14.61 -27.50
N ILE B 54 -57.43 -15.26 -28.49
CA ILE B 54 -57.94 -16.50 -29.04
C ILE B 54 -57.74 -17.61 -28.01
N THR B 55 -58.78 -18.41 -27.80
CA THR B 55 -58.73 -19.52 -26.85
C THR B 55 -58.70 -20.89 -27.50
N SER B 56 -59.40 -21.07 -28.62
CA SER B 56 -59.44 -22.36 -29.29
C SER B 56 -59.58 -22.15 -30.78
N VAL B 57 -58.95 -23.04 -31.55
CA VAL B 57 -59.00 -23.00 -33.01
C VAL B 57 -59.16 -24.42 -33.54
N ARG B 58 -60.02 -24.58 -34.55
CA ARG B 58 -60.18 -25.85 -35.23
C ARG B 58 -59.94 -25.66 -36.72
N ILE B 59 -59.24 -26.61 -37.33
CA ILE B 59 -58.95 -26.59 -38.76
C ILE B 59 -59.58 -27.84 -39.38
N ASP B 60 -59.91 -27.75 -40.66
CA ASP B 60 -60.38 -28.94 -41.36
C ASP B 60 -59.23 -29.92 -41.57
N GLY B 61 -59.48 -31.19 -41.28
CA GLY B 61 -58.51 -32.23 -41.56
C GLY B 61 -57.43 -32.43 -40.52
N VAL B 62 -57.42 -31.66 -39.43
CA VAL B 62 -56.44 -31.80 -38.37
C VAL B 62 -57.15 -32.34 -37.14
N GLU B 63 -56.50 -33.29 -36.47
CA GLU B 63 -57.05 -33.88 -35.24
C GLU B 63 -56.23 -33.53 -34.00
N HIS B 64 -55.00 -33.07 -34.19
CA HIS B 64 -54.13 -32.74 -33.07
C HIS B 64 -53.12 -31.70 -33.52
N GLU B 65 -52.44 -31.10 -32.54
CA GLU B 65 -51.50 -30.02 -32.81
C GLU B 65 -50.15 -30.53 -33.30
N PHE B 66 -50.05 -31.78 -33.73
CA PHE B 66 -48.80 -32.34 -34.24
C PHE B 66 -48.96 -32.96 -35.62
N SER B 67 -49.77 -32.37 -36.48
CA SER B 67 -50.01 -32.87 -37.82
C SER B 67 -49.71 -31.78 -38.85
N VAL B 68 -50.00 -32.07 -40.12
CA VAL B 68 -49.72 -31.16 -41.22
C VAL B 68 -51.00 -30.93 -42.01
N VAL B 69 -51.30 -29.66 -42.28
CA VAL B 69 -52.40 -29.30 -43.16
C VAL B 69 -51.89 -29.35 -44.60
N PRO B 70 -52.57 -30.04 -45.51
CA PRO B 70 -52.06 -30.15 -46.88
C PRO B 70 -52.13 -28.82 -47.62
N GLY B 71 -50.97 -28.32 -48.02
CA GLY B 71 -50.89 -27.13 -48.86
C GLY B 71 -50.31 -25.90 -48.21
N VAL B 72 -50.04 -25.92 -46.91
CA VAL B 72 -49.48 -24.76 -46.21
C VAL B 72 -48.02 -25.02 -45.91
N VAL B 73 -47.22 -23.95 -45.95
CA VAL B 73 -45.81 -24.07 -45.58
C VAL B 73 -45.65 -24.36 -44.10
N GLU B 74 -46.38 -23.63 -43.25
CA GLU B 74 -46.26 -23.79 -41.81
C GLU B 74 -47.09 -24.97 -41.32
N ASP B 75 -46.56 -25.67 -40.32
CA ASP B 75 -47.30 -26.73 -39.68
C ASP B 75 -48.30 -26.15 -38.68
N VAL B 76 -49.12 -27.03 -38.10
CA VAL B 76 -50.18 -26.58 -37.21
C VAL B 76 -49.61 -25.95 -35.94
N THR B 77 -48.45 -26.42 -35.48
CA THR B 77 -47.80 -25.80 -34.33
C THR B 77 -47.45 -24.34 -34.63
N GLU B 78 -46.84 -24.09 -35.80
CA GLU B 78 -46.54 -22.73 -36.19
C GLU B 78 -47.81 -21.92 -36.43
N ILE B 79 -48.86 -22.56 -36.94
CA ILE B 79 -50.12 -21.86 -37.14
C ILE B 79 -50.68 -21.36 -35.81
N ILE B 80 -50.67 -22.23 -34.80
CA ILE B 80 -51.13 -21.83 -33.47
C ILE B 80 -50.22 -20.74 -32.89
N LEU B 81 -48.91 -20.87 -33.13
CA LEU B 81 -47.99 -19.85 -32.64
C LEU B 81 -48.27 -18.48 -33.24
N ASN B 82 -48.57 -18.43 -34.54
CA ASN B 82 -48.91 -17.14 -35.16
C ASN B 82 -50.29 -16.67 -34.70
N LEU B 83 -51.21 -17.60 -34.44
CA LEU B 83 -52.53 -17.21 -33.95
C LEU B 83 -52.42 -16.57 -32.56
N LYS B 84 -51.46 -17.05 -31.76
CA LYS B 84 -51.24 -16.45 -30.45
C LYS B 84 -50.91 -14.96 -30.53
N GLN B 85 -50.36 -14.50 -31.65
CA GLN B 85 -49.92 -13.12 -31.80
C GLN B 85 -51.03 -12.18 -32.25
N VAL B 86 -52.20 -12.70 -32.59
CA VAL B 86 -53.29 -11.84 -33.05
C VAL B 86 -53.82 -11.03 -31.87
N ARG B 87 -53.93 -9.72 -32.06
CA ARG B 87 -54.40 -8.82 -31.02
C ARG B 87 -55.79 -8.29 -31.36
N PHE B 88 -56.68 -8.32 -30.37
CA PHE B 88 -58.07 -7.94 -30.56
C PHE B 88 -58.42 -6.79 -29.64
N LYS B 89 -59.11 -5.79 -30.18
CA LYS B 89 -59.70 -4.71 -29.41
C LYS B 89 -61.20 -4.73 -29.60
N ARG B 90 -61.93 -4.74 -28.49
CA ARG B 90 -63.39 -4.87 -28.54
C ARG B 90 -64.01 -3.67 -29.24
N GLN B 91 -64.95 -3.94 -30.15
CA GLN B 91 -65.67 -2.91 -30.88
C GLN B 91 -67.09 -2.68 -30.38
N ILE B 92 -67.82 -3.75 -30.11
CA ILE B 92 -69.18 -3.68 -29.57
C ILE B 92 -69.12 -4.01 -28.09
N ASP B 93 -69.71 -3.15 -27.27
CA ASP B 93 -69.65 -3.33 -25.82
C ASP B 93 -70.40 -4.58 -25.41
N ASP B 94 -69.99 -5.14 -24.26
CA ASP B 94 -70.58 -6.29 -23.60
C ASP B 94 -70.39 -7.61 -24.35
N VAL B 95 -69.70 -7.60 -25.50
CA VAL B 95 -69.43 -8.82 -26.24
C VAL B 95 -68.23 -9.50 -25.59
N GLU B 96 -68.47 -10.60 -24.88
CA GLU B 96 -67.42 -11.28 -24.14
C GLU B 96 -66.91 -12.54 -24.80
N SER B 97 -67.66 -13.14 -25.73
CA SER B 97 -67.22 -14.33 -26.41
C SER B 97 -67.85 -14.39 -27.80
N GLU B 98 -67.02 -14.66 -28.81
CA GLU B 98 -67.48 -14.80 -30.18
C GLU B 98 -66.75 -15.96 -30.83
N THR B 99 -67.52 -16.81 -31.52
CA THR B 99 -66.96 -17.92 -32.27
C THR B 99 -67.04 -17.59 -33.75
N VAL B 100 -65.88 -17.49 -34.40
CA VAL B 100 -65.78 -17.05 -35.79
C VAL B 100 -65.27 -18.20 -36.63
N SER B 101 -66.08 -18.63 -37.59
CA SER B 101 -65.67 -19.63 -38.57
C SER B 101 -65.40 -18.94 -39.89
N ILE B 102 -64.17 -19.01 -40.37
CA ILE B 102 -63.74 -18.24 -41.54
C ILE B 102 -63.53 -19.20 -42.70
N SER B 103 -63.46 -18.64 -43.91
CA SER B 103 -63.15 -19.39 -45.12
C SER B 103 -62.47 -18.45 -46.11
N VAL B 104 -61.18 -18.65 -46.33
CA VAL B 104 -60.39 -17.81 -47.22
C VAL B 104 -59.72 -18.70 -48.27
N SER B 105 -59.84 -18.31 -49.53
CA SER B 105 -59.27 -19.06 -50.63
C SER B 105 -58.71 -18.10 -51.67
N GLY B 106 -57.88 -18.63 -52.56
CA GLY B 106 -57.32 -17.85 -53.65
C GLY B 106 -56.17 -16.94 -53.26
N LYS B 107 -55.63 -17.09 -52.06
CA LYS B 107 -54.54 -16.25 -51.59
C LYS B 107 -53.31 -17.11 -51.31
N GLU B 108 -52.14 -16.51 -51.54
CA GLU B 108 -50.87 -17.15 -51.21
C GLU B 108 -50.43 -16.88 -49.77
N GLN B 109 -51.12 -15.99 -49.08
CA GLN B 109 -50.78 -15.62 -47.71
C GLN B 109 -52.04 -15.24 -46.95
N LEU B 110 -52.27 -15.90 -45.82
CA LEU B 110 -53.41 -15.60 -44.96
C LEU B 110 -52.95 -14.72 -43.82
N THR B 111 -53.50 -13.52 -43.73
CA THR B 111 -53.14 -12.55 -42.70
C THR B 111 -54.28 -12.39 -41.71
N ALA B 112 -53.97 -11.77 -40.57
CA ALA B 112 -54.99 -11.53 -39.55
C ALA B 112 -56.05 -10.55 -40.04
N GLY B 113 -55.72 -9.74 -41.06
CA GLY B 113 -56.72 -8.84 -41.60
C GLY B 113 -57.83 -9.55 -42.33
N ASP B 114 -57.58 -10.78 -42.78
CA ASP B 114 -58.63 -11.57 -43.41
C ASP B 114 -59.70 -11.97 -42.41
N PHE B 115 -59.34 -12.15 -41.14
CA PHE B 115 -60.31 -12.50 -40.11
C PHE B 115 -61.30 -11.36 -39.86
N GLN B 116 -60.89 -10.12 -40.12
CA GLN B 116 -61.70 -8.97 -39.73
C GLN B 116 -63.05 -8.96 -40.43
N LYS B 117 -63.09 -9.38 -41.70
CA LYS B 117 -64.36 -9.39 -42.42
C LYS B 117 -65.39 -10.31 -41.79
N PHE B 118 -64.95 -11.37 -41.12
CA PHE B 118 -65.86 -12.38 -40.57
C PHE B 118 -66.04 -12.27 -39.06
N ILE B 119 -65.25 -11.45 -38.38
CA ILE B 119 -65.42 -11.17 -36.96
C ILE B 119 -66.28 -9.93 -36.82
N SER B 120 -67.28 -10.00 -35.93
CA SER B 120 -68.24 -8.91 -35.78
C SER B 120 -67.93 -7.99 -34.61
N GLY B 121 -67.66 -8.54 -33.43
CA GLY B 121 -67.55 -7.73 -32.24
C GLY B 121 -66.16 -7.24 -31.88
N TYR B 122 -65.14 -7.70 -32.61
CA TYR B 122 -63.77 -7.36 -32.29
C TYR B 122 -63.04 -6.83 -33.51
N GLN B 123 -62.09 -5.93 -33.26
CA GLN B 123 -61.20 -5.38 -34.29
C GLN B 123 -59.81 -5.95 -34.10
N VAL B 124 -59.25 -6.50 -35.17
CA VAL B 124 -57.89 -7.05 -35.12
C VAL B 124 -56.90 -5.89 -35.17
N LEU B 125 -56.04 -5.81 -34.16
CA LEU B 125 -55.11 -4.69 -34.03
C LEU B 125 -53.86 -4.86 -34.89
N ASN B 126 -53.57 -6.07 -35.37
CA ASN B 126 -52.42 -6.34 -36.23
C ASN B 126 -52.87 -7.11 -37.47
N PRO B 127 -53.54 -6.42 -38.40
CA PRO B 127 -54.04 -7.11 -39.60
C PRO B 127 -52.93 -7.63 -40.49
N ASP B 128 -51.71 -7.13 -40.37
CA ASP B 128 -50.59 -7.55 -41.21
C ASP B 128 -49.90 -8.80 -40.70
N LEU B 129 -50.38 -9.39 -39.61
CA LEU B 129 -49.74 -10.57 -39.05
C LEU B 129 -50.00 -11.78 -39.93
N VAL B 130 -48.94 -12.40 -40.41
CA VAL B 130 -49.05 -13.55 -41.30
C VAL B 130 -49.37 -14.78 -40.48
N ILE B 131 -50.43 -15.50 -40.86
CA ILE B 131 -50.84 -16.69 -40.13
C ILE B 131 -50.34 -17.97 -40.79
N CYS B 132 -50.49 -18.08 -42.12
CA CYS B 132 -50.02 -19.25 -42.83
C CYS B 132 -49.74 -18.89 -44.28
N ASN B 133 -48.71 -19.52 -44.83
CA ASN B 133 -48.37 -19.40 -46.24
C ASN B 133 -48.78 -20.66 -46.98
N MET B 134 -49.55 -20.49 -48.04
CA MET B 134 -50.09 -21.63 -48.77
C MET B 134 -50.09 -21.34 -50.26
N GLY B 135 -50.29 -22.39 -51.05
CA GLY B 135 -50.41 -22.26 -52.49
C GLY B 135 -51.71 -21.60 -52.89
N PRO B 136 -51.77 -21.08 -54.11
CA PRO B 136 -53.00 -20.41 -54.57
C PRO B 136 -54.22 -21.32 -54.64
N LYS B 137 -54.03 -22.63 -54.73
CA LYS B 137 -55.13 -23.57 -54.87
C LYS B 137 -55.65 -24.11 -53.54
N VAL B 138 -55.12 -23.65 -52.43
CA VAL B 138 -55.49 -24.19 -51.12
C VAL B 138 -56.58 -23.33 -50.49
N SER B 139 -57.59 -24.00 -49.95
CA SER B 139 -58.67 -23.35 -49.22
C SER B 139 -58.65 -23.88 -47.79
N ILE B 140 -58.59 -22.97 -46.82
CA ILE B 140 -58.56 -23.32 -45.40
C ILE B 140 -59.85 -22.85 -44.75
N ASN B 141 -60.32 -23.59 -43.76
CA ASN B 141 -61.46 -23.20 -42.93
C ASN B 141 -61.05 -23.29 -41.47
N MET B 142 -61.27 -22.20 -40.74
CA MET B 142 -60.93 -22.12 -39.33
C MET B 142 -62.21 -21.84 -38.55
N GLU B 143 -62.22 -22.24 -37.28
CA GLU B 143 -63.16 -21.70 -36.32
C GLU B 143 -62.37 -21.31 -35.08
N ILE B 144 -62.28 -20.01 -34.83
CA ILE B 144 -61.52 -19.47 -33.72
C ILE B 144 -62.50 -18.91 -32.69
N VAL B 145 -62.13 -19.01 -31.42
CA VAL B 145 -62.96 -18.54 -30.31
C VAL B 145 -62.20 -17.42 -29.61
N ILE B 146 -62.86 -16.29 -29.44
CA ILE B 146 -62.28 -15.13 -28.78
C ILE B 146 -63.00 -14.92 -27.45
N GLU B 147 -62.23 -14.82 -26.37
CA GLU B 147 -62.77 -14.69 -25.02
C GLU B 147 -62.02 -13.63 -24.25
N LYS B 148 -62.64 -13.16 -23.18
CA LYS B 148 -62.04 -12.18 -22.29
C LYS B 148 -61.37 -12.86 -21.11
N GLY B 149 -60.22 -12.35 -20.70
CA GLY B 149 -59.50 -12.92 -19.58
C GLY B 149 -58.50 -11.94 -19.01
N ARG B 150 -57.70 -12.44 -18.06
CA ARG B 150 -56.67 -11.63 -17.42
C ARG B 150 -55.33 -12.34 -17.49
N GLY B 151 -54.29 -11.57 -17.76
CA GLY B 151 -52.93 -12.08 -17.71
C GLY B 151 -52.65 -13.11 -18.77
N TYR B 152 -51.77 -14.05 -18.44
CA TYR B 152 -51.34 -15.11 -19.33
C TYR B 152 -51.87 -16.44 -18.81
N VAL B 153 -52.63 -17.13 -19.65
CA VAL B 153 -53.26 -18.40 -19.29
C VAL B 153 -52.82 -19.46 -20.30
N PRO B 154 -52.11 -20.49 -19.89
CA PRO B 154 -51.78 -21.58 -20.82
C PRO B 154 -53.01 -22.38 -21.21
N ALA B 155 -52.78 -23.35 -22.11
CA ALA B 155 -53.88 -24.11 -22.69
C ALA B 155 -54.60 -24.97 -21.65
N GLU B 156 -53.88 -25.46 -20.64
CA GLU B 156 -54.47 -26.42 -19.71
C GLU B 156 -55.62 -25.80 -18.91
N GLU B 157 -55.53 -24.51 -18.58
CA GLU B 157 -56.65 -23.88 -17.89
C GLU B 157 -57.71 -23.38 -18.85
N ASN B 158 -57.35 -23.09 -20.10
CA ASN B 158 -58.33 -22.68 -21.10
C ASN B 158 -59.12 -23.85 -21.69
N LYS B 159 -58.72 -25.08 -21.40
CA LYS B 159 -59.39 -26.26 -21.95
C LYS B 159 -60.79 -26.36 -21.38
N LYS B 160 -61.79 -26.52 -22.26
CA LYS B 160 -63.16 -26.74 -21.85
C LYS B 160 -63.61 -28.14 -22.24
N SER B 161 -64.32 -28.80 -21.32
CA SER B 161 -64.74 -30.18 -21.55
C SER B 161 -65.79 -30.30 -22.65
N ASN B 162 -66.48 -29.21 -22.99
CA ASN B 162 -67.54 -29.22 -23.99
C ASN B 162 -67.09 -28.70 -25.33
N ALA B 163 -65.78 -28.55 -25.55
CA ALA B 163 -65.29 -28.05 -26.82
C ALA B 163 -65.57 -29.05 -27.93
N PRO B 164 -65.85 -28.58 -29.14
CA PRO B 164 -66.12 -29.52 -30.26
C PRO B 164 -64.87 -30.32 -30.60
N LEU B 165 -65.10 -31.53 -31.12
CA LEU B 165 -64.00 -32.42 -31.46
C LEU B 165 -63.09 -31.80 -32.51
N GLY B 166 -61.80 -32.01 -32.35
CA GLY B 166 -60.81 -31.44 -33.24
C GLY B 166 -60.31 -30.08 -32.84
N SER B 167 -60.93 -29.43 -31.86
CA SER B 167 -60.48 -28.13 -31.40
C SER B 167 -59.20 -28.27 -30.59
N ILE B 168 -58.31 -27.30 -30.71
CA ILE B 168 -57.03 -27.30 -29.99
C ILE B 168 -57.01 -26.08 -29.08
N ALA B 169 -56.72 -26.30 -27.80
CA ALA B 169 -56.62 -25.20 -26.86
C ALA B 169 -55.40 -24.34 -27.16
N VAL B 170 -55.56 -23.03 -27.06
CA VAL B 170 -54.52 -22.07 -27.42
C VAL B 170 -54.16 -21.24 -26.19
N ASP B 171 -52.86 -21.16 -25.91
CA ASP B 171 -52.38 -20.24 -24.90
C ASP B 171 -52.76 -18.81 -25.29
N SER B 172 -53.35 -18.08 -24.36
CA SER B 172 -53.88 -16.76 -24.63
C SER B 172 -53.11 -15.71 -23.83
N VAL B 173 -52.60 -14.70 -24.53
CA VAL B 173 -51.96 -13.56 -23.88
C VAL B 173 -53.01 -12.45 -23.83
N TYR B 174 -53.79 -12.45 -22.76
CA TYR B 174 -54.83 -11.44 -22.61
C TYR B 174 -54.27 -10.08 -22.24
N THR B 175 -53.15 -10.04 -21.52
CA THR B 175 -52.65 -8.79 -20.98
C THR B 175 -52.23 -7.84 -22.10
N PRO B 176 -52.74 -6.60 -22.11
CA PRO B 176 -52.31 -5.64 -23.14
C PRO B 176 -50.87 -5.21 -23.01
N VAL B 177 -50.26 -5.38 -21.84
CA VAL B 177 -48.88 -4.93 -21.60
C VAL B 177 -47.95 -6.09 -21.91
N LYS B 178 -46.91 -5.80 -22.71
CA LYS B 178 -45.96 -6.84 -23.10
C LYS B 178 -44.77 -6.90 -22.14
N ASN B 179 -44.30 -5.74 -21.67
CA ASN B 179 -43.23 -5.70 -20.69
C ASN B 179 -43.22 -4.35 -19.99
N VAL B 180 -42.94 -4.37 -18.69
CA VAL B 180 -42.75 -3.17 -17.89
C VAL B 180 -41.36 -3.22 -17.30
N LYS B 181 -40.57 -2.17 -17.54
CA LYS B 181 -39.23 -2.06 -16.99
C LYS B 181 -39.01 -0.66 -16.45
N TYR B 182 -38.30 -0.58 -15.33
CA TYR B 182 -37.97 0.68 -14.70
C TYR B 182 -36.55 0.62 -14.16
N SER B 183 -35.84 1.74 -14.29
CA SER B 183 -34.52 1.88 -13.71
C SER B 183 -34.45 3.20 -12.95
N ILE B 184 -33.64 3.23 -11.90
CA ILE B 184 -33.56 4.36 -10.99
C ILE B 184 -32.15 4.93 -11.10
N GLU B 185 -32.05 6.23 -11.37
CA GLU B 185 -30.77 6.91 -11.51
C GLU B 185 -30.64 7.99 -10.46
N ASN B 186 -29.43 8.15 -9.93
CA ASN B 186 -29.17 9.19 -8.96
C ASN B 186 -29.33 10.57 -9.60
N TYR B 187 -30.11 11.42 -8.95
CA TYR B 187 -30.40 12.76 -9.45
C TYR B 187 -29.88 13.78 -8.45
N ARG B 188 -29.22 14.81 -8.95
CA ARG B 188 -28.63 15.82 -8.09
C ARG B 188 -29.58 16.99 -7.90
N VAL B 189 -29.78 17.37 -6.64
CA VAL B 189 -30.54 18.56 -6.29
C VAL B 189 -29.65 19.43 -5.41
N GLU B 190 -29.27 20.59 -5.93
CA GLU B 190 -28.35 21.50 -5.24
C GLU B 190 -27.08 20.79 -4.81
N GLN B 191 -26.93 20.57 -3.50
CA GLN B 191 -25.71 19.97 -2.95
C GLN B 191 -25.82 18.47 -2.76
N LYS B 192 -27.01 17.89 -2.80
CA LYS B 192 -27.20 16.48 -2.51
C LYS B 192 -27.32 15.68 -3.80
N THR B 193 -26.54 14.60 -3.91
CA THR B 193 -26.60 13.71 -5.06
C THR B 193 -27.30 12.40 -4.73
N ASP B 194 -27.94 12.29 -3.56
CA ASP B 194 -28.64 11.08 -3.17
C ASP B 194 -30.08 11.03 -3.64
N TYR B 195 -30.59 12.12 -4.22
CA TYR B 195 -31.95 12.12 -4.73
C TYR B 195 -32.04 11.21 -5.96
N GLU B 196 -33.27 10.76 -6.25
CA GLU B 196 -33.48 9.70 -7.21
C GLU B 196 -34.37 10.16 -8.35
N LYS B 197 -34.15 9.56 -9.52
CA LYS B 197 -34.97 9.78 -10.70
C LYS B 197 -35.46 8.42 -11.20
N LEU B 198 -36.76 8.31 -11.44
CA LEU B 198 -37.35 7.06 -11.90
C LEU B 198 -37.78 7.19 -13.34
N VAL B 199 -37.29 6.29 -14.20
CA VAL B 199 -37.70 6.22 -15.59
C VAL B 199 -38.49 4.93 -15.77
N PHE B 200 -39.50 4.97 -16.65
CA PHE B 200 -40.43 3.87 -16.81
C PHE B 200 -40.53 3.48 -18.28
N GLU B 201 -40.57 2.18 -18.54
CA GLU B 201 -40.72 1.64 -19.89
C GLU B 201 -41.90 0.68 -19.89
N ILE B 202 -42.90 0.97 -20.72
CA ILE B 202 -44.06 0.10 -20.90
C ILE B 202 -44.22 -0.20 -22.39
N ILE B 203 -44.36 -1.49 -22.70
CA ILE B 203 -44.59 -1.94 -24.08
C ILE B 203 -45.96 -2.59 -24.13
N THR B 204 -46.84 -2.05 -24.97
CA THR B 204 -48.20 -2.53 -25.11
C THR B 204 -48.41 -3.13 -26.48
N ASP B 205 -49.57 -3.77 -26.65
CA ASP B 205 -49.94 -4.40 -27.91
C ASP B 205 -50.78 -3.53 -28.82
N GLY B 206 -51.00 -2.26 -28.44
CA GLY B 206 -51.76 -1.33 -29.24
C GLY B 206 -53.19 -1.13 -28.79
N SER B 207 -53.74 -2.02 -27.96
CA SER B 207 -55.09 -1.83 -27.46
C SER B 207 -55.19 -0.64 -26.52
N ILE B 208 -54.16 -0.42 -25.71
CA ILE B 208 -54.12 0.68 -24.74
C ILE B 208 -52.80 1.41 -24.90
N HIS B 209 -52.86 2.74 -24.86
CA HIS B 209 -51.65 3.53 -24.89
C HIS B 209 -50.87 3.34 -23.60
N PRO B 210 -49.54 3.32 -23.66
CA PRO B 210 -48.75 3.13 -22.43
C PRO B 210 -49.03 4.18 -21.37
N LYS B 211 -49.26 5.44 -21.77
CA LYS B 211 -49.63 6.46 -20.81
C LYS B 211 -50.96 6.15 -20.15
N ASP B 212 -51.92 5.63 -20.93
CA ASP B 212 -53.20 5.23 -20.38
C ASP B 212 -53.04 4.08 -19.38
N ALA B 213 -52.19 3.12 -19.69
CA ALA B 213 -51.93 2.02 -18.76
C ALA B 213 -51.30 2.53 -17.47
N LEU B 214 -50.35 3.47 -17.58
CA LEU B 214 -49.74 4.05 -16.40
C LEU B 214 -50.77 4.80 -15.56
N THR B 215 -51.67 5.54 -16.22
CA THR B 215 -52.72 6.25 -15.51
C THR B 215 -53.64 5.28 -14.79
N GLU B 216 -54.01 4.17 -15.45
CA GLU B 216 -54.86 3.17 -14.82
C GLU B 216 -54.17 2.53 -13.62
N ALA B 217 -52.88 2.24 -13.74
CA ALA B 217 -52.13 1.68 -12.61
C ALA B 217 -52.11 2.64 -11.43
N ALA B 218 -51.86 3.93 -11.70
CA ALA B 218 -51.85 4.93 -10.64
C ALA B 218 -53.23 5.04 -9.99
N LYS B 219 -54.28 5.01 -10.80
CA LYS B 219 -55.64 5.09 -10.25
C LYS B 219 -55.94 3.89 -9.37
N VAL B 220 -55.53 2.70 -9.80
CA VAL B 220 -55.79 1.49 -9.01
C VAL B 220 -55.05 1.57 -7.68
N LEU B 221 -53.79 1.99 -7.70
CA LEU B 221 -53.03 2.10 -6.45
C LEU B 221 -53.62 3.16 -5.54
N ILE B 222 -54.07 4.28 -6.10
CA ILE B 222 -54.70 5.31 -5.29
C ILE B 222 -55.97 4.78 -4.64
N HIS B 223 -56.79 4.06 -5.41
CA HIS B 223 -58.00 3.47 -4.86
C HIS B 223 -57.69 2.48 -3.74
N HIS B 224 -56.67 1.65 -3.91
CA HIS B 224 -56.32 0.68 -2.88
C HIS B 224 -55.82 1.38 -1.62
N PHE B 225 -54.99 2.41 -1.76
CA PHE B 225 -54.41 3.03 -0.57
C PHE B 225 -55.37 4.03 0.09
N MET B 226 -56.41 4.45 -0.62
CA MET B 226 -57.35 5.40 -0.03
C MET B 226 -58.16 4.80 1.11
N LEU B 227 -58.24 3.47 1.19
CA LEU B 227 -59.04 2.83 2.22
C LEU B 227 -58.39 2.91 3.59
N PHE B 228 -57.14 3.38 3.67
CA PHE B 228 -56.45 3.55 4.95
C PHE B 228 -56.73 4.92 5.57
N SER B 229 -57.57 5.73 4.94
CA SER B 229 -57.90 7.05 5.46
C SER B 229 -58.72 6.95 6.74
N MET C 1 -21.38 -11.44 45.63
CA MET C 1 -21.55 -11.34 44.19
C MET C 1 -21.41 -9.91 43.71
N PHE C 2 -20.72 -9.71 42.58
CA PHE C 2 -20.50 -8.38 42.05
C PHE C 2 -21.63 -8.02 41.08
N THR C 3 -22.09 -6.78 41.14
CA THR C 3 -23.24 -6.37 40.34
C THR C 3 -22.88 -6.22 38.87
N ASN C 4 -21.67 -5.73 38.58
CA ASN C 4 -21.28 -5.35 37.22
C ASN C 4 -20.32 -6.34 36.58
N THR C 5 -20.30 -7.59 37.03
CA THR C 5 -19.50 -8.61 36.39
C THR C 5 -20.33 -9.40 35.38
N ILE C 6 -19.80 -9.54 34.17
CA ILE C 6 -20.52 -10.23 33.11
C ILE C 6 -20.40 -11.73 33.31
N GLU C 7 -21.55 -12.40 33.40
CA GLU C 7 -21.59 -13.85 33.51
C GLU C 7 -21.74 -14.47 32.12
N ARG C 8 -20.85 -15.40 31.80
CA ARG C 8 -20.80 -16.03 30.50
C ARG C 8 -20.98 -17.53 30.64
N VAL C 9 -21.79 -18.11 29.76
CA VAL C 9 -21.98 -19.56 29.73
C VAL C 9 -20.77 -20.19 29.05
N ASN C 10 -19.93 -20.85 29.85
CA ASN C 10 -18.68 -21.42 29.37
C ASN C 10 -18.91 -22.84 28.88
N PHE C 11 -18.44 -23.12 27.66
CA PHE C 11 -18.52 -24.45 27.07
C PHE C 11 -17.25 -25.26 27.28
N ALA C 12 -16.35 -24.78 28.13
CA ALA C 12 -15.07 -25.44 28.32
C ALA C 12 -15.25 -26.81 28.95
N SER C 13 -14.47 -27.78 28.47
CA SER C 13 -14.49 -29.13 29.03
C SER C 13 -13.20 -29.47 29.77
N ALA C 14 -12.10 -28.79 29.45
CA ALA C 14 -10.83 -29.04 30.11
C ALA C 14 -10.92 -28.63 31.57
N LYS C 15 -10.26 -29.40 32.44
CA LYS C 15 -10.29 -29.18 33.88
C LYS C 15 -8.88 -28.94 34.41
N ASN C 16 -8.82 -28.45 35.65
CA ASN C 16 -7.57 -28.14 36.34
C ASN C 16 -6.65 -27.23 35.52
N ILE C 17 -7.21 -26.20 34.93
CA ILE C 17 -6.36 -25.22 34.22
C ILE C 17 -5.79 -24.24 35.23
N PRO C 18 -4.47 -24.17 35.40
CA PRO C 18 -3.90 -23.24 36.38
C PRO C 18 -3.96 -21.80 35.87
N GLU C 19 -3.72 -20.89 36.80
CA GLU C 19 -3.87 -19.47 36.52
C GLU C 19 -2.86 -19.02 35.47
N TYR C 20 -3.30 -18.09 34.62
CA TYR C 20 -2.41 -17.52 33.62
C TYR C 20 -1.30 -16.73 34.31
N PRO C 21 -0.04 -16.97 33.96
CA PRO C 21 1.04 -16.09 34.43
C PRO C 21 0.80 -14.67 33.95
N ASP C 22 1.20 -13.72 34.79
CA ASP C 22 0.92 -12.32 34.51
C ASP C 22 1.51 -11.94 33.17
N PHE C 23 0.67 -11.31 32.33
CA PHE C 23 1.06 -11.06 30.95
C PHE C 23 2.17 -10.02 30.85
N LEU C 24 2.38 -9.20 31.88
CA LEU C 24 3.43 -8.20 31.88
C LEU C 24 4.60 -8.61 32.76
N ASP C 25 4.73 -9.89 33.08
CA ASP C 25 5.85 -10.36 33.89
C ASP C 25 7.18 -10.20 33.15
N ILE C 26 7.18 -10.47 31.85
CA ILE C 26 8.41 -10.44 31.05
C ILE C 26 9.07 -9.06 31.11
N GLN C 27 8.29 -8.03 31.43
CA GLN C 27 8.80 -6.68 31.61
C GLN C 27 9.00 -6.34 33.09
N ILE C 28 7.93 -6.48 33.88
CA ILE C 28 7.94 -5.99 35.25
C ILE C 28 8.90 -6.81 36.12
N LYS C 29 8.84 -8.14 36.02
CA LYS C 29 9.70 -8.97 36.84
C LYS C 29 11.17 -8.75 36.48
N SER C 30 11.47 -8.64 35.19
CA SER C 30 12.85 -8.40 34.77
C SER C 30 13.36 -7.06 35.28
N PHE C 31 12.55 -6.00 35.16
CA PHE C 31 12.98 -4.69 35.65
C PHE C 31 13.16 -4.68 37.16
N GLN C 32 12.26 -5.33 37.90
CA GLN C 32 12.38 -5.38 39.35
C GLN C 32 13.62 -6.16 39.76
N ASP C 33 13.92 -7.25 39.04
CA ASP C 33 15.17 -7.96 39.29
C ASP C 33 16.38 -7.08 38.99
N PHE C 34 16.29 -6.23 37.96
CA PHE C 34 17.40 -5.35 37.64
C PHE C 34 17.64 -4.34 38.75
N PHE C 35 16.60 -3.63 39.18
CA PHE C 35 16.80 -2.54 40.13
C PHE C 35 16.74 -2.98 41.60
N GLN C 36 15.90 -3.94 41.94
CA GLN C 36 15.76 -4.43 43.32
C GLN C 36 15.37 -3.28 44.27
N LEU C 37 14.47 -2.41 43.80
CA LEU C 37 14.07 -1.27 44.62
C LEU C 37 13.32 -1.70 45.88
N GLU C 38 12.40 -2.66 45.78
CA GLU C 38 11.62 -3.07 46.93
C GLU C 38 12.43 -3.85 47.95
N THR C 39 13.61 -4.33 47.58
CA THR C 39 14.45 -5.08 48.50
C THR C 39 15.28 -4.14 49.36
N LYS C 40 15.40 -4.47 50.64
CA LYS C 40 16.18 -3.64 51.56
C LYS C 40 17.66 -3.67 51.19
N SER C 41 18.40 -2.68 51.72
CA SER C 41 19.81 -2.53 51.36
C SER C 41 20.63 -3.75 51.76
N ASP C 42 20.40 -4.27 52.96
CA ASP C 42 21.16 -5.42 53.44
C ASP C 42 20.68 -6.74 52.86
N GLU C 43 19.48 -6.77 52.25
CA GLU C 43 18.96 -7.99 51.63
C GLU C 43 19.10 -7.99 50.12
N ARG C 44 19.76 -7.00 49.53
CA ARG C 44 19.91 -6.93 48.08
C ARG C 44 20.75 -8.10 47.59
N GLY C 45 20.17 -8.90 46.70
CA GLY C 45 20.88 -10.02 46.13
C GLY C 45 21.94 -9.58 45.13
N ASN C 46 22.76 -10.54 44.73
CA ASN C 46 23.85 -10.29 43.79
C ASN C 46 23.35 -10.40 42.35
N GLU C 47 22.43 -9.51 42.00
CA GLU C 47 21.86 -9.44 40.66
C GLU C 47 21.56 -7.98 40.29
N GLY C 48 21.65 -7.69 39.00
CA GLY C 48 21.19 -6.41 38.52
C GLY C 48 22.21 -5.30 38.69
N LEU C 49 21.73 -4.12 39.10
CA LEU C 49 22.59 -2.95 39.17
C LEU C 49 23.67 -3.11 40.22
N TYR C 50 23.41 -3.89 41.27
CA TYR C 50 24.44 -4.14 42.27
C TYR C 50 25.61 -4.89 41.66
N ASN C 51 25.34 -5.92 40.85
CA ASN C 51 26.42 -6.61 40.16
C ASN C 51 27.07 -5.72 39.10
N THR C 52 26.28 -4.84 38.49
CA THR C 52 26.85 -3.89 37.53
C THR C 52 27.88 -3.00 38.21
N PHE C 53 27.60 -2.59 39.45
CA PHE C 53 28.56 -1.76 40.19
C PHE C 53 29.74 -2.60 40.69
N MET C 54 29.49 -3.82 41.15
CA MET C 54 30.58 -4.68 41.59
C MET C 54 31.57 -4.98 40.47
N GLU C 55 31.08 -5.29 39.27
CA GLU C 55 31.99 -5.68 38.20
C GLU C 55 32.89 -4.54 37.76
N ASN C 56 32.46 -3.30 37.93
CA ASN C 56 33.25 -2.15 37.53
C ASN C 56 34.01 -1.50 38.68
N PHE C 57 33.92 -2.05 39.89
CA PHE C 57 34.56 -1.47 41.06
C PHE C 57 35.31 -2.54 41.85
N PRO C 58 36.34 -2.16 42.63
CA PRO C 58 36.87 -0.80 42.84
C PRO C 58 37.74 -0.32 41.68
N ILE C 59 37.83 0.99 41.50
CA ILE C 59 38.61 1.60 40.42
C ILE C 59 39.93 2.09 41.01
N THR C 60 41.03 1.52 40.56
CA THR C 60 42.35 1.88 41.05
C THR C 60 43.19 2.46 39.90
N ASP C 61 44.04 3.42 40.26
CA ASP C 61 44.86 4.10 39.28
C ASP C 61 46.01 3.20 38.83
N THR C 62 46.80 3.71 37.89
CA THR C 62 47.92 2.94 37.34
C THR C 62 48.99 2.63 38.38
N ARG C 63 49.13 3.47 39.40
CA ARG C 63 50.12 3.28 40.46
C ARG C 63 49.56 2.55 41.66
N ASN C 64 48.27 2.18 41.64
CA ASN C 64 47.61 1.52 42.77
C ASN C 64 47.73 2.33 44.05
N GLN C 65 47.63 3.65 43.94
CA GLN C 65 47.71 4.52 45.11
C GLN C 65 46.33 4.92 45.59
N PHE C 66 45.44 5.31 44.67
CA PHE C 66 44.08 5.71 45.00
C PHE C 66 43.12 4.58 44.66
N VAL C 67 42.23 4.25 45.60
CA VAL C 67 41.22 3.21 45.41
C VAL C 67 39.85 3.84 45.60
N LEU C 68 38.99 3.69 44.59
CA LEU C 68 37.63 4.21 44.61
C LEU C 68 36.69 3.02 44.73
N GLU C 69 36.05 2.88 45.90
CA GLU C 69 35.20 1.73 46.19
C GLU C 69 33.74 2.16 46.25
N PHE C 70 32.87 1.26 45.81
CA PHE C 70 31.42 1.49 45.82
C PHE C 70 30.80 0.81 47.01
N LEU C 71 29.94 1.53 47.74
CA LEU C 71 29.30 1.00 48.94
C LEU C 71 27.84 0.65 48.72
N ASP C 72 27.02 1.60 48.29
CA ASP C 72 25.60 1.36 48.10
C ASP C 72 25.03 2.42 47.15
N TYR C 73 23.84 2.13 46.62
CA TYR C 73 23.15 3.03 45.71
C TYR C 73 21.75 3.29 46.23
N PHE C 74 21.31 4.55 46.09
CA PHE C 74 19.98 4.96 46.51
C PHE C 74 19.34 5.75 45.38
N ILE C 75 18.02 5.64 45.26
CA ILE C 75 17.27 6.22 44.18
C ILE C 75 16.20 7.15 44.74
N ASP C 76 16.17 8.38 44.23
CA ASP C 76 15.25 9.41 44.69
C ASP C 76 13.92 9.31 43.95
N PRO C 77 12.86 9.92 44.50
CA PRO C 77 11.59 9.96 43.79
C PRO C 77 11.73 10.74 42.50
N PRO C 78 11.00 10.36 41.46
CA PRO C 78 11.12 11.05 40.17
C PRO C 78 10.68 12.50 40.27
N ARG C 79 11.30 13.34 39.44
CA ARG C 79 11.02 14.78 39.48
C ARG C 79 9.63 15.11 38.96
N TYR C 80 9.04 14.24 38.15
CA TYR C 80 7.75 14.47 37.53
C TYR C 80 6.96 13.17 37.47
N SER C 81 5.64 13.31 37.37
CA SER C 81 4.77 12.14 37.28
C SER C 81 4.68 11.66 35.84
N ILE C 82 4.05 10.50 35.66
CA ILE C 82 3.92 9.91 34.33
C ILE C 82 3.08 10.81 33.43
N GLN C 83 1.94 11.26 33.93
CA GLN C 83 1.10 12.18 33.16
C GLN C 83 1.83 13.48 32.87
N GLU C 84 2.53 14.01 33.89
CA GLU C 84 3.31 15.23 33.69
C GLU C 84 4.40 15.03 32.65
N CYS C 85 5.08 13.87 32.69
CA CYS C 85 6.13 13.61 31.72
C CYS C 85 5.57 13.51 30.31
N ILE C 86 4.41 12.86 30.15
CA ILE C 86 3.80 12.76 28.83
C ILE C 86 3.39 14.14 28.32
N GLU C 87 2.77 14.95 29.18
CA GLU C 87 2.30 16.27 28.77
C GLU C 87 3.45 17.20 28.45
N ARG C 88 4.52 17.16 29.24
CA ARG C 88 5.65 18.05 29.06
C ARG C 88 6.66 17.54 28.05
N GLY C 89 6.45 16.36 27.48
CA GLY C 89 7.39 15.83 26.52
C GLY C 89 8.72 15.42 27.10
N LEU C 90 8.74 15.08 28.38
CA LEU C 90 9.98 14.71 29.07
C LEU C 90 10.00 13.21 29.34
N THR C 91 11.15 12.74 29.82
CA THR C 91 11.37 11.33 30.08
C THR C 91 11.14 11.04 31.56
N TYR C 92 10.32 10.03 31.84
CA TYR C 92 10.04 9.63 33.22
C TYR C 92 11.29 8.99 33.81
N SER C 93 12.05 9.77 34.56
CA SER C 93 13.38 9.36 35.01
C SER C 93 13.52 9.60 36.51
N VAL C 94 14.33 8.75 37.13
CA VAL C 94 14.61 8.86 38.57
C VAL C 94 16.09 9.17 38.75
N PRO C 95 16.46 10.04 39.69
CA PRO C 95 17.88 10.30 39.95
C PRO C 95 18.53 9.14 40.69
N LEU C 96 19.78 8.85 40.35
CA LEU C 96 20.55 7.81 41.01
C LEU C 96 21.66 8.44 41.84
N LYS C 97 21.78 7.99 43.09
CA LYS C 97 22.84 8.44 43.98
C LYS C 97 23.59 7.23 44.53
N ALA C 98 24.91 7.30 44.46
CA ALA C 98 25.78 6.18 44.82
C ALA C 98 26.70 6.58 45.96
N ARG C 99 26.79 5.71 46.97
CA ARG C 99 27.68 5.92 48.10
C ARG C 99 29.04 5.33 47.79
N LEU C 100 30.06 6.17 47.71
CA LEU C 100 31.40 5.76 47.29
C LEU C 100 32.40 6.07 48.40
N LYS C 101 33.36 5.16 48.56
CA LYS C 101 34.44 5.30 49.54
C LYS C 101 35.76 5.47 48.80
N LEU C 102 36.47 6.56 49.09
CA LEU C 102 37.76 6.84 48.48
C LEU C 102 38.83 6.89 49.57
N TYR C 103 39.89 6.13 49.39
CA TYR C 103 41.00 6.10 50.33
C TYR C 103 42.31 5.91 49.54
N CYS C 104 43.40 6.37 50.15
CA CYS C 104 44.72 6.27 49.54
C CYS C 104 45.54 5.19 50.25
N THR C 105 46.05 4.24 49.46
CA THR C 105 46.84 3.14 49.99
C THR C 105 48.32 3.46 50.09
N ASP C 106 48.76 4.59 49.55
CA ASP C 106 50.17 4.96 49.60
C ASP C 106 50.50 5.49 51.00
N PRO C 107 51.45 4.88 51.71
CA PRO C 107 51.83 5.42 53.03
C PRO C 107 52.43 6.83 52.95
N GLU C 108 52.94 7.23 51.80
CA GLU C 108 53.45 8.59 51.64
C GLU C 108 52.33 9.64 51.67
N HIS C 109 51.07 9.21 51.54
CA HIS C 109 49.92 10.10 51.53
C HIS C 109 49.00 9.82 52.73
N GLU C 110 49.60 9.66 53.92
CA GLU C 110 48.80 9.36 55.12
C GLU C 110 47.83 10.49 55.44
N ASP C 111 48.11 11.70 54.99
CA ASP C 111 47.23 12.83 55.27
C ASP C 111 45.94 12.77 54.46
N PHE C 112 45.83 11.87 53.49
CA PHE C 112 44.63 11.75 52.67
C PHE C 112 43.55 11.04 53.49
N GLU C 113 42.60 11.82 54.00
CA GLU C 113 41.52 11.25 54.79
C GLU C 113 40.59 10.42 53.90
N THR C 114 40.07 9.33 54.47
CA THR C 114 39.10 8.49 53.75
C THR C 114 37.81 9.26 53.57
N ILE C 115 37.31 9.32 52.33
CA ILE C 115 36.13 10.09 51.99
C ILE C 115 35.01 9.13 51.61
N VAL C 116 33.88 9.25 52.29
CA VAL C 116 32.66 8.53 51.95
C VAL C 116 31.61 9.57 51.59
N GLN C 117 31.16 9.55 50.33
CA GLN C 117 30.27 10.60 49.83
C GLN C 117 29.23 9.98 48.91
N ASP C 118 28.05 10.61 48.88
CA ASP C 118 26.97 10.17 48.01
C ASP C 118 27.01 10.95 46.70
N VAL C 119 27.36 10.27 45.61
CA VAL C 119 27.57 10.90 44.32
C VAL C 119 26.32 10.73 43.47
N TYR C 120 25.80 11.84 42.97
CA TYR C 120 24.66 11.83 42.06
C TYR C 120 25.12 11.39 40.68
N LEU C 121 24.66 10.22 40.24
CA LEU C 121 25.12 9.63 38.99
C LEU C 121 24.26 9.97 37.79
N GLY C 122 23.25 10.80 37.96
CA GLY C 122 22.41 11.26 36.87
C GLY C 122 21.03 10.65 36.91
N THR C 123 20.21 11.06 35.95
CA THR C 123 18.83 10.61 35.85
C THR C 123 18.75 9.34 35.00
N ILE C 124 18.04 8.35 35.53
CA ILE C 124 17.81 7.09 34.84
C ILE C 124 16.32 6.98 34.55
N PRO C 125 15.90 6.84 33.29
CA PRO C 125 14.48 6.64 33.01
C PRO C 125 13.93 5.43 33.74
N TYR C 126 12.75 5.60 34.32
CA TYR C 126 12.14 4.59 35.17
C TYR C 126 10.91 4.01 34.48
N MET C 127 10.67 2.72 34.73
CA MET C 127 9.59 2.03 34.05
C MET C 127 8.25 2.32 34.72
N THR C 128 7.23 2.51 33.89
CA THR C 128 5.88 2.73 34.39
C THR C 128 5.33 1.43 35.01
N PRO C 129 4.33 1.54 35.87
CA PRO C 129 3.75 0.31 36.45
C PRO C 129 3.10 -0.59 35.42
N SER C 130 2.79 -0.08 34.23
CA SER C 130 2.22 -0.88 33.16
C SER C 130 3.27 -1.55 32.29
N GLY C 131 4.55 -1.46 32.65
CA GLY C 131 5.59 -2.13 31.90
C GLY C 131 6.14 -1.36 30.71
N THR C 132 5.99 -0.04 30.71
CA THR C 132 6.43 0.78 29.59
C THR C 132 7.44 1.82 30.07
N PHE C 133 8.11 2.43 29.10
CA PHE C 133 9.00 3.56 29.35
C PHE C 133 8.48 4.79 28.62
N VAL C 134 8.48 5.92 29.31
CA VAL C 134 8.07 7.19 28.71
C VAL C 134 9.34 7.95 28.34
N ILE C 135 9.65 7.99 27.04
CA ILE C 135 10.83 8.67 26.53
C ILE C 135 10.37 9.86 25.70
N ASN C 136 10.78 11.05 26.12
CA ASN C 136 10.42 12.30 25.43
C ASN C 136 8.91 12.46 25.32
N GLY C 137 8.20 12.04 26.37
CA GLY C 137 6.76 12.21 26.43
C GLY C 137 5.95 11.18 25.71
N ALA C 138 6.59 10.21 25.04
CA ALA C 138 5.89 9.16 24.31
C ALA C 138 6.30 7.80 24.85
N GLU C 139 5.30 6.97 25.13
CA GLU C 139 5.54 5.66 25.72
C GLU C 139 6.29 4.77 24.74
N ARG C 140 7.23 3.98 25.27
CA ARG C 140 8.02 3.05 24.48
C ARG C 140 8.15 1.73 25.23
N VAL C 141 8.40 0.67 24.48
CA VAL C 141 8.58 -0.66 25.02
C VAL C 141 9.93 -1.19 24.56
N VAL C 142 10.74 -1.65 25.51
CA VAL C 142 11.99 -2.33 25.19
C VAL C 142 11.65 -3.77 24.85
N VAL C 143 11.43 -4.03 23.57
CA VAL C 143 11.04 -5.35 23.11
C VAL C 143 12.20 -6.32 23.30
N SER C 144 11.90 -7.49 23.86
CA SER C 144 12.93 -8.47 24.13
C SER C 144 13.52 -9.00 22.82
N GLN C 145 14.83 -9.18 22.81
CA GLN C 145 15.55 -9.63 21.63
C GLN C 145 15.82 -11.13 21.73
N LEU C 146 15.54 -11.85 20.65
CA LEU C 146 15.82 -13.28 20.57
C LEU C 146 17.10 -13.45 19.76
N HIS C 147 18.21 -13.64 20.45
CA HIS C 147 19.53 -13.70 19.84
C HIS C 147 20.15 -15.06 20.08
N ARG C 148 21.28 -15.30 19.42
CA ARG C 148 21.97 -16.58 19.55
C ARG C 148 22.56 -16.72 20.94
N SER C 149 22.37 -17.89 21.54
CA SER C 149 22.84 -18.12 22.89
C SER C 149 24.37 -18.19 22.91
N PRO C 150 25.00 -17.68 23.97
CA PRO C 150 26.44 -17.91 24.13
C PRO C 150 26.74 -19.39 24.21
N GLY C 151 27.84 -19.79 23.60
CA GLY C 151 28.23 -21.18 23.50
C GLY C 151 28.93 -21.45 22.19
N VAL C 152 29.06 -22.72 21.86
CA VAL C 152 29.69 -23.17 20.62
C VAL C 152 28.69 -23.96 19.80
N PHE C 153 28.61 -23.65 18.51
CA PHE C 153 27.71 -24.33 17.59
C PHE C 153 28.52 -24.99 16.50
N PHE C 154 28.15 -26.23 16.16
CA PHE C 154 28.81 -26.98 15.10
C PHE C 154 27.94 -26.98 13.86
N GLY C 155 28.30 -26.14 12.89
CA GLY C 155 27.51 -25.98 11.69
C GLY C 155 28.24 -26.52 10.47
N GLN C 156 27.44 -26.81 9.45
CA GLN C 156 27.94 -27.36 8.20
C GLN C 156 27.59 -26.42 7.05
N SER C 157 28.55 -26.18 6.17
CA SER C 157 28.38 -25.29 5.04
C SER C 157 28.92 -25.97 3.78
N PHE C 158 28.41 -25.54 2.63
CA PHE C 158 28.79 -26.08 1.34
C PHE C 158 29.59 -25.05 0.56
N HIS C 159 30.75 -25.48 0.06
CA HIS C 159 31.57 -24.63 -0.78
C HIS C 159 31.02 -24.59 -2.20
N ALA C 160 31.54 -23.65 -3.00
CA ALA C 160 31.09 -23.51 -4.38
C ALA C 160 31.33 -24.77 -5.21
N ASN C 161 32.30 -25.59 -4.84
CA ASN C 161 32.58 -26.83 -5.53
C ASN C 161 31.78 -28.01 -4.99
N GLY C 162 30.92 -27.78 -4.00
CA GLY C 162 30.10 -28.82 -3.42
C GLY C 162 30.72 -29.57 -2.26
N THR C 163 31.98 -29.29 -1.94
CA THR C 163 32.63 -29.97 -0.81
C THR C 163 32.01 -29.51 0.51
N LYS C 164 31.73 -30.46 1.39
CA LYS C 164 31.13 -30.14 2.67
C LYS C 164 32.18 -29.51 3.59
N LEU C 165 31.83 -28.37 4.18
CA LEU C 165 32.70 -27.66 5.09
C LEU C 165 32.06 -27.61 6.47
N TYR C 166 32.79 -28.06 7.47
CA TYR C 166 32.32 -28.09 8.85
C TYR C 166 32.98 -26.99 9.66
N SER C 167 32.20 -26.32 10.49
CA SER C 167 32.69 -25.19 11.27
C SER C 167 32.15 -25.27 12.69
N ALA C 168 32.93 -24.75 13.63
CA ALA C 168 32.53 -24.61 15.03
C ALA C 168 32.75 -23.17 15.45
N ARG C 169 31.66 -22.50 15.85
CA ARG C 169 31.69 -21.08 16.18
C ARG C 169 31.39 -20.88 17.66
N VAL C 170 32.28 -20.17 18.34
CA VAL C 170 32.10 -19.83 19.75
C VAL C 170 31.83 -18.33 19.84
N ILE C 171 30.64 -17.96 20.28
CA ILE C 171 30.28 -16.56 20.47
C ILE C 171 30.27 -16.30 21.97
N PRO C 172 31.03 -15.33 22.47
CA PRO C 172 31.02 -15.05 23.90
C PRO C 172 29.93 -14.05 24.29
N PHE C 173 29.65 -14.02 25.58
CA PHE C 173 28.76 -13.00 26.12
C PHE C 173 29.35 -11.61 25.90
N LYS C 174 30.66 -11.47 26.08
CA LYS C 174 31.39 -10.24 25.79
C LYS C 174 32.81 -10.60 25.40
N GLY C 175 33.19 -10.27 24.16
CA GLY C 175 34.52 -10.55 23.66
C GLY C 175 34.50 -10.86 22.18
N SER C 176 35.64 -11.34 21.69
CA SER C 176 35.80 -11.63 20.27
C SER C 176 35.31 -13.03 19.94
N TRP C 177 34.87 -13.20 18.69
CA TRP C 177 34.40 -14.48 18.19
C TRP C 177 35.58 -15.29 17.69
N ILE C 178 35.53 -16.61 17.91
CA ILE C 178 36.52 -17.54 17.39
C ILE C 178 35.80 -18.65 16.64
N GLU C 179 36.31 -19.01 15.48
CA GLU C 179 35.67 -19.99 14.61
C GLU C 179 36.72 -20.95 14.06
N PHE C 180 36.47 -22.25 14.25
CA PHE C 180 37.30 -23.30 13.66
C PHE C 180 36.59 -23.85 12.44
N ALA C 181 37.19 -23.68 11.27
CA ALA C 181 36.57 -24.07 10.01
C ALA C 181 37.56 -24.86 9.15
N THR C 182 37.02 -25.76 8.34
CA THR C 182 37.82 -26.57 7.43
C THR C 182 37.79 -25.97 6.03
N ASP C 183 38.85 -26.24 5.26
CA ASP C 183 38.95 -25.75 3.90
C ASP C 183 38.65 -26.88 2.92
N ILE C 184 38.77 -26.57 1.62
CA ILE C 184 38.51 -27.56 0.58
C ILE C 184 39.64 -28.58 0.48
N ASN C 185 40.82 -28.27 1.00
CA ASN C 185 41.98 -29.13 0.87
C ASN C 185 42.15 -30.08 2.04
N GLY C 186 41.20 -30.12 2.97
CA GLY C 186 41.34 -30.96 4.13
C GLY C 186 42.22 -30.38 5.22
N VAL C 187 42.52 -29.09 5.14
CA VAL C 187 43.29 -28.39 6.16
C VAL C 187 42.38 -27.39 6.86
N MET C 188 42.16 -27.61 8.15
CA MET C 188 41.19 -26.82 8.91
C MET C 188 41.90 -25.63 9.53
N TYR C 189 41.20 -24.50 9.58
CA TYR C 189 41.77 -23.24 10.04
C TYR C 189 40.94 -22.66 11.17
N ALA C 190 41.59 -21.87 12.02
CA ALA C 190 40.92 -21.14 13.09
C ALA C 190 40.88 -19.66 12.74
N TYR C 191 39.68 -19.10 12.67
CA TYR C 191 39.47 -17.70 12.31
C TYR C 191 39.21 -16.89 13.56
N ILE C 192 39.98 -15.82 13.75
CA ILE C 192 39.79 -14.90 14.85
C ILE C 192 39.13 -13.64 14.32
N ASP C 193 37.89 -13.39 14.76
CA ASP C 193 37.10 -12.24 14.30
C ASP C 193 36.93 -12.23 12.79
N ARG C 194 37.07 -13.39 12.16
CA ARG C 194 36.89 -13.58 10.72
C ARG C 194 37.83 -12.72 9.89
N LYS C 195 38.92 -12.22 10.49
CA LYS C 195 39.84 -11.36 9.78
C LYS C 195 40.85 -12.17 8.97
N LYS C 196 41.66 -12.97 9.66
CA LYS C 196 42.69 -13.77 9.02
C LYS C 196 42.75 -15.15 9.66
N LYS C 197 42.99 -16.17 8.83
CA LYS C 197 42.94 -17.56 9.27
C LYS C 197 44.29 -18.01 9.79
N LEU C 198 44.26 -18.86 10.81
CA LEU C 198 45.43 -19.47 11.39
C LEU C 198 45.21 -20.97 11.59
N PRO C 199 46.14 -21.82 11.16
CA PRO C 199 46.02 -23.25 11.46
C PRO C 199 46.00 -23.47 12.97
N VAL C 200 45.19 -24.44 13.40
CA VAL C 200 44.96 -24.59 14.84
C VAL C 200 46.19 -25.18 15.51
N THR C 201 47.09 -25.80 14.74
CA THR C 201 48.36 -26.23 15.31
C THR C 201 49.21 -25.05 15.75
N THR C 202 49.15 -23.95 14.99
CA THR C 202 49.81 -22.72 15.43
C THR C 202 49.24 -22.23 16.75
N LEU C 203 47.90 -22.28 16.89
CA LEU C 203 47.27 -21.89 18.15
C LEU C 203 47.70 -22.83 19.28
N PHE C 204 47.75 -24.13 19.00
CA PHE C 204 48.20 -25.10 20.00
C PHE C 204 49.60 -24.79 20.48
N ARG C 205 50.50 -24.48 19.53
CA ARG C 205 51.85 -24.06 19.92
C ARG C 205 51.82 -22.79 20.75
N ALA C 206 50.95 -21.84 20.39
CA ALA C 206 50.86 -20.59 21.12
C ALA C 206 50.29 -20.78 22.52
N ILE C 207 49.41 -21.76 22.71
CA ILE C 207 48.76 -21.95 24.01
C ILE C 207 49.55 -22.96 24.85
N GLY C 208 50.71 -23.37 24.36
CA GLY C 208 51.63 -24.18 25.15
C GLY C 208 51.96 -25.55 24.57
N PHE C 209 51.42 -25.96 23.44
CA PHE C 209 51.76 -27.25 22.84
C PHE C 209 52.84 -27.01 21.79
N GLU C 210 54.06 -26.80 22.27
CA GLU C 210 55.14 -26.33 21.41
C GLU C 210 55.47 -27.34 20.31
N ARG C 211 55.70 -28.59 20.68
CA ARG C 211 56.19 -29.61 19.78
C ARG C 211 55.04 -30.33 19.08
N ASP C 212 55.37 -30.97 17.96
CA ASP C 212 54.39 -31.81 17.28
C ASP C 212 53.99 -32.99 18.14
N LYS C 213 54.88 -33.44 19.02
CA LYS C 213 54.59 -34.59 19.88
C LYS C 213 53.42 -34.28 20.81
N ASP C 214 53.40 -33.09 21.40
CA ASP C 214 52.31 -32.72 22.30
C ASP C 214 50.99 -32.62 21.54
N ILE C 215 51.01 -32.00 20.36
CA ILE C 215 49.78 -31.85 19.58
C ILE C 215 49.23 -33.21 19.18
N LEU C 216 50.10 -34.13 18.76
CA LEU C 216 49.64 -35.47 18.42
C LEU C 216 49.20 -36.24 19.66
N GLU C 217 49.80 -35.97 20.81
CA GLU C 217 49.38 -36.61 22.05
C GLU C 217 48.01 -36.10 22.50
N ILE C 218 47.63 -34.90 22.07
CA ILE C 218 46.29 -34.41 22.37
C ILE C 218 45.24 -35.34 21.79
N PHE C 219 45.44 -35.76 20.53
CA PHE C 219 44.50 -36.64 19.86
C PHE C 219 44.93 -38.10 19.88
N ASP C 220 46.00 -38.43 20.61
CA ASP C 220 46.50 -39.80 20.71
C ASP C 220 46.80 -40.39 19.33
N LEU C 221 47.53 -39.64 18.51
CA LEU C 221 47.88 -40.09 17.17
C LEU C 221 49.32 -40.60 17.12
N ALA C 300 41.49 -45.41 12.86
CA ALA C 300 41.12 -44.12 13.39
C ALA C 300 42.00 -43.01 12.83
N GLN C 301 43.11 -43.41 12.20
CA GLN C 301 44.03 -42.44 11.61
C GLN C 301 43.37 -41.67 10.47
N SER C 302 42.57 -42.35 9.64
CA SER C 302 41.88 -41.67 8.55
C SER C 302 40.90 -40.63 9.08
N ASP C 303 40.30 -40.90 10.25
CA ASP C 303 39.39 -39.94 10.86
C ASP C 303 40.11 -38.65 11.25
N TYR C 304 41.35 -38.77 11.73
CA TYR C 304 42.11 -37.63 12.24
C TYR C 304 43.12 -37.11 11.22
N ALA C 305 42.99 -37.48 9.95
CA ALA C 305 43.94 -37.03 8.93
C ALA C 305 43.93 -35.52 8.77
N ILE C 306 42.83 -34.86 9.16
CA ILE C 306 42.75 -33.41 9.09
C ILE C 306 43.81 -32.78 9.97
N ILE C 307 44.07 -33.36 11.15
CA ILE C 307 45.10 -32.83 12.04
C ILE C 307 46.47 -32.94 11.39
N HIS C 308 46.76 -34.08 10.76
CA HIS C 308 48.04 -34.24 10.07
C HIS C 308 48.18 -33.25 8.92
N ASN C 309 47.10 -33.02 8.17
CA ASN C 309 47.16 -32.04 7.09
C ASN C 309 47.40 -30.63 7.63
N THR C 310 46.74 -30.29 8.73
CA THR C 310 46.96 -28.98 9.35
C THR C 310 48.39 -28.82 9.84
N LEU C 311 48.96 -29.88 10.41
CA LEU C 311 50.38 -29.85 10.78
C LEU C 311 51.25 -29.66 9.55
N GLN C 312 50.92 -30.34 8.45
CA GLN C 312 51.71 -30.19 7.22
C GLN C 312 51.63 -28.77 6.67
N LYS C 313 50.50 -28.10 6.86
CA LYS C 313 50.35 -26.72 6.41
C LYS C 313 50.77 -25.70 7.47
N ASP C 314 51.26 -26.14 8.62
CA ASP C 314 51.67 -25.23 9.67
C ASP C 314 53.04 -24.65 9.35
N PRO C 315 53.19 -23.32 9.22
CA PRO C 315 54.51 -22.74 8.95
C PRO C 315 55.37 -22.55 10.19
N THR C 316 54.87 -22.87 11.38
CA THR C 316 55.60 -22.64 12.62
C THR C 316 55.95 -23.99 13.27
N ASN C 317 57.01 -23.96 14.07
CA ASN C 317 57.49 -25.16 14.76
C ASN C 317 57.64 -25.00 16.27
N SER C 318 57.79 -23.77 16.78
CA SER C 318 57.96 -23.53 18.21
C SER C 318 56.90 -22.55 18.68
N GLU C 319 56.80 -22.42 20.01
CA GLU C 319 55.83 -21.48 20.58
C GLU C 319 56.14 -20.05 20.19
N LYS C 320 57.42 -19.66 20.24
CA LYS C 320 57.79 -18.30 19.89
C LYS C 320 57.44 -17.99 18.44
N GLU C 321 57.75 -18.93 17.53
CA GLU C 321 57.44 -18.73 16.12
C GLU C 321 55.93 -18.62 15.92
N ALA C 322 55.15 -19.48 16.58
CA ALA C 322 53.70 -19.45 16.43
C ALA C 322 53.12 -18.13 16.94
N VAL C 323 53.60 -17.66 18.08
CA VAL C 323 53.07 -16.44 18.67
C VAL C 323 53.45 -15.24 17.81
N GLU C 324 54.68 -15.21 17.29
CA GLU C 324 55.08 -14.13 16.39
C GLU C 324 54.25 -14.15 15.11
N HIS C 325 53.98 -15.34 14.57
CA HIS C 325 53.15 -15.45 13.38
C HIS C 325 51.73 -14.96 13.64
N ILE C 326 51.18 -15.28 14.82
CA ILE C 326 49.85 -14.81 15.17
C ILE C 326 49.84 -13.29 15.31
N TYR C 327 50.88 -12.72 15.92
CA TYR C 327 50.99 -11.26 16.00
C TYR C 327 51.01 -10.64 14.61
N ARG C 328 51.83 -11.21 13.71
CA ARG C 328 51.92 -10.67 12.37
C ARG C 328 50.59 -10.78 11.63
N GLN C 329 49.88 -11.89 11.81
CA GLN C 329 48.60 -12.07 11.14
C GLN C 329 47.55 -11.11 11.67
N LEU C 330 47.55 -10.84 12.98
CA LEU C 330 46.52 -10.01 13.56
C LEU C 330 46.79 -8.51 13.36
N ARG C 331 47.99 -8.05 13.73
CA ARG C 331 48.30 -6.63 13.70
C ARG C 331 48.97 -6.18 12.40
N ASN C 332 49.24 -7.10 11.48
CA ASN C 332 49.90 -6.79 10.20
C ASN C 332 51.25 -6.09 10.42
N ALA C 333 51.94 -6.43 11.51
CA ALA C 333 53.23 -5.84 11.81
C ALA C 333 54.03 -6.82 12.66
N GLU C 334 55.35 -6.63 12.68
CA GLU C 334 56.21 -7.47 13.47
C GLU C 334 56.10 -7.10 14.96
N PRO C 335 56.14 -8.10 15.84
CA PRO C 335 56.03 -7.81 17.27
C PRO C 335 57.30 -7.16 17.80
N PRO C 336 57.17 -6.12 18.64
CA PRO C 336 58.37 -5.55 19.26
C PRO C 336 59.11 -6.53 20.15
N ASP C 337 58.39 -7.43 20.82
CA ASP C 337 59.01 -8.44 21.67
C ASP C 337 58.03 -9.58 21.85
N GLU C 338 58.54 -10.71 22.37
CA GLU C 338 57.72 -11.89 22.57
C GLU C 338 56.64 -11.67 23.63
N GLU C 339 56.95 -10.88 24.66
CA GLU C 339 56.00 -10.70 25.76
C GLU C 339 54.71 -10.03 25.29
N THR C 340 54.82 -8.98 24.48
CA THR C 340 53.62 -8.31 23.98
C THR C 340 52.83 -9.22 23.04
N ALA C 341 53.52 -10.01 22.23
CA ALA C 341 52.84 -10.94 21.33
C ALA C 341 52.06 -11.99 22.11
N ARG C 342 52.65 -12.51 23.19
CA ARG C 342 51.93 -13.45 24.05
C ARG C 342 50.77 -12.76 24.76
N GLY C 343 50.98 -11.53 25.22
CA GLY C 343 49.94 -10.78 25.90
C GLY C 343 48.75 -10.46 25.03
N ILE C 344 48.97 -10.29 23.72
CA ILE C 344 47.82 -10.08 22.83
C ILE C 344 46.91 -11.30 22.84
N ILE C 345 47.47 -12.49 22.72
CA ILE C 345 46.66 -13.71 22.78
C ILE C 345 46.01 -13.85 24.14
N GLU C 346 46.75 -13.56 25.20
CA GLU C 346 46.20 -13.68 26.55
C GLU C 346 45.02 -12.75 26.75
N LYS C 347 45.14 -11.49 26.33
CA LYS C 347 44.04 -10.54 26.44
C LYS C 347 42.89 -10.88 25.52
N LEU C 348 43.18 -11.48 24.35
CA LEU C 348 42.12 -11.80 23.40
C LEU C 348 41.26 -12.96 23.88
N PHE C 349 41.88 -14.02 24.40
CA PHE C 349 41.15 -15.26 24.65
C PHE C 349 41.13 -15.74 26.09
N PHE C 350 41.91 -15.15 27.00
CA PHE C 350 42.03 -15.65 28.36
C PHE C 350 42.06 -14.55 29.41
N SER C 351 41.53 -13.37 29.09
CA SER C 351 41.48 -12.24 30.02
C SER C 351 40.03 -11.95 30.36
N ASP C 352 39.72 -11.88 31.66
CA ASP C 352 38.35 -11.62 32.08
C ASP C 352 37.87 -10.25 31.62
N GLN C 353 38.78 -9.27 31.54
CA GLN C 353 38.38 -7.91 31.19
C GLN C 353 37.93 -7.80 29.73
N ARG C 354 38.51 -8.60 28.83
CA ARG C 354 38.23 -8.48 27.41
C ARG C 354 37.39 -9.62 26.85
N TYR C 355 37.37 -10.78 27.50
CA TYR C 355 36.62 -11.94 27.03
C TYR C 355 35.80 -12.49 28.17
N SER C 356 34.52 -12.76 27.92
CA SER C 356 33.61 -13.21 28.96
C SER C 356 32.56 -14.13 28.34
N LEU C 357 32.62 -15.42 28.71
CA LEU C 357 31.62 -16.38 28.27
C LEU C 357 30.29 -16.24 29.01
N GLY C 358 30.32 -15.78 30.25
CA GLY C 358 29.12 -15.64 31.03
C GLY C 358 28.64 -16.96 31.61
N GLU C 359 27.73 -16.89 32.58
CA GLU C 359 27.20 -18.10 33.18
C GLU C 359 26.45 -18.94 32.16
N VAL C 360 25.64 -18.30 31.31
CA VAL C 360 24.88 -19.03 30.30
C VAL C 360 25.81 -19.74 29.34
N GLY C 361 26.82 -19.04 28.83
CA GLY C 361 27.75 -19.65 27.89
C GLY C 361 28.55 -20.77 28.51
N ARG C 362 29.05 -20.56 29.73
CA ARG C 362 29.82 -21.61 30.40
C ARG C 362 28.96 -22.84 30.67
N TYR C 363 27.71 -22.64 31.12
CA TYR C 363 26.81 -23.76 31.34
C TYR C 363 26.54 -24.52 30.06
N ARG C 364 26.25 -23.80 28.98
CA ARG C 364 25.94 -24.45 27.71
C ARG C 364 27.13 -25.24 27.19
N MET C 365 28.33 -24.64 27.24
CA MET C 365 29.50 -25.34 26.74
C MET C 365 29.86 -26.53 27.61
N ASN C 366 29.73 -26.41 28.92
CA ASN C 366 29.99 -27.55 29.80
C ASN C 366 29.00 -28.68 29.53
N LYS C 367 27.73 -28.33 29.29
CA LYS C 367 26.73 -29.37 29.04
C LYS C 367 26.96 -30.04 27.69
N LYS C 368 27.27 -29.27 26.65
CA LYS C 368 27.32 -29.85 25.31
C LYS C 368 28.68 -30.50 25.00
N LEU C 369 29.74 -30.07 25.67
CA LEU C 369 31.06 -30.67 25.47
C LEU C 369 31.36 -31.78 26.47
N GLY C 370 30.47 -32.01 27.44
CA GLY C 370 30.73 -33.05 28.42
C GLY C 370 31.81 -32.72 29.41
N LEU C 371 32.11 -31.44 29.61
CA LEU C 371 33.14 -31.00 30.53
C LEU C 371 32.52 -30.56 31.85
N ASP C 372 33.30 -30.65 32.91
CA ASP C 372 32.82 -30.30 34.25
C ASP C 372 33.59 -29.13 34.83
N ILE C 373 33.88 -28.13 34.00
CA ILE C 373 34.60 -26.94 34.44
C ILE C 373 33.71 -26.14 35.38
N GLY C 374 34.33 -25.51 36.39
CA GLY C 374 33.56 -24.73 37.33
C GLY C 374 32.90 -23.54 36.66
N MET C 375 31.74 -23.15 37.18
CA MET C 375 30.97 -22.07 36.59
C MET C 375 31.61 -20.70 36.82
N ASP C 376 32.58 -20.60 37.73
CA ASP C 376 33.20 -19.32 38.04
C ASP C 376 34.18 -18.85 36.96
N LYS C 377 34.63 -19.75 36.09
CA LYS C 377 35.58 -19.39 35.03
C LYS C 377 34.78 -18.95 33.81
N GLU C 378 34.96 -17.70 33.41
CA GLU C 378 34.23 -17.14 32.28
C GLU C 378 35.09 -16.96 31.04
N VAL C 379 36.39 -17.19 31.12
CA VAL C 379 37.27 -17.12 29.97
C VAL C 379 37.40 -18.50 29.33
N LEU C 380 37.88 -18.52 28.09
CA LEU C 380 38.15 -19.77 27.41
C LEU C 380 39.30 -20.50 28.09
N THR C 381 39.33 -21.82 27.92
CA THR C 381 40.40 -22.66 28.46
C THR C 381 40.93 -23.59 27.38
N LYS C 382 42.10 -24.18 27.67
CA LYS C 382 42.72 -25.11 26.73
C LYS C 382 41.88 -26.37 26.55
N GLU C 383 41.31 -26.89 27.64
CA GLU C 383 40.47 -28.07 27.55
C GLU C 383 39.23 -27.82 26.68
N ASP C 384 38.65 -26.62 26.80
CA ASP C 384 37.51 -26.27 25.96
C ASP C 384 37.88 -26.31 24.47
N ILE C 385 39.05 -25.74 24.14
CA ILE C 385 39.48 -25.73 22.74
C ILE C 385 39.72 -27.15 22.25
N ILE C 386 40.39 -27.97 23.06
CA ILE C 386 40.66 -29.34 22.67
C ILE C 386 39.36 -30.11 22.44
N THR C 387 38.40 -29.95 23.36
CA THR C 387 37.14 -30.66 23.24
C THR C 387 36.33 -30.19 22.02
N ILE C 388 36.36 -28.89 21.74
CA ILE C 388 35.66 -28.36 20.58
C ILE C 388 36.26 -28.93 19.30
N ILE C 389 37.59 -28.98 19.23
CA ILE C 389 38.24 -29.52 18.03
C ILE C 389 37.94 -31.00 17.88
N LYS C 390 37.93 -31.74 18.99
CA LYS C 390 37.58 -33.16 18.95
C LYS C 390 36.16 -33.37 18.46
N TYR C 391 35.23 -32.55 18.95
CA TYR C 391 33.85 -32.66 18.51
C TYR C 391 33.72 -32.31 17.03
N LEU C 392 34.47 -31.31 16.57
CA LEU C 392 34.47 -30.99 15.15
C LEU C 392 35.01 -32.13 14.30
N ILE C 393 36.06 -32.80 14.80
CA ILE C 393 36.64 -33.92 14.05
C ILE C 393 35.63 -35.04 13.91
N GLU C 394 34.94 -35.40 15.00
CA GLU C 394 33.88 -36.41 14.89
C GLU C 394 32.71 -35.91 14.05
N LEU C 395 32.47 -34.59 14.03
CA LEU C 395 31.43 -34.04 13.17
C LEU C 395 31.76 -34.25 11.70
N ILE C 396 33.02 -34.03 11.32
CA ILE C 396 33.46 -34.31 9.96
C ILE C 396 33.30 -35.80 9.65
N ASN C 397 33.58 -36.65 10.63
CA ASN C 397 33.46 -38.10 10.49
C ASN C 397 32.01 -38.59 10.55
N SER C 398 31.05 -37.66 10.52
CA SER C 398 29.62 -37.99 10.55
C SER C 398 29.23 -38.75 11.82
N LYS C 399 30.03 -38.61 12.88
CA LYS C 399 29.71 -39.19 14.18
C LYS C 399 28.96 -38.24 15.08
N ALA C 400 28.76 -36.99 14.66
CA ALA C 400 28.04 -36.00 15.44
C ALA C 400 27.08 -35.25 14.53
N GLU C 401 26.04 -34.68 15.12
CA GLU C 401 25.02 -33.94 14.39
C GLU C 401 25.28 -32.45 14.46
N ILE C 402 24.82 -31.74 13.43
CA ILE C 402 24.97 -30.30 13.37
C ILE C 402 23.92 -29.64 14.24
N ASP C 403 24.24 -28.43 14.72
CA ASP C 403 23.34 -27.71 15.61
C ASP C 403 22.31 -26.94 14.80
N ASP C 404 21.04 -27.06 15.20
CA ASP C 404 19.95 -26.34 14.55
C ASP C 404 19.91 -24.91 15.09
N ILE C 405 20.18 -23.94 14.22
CA ILE C 405 20.23 -22.55 14.65
C ILE C 405 18.88 -22.05 15.15
N ASP C 406 17.78 -22.50 14.53
CA ASP C 406 16.45 -22.06 14.91
C ASP C 406 15.93 -22.74 16.17
N HIS C 407 16.60 -23.77 16.66
CA HIS C 407 16.15 -24.44 17.87
C HIS C 407 16.19 -23.47 19.04
N LEU C 408 15.11 -23.45 19.83
CA LEU C 408 15.00 -22.45 20.89
C LEU C 408 15.97 -22.71 22.04
N SER C 409 16.64 -23.86 22.07
CA SER C 409 17.80 -23.98 22.95
C SER C 409 18.95 -23.11 22.48
N ASN C 410 19.02 -22.83 21.18
CA ASN C 410 20.07 -22.01 20.60
C ASN C 410 19.66 -20.56 20.41
N ARG C 411 18.45 -20.20 20.82
CA ARG C 411 17.97 -18.82 20.77
C ARG C 411 17.58 -18.40 22.18
N ARG C 412 18.16 -17.29 22.63
CA ARG C 412 18.05 -16.86 24.02
C ARG C 412 17.40 -15.48 24.09
N VAL C 413 16.53 -15.30 25.08
CA VAL C 413 15.76 -14.08 25.22
C VAL C 413 16.57 -13.06 26.03
N ARG C 414 16.74 -11.87 25.47
CA ARG C 414 17.38 -10.76 26.17
C ARG C 414 16.27 -9.81 26.64
N THR C 415 15.92 -9.91 27.92
CA THR C 415 14.84 -9.11 28.47
C THR C 415 15.28 -7.65 28.63
N VAL C 416 14.32 -6.81 29.04
CA VAL C 416 14.60 -5.39 29.23
C VAL C 416 15.65 -5.19 30.33
N GLY C 417 15.55 -5.97 31.41
CA GLY C 417 16.51 -5.84 32.48
C GLY C 417 17.92 -6.18 32.05
N GLU C 418 18.08 -7.22 31.22
CA GLU C 418 19.40 -7.59 30.73
C GLU C 418 19.99 -6.49 29.85
N GLN C 419 19.18 -5.92 28.96
CA GLN C 419 19.68 -4.87 28.09
C GLN C 419 20.06 -3.63 28.89
N LEU C 420 19.25 -3.29 29.90
CA LEU C 420 19.62 -2.19 30.78
C LEU C 420 20.92 -2.49 31.52
N SER C 421 21.10 -3.75 31.93
CA SER C 421 22.35 -4.14 32.58
C SER C 421 23.55 -3.94 31.66
N GLN C 422 23.42 -4.33 30.39
CA GLN C 422 24.51 -4.12 29.44
C GLN C 422 24.81 -2.65 29.24
N GLN C 423 23.77 -1.83 29.09
CA GLN C 423 23.98 -0.40 28.89
C GLN C 423 24.64 0.24 30.11
N PHE C 424 24.21 -0.15 31.31
CA PHE C 424 24.83 0.36 32.53
C PHE C 424 26.27 -0.10 32.64
N GLY C 425 26.56 -1.34 32.25
CA GLY C 425 27.93 -1.82 32.27
C GLY C 425 28.83 -1.01 31.35
N VAL C 426 28.35 -0.74 30.13
CA VAL C 426 29.14 0.06 29.19
C VAL C 426 29.35 1.48 29.72
N GLY C 427 28.29 2.09 30.25
CA GLY C 427 28.41 3.43 30.78
C GLY C 427 29.37 3.50 31.96
N LEU C 428 29.30 2.51 32.86
CA LEU C 428 30.18 2.50 34.01
C LEU C 428 31.62 2.18 33.61
N ALA C 429 31.82 1.42 32.52
CA ALA C 429 33.17 1.20 32.02
C ALA C 429 33.76 2.50 31.49
N ARG C 430 32.97 3.27 30.72
CA ARG C 430 33.45 4.57 30.26
C ARG C 430 33.73 5.51 31.43
N MET C 431 32.84 5.50 32.42
CA MET C 431 33.02 6.33 33.62
C MET C 431 34.28 5.92 34.40
N ALA C 432 34.54 4.61 34.48
CA ALA C 432 35.74 4.13 35.15
C ALA C 432 37.00 4.57 34.43
N ARG C 433 36.99 4.50 33.09
CA ARG C 433 38.15 4.96 32.32
C ARG C 433 38.38 6.45 32.54
N THR C 434 37.31 7.25 32.51
CA THR C 434 37.44 8.68 32.75
C THR C 434 37.98 8.96 34.15
N ILE C 435 37.47 8.24 35.16
CA ILE C 435 37.95 8.42 36.53
C ILE C 435 39.43 8.07 36.62
N ARG C 436 39.83 6.96 36.00
CA ARG C 436 41.22 6.54 36.04
C ARG C 436 42.13 7.59 35.43
N GLU C 437 41.73 8.15 34.27
CA GLU C 437 42.50 9.23 33.69
C GLU C 437 42.58 10.43 34.62
N ARG C 438 41.46 10.78 35.27
CA ARG C 438 41.44 11.95 36.14
C ARG C 438 42.39 11.78 37.32
N MET C 439 42.36 10.60 37.98
CA MET C 439 43.21 10.41 39.15
C MET C 439 44.66 10.14 38.75
N ASN C 440 44.87 9.77 37.48
CA ASN C 440 46.24 9.77 36.96
C ASN C 440 46.73 11.20 36.76
N VAL C 441 45.83 12.12 36.45
CA VAL C 441 46.21 13.52 36.30
C VAL C 441 46.32 14.21 37.66
N ARG C 442 45.44 13.88 38.61
CA ARG C 442 45.32 14.59 39.87
C ARG C 442 46.05 13.88 41.02
N ASP C 443 47.21 13.30 40.76
CA ASP C 443 47.92 12.49 41.75
C ASP C 443 48.24 13.25 43.03
N ASN C 444 48.71 14.49 42.91
CA ASN C 444 49.19 15.25 44.06
C ASN C 444 48.16 16.24 44.61
N GLU C 445 46.93 16.18 44.14
CA GLU C 445 45.88 17.09 44.60
C GLU C 445 44.88 16.34 45.48
N VAL C 446 44.26 17.08 46.39
CA VAL C 446 43.20 16.53 47.24
C VAL C 446 41.89 16.65 46.49
N PHE C 447 41.23 15.52 46.25
CA PHE C 447 40.00 15.49 45.48
C PHE C 447 38.96 14.61 46.17
N THR C 448 37.70 14.87 45.86
CA THR C 448 36.57 14.09 46.30
C THR C 448 35.99 13.29 45.15
N PRO C 449 35.29 12.19 45.43
CA PRO C 449 34.69 11.41 44.33
C PRO C 449 33.72 12.20 43.47
N ILE C 450 33.13 13.28 44.01
CA ILE C 450 32.28 14.14 43.21
C ILE C 450 33.08 14.77 42.07
N ASP C 451 34.30 15.22 42.37
CA ASP C 451 35.11 15.87 41.36
C ASP C 451 35.63 14.89 40.31
N LEU C 452 35.47 13.59 40.54
CA LEU C 452 36.01 12.59 39.62
C LEU C 452 34.96 12.07 38.65
N ILE C 453 33.67 12.22 38.96
CA ILE C 453 32.60 11.60 38.19
C ILE C 453 31.83 12.67 37.42
N ASN C 454 31.60 12.39 36.14
CA ASN C 454 30.68 13.17 35.32
C ASN C 454 29.45 12.28 35.06
N ALA C 455 28.31 12.68 35.61
CA ALA C 455 27.09 11.89 35.47
C ALA C 455 26.64 11.80 34.01
N LYS C 456 27.08 12.74 33.19
CA LYS C 456 26.73 12.72 31.78
C LYS C 456 27.22 11.47 31.07
N THR C 457 28.33 10.88 31.53
CA THR C 457 28.86 9.68 30.89
C THR C 457 27.85 8.53 30.93
N LEU C 458 27.17 8.35 32.06
CA LEU C 458 26.19 7.27 32.16
C LEU C 458 24.84 7.72 31.60
N SER C 459 24.46 8.97 31.86
CA SER C 459 23.16 9.45 31.41
C SER C 459 23.06 9.44 29.89
N SER C 460 24.12 9.88 29.19
CA SER C 460 24.09 9.91 27.75
C SER C 460 24.00 8.51 27.16
N VAL C 461 24.72 7.55 27.74
CA VAL C 461 24.65 6.18 27.22
C VAL C 461 23.25 5.61 27.39
N ILE C 462 22.66 5.75 28.57
CA ILE C 462 21.34 5.19 28.80
C ILE C 462 20.30 5.89 27.92
N ASN C 463 20.39 7.21 27.80
CA ASN C 463 19.42 7.94 26.99
C ASN C 463 19.59 7.63 25.51
N SER C 464 20.83 7.43 25.06
CA SER C 464 21.05 7.03 23.67
C SER C 464 20.48 5.66 23.40
N PHE C 465 20.60 4.74 24.35
CA PHE C 465 19.99 3.42 24.17
C PHE C 465 18.47 3.53 24.09
N PHE C 466 17.88 4.37 24.95
CA PHE C 466 16.43 4.52 24.92
C PHE C 466 15.94 5.33 23.72
N GLY C 467 16.81 6.09 23.09
CA GLY C 467 16.37 6.96 22.00
C GLY C 467 16.65 6.48 20.59
N THR C 468 17.77 5.79 20.38
CA THR C 468 18.21 5.44 19.04
C THR C 468 18.22 3.94 18.76
N ASN C 469 18.18 3.09 19.77
CA ASN C 469 18.24 1.66 19.54
C ASN C 469 16.95 1.17 18.88
N GLN C 470 17.07 0.11 18.09
CA GLN C 470 15.91 -0.44 17.38
C GLN C 470 14.97 -1.20 18.30
N LEU C 471 15.47 -1.73 19.42
CA LEU C 471 14.62 -2.49 20.32
C LEU C 471 13.77 -1.61 21.23
N SER C 472 14.06 -0.32 21.31
CA SER C 472 13.22 0.63 22.02
C SER C 472 12.27 1.26 21.00
N GLN C 473 11.14 0.58 20.79
CA GLN C 473 10.22 0.94 19.72
C GLN C 473 9.03 1.74 20.25
N PHE C 474 8.43 2.51 19.33
CA PHE C 474 7.21 3.24 19.65
C PHE C 474 6.11 2.28 20.07
N MET C 475 5.44 2.61 21.17
CA MET C 475 4.43 1.71 21.72
C MET C 475 3.17 1.70 20.86
N ASP C 476 2.65 0.51 20.61
CA ASP C 476 1.41 0.32 19.87
C ASP C 476 0.25 0.47 20.86
N GLN C 477 -0.33 1.67 20.89
CA GLN C 477 -1.38 2.01 21.84
C GLN C 477 -2.74 2.19 21.17
N THR C 478 -3.06 1.39 20.16
CA THR C 478 -4.38 1.46 19.55
C THR C 478 -5.44 0.89 20.48
N ASN C 479 -5.14 -0.23 21.13
CA ASN C 479 -6.08 -0.87 22.05
C ASN C 479 -5.27 -1.71 23.03
N PRO C 480 -5.88 -2.11 24.16
CA PRO C 480 -5.14 -2.89 25.15
C PRO C 480 -4.54 -4.18 24.60
N LEU C 481 -5.21 -4.83 23.65
CA LEU C 481 -4.66 -6.05 23.05
C LEU C 481 -3.35 -5.76 22.35
N ALA C 482 -3.28 -4.67 21.58
CA ALA C 482 -2.04 -4.31 20.90
C ALA C 482 -0.93 -4.01 21.91
N GLU C 483 -1.26 -3.31 22.99
CA GLU C 483 -0.28 -3.02 24.03
C GLU C 483 0.28 -4.31 24.63
N ILE C 484 -0.62 -5.22 25.03
CA ILE C 484 -0.19 -6.41 25.74
C ILE C 484 0.53 -7.36 24.79
N THR C 485 0.25 -7.28 23.49
CA THR C 485 1.01 -8.08 22.53
C THR C 485 2.38 -7.47 22.27
N HIS C 486 2.47 -6.13 22.27
CA HIS C 486 3.76 -5.48 22.06
C HIS C 486 4.70 -5.74 23.22
N LYS C 487 4.18 -5.69 24.46
CA LYS C 487 5.02 -5.97 25.61
C LYS C 487 5.49 -7.41 25.65
N ARG C 488 4.76 -8.33 25.03
CA ARG C 488 5.13 -9.74 24.99
C ARG C 488 5.76 -10.13 23.66
N ARG C 489 6.29 -9.17 22.92
CA ARG C 489 6.86 -9.44 21.61
C ARG C 489 8.33 -9.81 21.72
N LEU C 490 8.79 -10.68 20.82
CA LEU C 490 10.18 -11.10 20.75
C LEU C 490 10.70 -10.81 19.35
N SER C 491 11.77 -10.03 19.26
CA SER C 491 12.30 -9.55 17.99
C SER C 491 13.66 -10.18 17.71
N ALA C 492 13.82 -10.70 16.49
CA ALA C 492 15.09 -11.25 16.05
C ALA C 492 15.98 -10.21 15.37
N LEU C 493 15.51 -8.97 15.25
CA LEU C 493 16.28 -7.90 14.64
C LEU C 493 17.07 -7.13 15.71
N GLY C 494 17.62 -5.99 15.30
CA GLY C 494 18.34 -5.12 16.19
C GLY C 494 19.82 -5.47 16.28
N PRO C 495 20.56 -4.71 17.08
CA PRO C 495 21.99 -5.00 17.26
C PRO C 495 22.19 -6.35 17.93
N GLY C 496 23.10 -7.14 17.37
CA GLY C 496 23.30 -8.50 17.82
C GLY C 496 22.35 -9.52 17.23
N GLY C 497 21.38 -9.07 16.43
CA GLY C 497 20.42 -9.95 15.81
C GLY C 497 20.61 -10.04 14.31
N LEU C 498 19.55 -10.45 13.63
CA LEU C 498 19.57 -10.62 12.18
C LEU C 498 18.97 -9.40 11.48
N SER C 499 19.35 -9.23 10.22
CA SER C 499 18.83 -8.16 9.38
C SER C 499 17.80 -8.72 8.40
N ARG C 500 16.96 -7.83 7.88
CA ARG C 500 15.93 -8.26 6.93
C ARG C 500 16.54 -8.83 5.66
N GLU C 501 17.62 -8.21 5.17
CA GLU C 501 18.27 -8.72 3.97
C GLU C 501 18.92 -10.08 4.21
N ARG C 502 19.47 -10.31 5.40
CA ARG C 502 20.10 -11.57 5.74
C ARG C 502 19.12 -12.61 6.26
N ALA C 503 17.84 -12.26 6.40
CA ALA C 503 16.84 -13.18 6.94
C ALA C 503 16.37 -14.11 5.83
N GLY C 504 16.65 -15.41 5.99
CA GLY C 504 16.25 -16.41 5.02
C GLY C 504 14.89 -17.00 5.32
N PHE C 505 14.54 -18.03 4.55
CA PHE C 505 13.26 -18.70 4.73
C PHE C 505 13.26 -19.53 6.02
N GLU C 506 14.41 -20.08 6.39
CA GLU C 506 14.45 -20.99 7.54
C GLU C 506 14.13 -20.26 8.84
N VAL C 507 14.81 -19.13 9.10
CA VAL C 507 14.62 -18.41 10.34
C VAL C 507 13.17 -17.94 10.51
N ARG C 508 12.55 -17.48 9.42
CA ARG C 508 11.17 -17.00 9.47
C ARG C 508 10.17 -18.11 9.72
N ASP C 509 10.57 -19.38 9.59
CA ASP C 509 9.64 -20.50 9.69
C ASP C 509 9.30 -20.81 11.14
N VAL C 510 8.22 -21.55 11.32
CA VAL C 510 7.81 -22.03 12.63
C VAL C 510 8.56 -23.31 12.94
N HIS C 511 9.04 -23.43 14.18
CA HIS C 511 9.82 -24.57 14.62
C HIS C 511 9.02 -25.38 15.62
N TYR C 512 9.40 -26.65 15.80
CA TYR C 512 8.67 -27.50 16.74
C TYR C 512 8.86 -27.03 18.18
N THR C 513 9.97 -26.35 18.46
CA THR C 513 10.19 -25.78 19.80
C THR C 513 9.34 -24.54 20.05
N HIS C 514 8.65 -24.02 19.04
CA HIS C 514 7.77 -22.88 19.25
C HIS C 514 6.49 -23.28 19.99
N TYR C 515 6.21 -24.57 20.13
CA TYR C 515 4.98 -25.00 20.77
C TYR C 515 4.93 -24.55 22.22
N GLY C 516 4.02 -23.64 22.51
CA GLY C 516 3.85 -23.10 23.84
C GLY C 516 4.80 -21.99 24.22
N ARG C 517 5.73 -21.60 23.34
CA ARG C 517 6.68 -20.54 23.60
C ARG C 517 6.55 -19.40 22.62
N LEU C 518 6.48 -19.67 21.33
CA LEU C 518 6.27 -18.67 20.30
C LEU C 518 4.97 -18.97 19.57
N CYS C 519 4.14 -17.95 19.39
CA CYS C 519 2.85 -18.16 18.75
C CYS C 519 3.04 -18.48 17.27
N PRO C 520 2.56 -19.63 16.80
CA PRO C 520 2.71 -19.96 15.37
C PRO C 520 1.72 -19.24 14.47
N ILE C 521 0.77 -18.51 15.02
CA ILE C 521 -0.25 -17.85 14.22
C ILE C 521 0.07 -16.38 14.03
N GLU C 522 0.42 -15.68 15.10
CA GLU C 522 0.57 -14.22 15.06
C GLU C 522 1.98 -13.87 14.61
N THR C 523 2.11 -13.34 13.39
CA THR C 523 3.34 -12.78 12.89
C THR C 523 2.97 -11.74 11.84
N PRO C 524 3.67 -10.61 11.80
CA PRO C 524 3.30 -9.55 10.85
C PRO C 524 3.46 -9.97 9.41
N GLU C 525 2.58 -9.46 8.56
CA GLU C 525 2.69 -9.69 7.13
C GLU C 525 3.69 -8.71 6.52
N GLY C 526 4.31 -9.14 5.43
CA GLY C 526 5.28 -8.32 4.75
C GLY C 526 6.70 -8.79 4.97
N PRO C 527 7.65 -7.85 4.98
CA PRO C 527 9.06 -8.23 5.12
C PRO C 527 9.44 -8.77 6.48
N ASN C 528 8.64 -8.51 7.52
CA ASN C 528 8.98 -8.90 8.88
C ASN C 528 8.32 -10.20 9.32
N ILE C 529 7.87 -11.02 8.38
CA ILE C 529 7.22 -12.27 8.74
C ILE C 529 8.25 -13.20 9.36
N GLY C 530 7.91 -13.80 10.51
CA GLY C 530 8.78 -14.76 11.15
C GLY C 530 9.85 -14.13 12.02
N LEU C 531 10.24 -12.89 11.71
CA LEU C 531 11.28 -12.21 12.46
C LEU C 531 10.75 -11.57 13.75
N ILE C 532 9.48 -11.18 13.78
CA ILE C 532 8.86 -10.61 14.96
C ILE C 532 7.81 -11.61 15.43
N SER C 533 7.97 -12.11 16.66
CA SER C 533 7.12 -13.16 17.20
C SER C 533 6.55 -12.72 18.53
N SER C 534 5.45 -13.35 18.91
CA SER C 534 4.74 -13.04 20.15
C SER C 534 4.82 -14.23 21.10
N LEU C 535 5.07 -13.93 22.38
CA LEU C 535 5.17 -14.96 23.38
C LEU C 535 3.82 -15.63 23.62
N SER C 536 3.85 -16.93 23.89
CA SER C 536 2.62 -17.65 24.20
C SER C 536 2.10 -17.22 25.57
N VAL C 537 0.83 -17.59 25.83
CA VAL C 537 0.16 -17.11 27.03
C VAL C 537 0.85 -17.62 28.29
N PHE C 538 1.22 -18.90 28.30
CA PHE C 538 1.78 -19.53 29.49
C PHE C 538 3.31 -19.53 29.54
N ALA C 539 3.96 -18.99 28.52
CA ALA C 539 5.42 -19.06 28.46
C ALA C 539 6.05 -17.95 29.29
N LYS C 540 7.23 -18.24 29.86
CA LYS C 540 7.99 -17.27 30.62
C LYS C 540 9.47 -17.40 30.26
N VAL C 541 10.24 -16.39 30.67
CA VAL C 541 11.69 -16.37 30.45
C VAL C 541 12.38 -16.61 31.79
N ASN C 542 13.26 -17.61 31.83
CA ASN C 542 13.96 -17.96 33.06
C ASN C 542 15.13 -17.01 33.31
N SER C 543 15.92 -17.33 34.35
CA SER C 543 17.08 -16.54 34.67
C SER C 543 18.14 -16.59 33.56
N MET C 544 18.38 -17.77 33.00
CA MET C 544 19.36 -17.91 31.94
C MET C 544 18.95 -17.27 30.63
N GLY C 545 17.66 -16.95 30.46
CA GLY C 545 17.19 -16.30 29.26
C GLY C 545 16.53 -17.20 28.24
N PHE C 546 16.29 -18.47 28.57
CA PHE C 546 15.61 -19.38 27.67
C PHE C 546 14.12 -19.47 28.02
N LEU C 547 13.33 -19.92 27.07
CA LEU C 547 11.88 -19.94 27.21
C LEU C 547 11.43 -21.26 27.82
N GLU C 548 10.53 -21.18 28.80
CA GLU C 548 9.88 -22.34 29.39
C GLU C 548 8.37 -22.18 29.30
N THR C 549 7.69 -23.31 29.09
CA THR C 549 6.24 -23.34 29.09
C THR C 549 5.76 -24.52 29.92
N PRO C 550 4.63 -24.39 30.62
CA PRO C 550 4.27 -25.36 31.65
C PRO C 550 3.74 -26.67 31.08
N TYR C 551 4.20 -27.77 31.69
CA TYR C 551 3.72 -29.11 31.39
C TYR C 551 3.27 -29.78 32.67
N ARG C 552 2.54 -30.88 32.52
CA ARG C 552 2.16 -31.74 33.64
C ARG C 552 2.90 -33.06 33.54
N LYS C 553 3.56 -33.45 34.63
CA LYS C 553 4.33 -34.68 34.65
C LYS C 553 3.40 -35.89 34.67
N VAL C 554 3.83 -36.96 34.00
CA VAL C 554 3.09 -38.22 33.94
C VAL C 554 4.01 -39.34 34.38
N VAL C 555 3.53 -40.17 35.30
CA VAL C 555 4.23 -41.39 35.70
C VAL C 555 3.29 -42.57 35.42
N ASP C 556 3.81 -43.56 34.69
CA ASP C 556 3.09 -44.79 34.37
C ASP C 556 1.71 -44.50 33.78
N GLY C 557 1.62 -43.45 32.97
CA GLY C 557 0.37 -43.09 32.35
C GLY C 557 -0.59 -42.32 33.24
N LYS C 558 -0.17 -41.94 34.44
CA LYS C 558 -1.01 -41.20 35.38
C LYS C 558 -0.56 -39.74 35.40
N VAL C 559 -1.51 -38.84 35.18
CA VAL C 559 -1.21 -37.41 35.07
C VAL C 559 -1.32 -36.79 36.45
N ASP C 560 -0.27 -36.08 36.86
CA ASP C 560 -0.26 -35.34 38.13
C ASP C 560 -1.02 -34.04 37.90
N VAL C 561 -2.29 -34.02 38.31
CA VAL C 561 -3.16 -32.89 38.01
C VAL C 561 -3.01 -31.74 38.99
N LYS C 562 -2.20 -31.88 40.03
CA LYS C 562 -2.06 -30.86 41.05
C LYS C 562 -0.91 -29.89 40.76
N GLU C 563 0.26 -30.39 40.38
CA GLU C 563 1.43 -29.58 40.14
C GLU C 563 1.80 -29.60 38.66
N HIS C 564 2.48 -28.54 38.23
CA HIS C 564 3.01 -28.44 36.87
C HIS C 564 4.46 -27.99 36.93
N ILE C 565 5.24 -28.50 35.99
CA ILE C 565 6.67 -28.21 35.91
C ILE C 565 6.96 -27.50 34.60
N TYR C 566 7.68 -26.37 34.69
CA TYR C 566 8.07 -25.64 33.50
C TYR C 566 9.29 -26.30 32.87
N LEU C 567 9.19 -26.60 31.57
CA LEU C 567 10.25 -27.27 30.84
C LEU C 567 10.78 -26.38 29.73
N SER C 568 12.10 -26.32 29.60
CA SER C 568 12.75 -25.54 28.57
C SER C 568 12.92 -26.35 27.29
N ALA C 569 13.42 -25.68 26.26
CA ALA C 569 13.63 -26.34 24.98
C ALA C 569 14.66 -27.45 25.09
N GLU C 570 15.71 -27.26 25.88
CA GLU C 570 16.71 -28.31 26.05
C GLU C 570 16.16 -29.46 26.88
N GLU C 571 15.26 -29.18 27.81
CA GLU C 571 14.65 -30.21 28.62
C GLU C 571 13.56 -30.97 27.90
N GLU C 572 13.08 -30.45 26.77
CA GLU C 572 11.98 -31.08 26.04
C GLU C 572 12.45 -32.12 25.03
N GLU C 573 13.76 -32.21 24.78
CA GLU C 573 14.26 -33.16 23.80
C GLU C 573 14.18 -34.58 24.34
N GLY C 574 13.70 -35.49 23.50
CA GLY C 574 13.52 -36.88 23.88
C GLY C 574 12.25 -37.18 24.65
N MET C 575 11.39 -36.19 24.88
CA MET C 575 10.17 -36.37 25.64
C MET C 575 8.97 -36.43 24.71
N LYS C 576 8.07 -37.38 24.96
CA LYS C 576 6.84 -37.51 24.19
C LYS C 576 5.70 -36.80 24.93
N ILE C 577 4.97 -35.97 24.21
CA ILE C 577 4.07 -34.98 24.80
C ILE C 577 2.70 -35.14 24.16
N ALA C 578 1.66 -35.24 24.98
CA ALA C 578 0.30 -35.30 24.46
C ALA C 578 -0.46 -34.00 24.72
N GLN C 579 -1.66 -33.94 24.15
CA GLN C 579 -2.45 -32.72 24.20
C GLN C 579 -3.12 -32.56 25.56
N ALA C 580 -3.58 -31.33 25.81
CA ALA C 580 -4.16 -31.00 27.10
C ALA C 580 -5.55 -31.62 27.28
N ASN C 581 -6.33 -31.72 26.20
CA ASN C 581 -7.71 -32.16 26.29
C ASN C 581 -7.86 -33.67 26.15
N ILE C 582 -6.82 -34.43 26.44
CA ILE C 582 -6.95 -35.89 26.37
C ILE C 582 -7.84 -36.38 27.51
N PRO C 583 -8.56 -37.49 27.34
CA PRO C 583 -9.52 -37.92 28.38
C PRO C 583 -8.82 -38.63 29.52
N LEU C 584 -9.11 -38.21 30.75
CA LEU C 584 -8.56 -38.81 31.95
C LEU C 584 -9.69 -39.40 32.79
N LYS C 585 -9.38 -40.48 33.49
CA LYS C 585 -10.26 -40.98 34.53
C LYS C 585 -10.19 -40.07 35.76
N ASP C 586 -11.01 -40.40 36.75
CA ASP C 586 -11.03 -39.58 37.97
C ASP C 586 -9.72 -39.66 38.74
N ASP C 587 -8.91 -40.68 38.50
CA ASP C 587 -7.62 -40.85 39.19
C ASP C 587 -6.45 -40.29 38.39
N GLY C 588 -6.68 -39.71 37.21
CA GLY C 588 -5.62 -39.16 36.41
C GLY C 588 -5.01 -40.10 35.39
N THR C 589 -5.49 -41.34 35.30
CA THR C 589 -4.98 -42.26 34.29
C THR C 589 -5.59 -41.95 32.93
N ILE C 590 -4.76 -42.01 31.88
CA ILE C 590 -5.24 -41.74 30.53
C ILE C 590 -6.24 -42.80 30.13
N ASP C 591 -7.39 -42.35 29.60
CA ASP C 591 -8.49 -43.23 29.24
C ASP C 591 -8.53 -43.52 27.75
N ARG C 592 -7.37 -43.63 27.11
CA ARG C 592 -7.28 -43.96 25.70
C ARG C 592 -6.32 -45.12 25.51
N GLU C 593 -6.62 -45.98 24.54
CA GLU C 593 -5.71 -47.08 24.24
C GLU C 593 -4.48 -46.59 23.50
N LYS C 594 -4.66 -45.66 22.58
CA LYS C 594 -3.56 -45.06 21.83
C LYS C 594 -3.76 -43.55 21.78
N VAL C 595 -2.72 -42.81 22.15
CA VAL C 595 -2.79 -41.35 22.22
C VAL C 595 -1.72 -40.77 21.31
N ILE C 596 -2.10 -39.75 20.55
CA ILE C 596 -1.13 -39.04 19.72
C ILE C 596 -0.18 -38.28 20.63
N ALA C 597 1.10 -38.30 20.30
CA ALA C 597 2.11 -37.65 21.11
C ALA C 597 3.08 -36.85 20.24
N ARG C 598 3.59 -35.77 20.82
CA ARG C 598 4.62 -34.93 20.20
C ARG C 598 5.99 -35.40 20.66
N ASP C 599 6.80 -35.91 19.73
CA ASP C 599 8.18 -36.28 20.03
C ASP C 599 9.08 -35.50 19.08
N GLU C 600 9.73 -34.45 19.60
CA GLU C 600 10.54 -33.53 18.81
C GLU C 600 9.75 -32.98 17.62
N GLY C 601 10.26 -33.15 16.42
CA GLY C 601 9.62 -32.67 15.22
C GLY C 601 8.57 -33.59 14.65
N ASP C 602 8.45 -34.81 15.15
CA ASP C 602 7.46 -35.77 14.69
C ASP C 602 6.32 -35.86 15.69
N PHE C 603 5.25 -36.54 15.28
CA PHE C 603 4.05 -36.71 16.09
C PHE C 603 3.65 -38.19 16.10
N PRO C 604 4.45 -39.04 16.75
CA PRO C 604 4.17 -40.47 16.70
C PRO C 604 2.98 -40.86 17.58
N VAL C 605 2.47 -42.06 17.33
CA VAL C 605 1.42 -42.64 18.16
C VAL C 605 2.06 -43.59 19.17
N VAL C 606 1.72 -43.43 20.45
CA VAL C 606 2.33 -44.19 21.53
C VAL C 606 1.26 -44.61 22.53
N ASP C 607 1.62 -45.57 23.36
CA ASP C 607 0.75 -46.01 24.44
C ASP C 607 0.77 -45.00 25.58
N PRO C 608 -0.23 -45.01 26.44
CA PRO C 608 -0.22 -44.11 27.60
C PRO C 608 0.96 -44.33 28.53
N VAL C 609 1.59 -45.50 28.50
CA VAL C 609 2.78 -45.73 29.32
C VAL C 609 3.97 -44.95 28.79
N GLU C 610 4.01 -44.68 27.48
CA GLU C 610 5.17 -44.08 26.84
C GLU C 610 5.18 -42.55 26.89
N ILE C 611 4.18 -41.93 27.53
CA ILE C 611 4.14 -40.48 27.64
C ILE C 611 5.11 -40.03 28.73
N ASN C 612 5.73 -38.88 28.52
CA ASN C 612 6.57 -38.27 29.54
C ASN C 612 5.93 -37.03 30.15
N TYR C 613 5.28 -36.21 29.34
CA TYR C 613 4.68 -34.96 29.80
C TYR C 613 3.41 -34.69 29.00
N THR C 614 2.57 -33.81 29.54
CA THR C 614 1.33 -33.43 28.90
C THR C 614 1.18 -31.92 28.90
N ASP C 615 0.45 -31.42 27.91
CA ASP C 615 0.14 -30.00 27.85
C ASP C 615 -0.80 -29.62 28.98
N VAL C 616 -0.93 -28.31 29.21
CA VAL C 616 -1.65 -27.79 30.36
C VAL C 616 -2.96 -27.13 29.96
N ALA C 617 -2.95 -26.30 28.91
CA ALA C 617 -4.15 -25.57 28.53
C ALA C 617 -4.41 -25.76 27.04
N PRO C 618 -5.68 -25.71 26.63
CA PRO C 618 -5.99 -25.79 25.20
C PRO C 618 -5.37 -24.67 24.39
N ASN C 619 -5.29 -23.46 24.95
CA ASN C 619 -4.71 -22.32 24.26
C ASN C 619 -3.25 -22.10 24.62
N GLN C 620 -2.51 -23.18 24.90
CA GLN C 620 -1.10 -23.05 25.25
C GLN C 620 -0.27 -22.59 24.05
N ILE C 621 -0.64 -23.01 22.83
CA ILE C 621 0.13 -22.65 21.65
C ILE C 621 -0.18 -21.24 21.15
N ALA C 622 -1.35 -20.70 21.47
CA ALA C 622 -1.78 -19.43 20.93
C ALA C 622 -1.33 -18.29 21.83
N SER C 623 -1.14 -17.12 21.21
CA SER C 623 -0.83 -15.92 21.97
C SER C 623 -2.12 -15.32 22.54
N ILE C 624 -1.99 -14.15 23.14
CA ILE C 624 -3.17 -13.46 23.68
C ILE C 624 -4.14 -13.11 22.56
N SER C 625 -3.62 -12.61 21.44
CA SER C 625 -4.48 -12.26 20.32
C SER C 625 -5.14 -13.50 19.72
N ALA C 626 -4.35 -14.52 19.41
CA ALA C 626 -4.90 -15.73 18.80
C ALA C 626 -5.86 -16.44 19.75
N SER C 627 -5.78 -16.13 21.05
CA SER C 627 -6.69 -16.74 22.01
C SER C 627 -7.99 -15.96 22.17
N LEU C 628 -8.18 -14.88 21.42
CA LEU C 628 -9.42 -14.11 21.47
C LEU C 628 -10.29 -14.32 20.24
N ILE C 629 -10.00 -15.33 19.42
CA ILE C 629 -10.80 -15.62 18.22
C ILE C 629 -11.66 -16.84 18.53
N PRO C 630 -12.97 -16.70 18.63
CA PRO C 630 -13.82 -17.87 18.84
C PRO C 630 -13.86 -18.76 17.60
N PHE C 631 -13.97 -20.06 17.85
CA PHE C 631 -14.00 -21.06 16.79
C PHE C 631 -12.79 -20.93 15.86
N LEU C 632 -11.63 -20.68 16.46
CA LEU C 632 -10.40 -20.57 15.68
C LEU C 632 -10.04 -21.88 15.01
N GLU C 633 -10.46 -23.01 15.60
CA GLU C 633 -10.18 -24.31 15.01
C GLU C 633 -10.93 -24.53 13.71
N HIS C 634 -11.90 -23.68 13.40
CA HIS C 634 -12.66 -23.75 12.16
C HIS C 634 -12.18 -22.75 11.12
N ASP C 635 -11.12 -22.01 11.41
CA ASP C 635 -10.62 -20.97 10.51
C ASP C 635 -9.27 -21.39 9.94
N ASP C 636 -9.02 -20.99 8.70
CA ASP C 636 -7.75 -21.28 8.06
C ASP C 636 -6.63 -20.51 8.78
N ALA C 637 -5.43 -21.10 8.78
CA ALA C 637 -4.32 -20.51 9.51
C ALA C 637 -3.98 -19.12 9.01
N ASN C 638 -4.02 -18.91 7.69
CA ASN C 638 -3.78 -17.57 7.15
C ASN C 638 -4.83 -16.58 7.64
N ARG C 639 -6.10 -16.97 7.61
CA ARG C 639 -7.15 -16.08 8.08
C ARG C 639 -7.07 -15.86 9.58
N ALA C 640 -6.60 -16.87 10.32
CA ALA C 640 -6.31 -16.67 11.74
C ALA C 640 -5.23 -15.62 11.92
N LEU C 641 -4.18 -15.66 11.09
CA LEU C 641 -3.11 -14.67 11.16
C LEU C 641 -3.65 -13.26 10.88
N MET C 642 -4.44 -13.13 9.81
CA MET C 642 -5.02 -11.83 9.50
C MET C 642 -5.92 -11.33 10.63
N GLY C 643 -6.74 -12.21 11.21
CA GLY C 643 -7.61 -11.78 12.30
C GLY C 643 -6.83 -11.35 13.53
N SER C 644 -5.78 -12.11 13.85
CA SER C 644 -4.93 -11.75 14.99
C SER C 644 -4.27 -10.40 14.77
N ASN C 645 -3.79 -10.14 13.56
CA ASN C 645 -3.20 -8.84 13.27
C ASN C 645 -4.26 -7.74 13.27
N MET C 646 -5.48 -8.07 12.87
CA MET C 646 -6.50 -7.04 12.67
C MET C 646 -7.16 -6.59 13.97
N MET C 647 -7.36 -7.48 14.93
CA MET C 647 -7.93 -7.03 16.20
C MET C 647 -7.00 -6.05 16.92
N ARG C 648 -5.69 -6.16 16.69
CA ARG C 648 -4.76 -5.19 17.24
C ARG C 648 -4.90 -3.81 16.57
N GLN C 649 -5.61 -3.72 15.45
CA GLN C 649 -5.90 -2.46 14.80
C GLN C 649 -7.28 -1.92 15.14
N ALA C 650 -8.03 -2.59 16.02
CA ALA C 650 -9.38 -2.17 16.32
C ALA C 650 -9.37 -0.86 17.09
N VAL C 651 -10.12 0.12 16.58
CA VAL C 651 -10.20 1.45 17.19
C VAL C 651 -11.11 1.38 18.41
N PRO C 652 -10.72 1.98 19.54
CA PRO C 652 -11.63 2.02 20.69
C PRO C 652 -12.90 2.78 20.37
N LEU C 653 -14.04 2.12 20.57
CA LEU C 653 -15.33 2.71 20.25
C LEU C 653 -15.80 3.61 21.38
N LEU C 654 -16.75 4.50 21.05
CA LEU C 654 -17.34 5.37 22.06
C LEU C 654 -18.12 4.55 23.08
N ARG C 655 -18.84 3.53 22.62
CA ARG C 655 -19.58 2.62 23.50
C ARG C 655 -19.18 1.19 23.16
N PRO C 656 -18.07 0.71 23.70
CA PRO C 656 -17.67 -0.68 23.45
C PRO C 656 -18.68 -1.65 24.05
N GLU C 657 -18.80 -2.81 23.40
CA GLU C 657 -19.70 -3.86 23.85
C GLU C 657 -18.97 -5.19 23.79
N SER C 658 -19.01 -5.93 24.89
CA SER C 658 -18.35 -7.22 24.94
C SER C 658 -19.02 -8.19 23.97
N PRO C 659 -18.25 -9.06 23.33
CA PRO C 659 -18.84 -10.00 22.36
C PRO C 659 -19.81 -10.95 23.03
N ILE C 660 -20.91 -11.25 22.31
CA ILE C 660 -21.81 -12.30 22.76
C ILE C 660 -21.12 -13.64 22.71
N VAL C 661 -20.37 -13.90 21.65
CA VAL C 661 -19.58 -15.11 21.50
C VAL C 661 -18.12 -14.73 21.68
N GLY C 662 -17.59 -14.98 22.88
CA GLY C 662 -16.20 -14.72 23.18
C GLY C 662 -15.48 -16.01 23.53
N THR C 663 -14.25 -15.84 24.02
CA THR C 663 -13.43 -16.96 24.45
C THR C 663 -13.31 -17.06 25.96
N GLY C 664 -13.45 -15.94 26.68
CA GLY C 664 -13.26 -15.91 28.11
C GLY C 664 -11.96 -15.29 28.56
N LEU C 665 -11.05 -15.00 27.63
CA LEU C 665 -9.78 -14.36 27.97
C LEU C 665 -9.89 -12.84 28.07
N GLU C 666 -11.03 -12.26 27.70
CA GLU C 666 -11.14 -10.80 27.66
C GLU C 666 -10.95 -10.20 29.04
N ARG C 667 -11.54 -10.80 30.07
CA ARG C 667 -11.41 -10.27 31.42
C ARG C 667 -9.97 -10.33 31.91
N GLN C 668 -9.27 -11.43 31.64
CA GLN C 668 -7.88 -11.54 32.03
C GLN C 668 -7.01 -10.54 31.28
N VAL C 669 -7.30 -10.32 30.00
CA VAL C 669 -6.55 -9.34 29.22
C VAL C 669 -6.75 -7.94 29.79
N ALA C 670 -7.99 -7.59 30.13
CA ALA C 670 -8.26 -6.28 30.70
C ALA C 670 -7.61 -6.11 32.06
N THR C 671 -7.65 -7.15 32.89
CA THR C 671 -7.05 -7.07 34.23
C THR C 671 -5.53 -6.94 34.15
N ASP C 672 -4.89 -7.77 33.33
CA ASP C 672 -3.43 -7.77 33.24
C ASP C 672 -2.90 -6.62 32.40
N SER C 673 -3.76 -5.91 31.68
CA SER C 673 -3.27 -4.78 30.88
C SER C 673 -2.79 -3.64 31.76
N ARG C 674 -3.35 -3.51 32.96
CA ARG C 674 -3.02 -2.47 33.93
C ARG C 674 -3.34 -1.07 33.41
N VAL C 675 -3.97 -0.97 32.25
CA VAL C 675 -4.50 0.32 31.80
C VAL C 675 -5.69 0.74 32.64
N LEU C 676 -6.59 -0.19 32.94
CA LEU C 676 -7.71 0.05 33.85
C LEU C 676 -7.22 0.12 35.28
N ILE C 677 -7.85 0.98 36.06
CA ILE C 677 -7.48 1.20 37.46
C ILE C 677 -7.90 -0.03 38.26
N ASN C 678 -6.92 -0.68 38.88
CA ASN C 678 -7.14 -1.90 39.64
C ASN C 678 -7.05 -1.60 41.13
N ALA C 679 -8.02 -2.13 41.88
CA ALA C 679 -8.02 -1.96 43.32
C ALA C 679 -6.82 -2.69 43.93
N GLU C 680 -6.07 -1.99 44.77
CA GLU C 680 -4.86 -2.56 45.37
C GLU C 680 -5.16 -3.51 46.52
N GLY C 681 -6.39 -3.50 47.03
CA GLY C 681 -6.75 -4.35 48.13
C GLY C 681 -8.23 -4.28 48.41
N ASP C 682 -8.67 -5.07 49.40
CA ASP C 682 -10.07 -5.08 49.81
C ASP C 682 -10.44 -3.74 50.44
N GLY C 683 -11.64 -3.27 50.14
CA GLY C 683 -12.08 -2.00 50.67
C GLY C 683 -13.48 -1.67 50.20
N VAL C 684 -13.89 -0.44 50.50
CA VAL C 684 -15.22 0.06 50.16
C VAL C 684 -15.07 1.42 49.48
N VAL C 685 -15.76 1.59 48.36
CA VAL C 685 -15.69 2.84 47.61
C VAL C 685 -16.44 3.92 48.36
N GLU C 686 -15.81 5.08 48.53
CA GLU C 686 -16.43 6.21 49.20
C GLU C 686 -17.09 7.18 48.23
N TYR C 687 -16.47 7.42 47.08
CA TYR C 687 -16.90 8.46 46.17
C TYR C 687 -16.58 8.03 44.74
N VAL C 688 -17.56 8.10 43.87
CA VAL C 688 -17.42 7.72 42.47
C VAL C 688 -17.78 8.92 41.61
N ASP C 689 -16.90 9.27 40.69
CA ASP C 689 -17.09 10.39 39.79
C ASP C 689 -16.38 10.09 38.48
N ALA C 690 -16.73 10.85 37.45
CA ALA C 690 -16.06 10.70 36.16
C ALA C 690 -14.58 11.05 36.23
N GLN C 691 -14.16 11.77 37.28
CA GLN C 691 -12.79 12.22 37.39
C GLN C 691 -11.96 11.47 38.43
N LYS C 692 -12.57 10.99 39.51
CA LYS C 692 -11.80 10.30 40.55
C LYS C 692 -12.65 9.24 41.22
N ILE C 693 -11.96 8.29 41.84
CA ILE C 693 -12.58 7.24 42.64
C ILE C 693 -11.83 7.14 43.97
N THR C 694 -12.56 7.09 45.07
CA THR C 694 -11.98 7.00 46.41
C THR C 694 -12.38 5.69 47.06
N ILE C 695 -11.40 4.96 47.57
CA ILE C 695 -11.63 3.69 48.25
C ILE C 695 -10.93 3.70 49.61
N LYS C 696 -11.65 3.30 50.64
CA LYS C 696 -11.09 3.12 51.98
C LYS C 696 -10.64 1.68 52.13
N TYR C 697 -9.35 1.45 51.93
CA TYR C 697 -8.80 0.10 51.98
C TYR C 697 -8.83 -0.44 53.40
N ASP C 698 -9.13 -1.73 53.52
CA ASP C 698 -9.19 -2.37 54.82
C ASP C 698 -7.77 -2.63 55.33
N ARG C 699 -7.45 -2.08 56.50
CA ARG C 699 -6.13 -2.21 57.10
C ARG C 699 -6.25 -2.82 58.49
N THR C 700 -5.29 -3.67 58.83
CA THR C 700 -5.22 -4.23 60.18
C THR C 700 -4.54 -3.24 61.12
N GLU C 701 -4.53 -3.58 62.41
CA GLU C 701 -4.06 -2.64 63.43
C GLU C 701 -2.56 -2.37 63.29
N GLU C 702 -1.76 -3.41 63.04
CA GLU C 702 -0.32 -3.19 62.91
C GLU C 702 0.01 -2.38 61.66
N GLU C 703 -0.77 -2.57 60.59
CA GLU C 703 -0.56 -1.76 59.39
C GLU C 703 -0.81 -0.28 59.68
N ARG C 704 -1.87 0.02 60.43
CA ARG C 704 -2.10 1.40 60.84
C ARG C 704 -0.99 1.92 61.74
N LEU C 705 -0.51 1.08 62.67
CA LEU C 705 0.57 1.49 63.56
C LEU C 705 1.87 1.76 62.80
N VAL C 706 2.05 1.11 61.65
CA VAL C 706 3.33 1.13 60.95
C VAL C 706 3.35 2.08 59.76
N SER C 707 2.21 2.32 59.11
CA SER C 707 2.16 3.13 57.90
C SER C 707 1.84 4.58 58.21
N PHE C 708 2.36 5.49 57.38
CA PHE C 708 2.15 6.92 57.53
C PHE C 708 1.00 7.46 56.71
N GLU C 709 0.33 6.63 55.92
CA GLU C 709 -0.66 7.10 54.96
C GLU C 709 -2.08 6.90 55.49
N GLU C 710 -2.99 7.72 54.97
CA GLU C 710 -4.39 7.59 55.32
C GLU C 710 -4.99 6.32 54.73
N ASP C 711 -6.09 5.87 55.32
CA ASP C 711 -6.73 4.64 54.87
C ASP C 711 -7.43 4.83 53.52
N SER C 712 -7.63 6.07 53.08
CA SER C 712 -8.34 6.34 51.85
C SER C 712 -7.35 6.70 50.74
N LYS C 713 -7.51 6.05 49.59
CA LYS C 713 -6.69 6.31 48.41
C LYS C 713 -7.59 6.80 47.28
N THR C 714 -7.15 7.87 46.61
CA THR C 714 -7.90 8.46 45.52
C THR C 714 -7.20 8.14 44.20
N TYR C 715 -7.98 7.63 43.24
CA TYR C 715 -7.48 7.29 41.92
C TYR C 715 -8.06 8.27 40.90
N GLU C 716 -7.19 8.88 40.11
CA GLU C 716 -7.61 9.81 39.08
C GLU C 716 -7.79 9.05 37.77
N LEU C 717 -8.98 9.15 37.19
CA LEU C 717 -9.30 8.42 35.97
C LEU C 717 -8.73 9.12 34.76
N VAL C 718 -8.27 8.33 33.79
CA VAL C 718 -7.73 8.89 32.55
C VAL C 718 -8.89 9.27 31.63
N LYS C 719 -8.98 10.54 31.28
CA LYS C 719 -10.08 11.07 30.48
C LYS C 719 -9.52 11.73 29.22
N PHE C 720 -9.81 11.13 28.07
CA PHE C 720 -9.43 11.67 26.77
C PHE C 720 -7.93 11.95 26.69
N ARG C 721 -7.15 10.88 26.84
CA ARG C 721 -5.70 10.97 26.70
C ARG C 721 -5.28 10.41 25.35
N LYS C 722 -4.51 11.21 24.61
CA LYS C 722 -4.04 10.79 23.30
C LYS C 722 -3.04 9.66 23.43
N THR C 723 -3.16 8.68 22.55
CA THR C 723 -2.20 7.58 22.46
C THR C 723 -1.19 7.85 21.36
N ASN C 724 -0.33 6.86 21.12
CA ASN C 724 0.66 7.00 20.06
C ASN C 724 0.00 7.02 18.68
N GLN C 725 -1.06 6.25 18.50
CA GLN C 725 -1.74 6.13 17.20
C GLN C 725 -2.91 7.09 17.06
N GLY C 726 -3.06 8.03 17.98
CA GLY C 726 -4.12 9.02 17.89
C GLY C 726 -5.43 8.62 18.52
N THR C 727 -5.57 7.38 18.97
CA THR C 727 -6.78 6.95 19.64
C THR C 727 -6.91 7.65 20.99
N SER C 728 -8.05 7.44 21.65
CA SER C 728 -8.36 8.12 22.90
C SER C 728 -8.54 7.12 24.02
N ILE C 729 -7.96 7.41 25.18
CA ILE C 729 -8.19 6.65 26.40
C ILE C 729 -9.21 7.41 27.24
N ASN C 730 -10.38 6.82 27.41
CA ASN C 730 -11.45 7.42 28.22
C ASN C 730 -11.93 6.35 29.18
N LEU C 731 -11.67 6.56 30.47
CA LEU C 731 -12.05 5.59 31.50
C LEU C 731 -13.26 6.10 32.26
N LYS C 732 -14.26 5.22 32.41
CA LYS C 732 -15.49 5.52 33.11
C LYS C 732 -15.68 4.55 34.27
N PRO C 733 -15.95 5.04 35.47
CA PRO C 733 -16.09 4.13 36.62
C PRO C 733 -17.32 3.26 36.50
N ILE C 734 -17.14 1.97 36.80
CA ILE C 734 -18.24 1.01 36.79
C ILE C 734 -18.74 0.70 38.19
N VAL C 735 -18.00 1.05 39.23
CA VAL C 735 -18.43 0.82 40.59
C VAL C 735 -19.25 2.01 41.06
N ARG C 736 -20.13 1.76 42.03
CA ARG C 736 -20.97 2.79 42.62
C ARG C 736 -20.57 3.03 44.06
N LYS C 737 -21.17 4.06 44.65
CA LYS C 737 -20.89 4.38 46.05
C LYS C 737 -21.34 3.26 46.96
N GLY C 738 -20.44 2.84 47.86
CA GLY C 738 -20.74 1.80 48.82
C GLY C 738 -20.43 0.39 48.35
N ASP C 739 -19.98 0.22 47.11
CA ASP C 739 -19.67 -1.11 46.61
C ASP C 739 -18.43 -1.68 47.28
N LYS C 740 -18.44 -2.98 47.52
CA LYS C 740 -17.30 -3.67 48.12
C LYS C 740 -16.43 -4.27 47.03
N VAL C 741 -15.12 -4.06 47.12
CA VAL C 741 -14.17 -4.56 46.13
C VAL C 741 -13.06 -5.32 46.86
N LYS C 742 -12.39 -6.19 46.11
CA LYS C 742 -11.20 -6.88 46.60
C LYS C 742 -10.01 -6.59 45.70
N LYS C 743 -8.87 -7.15 46.08
CA LYS C 743 -7.61 -6.86 45.39
C LYS C 743 -7.65 -7.35 43.95
N GLY C 744 -7.20 -6.50 43.04
CA GLY C 744 -7.15 -6.83 41.63
C GLY C 744 -8.39 -6.47 40.84
N GLN C 745 -9.45 -6.00 41.49
CA GLN C 745 -10.68 -5.68 40.78
C GLN C 745 -10.49 -4.47 39.87
N VAL C 746 -11.10 -4.55 38.68
CA VAL C 746 -11.09 -3.43 37.76
C VAL C 746 -12.12 -2.40 38.20
N LEU C 747 -11.69 -1.14 38.30
CA LEU C 747 -12.54 -0.07 38.79
C LEU C 747 -13.23 0.72 37.69
N CYS C 748 -12.71 0.69 36.47
CA CYS C 748 -13.22 1.54 35.41
C CYS C 748 -13.28 0.77 34.09
N GLU C 749 -14.24 1.15 33.25
CA GLU C 749 -14.36 0.63 31.90
C GLU C 749 -13.95 1.72 30.92
N GLY C 750 -13.97 1.38 29.63
CA GLY C 750 -13.54 2.29 28.58
C GLY C 750 -12.20 1.85 28.02
N TYR C 751 -11.81 2.56 26.97
CA TYR C 751 -10.60 2.24 26.20
C TYR C 751 -10.65 0.78 25.73
N ALA C 752 -11.64 0.51 24.88
CA ALA C 752 -11.85 -0.82 24.29
C ALA C 752 -12.09 -1.90 25.34
N THR C 753 -12.67 -1.52 26.47
CA THR C 753 -13.05 -2.48 27.51
C THR C 753 -14.46 -2.15 27.98
N GLU C 754 -15.21 -3.20 28.35
CA GLU C 754 -16.56 -3.06 28.87
C GLU C 754 -16.74 -3.97 30.06
N LYS C 755 -16.99 -3.37 31.23
CA LYS C 755 -17.28 -4.12 32.46
C LYS C 755 -16.19 -5.14 32.77
N GLY C 756 -14.94 -4.73 32.61
CA GLY C 756 -13.81 -5.58 32.91
C GLY C 756 -13.44 -6.57 31.83
N GLU C 757 -14.13 -6.58 30.70
CA GLU C 757 -13.79 -7.44 29.58
C GLU C 757 -13.38 -6.60 28.38
N LEU C 758 -12.43 -7.14 27.61
CA LEU C 758 -11.99 -6.46 26.40
C LEU C 758 -13.12 -6.44 25.37
N ALA C 759 -13.50 -5.24 24.94
CA ALA C 759 -14.60 -5.03 24.01
C ALA C 759 -14.07 -4.21 22.83
N LEU C 760 -13.52 -4.90 21.84
CA LEU C 760 -12.92 -4.24 20.70
C LEU C 760 -13.92 -3.70 19.70
N GLY C 761 -15.09 -4.31 19.60
CA GLY C 761 -16.07 -3.90 18.60
C GLY C 761 -17.48 -3.98 19.12
N ARG C 762 -18.40 -4.33 18.23
CA ARG C 762 -19.82 -4.36 18.54
C ARG C 762 -20.46 -5.61 17.96
N ASN C 763 -21.50 -6.11 18.63
CA ASN C 763 -22.27 -7.22 18.12
C ASN C 763 -23.28 -6.71 17.09
N MET C 764 -23.33 -7.34 15.93
CA MET C 764 -24.10 -6.83 14.81
C MET C 764 -24.87 -7.95 14.14
N LYS C 765 -26.13 -7.68 13.79
CA LYS C 765 -26.93 -8.65 13.04
C LYS C 765 -26.48 -8.67 11.59
N VAL C 766 -26.28 -9.88 11.05
CA VAL C 766 -25.67 -10.05 9.74
C VAL C 766 -26.49 -11.03 8.92
N ALA C 767 -26.57 -10.78 7.61
CA ALA C 767 -27.16 -11.69 6.64
C ALA C 767 -26.16 -11.95 5.53
N PHE C 768 -25.97 -13.22 5.18
CA PHE C 768 -25.01 -13.61 4.14
C PHE C 768 -25.75 -13.78 2.81
N MET C 769 -25.69 -12.77 1.97
CA MET C 769 -26.26 -12.84 0.63
C MET C 769 -25.64 -11.75 -0.22
N PRO C 770 -25.55 -11.94 -1.53
CA PRO C 770 -25.14 -10.84 -2.41
C PRO C 770 -26.21 -9.75 -2.41
N TRP C 771 -25.77 -8.50 -2.37
CA TRP C 771 -26.69 -7.37 -2.28
C TRP C 771 -26.45 -6.44 -3.46
N LYS C 772 -27.10 -6.74 -4.59
CA LYS C 772 -27.11 -5.87 -5.76
C LYS C 772 -25.70 -5.56 -6.26
N GLY C 773 -24.73 -6.40 -5.89
CA GLY C 773 -23.35 -6.18 -6.24
C GLY C 773 -22.62 -5.17 -5.38
N TYR C 774 -23.26 -4.64 -4.34
CA TYR C 774 -22.59 -3.68 -3.47
C TYR C 774 -21.67 -4.34 -2.45
N ASN C 775 -21.81 -5.64 -2.22
CA ASN C 775 -20.85 -6.41 -1.42
C ASN C 775 -19.90 -7.19 -2.29
N PHE C 776 -19.61 -6.68 -3.48
CA PHE C 776 -18.75 -7.39 -4.43
C PHE C 776 -17.29 -7.23 -4.05
N GLU C 777 -16.56 -8.35 -4.05
CA GLU C 777 -15.12 -8.37 -3.79
C GLU C 777 -14.78 -7.76 -2.44
N ASP C 778 -15.25 -8.42 -1.37
CA ASP C 778 -14.96 -8.11 0.03
C ASP C 778 -15.56 -6.79 0.48
N ALA C 779 -16.38 -6.12 -0.33
CA ALA C 779 -17.07 -4.93 0.14
C ALA C 779 -18.15 -5.31 1.15
N ILE C 780 -18.53 -4.34 1.98
CA ILE C 780 -19.47 -4.57 3.07
C ILE C 780 -20.63 -3.60 2.94
N VAL C 781 -21.85 -4.12 3.07
CA VAL C 781 -23.07 -3.32 3.07
C VAL C 781 -23.57 -3.22 4.51
N ILE C 782 -23.84 -1.99 4.94
CA ILE C 782 -24.22 -1.74 6.33
C ILE C 782 -25.51 -0.92 6.37
N SER C 783 -26.22 -1.04 7.48
CA SER C 783 -27.48 -0.32 7.66
C SER C 783 -27.23 1.09 8.17
N GLU C 784 -28.19 1.97 7.92
CA GLU C 784 -28.08 3.35 8.40
C GLU C 784 -28.23 3.43 9.91
N LYS C 785 -28.82 2.39 10.53
CA LYS C 785 -28.98 2.38 11.98
C LYS C 785 -27.64 2.38 12.69
N VAL C 786 -26.59 1.90 12.01
CA VAL C 786 -25.26 1.92 12.59
C VAL C 786 -24.80 3.36 12.80
N VAL C 787 -24.98 4.20 11.78
CA VAL C 787 -24.63 5.61 11.89
C VAL C 787 -25.59 6.34 12.83
N ARG C 788 -26.87 5.95 12.81
CA ARG C 788 -27.87 6.64 13.61
C ARG C 788 -27.61 6.46 15.11
N GLU C 789 -27.26 5.26 15.54
CA GLU C 789 -27.14 4.93 16.94
C GLU C 789 -25.70 4.99 17.46
N ASP C 790 -24.77 5.52 16.66
CA ASP C 790 -23.36 5.66 17.06
C ASP C 790 -22.76 4.32 17.47
N ILE C 791 -23.07 3.26 16.72
CA ILE C 791 -22.56 1.93 17.05
C ILE C 791 -21.05 1.88 16.89
N PHE C 792 -20.53 2.44 15.80
CA PHE C 792 -19.10 2.40 15.50
C PHE C 792 -18.47 3.78 15.51
N THR C 793 -18.97 4.69 16.35
CA THR C 793 -18.39 6.02 16.48
C THR C 793 -17.21 5.96 17.45
N SER C 794 -16.10 6.57 17.05
CA SER C 794 -14.89 6.56 17.86
C SER C 794 -14.30 7.96 17.92
N VAL C 795 -13.53 8.22 18.98
CA VAL C 795 -12.93 9.52 19.24
C VAL C 795 -11.42 9.41 19.07
N HIS C 796 -10.84 10.33 18.31
CA HIS C 796 -9.40 10.42 18.12
C HIS C 796 -8.92 11.81 18.52
N ILE C 797 -7.70 11.88 19.03
CA ILE C 797 -7.12 13.13 19.54
C ILE C 797 -5.79 13.36 18.83
N ASP C 798 -5.58 14.57 18.35
CA ASP C 798 -4.35 14.96 17.69
C ASP C 798 -3.65 16.04 18.52
N GLU C 799 -2.36 15.83 18.76
CA GLU C 799 -1.55 16.78 19.54
C GLU C 799 -0.63 17.53 18.57
N TYR C 800 -0.74 18.85 18.60
CA TYR C 800 0.09 19.72 17.78
C TYR C 800 0.95 20.61 18.67
N ALA C 801 2.26 20.58 18.45
CA ALA C 801 3.22 21.29 19.29
C ALA C 801 3.96 22.33 18.47
N LEU C 802 4.05 23.54 19.01
CA LEU C 802 4.81 24.62 18.39
C LEU C 802 5.83 25.13 19.40
N GLU C 803 7.10 25.05 19.02
CA GLU C 803 8.20 25.47 19.88
C GLU C 803 8.64 26.87 19.50
N VAL C 804 8.77 27.75 20.49
CA VAL C 804 9.25 29.10 20.28
C VAL C 804 10.75 29.09 20.57
N ARG C 805 11.52 29.81 19.75
CA ARG C 805 12.97 29.73 19.81
C ARG C 805 13.58 31.13 19.75
N ASP C 806 14.77 31.26 20.32
CA ASP C 806 15.52 32.51 20.28
C ASP C 806 16.42 32.50 19.05
N THR C 807 16.15 33.38 18.10
CA THR C 807 16.86 33.44 16.83
C THR C 807 17.83 34.61 16.83
N LYS C 808 18.64 34.67 15.76
CA LYS C 808 19.60 35.76 15.61
C LYS C 808 18.90 37.10 15.48
N LEU C 809 17.81 37.17 14.71
CA LEU C 809 17.07 38.41 14.51
C LEU C 809 16.22 38.79 15.71
N GLY C 810 16.11 37.93 16.71
CA GLY C 810 15.32 38.21 17.90
C GLY C 810 14.55 36.98 18.36
N ALA C 811 13.88 37.16 19.50
CA ALA C 811 13.10 36.09 20.09
C ALA C 811 11.71 36.04 19.48
N GLU C 812 11.30 34.85 19.04
CA GLU C 812 9.96 34.66 18.51
C GLU C 812 8.93 34.82 19.62
N GLU C 813 7.72 35.23 19.25
CA GLU C 813 6.66 35.48 20.20
C GLU C 813 5.36 34.81 19.75
N LEU C 814 4.57 34.38 20.72
CA LEU C 814 3.25 33.83 20.47
C LEU C 814 2.19 34.88 20.82
N THR C 815 1.40 35.27 19.82
CA THR C 815 0.40 36.32 20.03
C THR C 815 -0.72 36.16 19.02
N ASN C 816 -1.85 36.81 19.31
CA ASN C 816 -2.98 36.83 18.42
C ASN C 816 -2.89 37.95 17.38
N ASP C 817 -1.93 38.86 17.52
CA ASP C 817 -1.76 39.96 16.58
C ASP C 817 -0.84 39.49 15.45
N ILE C 818 -1.40 38.76 14.51
CA ILE C 818 -0.65 38.22 13.37
C ILE C 818 -0.85 39.16 12.19
N PRO C 819 0.22 39.68 11.58
CA PRO C 819 0.05 40.61 10.47
C PRO C 819 -0.58 39.94 9.26
N ASN C 820 -1.29 40.74 8.47
CA ASN C 820 -1.95 40.30 7.23
C ASN C 820 -2.97 39.19 7.47
N VAL C 821 -3.58 39.17 8.65
CA VAL C 821 -4.61 38.19 8.99
C VAL C 821 -5.85 38.93 9.48
N SER C 822 -7.00 38.55 8.95
CA SER C 822 -8.26 39.19 9.34
C SER C 822 -8.61 38.87 10.78
N GLU C 823 -9.42 39.74 11.39
CA GLU C 823 -9.84 39.54 12.77
C GLU C 823 -10.67 38.28 12.93
N GLU C 824 -11.37 37.86 11.87
CA GLU C 824 -12.20 36.67 11.96
C GLU C 824 -11.36 35.41 12.18
N ALA C 825 -10.19 35.31 11.55
CA ALA C 825 -9.36 34.13 11.69
C ALA C 825 -8.71 34.03 13.07
N THR C 826 -8.51 35.14 13.75
CA THR C 826 -7.91 35.16 15.08
C THR C 826 -8.93 35.32 16.20
N ARG C 827 -10.22 35.29 15.87
CA ARG C 827 -11.25 35.53 16.88
C ARG C 827 -11.23 34.49 17.99
N ASP C 828 -10.80 33.27 17.66
CA ASP C 828 -10.77 32.18 18.64
C ASP C 828 -9.48 32.13 19.42
N LEU C 829 -8.54 33.05 19.17
CA LEU C 829 -7.25 33.03 19.83
C LEU C 829 -7.28 33.88 21.10
N ASP C 830 -6.60 33.40 22.14
CA ASP C 830 -6.49 34.14 23.38
C ASP C 830 -5.36 35.16 23.29
N GLU C 831 -4.98 35.73 24.43
CA GLU C 831 -3.89 36.71 24.46
C GLU C 831 -2.55 36.09 24.10
N TYR C 832 -2.40 34.78 24.26
CA TYR C 832 -1.16 34.09 23.93
C TYR C 832 -1.18 33.47 22.53
N GLY C 833 -2.18 33.79 21.72
CA GLY C 833 -2.25 33.26 20.38
C GLY C 833 -2.73 31.83 20.26
N MET C 834 -3.29 31.27 21.32
CA MET C 834 -3.77 29.89 21.30
C MET C 834 -5.28 29.86 21.13
N ILE C 835 -5.76 28.89 20.33
CA ILE C 835 -7.18 28.79 20.04
C ILE C 835 -7.94 28.43 21.32
N ARG C 836 -9.10 29.05 21.50
CA ARG C 836 -9.87 28.91 22.74
C ARG C 836 -10.35 27.48 22.92
N ILE C 837 -10.39 27.04 24.18
CA ILE C 837 -10.82 25.69 24.51
C ILE C 837 -12.26 25.48 24.06
N GLY C 838 -12.52 24.34 23.43
CA GLY C 838 -13.84 24.00 22.95
C GLY C 838 -14.20 24.59 21.62
N ALA C 839 -13.33 25.42 21.02
CA ALA C 839 -13.64 26.02 19.72
C ALA C 839 -13.58 24.97 18.63
N GLU C 840 -14.43 25.14 17.62
CA GLU C 840 -14.47 24.23 16.48
C GLU C 840 -13.31 24.52 15.55
N VAL C 841 -12.54 23.47 15.22
CA VAL C 841 -11.40 23.58 14.34
C VAL C 841 -11.83 23.18 12.93
N LYS C 842 -11.70 24.11 11.99
CA LYS C 842 -11.91 23.86 10.58
C LYS C 842 -10.58 23.93 9.84
N PRO C 843 -10.47 23.27 8.68
CA PRO C 843 -9.19 23.30 7.94
C PRO C 843 -8.77 24.73 7.64
N GLY C 844 -7.48 25.01 7.89
CA GLY C 844 -6.93 26.32 7.68
C GLY C 844 -7.07 27.28 8.85
N ASP C 845 -7.75 26.89 9.91
CA ASP C 845 -7.90 27.75 11.07
C ASP C 845 -6.57 27.85 11.83
N ILE C 846 -6.33 29.01 12.42
CA ILE C 846 -5.09 29.25 13.16
C ILE C 846 -5.23 28.64 14.55
N LEU C 847 -4.28 27.79 14.92
CA LEU C 847 -4.29 27.16 16.23
C LEU C 847 -3.37 27.87 17.21
N ILE C 848 -2.08 27.97 16.89
CA ILE C 848 -1.11 28.67 17.72
C ILE C 848 -0.49 29.78 16.90
N GLY C 849 -0.76 31.03 17.26
CA GLY C 849 -0.22 32.16 16.53
C GLY C 849 1.20 32.48 16.92
N LYS C 850 2.11 32.48 15.95
CA LYS C 850 3.52 32.74 16.19
C LYS C 850 4.03 33.77 15.20
N ILE C 851 4.83 34.72 15.69
CA ILE C 851 5.47 35.71 14.84
C ILE C 851 6.98 35.53 14.95
N THR C 852 7.63 35.41 13.79
CA THR C 852 9.08 35.31 13.71
C THR C 852 9.66 36.66 13.30
N PRO C 853 10.60 37.21 14.05
CA PRO C 853 11.14 38.53 13.70
C PRO C 853 11.76 38.52 12.31
N LYS C 854 11.49 39.58 11.56
CA LYS C 854 11.92 39.69 10.17
C LYS C 854 13.09 40.66 10.05
N GLY C 855 14.07 40.30 9.24
CA GLY C 855 15.14 41.24 8.94
C GLY C 855 14.59 42.48 8.25
N GLU C 856 15.21 43.62 8.53
CA GLU C 856 14.72 44.90 8.03
C GLU C 856 14.59 44.90 6.52
N SER C 857 13.36 44.97 6.03
CA SER C 857 13.05 44.96 4.61
C SER C 857 12.03 46.06 4.30
N ASP C 858 12.29 46.82 3.26
CA ASP C 858 11.37 47.88 2.88
C ASP C 858 10.07 47.26 2.37
N PRO C 859 8.92 47.67 2.90
CA PRO C 859 7.65 47.09 2.44
C PRO C 859 7.39 47.38 0.96
N THR C 860 6.74 46.42 0.31
CA THR C 860 6.40 46.58 -1.09
C THR C 860 5.34 47.68 -1.24
N PRO C 861 5.25 48.30 -2.44
CA PRO C 861 4.22 49.33 -2.63
C PRO C 861 2.81 48.83 -2.34
N GLU C 862 2.51 47.58 -2.70
CA GLU C 862 1.21 47.01 -2.34
C GLU C 862 1.08 46.89 -0.82
N GLU C 863 2.14 46.44 -0.15
CA GLU C 863 2.09 46.33 1.31
C GLU C 863 1.96 47.71 1.96
N LYS C 864 2.68 48.70 1.43
CA LYS C 864 2.57 50.06 1.97
C LYS C 864 1.17 50.62 1.77
N LEU C 865 0.57 50.37 0.60
CA LEU C 865 -0.80 50.82 0.35
C LEU C 865 -1.77 50.12 1.30
N LEU C 866 -1.58 48.83 1.54
CA LEU C 866 -2.44 48.10 2.47
C LEU C 866 -2.32 48.66 3.88
N ARG C 867 -1.09 48.95 4.31
CA ARG C 867 -0.88 49.55 5.62
C ARG C 867 -1.52 50.92 5.73
N ALA C 868 -1.42 51.74 4.68
CA ALA C 868 -2.02 53.06 4.70
C ALA C 868 -3.54 52.98 4.73
N ILE C 869 -4.12 52.02 4.02
CA ILE C 869 -5.58 51.92 3.95
C ILE C 869 -6.15 51.34 5.22
N PHE C 870 -5.70 50.15 5.62
CA PHE C 870 -6.27 49.47 6.77
C PHE C 870 -5.69 49.94 8.10
N GLY C 871 -4.58 50.67 8.09
CA GLY C 871 -4.01 51.16 9.33
C GLY C 871 -3.35 50.12 10.20
N ASP C 872 -3.13 48.91 9.69
CA ASP C 872 -2.51 47.84 10.48
C ASP C 872 -1.04 48.12 10.72
N LYS C 873 -0.64 48.18 11.99
CA LYS C 873 0.76 48.41 12.36
C LYS C 873 1.51 47.09 12.28
N ALA C 874 1.74 46.63 11.06
CA ALA C 874 2.47 45.39 10.85
C ALA C 874 3.94 45.58 11.17
N GLY C 875 4.40 44.96 12.24
CA GLY C 875 5.79 45.09 12.66
C GLY C 875 6.72 44.28 11.78
N ASP C 876 8.02 44.38 12.11
CA ASP C 876 9.04 43.67 11.36
C ASP C 876 9.10 42.21 11.79
N VAL C 877 7.98 41.50 11.69
CA VAL C 877 7.88 40.09 12.05
C VAL C 877 7.19 39.36 10.92
N LYS C 878 7.40 38.05 10.86
CA LYS C 878 6.83 37.20 9.83
C LYS C 878 5.88 36.20 10.46
N ASP C 879 4.78 35.92 9.74
CA ASP C 879 3.80 34.95 10.21
C ASP C 879 4.36 33.54 10.09
N ALA C 880 4.39 32.82 11.22
CA ALA C 880 4.80 31.43 11.25
C ALA C 880 3.84 30.61 12.10
N SER C 881 2.57 31.01 12.13
CA SER C 881 1.58 30.34 12.95
C SER C 881 1.29 28.94 12.43
N LEU C 882 1.15 28.00 13.37
CA LEU C 882 0.77 26.64 13.02
C LEU C 882 -0.72 26.62 12.68
N LYS C 883 -1.06 26.08 11.51
CA LYS C 883 -2.41 26.13 10.98
C LYS C 883 -2.98 24.73 10.83
N ALA C 884 -4.31 24.66 10.89
CA ALA C 884 -5.00 23.38 10.74
C ALA C 884 -4.78 22.81 9.34
N SER C 885 -4.53 21.51 9.26
CA SER C 885 -4.33 20.84 7.99
C SER C 885 -5.65 20.86 7.19
N PRO C 886 -5.56 20.73 5.87
CA PRO C 886 -6.78 20.75 5.05
C PRO C 886 -7.76 19.63 5.37
N SER C 887 -7.30 18.56 6.01
CA SER C 887 -8.16 17.45 6.39
C SER C 887 -8.51 17.44 7.88
N LEU C 888 -8.26 18.54 8.59
CA LEU C 888 -8.45 18.57 10.04
C LEU C 888 -9.79 19.22 10.38
N ARG C 889 -10.63 18.47 11.08
CA ARG C 889 -11.90 18.99 11.61
C ARG C 889 -12.12 18.39 12.99
N GLY C 890 -12.23 19.25 14.00
CA GLY C 890 -12.38 18.75 15.35
C GLY C 890 -12.62 19.88 16.33
N VAL C 891 -12.59 19.52 17.61
CA VAL C 891 -12.84 20.45 18.72
C VAL C 891 -11.66 20.39 19.68
N VAL C 892 -11.19 21.56 20.10
CA VAL C 892 -10.08 21.63 21.04
C VAL C 892 -10.56 21.18 22.42
N ILE C 893 -9.83 20.25 23.03
CA ILE C 893 -10.22 19.72 24.33
C ILE C 893 -9.16 20.02 25.38
N ASP C 894 -7.96 20.38 24.95
CA ASP C 894 -6.89 20.68 25.90
C ASP C 894 -5.85 21.56 25.24
N LYS C 895 -5.32 22.51 26.01
CA LYS C 895 -4.20 23.35 25.61
C LYS C 895 -3.19 23.38 26.74
N LYS C 896 -1.91 23.35 26.40
CA LYS C 896 -0.85 23.37 27.39
C LYS C 896 0.29 24.26 26.92
N LEU C 897 0.79 25.10 27.82
CA LEU C 897 1.85 26.06 27.52
C LEU C 897 2.89 25.99 28.62
N PHE C 898 4.07 25.45 28.29
CA PHE C 898 5.20 25.44 29.19
C PHE C 898 6.17 26.54 28.78
N SER C 899 6.50 27.43 29.72
CA SER C 899 7.31 28.59 29.42
C SER C 899 8.52 28.61 30.33
N ARG C 900 9.71 28.83 29.75
CA ARG C 900 10.93 28.94 30.53
C ARG C 900 10.97 30.30 31.22
N SER C 901 11.27 30.30 32.52
CA SER C 901 11.30 31.53 33.27
C SER C 901 12.53 32.35 32.90
N ILE C 902 12.33 33.64 32.62
CA ILE C 902 13.43 34.54 32.30
C ILE C 902 14.02 35.04 33.62
N LYS C 903 15.26 34.65 33.90
CA LYS C 903 15.88 34.93 35.20
C LYS C 903 16.42 36.37 35.21
N ASP C 904 15.58 37.27 35.71
CA ASP C 904 15.99 38.65 35.91
C ASP C 904 16.42 38.88 37.36
N LYS C 905 17.19 39.94 37.57
CA LYS C 905 17.75 40.20 38.90
C LYS C 905 16.66 40.30 39.96
N ARG C 906 15.62 41.09 39.68
CA ARG C 906 14.48 41.16 40.58
C ARG C 906 13.81 39.79 40.69
N LYS C 907 13.68 39.09 39.57
CA LYS C 907 13.08 37.76 39.60
C LYS C 907 13.96 36.78 40.38
N ARG C 908 15.29 36.88 40.25
CA ARG C 908 16.16 36.02 41.03
C ARG C 908 16.03 36.30 42.52
N SER C 909 15.95 37.57 42.92
CA SER C 909 15.77 37.89 44.34
C SER C 909 14.43 37.37 44.85
N GLU C 910 13.37 37.55 44.06
CA GLU C 910 12.06 37.03 44.47
C GLU C 910 12.08 35.52 44.58
N ASP C 911 12.74 34.84 43.63
CA ASP C 911 12.85 33.40 43.69
C ASP C 911 13.62 32.95 44.93
N LYS C 912 14.71 33.66 45.27
CA LYS C 912 15.48 33.31 46.46
C LYS C 912 14.63 33.45 47.72
N GLU C 913 13.86 34.53 47.82
CA GLU C 913 12.96 34.68 48.96
C GLU C 913 11.92 33.56 48.99
N ALA C 914 11.41 33.17 47.81
CA ALA C 914 10.44 32.09 47.74
C ALA C 914 11.04 30.77 48.18
N ILE C 915 12.28 30.49 47.78
CA ILE C 915 12.93 29.25 48.23
C ILE C 915 13.16 29.30 49.74
N SER C 916 13.50 30.48 50.27
CA SER C 916 13.64 30.59 51.72
C SER C 916 12.33 30.25 52.44
N ARG C 917 11.23 30.85 52.01
CA ARG C 917 9.94 30.60 52.66
C ARG C 917 9.53 29.14 52.50
N LEU C 918 9.73 28.57 51.32
CA LEU C 918 9.43 27.16 51.08
C LEU C 918 10.28 26.28 51.97
N GLU C 919 11.55 26.67 52.22
CA GLU C 919 12.41 25.90 53.10
C GLU C 919 11.87 25.92 54.53
N MET C 920 11.42 27.08 55.00
CA MET C 920 10.85 27.11 56.35
C MET C 920 9.60 26.23 56.44
N ASP C 921 8.70 26.34 55.47
CA ASP C 921 7.48 25.53 55.50
C ASP C 921 7.79 24.05 55.44
N TYR C 922 8.71 23.66 54.53
CA TYR C 922 9.07 22.25 54.43
C TYR C 922 9.75 21.76 55.69
N GLU C 923 10.61 22.58 56.32
CA GLU C 923 11.24 22.19 57.57
C GLU C 923 10.20 21.96 58.67
N VAL C 924 9.16 22.80 58.70
CA VAL C 924 8.04 22.54 59.59
C VAL C 924 7.43 21.18 59.27
N LYS C 925 7.31 20.84 57.99
CA LYS C 925 6.78 19.54 57.60
C LYS C 925 7.68 18.40 58.07
N PHE C 926 8.99 18.53 57.93
CA PHE C 926 9.89 17.48 58.41
C PHE C 926 9.80 17.33 59.92
N GLN C 927 9.64 18.45 60.64
CA GLN C 927 9.48 18.36 62.09
C GLN C 927 8.19 17.62 62.45
N GLN C 928 7.11 17.90 61.72
CA GLN C 928 5.86 17.17 61.94
C GLN C 928 6.04 15.68 61.69
N LEU C 929 6.71 15.33 60.60
CA LEU C 929 6.96 13.93 60.29
C LEU C 929 7.83 13.28 61.37
N LYS C 930 8.79 14.04 61.90
CA LYS C 930 9.67 13.49 62.92
C LYS C 930 8.92 13.22 64.22
N ASP C 931 8.01 14.13 64.62
CA ASP C 931 7.36 13.86 65.90
C ASP C 931 6.27 12.80 65.77
N VAL C 932 5.68 12.64 64.56
CA VAL C 932 4.80 11.48 64.42
C VAL C 932 5.61 10.19 64.43
N LEU C 933 6.82 10.22 63.84
CA LEU C 933 7.76 9.13 64.08
C LEU C 933 7.96 8.86 65.56
N ILE C 934 8.18 9.92 66.34
CA ILE C 934 8.46 9.74 67.76
C ILE C 934 7.28 9.10 68.46
N GLU C 935 6.07 9.57 68.16
CA GLU C 935 4.87 9.02 68.78
C GLU C 935 4.73 7.55 68.46
N LYS C 936 4.85 7.18 67.17
CA LYS C 936 4.65 5.78 66.79
C LYS C 936 5.74 4.88 67.34
N LEU C 937 7.01 5.33 67.28
CA LEU C 937 8.11 4.53 67.78
C LEU C 937 7.99 4.32 69.28
N PHE C 938 7.65 5.38 70.03
CA PHE C 938 7.48 5.25 71.46
C PHE C 938 6.33 4.31 71.78
N GLY C 939 5.22 4.40 71.02
CA GLY C 939 4.13 3.48 71.21
C GLY C 939 4.55 2.04 71.00
N LEU C 940 5.44 1.79 70.04
CA LEU C 940 5.91 0.43 69.83
C LEU C 940 6.87 -0.03 70.93
N VAL C 941 7.76 0.84 71.39
CA VAL C 941 8.85 0.43 72.28
C VAL C 941 8.73 1.03 73.68
N ASN C 942 7.55 1.48 74.09
CA ASN C 942 7.39 2.01 75.43
C ASN C 942 7.67 0.94 76.47
N GLY C 943 8.51 1.26 77.44
CA GLY C 943 8.81 0.37 78.55
C GLY C 943 9.86 -0.67 78.26
N LYS C 944 10.28 -0.84 77.02
CA LYS C 944 11.28 -1.85 76.71
C LYS C 944 12.69 -1.25 76.75
N THR C 945 13.68 -2.14 76.74
CA THR C 945 15.07 -1.76 76.88
C THR C 945 15.72 -1.64 75.51
N SER C 946 16.68 -0.72 75.40
CA SER C 946 17.43 -0.57 74.15
C SER C 946 18.64 -1.50 74.15
N GLN C 947 18.83 -2.19 73.02
CA GLN C 947 19.98 -3.06 72.82
C GLN C 947 21.13 -2.36 72.10
N GLY C 948 21.01 -1.08 71.82
CA GLY C 948 22.03 -0.37 71.08
C GLY C 948 21.76 -0.36 69.59
N VAL C 949 21.49 0.82 69.03
CA VAL C 949 21.22 0.99 67.62
C VAL C 949 22.35 1.82 67.02
N ILE C 950 23.00 1.29 66.00
CA ILE C 950 24.23 1.86 65.46
C ILE C 950 23.92 2.60 64.16
N ASN C 951 24.50 3.79 64.03
CA ASN C 951 24.36 4.61 62.84
C ASN C 951 25.21 4.04 61.71
N ASP C 952 25.07 4.62 60.51
CA ASP C 952 25.87 4.18 59.38
C ASP C 952 27.36 4.47 59.56
N LEU C 953 27.70 5.45 60.40
CA LEU C 953 29.09 5.77 60.69
C LEU C 953 29.67 4.94 61.83
N GLY C 954 28.89 4.01 62.39
CA GLY C 954 29.33 3.25 63.53
C GLY C 954 29.06 3.91 64.87
N GLU C 955 28.52 5.12 64.88
CA GLU C 955 28.18 5.79 66.12
C GLU C 955 26.94 5.16 66.73
N GLU C 956 27.00 4.89 68.04
CA GLU C 956 25.94 4.17 68.74
C GLU C 956 25.00 5.22 69.34
N VAL C 957 23.82 5.36 68.74
CA VAL C 957 22.97 6.50 69.04
C VAL C 957 22.07 6.23 70.24
N LEU C 958 21.47 5.05 70.31
CA LEU C 958 20.61 4.69 71.44
C LEU C 958 21.39 3.81 72.41
N PRO C 959 21.70 4.31 73.61
CA PRO C 959 22.54 3.53 74.53
C PRO C 959 21.89 2.20 74.90
N LYS C 960 22.72 1.15 74.95
CA LYS C 960 22.23 -0.16 75.29
C LYS C 960 21.99 -0.26 76.79
N GLY C 961 20.90 -0.94 77.17
CA GLY C 961 20.57 -1.14 78.56
C GLY C 961 19.65 -0.08 79.15
N LYS C 962 19.34 0.97 78.40
CA LYS C 962 18.45 2.01 78.91
C LYS C 962 17.03 1.82 78.37
N LYS C 963 16.05 1.97 79.26
CA LYS C 963 14.66 1.90 78.87
C LYS C 963 14.31 3.07 77.95
N TYR C 964 13.45 2.81 76.98
CA TYR C 964 13.12 3.82 75.99
C TYR C 964 12.27 4.92 76.61
N THR C 965 12.67 6.17 76.39
CA THR C 965 11.94 7.35 76.87
C THR C 965 11.70 8.28 75.70
N ILE C 966 10.71 9.16 75.86
CA ILE C 966 10.40 10.14 74.83
C ILE C 966 11.57 11.10 74.64
N LYS C 967 12.21 11.49 75.74
CA LYS C 967 13.31 12.45 75.67
C LYS C 967 14.48 11.92 74.85
N MET C 968 14.84 10.64 75.06
CA MET C 968 15.99 10.09 74.34
C MET C 968 15.66 9.84 72.88
N LEU C 969 14.40 9.52 72.58
CA LEU C 969 13.99 9.40 71.18
C LEU C 969 14.00 10.75 70.50
N ASN C 970 13.70 11.82 71.24
CA ASN C 970 13.83 13.17 70.71
C ASN C 970 15.28 13.59 70.58
N ALA C 971 16.21 12.84 71.16
CA ALA C 971 17.62 13.16 71.07
C ALA C 971 18.29 12.56 69.85
N VAL C 972 17.61 11.69 69.10
CA VAL C 972 18.16 11.12 67.88
C VAL C 972 18.01 12.15 66.77
N ASP C 973 19.14 12.59 66.21
CA ASP C 973 19.10 13.68 65.24
C ASP C 973 18.54 13.23 63.90
N ASP C 974 18.99 12.07 63.41
CA ASP C 974 18.61 11.60 62.07
C ASP C 974 18.10 10.17 62.18
N PHE C 975 16.83 9.97 61.79
CA PHE C 975 16.24 8.64 61.81
C PHE C 975 16.34 7.91 60.48
N ALA C 976 17.00 8.50 59.48
CA ALA C 976 17.03 7.88 58.16
C ALA C 976 18.26 7.00 57.95
N HIS C 977 19.16 6.92 58.94
CA HIS C 977 20.46 6.31 58.71
C HIS C 977 20.84 5.25 59.75
N LEU C 978 19.89 4.78 60.56
CA LEU C 978 20.20 3.70 61.50
C LEU C 978 20.10 2.37 60.78
N VAL C 979 21.25 1.74 60.52
CA VAL C 979 21.28 0.52 59.74
C VAL C 979 21.84 -0.63 60.58
N GLY C 980 22.42 -0.30 61.74
CA GLY C 980 23.03 -1.29 62.60
C GLY C 980 22.37 -1.33 63.98
N GLY C 981 22.66 -2.42 64.70
CA GLY C 981 22.16 -2.59 66.05
C GLY C 981 20.79 -3.22 66.11
N SER C 982 20.35 -3.45 67.35
CA SER C 982 19.06 -4.05 67.64
C SER C 982 18.28 -3.14 68.58
N TRP C 983 16.95 -3.19 68.48
CA TRP C 983 16.11 -2.29 69.27
C TRP C 983 15.60 -2.96 70.54
N THR C 984 14.94 -4.10 70.41
CA THR C 984 14.35 -4.81 71.54
C THR C 984 14.63 -6.30 71.43
N THR C 985 14.35 -7.02 72.52
CA THR C 985 14.43 -8.48 72.52
C THR C 985 13.36 -9.13 71.66
N ASP C 986 12.18 -8.53 71.55
CA ASP C 986 11.06 -9.11 70.83
C ASP C 986 11.31 -8.99 69.34
N GLU C 987 11.42 -10.14 68.66
CA GLU C 987 11.64 -10.13 67.23
C GLU C 987 10.46 -9.51 66.49
N ASP C 988 9.24 -9.75 66.98
CA ASP C 988 8.08 -9.12 66.38
C ASP C 988 8.14 -7.60 66.51
N THR C 989 8.50 -7.11 67.70
CA THR C 989 8.64 -5.67 67.89
C THR C 989 9.76 -5.10 67.04
N ASN C 990 10.88 -5.81 66.92
CA ASN C 990 11.97 -5.35 66.09
C ASN C 990 11.56 -5.28 64.63
N ALA C 991 10.82 -6.27 64.15
CA ALA C 991 10.35 -6.26 62.76
C ALA C 991 9.37 -5.12 62.53
N LEU C 992 8.47 -4.89 63.49
CA LEU C 992 7.53 -3.77 63.36
C LEU C 992 8.26 -2.44 63.33
N VAL C 993 9.29 -2.29 64.18
CA VAL C 993 10.07 -1.06 64.20
C VAL C 993 10.83 -0.89 62.89
N ALA C 994 11.37 -1.98 62.34
CA ALA C 994 12.08 -1.90 61.07
C ALA C 994 11.14 -1.48 59.94
N ASP C 995 9.93 -2.05 59.90
CA ASP C 995 8.97 -1.66 58.88
C ASP C 995 8.55 -0.20 59.05
N LEU C 996 8.36 0.23 60.30
CA LEU C 996 8.03 1.63 60.58
C LEU C 996 9.14 2.54 60.08
N LEU C 997 10.39 2.18 60.35
CA LEU C 997 11.52 2.99 59.90
C LEU C 997 11.60 3.02 58.37
N HIS C 998 11.32 1.89 57.72
CA HIS C 998 11.36 1.84 56.27
C HIS C 998 10.31 2.75 55.65
N ASN C 999 9.08 2.70 56.17
CA ASN C 999 8.04 3.58 55.65
C ASN C 999 8.33 5.03 55.99
N TYR C 1000 8.98 5.30 57.13
CA TYR C 1000 9.44 6.65 57.40
C TYR C 1000 10.48 7.10 56.39
N LYS C 1001 11.40 6.23 56.02
CA LYS C 1001 12.38 6.57 55.01
C LYS C 1001 11.70 6.90 53.69
N ILE C 1002 10.69 6.10 53.32
CA ILE C 1002 9.96 6.35 52.08
C ILE C 1002 9.24 7.69 52.14
N LYS C 1003 8.58 7.99 53.25
CA LYS C 1003 7.84 9.24 53.38
C LYS C 1003 8.78 10.44 53.40
N LEU C 1004 9.90 10.32 54.10
CA LEU C 1004 10.89 11.40 54.13
C LEU C 1004 11.48 11.64 52.75
N ASN C 1005 11.77 10.57 52.01
CA ASN C 1005 12.27 10.71 50.65
C ASN C 1005 11.22 11.37 49.76
N ASP C 1006 9.95 11.01 49.94
CA ASP C 1006 8.89 11.64 49.16
C ASP C 1006 8.79 13.14 49.47
N ILE C 1007 8.89 13.51 50.75
CA ILE C 1007 8.80 14.92 51.12
C ILE C 1007 10.02 15.68 50.61
N GLN C 1008 11.20 15.06 50.68
CA GLN C 1008 12.41 15.70 50.15
C GLN C 1008 12.32 15.87 48.64
N GLY C 1009 11.76 14.88 47.94
CA GLY C 1009 11.56 15.01 46.51
C GLY C 1009 10.57 16.10 46.17
N ASN C 1010 9.52 16.23 46.99
CA ASN C 1010 8.57 17.33 46.80
C ASN C 1010 9.26 18.68 47.00
N LEU C 1011 10.10 18.78 48.03
CA LEU C 1011 10.84 20.01 48.25
C LEU C 1011 11.75 20.34 47.07
N ARG C 1012 12.44 19.32 46.55
CA ARG C 1012 13.29 19.50 45.38
C ARG C 1012 12.49 19.91 44.16
N ARG C 1013 11.31 19.32 43.97
CA ARG C 1013 10.47 19.64 42.82
C ARG C 1013 9.99 21.09 42.87
N ASP C 1014 9.49 21.53 44.02
CA ASP C 1014 9.10 22.92 44.14
C ASP C 1014 10.29 23.87 44.04
N LYS C 1015 11.46 23.48 44.56
CA LYS C 1015 12.65 24.30 44.40
C LYS C 1015 12.99 24.47 42.93
N PHE C 1016 12.93 23.37 42.17
CA PHE C 1016 13.16 23.44 40.72
C PHE C 1016 12.13 24.33 40.05
N THR C 1017 10.86 24.21 40.46
CA THR C 1017 9.81 25.02 39.86
C THR C 1017 10.05 26.51 40.08
N ILE C 1018 10.45 26.89 41.29
CA ILE C 1018 10.71 28.30 41.56
C ILE C 1018 11.97 28.76 40.82
N SER C 1019 13.02 27.92 40.80
CA SER C 1019 14.29 28.35 40.23
C SER C 1019 14.23 28.43 38.71
N VAL C 1020 14.00 27.31 38.04
CA VAL C 1020 14.03 27.25 36.59
C VAL C 1020 12.63 27.22 35.97
N GLY C 1021 11.66 26.60 36.63
CA GLY C 1021 10.32 26.53 36.07
C GLY C 1021 10.11 25.28 35.23
N ASP C 1022 9.33 25.45 34.15
CA ASP C 1022 9.05 24.34 33.26
C ASP C 1022 10.33 23.88 32.56
N GLU C 1023 10.50 22.57 32.48
CA GLU C 1023 11.68 21.99 31.83
C GLU C 1023 11.41 21.92 30.33
N LEU C 1024 12.31 22.53 29.54
CA LEU C 1024 12.17 22.56 28.10
C LEU C 1024 13.50 22.22 27.43
N PRO C 1025 13.46 21.72 26.20
CA PRO C 1025 14.72 21.45 25.48
C PRO C 1025 15.54 22.71 25.26
N ALA C 1026 16.85 22.56 25.18
CA ALA C 1026 17.75 23.71 25.04
C ALA C 1026 17.41 24.50 23.78
N GLY C 1027 17.40 25.83 23.91
CA GLY C 1027 17.05 26.71 22.83
C GLY C 1027 15.58 27.01 22.69
N ILE C 1028 14.73 26.39 23.52
CA ILE C 1028 13.29 26.60 23.47
C ILE C 1028 12.87 27.35 24.72
N MET C 1029 12.24 28.52 24.53
CA MET C 1029 11.79 29.33 25.65
C MET C 1029 10.39 28.96 26.09
N LYS C 1030 9.51 28.59 25.16
CA LYS C 1030 8.15 28.19 25.47
C LYS C 1030 7.75 27.03 24.57
N LEU C 1031 6.96 26.12 25.11
CA LEU C 1031 6.42 24.99 24.36
C LEU C 1031 4.90 25.06 24.41
N ALA C 1032 4.28 25.25 23.26
CA ALA C 1032 2.83 25.39 23.16
C ALA C 1032 2.24 24.13 22.54
N LYS C 1033 1.21 23.58 23.19
CA LYS C 1033 0.52 22.38 22.73
C LYS C 1033 -0.97 22.63 22.68
N VAL C 1034 -1.62 22.12 21.63
CA VAL C 1034 -3.08 22.18 21.49
C VAL C 1034 -3.58 20.79 21.13
N TYR C 1035 -4.55 20.30 21.87
CA TYR C 1035 -5.16 18.99 21.63
C TYR C 1035 -6.51 19.19 20.95
N ILE C 1036 -6.74 18.44 19.87
CA ILE C 1036 -7.99 18.50 19.13
C ILE C 1036 -8.58 17.10 19.10
N ALA C 1037 -9.84 16.97 19.52
CA ALA C 1037 -10.52 15.69 19.51
C ALA C 1037 -11.40 15.59 18.27
N LYS C 1038 -11.33 14.45 17.59
CA LYS C 1038 -12.08 14.21 16.37
C LYS C 1038 -13.03 13.04 16.59
N LYS C 1039 -14.33 13.32 16.53
CA LYS C 1039 -15.34 12.28 16.60
C LYS C 1039 -15.65 11.79 15.20
N ARG C 1040 -15.19 10.59 14.88
CA ARG C 1040 -15.27 10.06 13.52
C ARG C 1040 -16.31 8.94 13.48
N LYS C 1041 -17.42 9.20 12.80
CA LYS C 1041 -18.47 8.23 12.63
C LYS C 1041 -18.10 7.23 11.53
N LEU C 1042 -18.82 6.13 11.49
CA LEU C 1042 -18.61 5.14 10.44
C LEU C 1042 -19.18 5.65 9.12
N LYS C 1043 -18.39 5.56 8.06
CA LYS C 1043 -18.77 6.10 6.77
C LYS C 1043 -18.23 5.20 5.67
N VAL C 1044 -18.71 5.44 4.44
CA VAL C 1044 -18.27 4.66 3.30
C VAL C 1044 -16.77 4.87 3.10
N GLY C 1045 -16.06 3.76 2.90
CA GLY C 1045 -14.61 3.79 2.81
C GLY C 1045 -13.89 3.35 4.08
N ASP C 1046 -14.58 3.37 5.21
CA ASP C 1046 -13.97 2.91 6.45
C ASP C 1046 -13.80 1.40 6.42
N LYS C 1047 -12.72 0.93 7.05
CA LYS C 1047 -12.35 -0.47 7.02
C LYS C 1047 -12.88 -1.17 8.27
N MET C 1048 -13.72 -2.18 8.07
CA MET C 1048 -14.21 -3.02 9.15
C MET C 1048 -13.71 -4.44 8.95
N ALA C 1049 -13.61 -5.17 10.06
CA ALA C 1049 -13.10 -6.52 10.02
C ALA C 1049 -13.63 -7.30 11.20
N GLY C 1050 -13.80 -8.61 11.00
CA GLY C 1050 -14.13 -9.52 12.07
C GLY C 1050 -12.88 -10.08 12.73
N ARG C 1051 -13.11 -11.07 13.60
CA ARG C 1051 -12.00 -11.70 14.29
C ARG C 1051 -11.44 -12.90 13.52
N HIS C 1052 -11.96 -13.18 12.33
CA HIS C 1052 -11.59 -14.36 11.56
C HIS C 1052 -10.94 -14.03 10.22
N GLY C 1053 -10.42 -12.82 10.07
CA GLY C 1053 -9.75 -12.45 8.84
C GLY C 1053 -10.65 -11.89 7.75
N ASN C 1054 -11.93 -11.65 8.05
CA ASN C 1054 -12.86 -11.12 7.06
C ASN C 1054 -12.81 -9.60 7.08
N LYS C 1055 -11.77 -9.06 6.46
CA LYS C 1055 -11.59 -7.62 6.31
C LYS C 1055 -12.44 -7.12 5.14
N GLY C 1056 -12.78 -5.85 5.19
CA GLY C 1056 -13.61 -5.29 4.13
C GLY C 1056 -13.73 -3.78 4.26
N ILE C 1057 -14.35 -3.19 3.24
CA ILE C 1057 -14.58 -1.76 3.17
C ILE C 1057 -16.08 -1.51 3.03
N VAL C 1058 -16.61 -0.59 3.83
CA VAL C 1058 -18.01 -0.22 3.76
C VAL C 1058 -18.26 0.40 2.39
N ALA C 1059 -19.10 -0.27 1.59
CA ALA C 1059 -19.39 0.21 0.24
C ALA C 1059 -20.63 1.08 0.17
N ARG C 1060 -21.64 0.78 0.99
CA ARG C 1060 -22.88 1.54 0.97
C ARG C 1060 -23.55 1.49 2.33
N ILE C 1061 -23.97 2.65 2.81
CA ILE C 1061 -24.79 2.76 4.01
C ILE C 1061 -26.25 2.73 3.55
N VAL C 1062 -26.91 1.59 3.72
CA VAL C 1062 -28.20 1.33 3.13
C VAL C 1062 -29.30 1.69 4.13
N ARG C 1063 -30.37 2.30 3.61
CA ARG C 1063 -31.51 2.65 4.44
C ARG C 1063 -32.13 1.41 5.04
N GLN C 1064 -32.65 1.56 6.27
CA GLN C 1064 -33.22 0.42 6.98
C GLN C 1064 -34.45 -0.13 6.28
N GLU C 1065 -35.11 0.68 5.44
CA GLU C 1065 -36.24 0.20 4.67
C GLU C 1065 -35.82 -0.69 3.51
N ASP C 1066 -34.64 -0.47 2.93
CA ASP C 1066 -34.13 -1.27 1.84
C ASP C 1066 -33.40 -2.53 2.31
N MET C 1067 -32.98 -2.57 3.57
CA MET C 1067 -32.16 -3.67 4.05
C MET C 1067 -33.03 -4.91 4.24
N PRO C 1068 -32.47 -6.10 4.05
CA PRO C 1068 -33.26 -7.32 4.22
C PRO C 1068 -33.83 -7.43 5.63
N PHE C 1069 -35.08 -7.89 5.72
CA PHE C 1069 -35.77 -8.03 6.99
C PHE C 1069 -36.39 -9.42 7.10
N LEU C 1070 -36.53 -9.88 8.33
CA LEU C 1070 -37.02 -11.22 8.61
C LEU C 1070 -38.54 -11.26 8.53
N GLU C 1071 -39.10 -12.42 8.89
CA GLU C 1071 -40.55 -12.56 8.94
C GLU C 1071 -41.17 -11.68 10.02
N ASP C 1072 -40.37 -11.26 11.00
CA ASP C 1072 -40.85 -10.44 12.09
C ASP C 1072 -40.75 -8.95 11.81
N GLY C 1073 -40.29 -8.56 10.62
CA GLY C 1073 -40.14 -7.17 10.28
C GLY C 1073 -38.86 -6.52 10.76
N THR C 1074 -38.03 -7.24 11.49
CA THR C 1074 -36.79 -6.68 12.00
C THR C 1074 -35.71 -6.77 10.94
N PRO C 1075 -35.18 -5.64 10.45
CA PRO C 1075 -34.13 -5.71 9.44
C PRO C 1075 -32.79 -6.14 10.02
N VAL C 1076 -31.97 -6.74 9.15
CA VAL C 1076 -30.60 -7.04 9.54
C VAL C 1076 -29.77 -5.77 9.49
N ASP C 1077 -28.63 -5.80 10.17
CA ASP C 1077 -27.81 -4.59 10.33
C ASP C 1077 -26.66 -4.53 9.34
N ILE C 1078 -26.13 -5.66 8.90
CA ILE C 1078 -24.99 -5.71 8.01
C ILE C 1078 -25.13 -6.92 7.09
N VAL C 1079 -24.61 -6.80 5.87
CA VAL C 1079 -24.69 -7.85 4.88
C VAL C 1079 -23.28 -8.17 4.40
N LEU C 1080 -22.92 -9.46 4.44
CA LEU C 1080 -21.61 -9.92 3.99
C LEU C 1080 -21.78 -10.83 2.78
N ASN C 1081 -20.79 -10.77 1.89
CA ASN C 1081 -20.84 -11.55 0.66
C ASN C 1081 -20.54 -13.01 0.96
N PRO C 1082 -21.45 -13.94 0.63
CA PRO C 1082 -21.17 -15.35 0.90
C PRO C 1082 -20.02 -15.92 0.07
N LEU C 1083 -19.64 -15.24 -1.02
CA LEU C 1083 -18.56 -15.72 -1.87
C LEU C 1083 -17.19 -15.60 -1.20
N GLY C 1084 -17.05 -14.78 -0.16
CA GLY C 1084 -15.77 -14.64 0.50
C GLY C 1084 -15.38 -15.79 1.40
N VAL C 1085 -16.36 -16.58 1.86
CA VAL C 1085 -16.12 -17.64 2.82
C VAL C 1085 -15.49 -18.89 2.18
N PRO C 1086 -16.09 -19.49 1.14
CA PRO C 1086 -15.59 -20.81 0.70
C PRO C 1086 -14.16 -20.79 0.20
N SER C 1087 -13.71 -19.70 -0.41
CA SER C 1087 -12.34 -19.61 -0.88
C SER C 1087 -11.36 -19.36 0.26
N ARG C 1088 -11.84 -18.86 1.40
CA ARG C 1088 -10.98 -18.51 2.52
C ARG C 1088 -11.13 -19.44 3.71
N MET C 1089 -12.14 -20.31 3.69
CA MET C 1089 -12.23 -21.45 4.62
C MET C 1089 -12.31 -20.99 6.07
N ASN C 1090 -12.94 -19.84 6.30
CA ASN C 1090 -13.19 -19.36 7.66
C ASN C 1090 -14.63 -19.60 8.09
N ILE C 1091 -14.97 -20.83 8.44
CA ILE C 1091 -16.33 -21.14 8.90
C ILE C 1091 -16.56 -20.66 10.32
N GLY C 1092 -15.49 -20.27 11.03
CA GLY C 1092 -15.65 -19.74 12.38
C GLY C 1092 -16.57 -18.54 12.44
N GLN C 1093 -16.58 -17.72 11.39
CA GLN C 1093 -17.52 -16.61 11.35
C GLN C 1093 -18.96 -17.11 11.21
N ILE C 1094 -19.17 -18.20 10.48
CA ILE C 1094 -20.50 -18.77 10.37
C ILE C 1094 -20.98 -19.25 11.75
N TYR C 1095 -20.11 -19.98 12.46
CA TYR C 1095 -20.45 -20.48 13.78
C TYR C 1095 -20.72 -19.33 14.74
N GLU C 1096 -19.89 -18.29 14.68
CA GLU C 1096 -20.08 -17.13 15.53
C GLU C 1096 -21.40 -16.44 15.23
N THR C 1097 -21.75 -16.34 13.94
CA THR C 1097 -23.04 -15.76 13.55
C THR C 1097 -24.20 -16.51 14.20
N VAL C 1098 -24.21 -17.83 14.07
CA VAL C 1098 -25.34 -18.61 14.59
C VAL C 1098 -25.38 -18.50 16.13
N LEU C 1099 -24.24 -18.67 16.78
CA LEU C 1099 -24.22 -18.64 18.24
C LEU C 1099 -24.57 -17.26 18.78
N GLY C 1100 -24.14 -16.20 18.10
CA GLY C 1100 -24.50 -14.86 18.51
C GLY C 1100 -25.97 -14.57 18.35
N TRP C 1101 -26.60 -15.10 17.29
CA TRP C 1101 -28.05 -14.96 17.18
C TRP C 1101 -28.74 -15.67 18.34
N ALA C 1102 -28.28 -16.88 18.66
CA ALA C 1102 -28.87 -17.61 19.79
C ALA C 1102 -28.73 -16.82 21.08
N GLY C 1103 -27.55 -16.25 21.32
CA GLY C 1103 -27.34 -15.49 22.54
C GLY C 1103 -28.16 -14.22 22.60
N LEU C 1104 -28.27 -13.50 21.48
CA LEU C 1104 -29.06 -12.29 21.45
C LEU C 1104 -30.53 -12.57 21.70
N LYS C 1105 -31.04 -13.67 21.15
CA LYS C 1105 -32.44 -14.01 21.42
C LYS C 1105 -32.64 -14.49 22.85
N LEU C 1106 -31.66 -15.21 23.41
CA LEU C 1106 -31.78 -15.69 24.78
C LEU C 1106 -31.28 -14.71 25.82
N GLY C 1107 -30.71 -13.57 25.42
CA GLY C 1107 -30.13 -12.66 26.37
C GLY C 1107 -28.96 -13.22 27.13
N GLN C 1108 -28.08 -13.97 26.45
CA GLN C 1108 -26.96 -14.64 27.08
C GLN C 1108 -25.67 -14.31 26.33
N LYS C 1109 -24.56 -14.38 27.04
CA LYS C 1109 -23.24 -14.24 26.47
C LYS C 1109 -22.43 -15.50 26.75
N TYR C 1110 -21.56 -15.87 25.82
CA TYR C 1110 -20.90 -17.16 25.85
C TYR C 1110 -19.40 -17.01 25.74
N GLY C 1111 -18.69 -17.95 26.37
CA GLY C 1111 -17.25 -18.05 26.24
C GLY C 1111 -16.87 -19.32 25.51
N THR C 1112 -16.06 -19.20 24.45
CA THR C 1112 -15.70 -20.32 23.59
C THR C 1112 -14.19 -20.47 23.58
N PRO C 1113 -13.63 -21.25 24.50
CA PRO C 1113 -12.19 -21.54 24.43
C PRO C 1113 -11.84 -22.29 23.16
N ILE C 1114 -10.65 -22.02 22.63
CA ILE C 1114 -10.24 -22.66 21.39
C ILE C 1114 -9.96 -24.14 21.64
N PHE C 1115 -10.37 -24.97 20.69
CA PHE C 1115 -10.14 -26.41 20.71
C PHE C 1115 -10.89 -27.08 21.85
N ASP C 1116 -11.54 -26.29 22.70
CA ASP C 1116 -12.36 -26.79 23.80
C ASP C 1116 -13.63 -25.97 23.91
N GLY C 1117 -14.20 -25.57 22.77
CA GLY C 1117 -15.30 -24.64 22.74
C GLY C 1117 -16.64 -25.29 22.37
N ALA C 1118 -17.54 -24.44 21.90
CA ALA C 1118 -18.89 -24.89 21.57
C ALA C 1118 -18.88 -25.77 20.33
N THR C 1119 -19.62 -26.87 20.39
CA THR C 1119 -19.76 -27.76 19.25
C THR C 1119 -21.03 -27.43 18.48
N LEU C 1120 -21.21 -28.10 17.34
CA LEU C 1120 -22.39 -27.86 16.52
C LEU C 1120 -23.66 -28.28 17.23
N ASP C 1121 -23.64 -29.40 17.97
CA ASP C 1121 -24.83 -29.86 18.66
C ASP C 1121 -25.27 -28.88 19.74
N ASP C 1122 -24.30 -28.30 20.46
CA ASP C 1122 -24.64 -27.31 21.48
C ASP C 1122 -25.27 -26.07 20.87
N ILE C 1123 -24.73 -25.59 19.75
CA ILE C 1123 -25.31 -24.42 19.09
C ILE C 1123 -26.69 -24.75 18.55
N ASN C 1124 -26.88 -25.97 18.03
CA ASN C 1124 -28.20 -26.37 17.55
C ASN C 1124 -29.21 -26.40 18.70
N GLU C 1125 -28.83 -26.96 19.85
CA GLU C 1125 -29.72 -26.96 21.00
C GLU C 1125 -30.05 -25.54 21.45
N LEU C 1126 -29.05 -24.67 21.47
CA LEU C 1126 -29.26 -23.29 21.91
C LEU C 1126 -30.18 -22.54 20.96
N THR C 1127 -30.01 -22.75 19.65
CA THR C 1127 -30.88 -22.10 18.68
C THR C 1127 -32.30 -22.64 18.75
N ASP C 1128 -32.44 -23.95 18.98
CA ASP C 1128 -33.77 -24.53 19.17
C ASP C 1128 -34.45 -23.93 20.40
N LYS C 1129 -33.69 -23.74 21.48
CA LYS C 1129 -34.26 -23.10 22.67
C LYS C 1129 -34.61 -21.64 22.40
N ALA C 1130 -33.82 -20.94 21.60
CA ALA C 1130 -34.03 -19.52 21.33
C ALA C 1130 -35.08 -19.28 20.24
N GLY C 1131 -35.56 -20.32 19.58
CA GLY C 1131 -36.48 -20.11 18.48
C GLY C 1131 -35.82 -19.65 17.20
N VAL C 1132 -34.55 -20.01 17.00
CA VAL C 1132 -33.80 -19.63 15.81
C VAL C 1132 -33.73 -20.82 14.87
N PRO C 1133 -33.94 -20.64 13.56
CA PRO C 1133 -33.78 -21.75 12.63
C PRO C 1133 -32.37 -22.30 12.66
N ARG C 1134 -32.25 -23.62 12.52
CA ARG C 1134 -30.96 -24.27 12.66
C ARG C 1134 -29.99 -23.77 11.58
N PHE C 1135 -28.74 -23.54 12.00
CA PHE C 1135 -27.69 -22.94 11.18
C PHE C 1135 -28.02 -21.52 10.73
N GLY C 1136 -29.01 -20.89 11.35
CA GLY C 1136 -29.40 -19.55 10.94
C GLY C 1136 -30.01 -19.46 9.56
N HIS C 1137 -30.47 -20.58 9.02
CA HIS C 1137 -31.00 -20.64 7.66
C HIS C 1137 -32.46 -20.20 7.68
N THR C 1138 -32.72 -18.94 7.36
CA THR C 1138 -34.07 -18.39 7.40
C THR C 1138 -34.36 -17.66 6.10
N TYR C 1139 -35.64 -17.58 5.77
CA TYR C 1139 -36.07 -16.90 4.55
C TYR C 1139 -36.18 -15.40 4.81
N LEU C 1140 -35.40 -14.62 4.05
CA LEU C 1140 -35.38 -13.17 4.18
C LEU C 1140 -36.30 -12.54 3.14
N TYR C 1141 -36.59 -11.26 3.35
CA TYR C 1141 -37.43 -10.49 2.45
C TYR C 1141 -36.69 -9.23 2.00
N ASP C 1142 -36.76 -8.95 0.70
CA ASP C 1142 -36.11 -7.76 0.16
C ASP C 1142 -36.81 -6.52 0.69
N GLY C 1143 -36.02 -5.52 1.08
CA GLY C 1143 -36.61 -4.29 1.59
C GLY C 1143 -37.23 -3.41 0.53
N GLY C 1144 -36.79 -3.55 -0.72
CA GLY C 1144 -37.29 -2.69 -1.78
C GLY C 1144 -38.54 -3.19 -2.46
N THR C 1145 -38.60 -4.50 -2.75
CA THR C 1145 -39.74 -5.10 -3.42
C THR C 1145 -40.60 -5.95 -2.50
N GLY C 1146 -40.09 -6.39 -1.36
CA GLY C 1146 -40.87 -7.19 -0.43
C GLY C 1146 -40.97 -8.64 -0.78
N GLN C 1147 -40.33 -9.09 -1.86
CA GLN C 1147 -40.44 -10.47 -2.29
C GLN C 1147 -39.44 -11.35 -1.55
N ARG C 1148 -39.92 -12.51 -1.09
CA ARG C 1148 -39.06 -13.46 -0.42
C ARG C 1148 -38.01 -13.99 -1.38
N PHE C 1149 -36.77 -14.07 -0.91
CA PHE C 1149 -35.69 -14.57 -1.73
C PHE C 1149 -35.88 -16.06 -2.01
N ASP C 1150 -35.38 -16.50 -3.17
CA ASP C 1150 -35.64 -17.86 -3.63
C ASP C 1150 -35.02 -18.90 -2.70
N GLN C 1151 -33.91 -18.58 -2.05
CA GLN C 1151 -33.24 -19.51 -1.17
C GLN C 1151 -33.04 -18.87 0.20
N ALA C 1152 -33.02 -19.72 1.23
CA ALA C 1152 -32.83 -19.25 2.59
C ALA C 1152 -31.40 -18.77 2.79
N ALA C 1153 -31.24 -17.78 3.68
CA ALA C 1153 -29.95 -17.15 3.92
C ALA C 1153 -29.52 -17.36 5.37
N THR C 1154 -28.20 -17.42 5.58
CA THR C 1154 -27.64 -17.54 6.91
C THR C 1154 -27.67 -16.17 7.59
N VAL C 1155 -28.44 -16.07 8.68
CA VAL C 1155 -28.61 -14.82 9.40
C VAL C 1155 -28.25 -15.05 10.86
N GLY C 1156 -27.74 -14.00 11.50
CA GLY C 1156 -27.39 -14.07 12.91
C GLY C 1156 -26.63 -12.84 13.37
N VAL C 1157 -25.86 -12.98 14.43
CA VAL C 1157 -25.13 -11.86 15.04
C VAL C 1157 -23.64 -12.15 14.94
N ILE C 1158 -22.90 -11.22 14.33
CA ILE C 1158 -21.46 -11.34 14.19
C ILE C 1158 -20.81 -10.14 14.88
N TYR C 1159 -19.62 -10.37 15.43
CA TYR C 1159 -18.89 -9.34 16.15
C TYR C 1159 -17.93 -8.66 15.19
N MET C 1160 -18.16 -7.37 14.93
CA MET C 1160 -17.39 -6.61 13.95
C MET C 1160 -16.56 -5.54 14.64
N LEU C 1161 -15.38 -5.30 14.08
CA LEU C 1161 -14.42 -4.33 14.60
C LEU C 1161 -14.21 -3.22 13.58
N LYS C 1162 -13.89 -2.04 14.08
CA LYS C 1162 -13.56 -0.90 13.22
C LYS C 1162 -12.06 -0.66 13.29
N LEU C 1163 -11.39 -0.75 12.16
CA LEU C 1163 -9.93 -0.65 12.10
C LEU C 1163 -9.51 0.79 11.86
N GLY C 1164 -8.21 1.05 12.07
CA GLY C 1164 -7.67 2.39 11.94
C GLY C 1164 -7.44 2.86 10.53
N HIS C 1165 -7.65 2.00 9.53
CA HIS C 1165 -7.51 2.39 8.12
C HIS C 1165 -8.81 3.07 7.67
N MET C 1166 -9.00 4.28 8.17
CA MET C 1166 -10.23 5.02 7.92
C MET C 1166 -10.05 6.00 6.76
N VAL C 1167 -11.17 6.27 6.08
CA VAL C 1167 -11.12 7.01 4.82
C VAL C 1167 -10.79 8.48 5.06
N ASP C 1168 -11.05 9.00 6.25
CA ASP C 1168 -10.80 10.41 6.51
C ASP C 1168 -9.32 10.75 6.43
N ASP C 1169 -8.46 9.78 6.73
CA ASP C 1169 -7.01 10.02 6.71
C ASP C 1169 -6.35 9.64 5.39
N LYS C 1170 -7.11 9.10 4.43
CA LYS C 1170 -6.52 8.57 3.21
C LYS C 1170 -6.92 9.32 1.95
N MET C 1171 -7.96 10.14 2.00
CA MET C 1171 -8.34 10.94 0.84
C MET C 1171 -7.42 12.14 0.70
N HIS C 1172 -6.92 12.36 -0.51
CA HIS C 1172 -6.03 13.49 -0.78
C HIS C 1172 -6.20 13.91 -2.23
N ALA C 1173 -6.18 15.21 -2.47
CA ALA C 1173 -6.31 15.77 -3.80
C ALA C 1173 -5.51 17.06 -3.89
N ARG C 1174 -4.83 17.25 -5.02
CA ARG C 1174 -4.00 18.43 -5.23
C ARG C 1174 -4.07 18.87 -6.67
N SER C 1175 -4.34 20.16 -6.89
CA SER C 1175 -4.16 20.78 -8.21
C SER C 1175 -2.76 21.38 -8.29
N ILE C 1176 -2.46 22.33 -7.39
CA ILE C 1176 -1.13 22.89 -7.26
C ILE C 1176 -0.84 23.07 -5.78
N GLY C 1177 0.45 23.16 -5.45
CA GLY C 1177 0.90 23.31 -4.09
C GLY C 1177 2.39 23.57 -3.99
N PRO C 1178 2.96 23.34 -2.81
CA PRO C 1178 4.40 23.59 -2.63
C PRO C 1178 5.25 22.64 -3.45
N TYR C 1179 6.46 23.11 -3.78
CA TYR C 1179 7.42 22.33 -4.55
C TYR C 1179 8.73 22.19 -3.78
N SER C 1180 9.49 21.16 -4.13
CA SER C 1180 10.71 20.85 -3.41
C SER C 1180 11.82 21.84 -3.77
N LEU C 1181 12.96 21.71 -3.09
CA LEU C 1181 14.04 22.67 -3.23
C LEU C 1181 14.88 22.39 -4.47
N ILE C 1182 15.54 21.22 -4.51
CA ILE C 1182 16.49 20.94 -5.58
C ILE C 1182 15.75 20.50 -6.84
N THR C 1183 14.88 19.51 -6.73
CA THR C 1183 14.21 18.96 -7.89
C THR C 1183 13.08 19.83 -8.40
N GLN C 1184 12.58 20.76 -7.58
CA GLN C 1184 11.44 21.62 -7.89
C GLN C 1184 10.17 20.81 -8.17
N GLN C 1185 10.19 19.51 -7.91
CA GLN C 1185 9.02 18.66 -8.06
C GLN C 1185 8.00 18.99 -6.96
N PRO C 1186 6.73 18.69 -7.19
CA PRO C 1186 5.74 18.84 -6.13
C PRO C 1186 6.08 17.92 -4.96
N LEU C 1187 5.76 18.37 -3.75
CA LEU C 1187 6.10 17.62 -2.55
C LEU C 1187 5.28 16.32 -2.48
N GLY C 1188 5.67 15.46 -1.55
CA GLY C 1188 4.97 14.20 -1.34
C GLY C 1188 4.39 14.09 0.05
N GLY C 1189 3.31 13.34 0.19
CA GLY C 1189 2.68 13.17 1.50
C GLY C 1189 1.45 14.04 1.65
N LYS C 1190 0.49 13.52 2.41
CA LYS C 1190 -0.76 14.24 2.62
C LYS C 1190 -0.57 15.48 3.48
N ALA C 1191 0.32 15.40 4.48
CA ALA C 1191 0.53 16.53 5.37
C ALA C 1191 1.09 17.75 4.64
N GLN C 1192 1.88 17.52 3.59
CA GLN C 1192 2.46 18.59 2.80
C GLN C 1192 1.61 19.00 1.62
N PHE C 1193 0.41 18.41 1.48
CA PHE C 1193 -0.50 18.71 0.37
C PHE C 1193 0.17 18.47 -0.97
N GLY C 1194 0.70 17.25 -1.13
CA GLY C 1194 1.47 16.93 -2.32
C GLY C 1194 0.75 15.98 -3.26
N GLY C 1195 1.32 15.87 -4.47
CA GLY C 1195 0.76 14.99 -5.47
C GLY C 1195 1.28 13.57 -5.38
N GLN C 1196 0.71 12.70 -6.21
CA GLN C 1196 1.09 11.30 -6.18
C GLN C 1196 2.33 11.06 -7.03
N ARG C 1197 3.04 9.98 -6.71
CA ARG C 1197 4.26 9.62 -7.43
C ARG C 1197 3.88 8.81 -8.68
N PHE C 1198 4.49 9.20 -9.80
CA PHE C 1198 4.17 8.63 -11.10
C PHE C 1198 5.47 8.09 -11.69
N GLY C 1199 5.77 6.83 -11.37
CA GLY C 1199 7.08 6.26 -11.55
C GLY C 1199 7.25 5.49 -12.85
N GLU C 1200 8.22 4.57 -12.82
CA GLU C 1200 8.72 3.96 -14.05
C GLU C 1200 7.70 3.02 -14.68
N MET C 1201 7.08 2.15 -13.88
CA MET C 1201 6.15 1.18 -14.43
C MET C 1201 4.94 1.86 -15.07
N GLU C 1202 4.42 2.90 -14.43
CA GLU C 1202 3.28 3.61 -14.99
C GLU C 1202 3.67 4.36 -16.26
N VAL C 1203 4.90 4.88 -16.32
CA VAL C 1203 5.39 5.47 -17.56
C VAL C 1203 5.49 4.42 -18.66
N TRP C 1204 5.88 3.20 -18.30
CA TRP C 1204 5.85 2.10 -19.26
C TRP C 1204 4.43 1.86 -19.76
N ALA C 1205 3.45 1.92 -18.86
CA ALA C 1205 2.06 1.77 -19.27
C ALA C 1205 1.65 2.85 -20.27
N LEU C 1206 2.02 4.10 -19.98
CA LEU C 1206 1.72 5.19 -20.92
C LEU C 1206 2.39 4.97 -22.25
N GLU C 1207 3.64 4.52 -22.25
CA GLU C 1207 4.34 4.25 -23.50
C GLU C 1207 3.64 3.13 -24.29
N ALA C 1208 3.19 2.10 -23.58
CA ALA C 1208 2.47 1.00 -24.24
C ALA C 1208 1.18 1.49 -24.88
N TYR C 1209 0.44 2.36 -24.19
CA TYR C 1209 -0.76 2.92 -24.80
C TYR C 1209 -0.45 3.85 -25.97
N GLY C 1210 0.79 4.28 -26.13
CA GLY C 1210 1.09 5.29 -27.11
C GLY C 1210 0.64 6.67 -26.72
N ALA C 1211 0.41 6.91 -25.42
CA ALA C 1211 -0.05 8.21 -24.93
C ALA C 1211 1.16 9.15 -24.80
N SER C 1212 1.55 9.70 -25.95
CA SER C 1212 2.70 10.60 -25.97
C SER C 1212 2.42 11.91 -25.25
N ALA C 1213 1.27 12.52 -25.55
CA ALA C 1213 0.97 13.84 -24.99
C ALA C 1213 0.74 13.76 -23.49
N THR C 1214 0.05 12.72 -23.01
CA THR C 1214 -0.16 12.57 -21.58
C THR C 1214 1.16 12.43 -20.85
N LEU C 1215 2.06 11.60 -21.36
CA LEU C 1215 3.37 11.41 -20.74
C LEU C 1215 4.18 12.69 -20.77
N ARG C 1216 4.16 13.42 -21.89
CA ARG C 1216 4.88 14.68 -21.96
C ARG C 1216 4.33 15.71 -20.99
N GLU C 1217 3.00 15.83 -20.92
CA GLU C 1217 2.36 16.77 -20.02
C GLU C 1217 2.70 16.46 -18.57
N ILE C 1218 2.70 15.18 -18.23
CA ILE C 1218 2.98 14.78 -16.85
C ILE C 1218 4.45 14.98 -16.51
N LEU C 1219 5.37 14.60 -17.40
CA LEU C 1219 6.78 14.71 -17.10
C LEU C 1219 7.27 16.15 -17.05
N THR C 1220 6.59 17.09 -17.72
CA THR C 1220 7.10 18.45 -17.73
C THR C 1220 6.20 19.46 -17.03
N VAL C 1221 4.97 19.64 -17.52
CA VAL C 1221 4.19 20.79 -17.06
C VAL C 1221 3.45 20.50 -15.78
N LYS C 1222 3.45 19.25 -15.33
CA LYS C 1222 2.87 18.92 -14.04
C LYS C 1222 3.90 18.66 -12.95
N SER C 1223 5.18 18.48 -13.31
CA SER C 1223 6.16 18.12 -12.29
C SER C 1223 7.24 19.18 -12.09
N ASP C 1224 8.03 19.48 -13.12
CA ASP C 1224 9.23 20.28 -12.93
C ASP C 1224 9.49 21.30 -14.03
N ASP C 1225 8.51 21.62 -14.87
CA ASP C 1225 8.66 22.74 -15.80
C ASP C 1225 8.11 23.96 -15.10
N VAL C 1226 9.03 24.78 -14.55
CA VAL C 1226 8.63 25.86 -13.66
C VAL C 1226 7.79 26.89 -14.41
N ILE C 1227 8.25 27.32 -15.58
CA ILE C 1227 7.47 28.26 -16.39
C ILE C 1227 6.25 27.56 -16.98
N GLY C 1228 6.42 26.31 -17.42
CA GLY C 1228 5.35 25.60 -18.09
C GLY C 1228 4.14 25.38 -17.20
N ARG C 1229 4.36 25.03 -15.94
CA ARG C 1229 3.24 24.76 -15.04
C ARG C 1229 2.44 26.03 -14.76
N ALA C 1230 3.12 27.15 -14.53
CA ALA C 1230 2.42 28.41 -14.30
C ALA C 1230 1.66 28.86 -15.55
N LYS C 1231 2.28 28.73 -16.72
CA LYS C 1231 1.59 29.11 -17.95
C LYS C 1231 0.39 28.20 -18.21
N THR C 1232 0.53 26.91 -17.90
CA THR C 1232 -0.59 25.98 -18.08
C THR C 1232 -1.74 26.31 -17.15
N TYR C 1233 -1.43 26.64 -15.89
CA TYR C 1233 -2.49 27.03 -14.96
C TYR C 1233 -3.19 28.29 -15.43
N GLU C 1234 -2.41 29.28 -15.87
CA GLU C 1234 -3.00 30.52 -16.37
C GLU C 1234 -3.86 30.28 -17.60
N SER C 1235 -3.40 29.41 -18.52
CA SER C 1235 -4.16 29.11 -19.72
C SER C 1235 -5.46 28.38 -19.39
N ILE C 1236 -5.41 27.44 -18.43
CA ILE C 1236 -6.62 26.73 -18.04
C ILE C 1236 -7.63 27.70 -17.43
N VAL C 1237 -7.13 28.60 -16.57
CA VAL C 1237 -8.02 29.59 -15.95
C VAL C 1237 -8.63 30.51 -17.00
N LYS C 1238 -7.82 30.96 -17.96
CA LYS C 1238 -8.29 31.89 -18.96
C LYS C 1238 -8.82 31.22 -20.23
N GLY C 1239 -8.70 29.90 -20.34
CA GLY C 1239 -9.25 29.20 -21.48
C GLY C 1239 -8.47 29.31 -22.77
N GLU C 1240 -7.18 29.62 -22.69
CA GLU C 1240 -6.34 29.71 -23.89
C GLU C 1240 -5.77 28.34 -24.25
N THR C 1241 -5.13 28.29 -25.41
CA THR C 1241 -4.46 27.08 -25.85
C THR C 1241 -3.27 26.78 -24.95
N MET C 1242 -3.02 25.50 -24.72
CA MET C 1242 -2.01 25.09 -23.77
C MET C 1242 -0.61 25.41 -24.31
N PRO C 1243 0.25 26.03 -23.52
CA PRO C 1243 1.61 26.33 -23.99
C PRO C 1243 2.41 25.05 -24.20
N GLU C 1244 3.35 25.13 -25.12
CA GLU C 1244 4.19 23.98 -25.43
C GLU C 1244 5.07 23.64 -24.23
N PRO C 1245 5.28 22.36 -23.94
CA PRO C 1245 6.13 21.99 -22.80
C PRO C 1245 7.56 22.50 -23.00
N GLY C 1246 8.17 22.90 -21.89
CA GLY C 1246 9.55 23.32 -21.87
C GLY C 1246 10.48 22.22 -21.37
N LEU C 1247 11.71 22.62 -21.09
CA LEU C 1247 12.68 21.66 -20.58
C LEU C 1247 12.44 21.38 -19.10
N PRO C 1248 12.36 20.12 -18.70
CA PRO C 1248 12.21 19.81 -17.27
C PRO C 1248 13.42 20.26 -16.48
N GLU C 1249 13.19 20.61 -15.22
CA GLU C 1249 14.28 21.08 -14.38
C GLU C 1249 15.28 19.97 -14.08
N SER C 1250 14.83 18.72 -14.08
CA SER C 1250 15.76 17.60 -13.90
C SER C 1250 16.76 17.52 -15.05
N PHE C 1251 16.29 17.70 -16.30
CA PHE C 1251 17.20 17.75 -17.43
C PHE C 1251 18.14 18.95 -17.35
N ASN C 1252 17.64 20.08 -16.85
CA ASN C 1252 18.51 21.23 -16.65
C ASN C 1252 19.62 20.93 -15.65
N VAL C 1253 19.27 20.24 -14.55
CA VAL C 1253 20.28 19.85 -13.57
C VAL C 1253 21.29 18.89 -14.17
N LEU C 1254 20.82 17.92 -14.96
CA LEU C 1254 21.72 16.97 -15.61
C LEU C 1254 22.67 17.69 -16.55
N MET C 1255 22.15 18.61 -17.36
CA MET C 1255 22.98 19.38 -18.29
C MET C 1255 23.99 20.24 -17.55
N HIS C 1256 23.56 20.86 -16.44
CA HIS C 1256 24.48 21.71 -15.68
C HIS C 1256 25.59 20.88 -15.05
N GLU C 1257 25.27 19.71 -14.53
CA GLU C 1257 26.30 18.84 -13.99
C GLU C 1257 27.29 18.40 -15.08
N LEU C 1258 26.76 18.05 -16.27
CA LEU C 1258 27.64 17.62 -17.35
C LEU C 1258 28.51 18.77 -17.87
N LYS C 1259 27.99 20.00 -17.80
CA LYS C 1259 28.79 21.16 -18.19
C LYS C 1259 29.85 21.47 -17.14
N GLY C 1260 29.50 21.38 -15.86
CA GLY C 1260 30.46 21.57 -14.79
C GLY C 1260 31.54 20.52 -14.76
N LEU C 1261 31.25 19.33 -15.26
CA LEU C 1261 32.25 18.26 -15.35
C LEU C 1261 33.13 18.43 -16.60
N GLY C 1262 32.86 19.45 -17.41
CA GLY C 1262 33.73 19.77 -18.52
C GLY C 1262 33.39 19.12 -19.84
N LEU C 1263 32.11 18.84 -20.09
CA LEU C 1263 31.67 18.34 -21.38
C LEU C 1263 30.76 19.37 -22.05
N ASP C 1264 31.09 19.71 -23.30
CA ASP C 1264 30.35 20.73 -24.04
C ASP C 1264 29.11 20.09 -24.65
N ILE C 1265 27.95 20.46 -24.14
CA ILE C 1265 26.66 19.94 -24.60
C ILE C 1265 25.86 21.10 -25.17
N ARG C 1266 25.41 20.95 -26.41
CA ARG C 1266 24.60 21.96 -27.08
C ARG C 1266 23.32 21.31 -27.61
N LEU C 1267 22.24 22.06 -27.58
CA LEU C 1267 20.96 21.63 -28.13
C LEU C 1267 20.88 22.08 -29.58
N GLU C 1268 20.80 21.12 -30.49
CA GLU C 1268 20.81 21.39 -31.93
C GLU C 1268 19.46 21.06 -32.53
N GLU C 1269 18.97 21.97 -33.37
CA GLU C 1269 17.72 21.76 -34.09
C GLU C 1269 17.99 21.03 -35.41
N MET D 1 0.34 36.64 -8.45
CA MET D 1 0.96 37.45 -9.48
C MET D 1 1.15 36.65 -10.77
N ALA D 2 0.82 37.27 -11.90
CA ALA D 2 1.03 36.62 -13.20
C ALA D 2 2.52 36.48 -13.47
N ARG D 3 2.93 35.27 -13.83
CA ARG D 3 4.34 35.02 -14.08
C ARG D 3 4.82 35.77 -15.31
N ILE D 4 6.00 36.38 -15.21
CA ILE D 4 6.55 37.17 -16.30
C ILE D 4 6.87 36.25 -17.47
N LYS D 5 6.52 36.69 -18.68
CA LYS D 5 6.82 35.92 -19.89
C LYS D 5 8.33 35.96 -20.12
N ASP D 6 9.01 34.88 -19.74
CA ASP D 6 10.44 34.77 -19.95
C ASP D 6 10.69 34.63 -21.45
N ASN D 7 11.18 35.71 -22.07
CA ASN D 7 11.35 35.74 -23.52
C ASN D 7 12.43 34.80 -24.01
N ASN D 8 13.11 34.07 -23.13
CA ASN D 8 14.00 32.99 -23.54
C ASN D 8 13.13 31.85 -24.03
N ALA D 9 12.87 31.81 -25.34
CA ALA D 9 11.97 30.83 -25.91
C ALA D 9 12.53 29.43 -25.67
N PRO D 10 11.68 28.44 -25.38
CA PRO D 10 12.17 27.07 -25.20
C PRO D 10 12.90 26.58 -26.44
N LYS D 11 14.19 26.31 -26.27
CA LYS D 11 15.04 25.93 -27.41
C LYS D 11 14.53 24.64 -28.03
N ARG D 12 13.98 24.75 -29.25
CA ARG D 12 13.51 23.56 -29.95
C ARG D 12 14.69 22.76 -30.47
N PHE D 13 14.70 21.47 -30.16
CA PHE D 13 15.82 20.63 -30.57
C PHE D 13 15.33 19.20 -30.72
N ASN D 14 15.94 18.49 -31.67
CA ASN D 14 15.71 17.07 -31.85
C ASN D 14 16.99 16.26 -31.79
N LYS D 15 18.12 16.90 -31.49
CA LYS D 15 19.43 16.26 -31.54
C LYS D 15 20.25 16.74 -30.35
N ILE D 16 20.99 15.80 -29.75
CA ILE D 16 21.84 16.10 -28.60
C ILE D 16 23.28 15.77 -28.99
N SER D 17 24.14 16.79 -28.94
CA SER D 17 25.54 16.65 -29.32
C SER D 17 26.43 16.88 -28.12
N ILE D 18 27.47 16.04 -27.98
CA ILE D 18 28.40 16.10 -26.87
C ILE D 18 29.82 16.15 -27.41
N GLY D 19 30.73 16.67 -26.62
CA GLY D 19 32.12 16.75 -27.03
C GLY D 19 32.98 17.34 -25.94
N LEU D 20 34.26 17.50 -26.26
CA LEU D 20 35.20 18.11 -25.33
C LEU D 20 34.94 19.60 -25.21
N ALA D 21 35.16 20.13 -24.01
CA ALA D 21 34.89 21.53 -23.74
C ALA D 21 36.17 22.35 -23.85
N SER D 22 36.15 23.35 -24.71
CA SER D 22 37.28 24.24 -24.86
C SER D 22 37.35 25.21 -23.69
N PRO D 23 38.55 25.65 -23.32
CA PRO D 23 38.65 26.73 -22.33
C PRO D 23 37.90 27.99 -22.75
N GLU D 24 37.95 28.32 -24.04
CA GLU D 24 37.23 29.49 -24.54
C GLU D 24 35.72 29.33 -24.34
N SER D 25 35.20 28.13 -24.56
CA SER D 25 33.77 27.89 -24.34
C SER D 25 33.40 28.08 -22.88
N ILE D 26 34.24 27.57 -21.96
CA ILE D 26 33.95 27.71 -20.53
C ILE D 26 33.98 29.18 -20.14
N LEU D 27 34.96 29.94 -20.63
CA LEU D 27 34.98 31.37 -20.37
C LEU D 27 33.76 32.08 -20.95
N ALA D 28 33.32 31.66 -22.14
CA ALA D 28 32.15 32.29 -22.75
C ALA D 28 30.89 32.04 -21.93
N GLU D 29 30.70 30.81 -21.45
CA GLU D 29 29.51 30.50 -20.67
C GLU D 29 29.58 31.01 -19.23
N SER D 30 30.79 31.25 -18.71
CA SER D 30 30.93 31.66 -17.33
C SER D 30 30.56 33.12 -17.15
N ARG D 31 29.89 33.41 -16.02
CA ARG D 31 29.50 34.78 -15.69
C ARG D 31 30.52 35.49 -14.83
N GLY D 32 31.56 34.81 -14.38
CA GLY D 32 32.57 35.40 -13.53
C GLY D 32 33.57 34.38 -13.06
N GLU D 33 34.53 34.87 -12.28
CA GLU D 33 35.64 34.05 -11.79
C GLU D 33 35.59 34.00 -10.27
N VAL D 34 35.87 32.83 -9.71
CA VAL D 34 35.74 32.60 -8.28
C VAL D 34 37.12 32.62 -7.64
N LEU D 35 37.39 33.64 -6.81
CA LEU D 35 38.68 33.78 -6.15
C LEU D 35 38.73 33.20 -4.74
N LYS D 36 37.69 33.42 -3.93
CA LYS D 36 37.80 33.12 -2.52
C LYS D 36 37.13 31.80 -2.18
N PRO D 37 37.79 30.94 -1.39
CA PRO D 37 37.20 29.66 -1.01
C PRO D 37 36.03 29.78 -0.04
N GLU D 38 35.78 30.95 0.53
CA GLU D 38 34.70 31.10 1.48
C GLU D 38 33.35 31.00 0.79
N THR D 39 32.38 30.39 1.48
CA THR D 39 31.04 30.25 0.92
C THR D 39 30.13 31.38 1.37
N ILE D 40 29.92 31.51 2.68
CA ILE D 40 29.10 32.59 3.24
C ILE D 40 29.77 33.10 4.51
N ASN D 41 29.33 34.27 4.97
CA ASN D 41 29.76 34.79 6.25
C ASN D 41 28.98 34.10 7.37
N TYR D 42 29.70 33.54 8.34
CA TYR D 42 29.05 32.75 9.38
C TYR D 42 28.20 33.61 10.30
N ARG D 43 28.35 34.93 10.28
CA ARG D 43 27.57 35.81 11.14
C ARG D 43 26.33 36.34 10.44
N THR D 44 26.50 37.00 9.30
CA THR D 44 25.39 37.62 8.58
C THR D 44 24.69 36.67 7.63
N HIS D 45 25.20 35.45 7.46
CA HIS D 45 24.63 34.44 6.56
C HIS D 45 24.53 34.93 5.12
N LYS D 46 25.24 36.01 4.78
CA LYS D 46 25.27 36.52 3.42
C LYS D 46 26.45 35.92 2.66
N PRO D 47 26.30 35.72 1.35
CA PRO D 47 27.40 35.12 0.57
C PRO D 47 28.60 36.05 0.49
N GLU D 48 29.78 35.47 0.66
CA GLU D 48 31.01 36.23 0.55
C GLU D 48 31.26 36.62 -0.90
N ARG D 49 31.80 37.83 -1.09
CA ARG D 49 32.08 38.30 -2.44
C ARG D 49 33.16 37.44 -3.08
N ASP D 50 32.96 37.12 -4.36
CA ASP D 50 33.85 36.28 -5.16
C ASP D 50 34.01 34.88 -4.58
N GLY D 51 33.02 34.41 -3.82
CA GLY D 51 33.06 33.07 -3.26
C GLY D 51 32.32 32.06 -4.12
N LEU D 52 32.18 30.85 -3.57
CA LEU D 52 31.47 29.79 -4.28
C LEU D 52 29.97 30.02 -4.32
N PHE D 53 29.45 30.97 -3.56
CA PHE D 53 28.03 31.32 -3.58
C PHE D 53 27.83 32.81 -3.86
N CYS D 54 28.82 33.48 -4.44
CA CYS D 54 28.78 34.92 -4.57
C CYS D 54 27.63 35.37 -5.47
N GLU D 55 27.01 36.50 -5.11
CA GLU D 55 25.87 37.00 -5.86
C GLU D 55 26.27 37.74 -7.13
N ARG D 56 27.54 38.15 -7.25
CA ARG D 56 27.97 38.83 -8.46
C ARG D 56 28.16 37.86 -9.62
N ILE D 57 28.45 36.59 -9.30
CA ILE D 57 28.68 35.58 -10.32
C ILE D 57 27.40 34.82 -10.65
N PHE D 58 26.69 34.34 -9.62
CA PHE D 58 25.59 33.41 -9.81
C PHE D 58 24.21 34.07 -9.76
N GLY D 59 24.09 35.23 -9.12
CA GLY D 59 22.81 35.91 -9.08
C GLY D 59 22.33 36.21 -7.68
N PRO D 60 21.41 37.16 -7.55
CA PRO D 60 20.94 37.57 -6.22
C PRO D 60 20.13 36.49 -5.54
N VAL D 61 20.33 36.37 -4.23
CA VAL D 61 19.57 35.41 -3.43
C VAL D 61 18.10 35.81 -3.31
N LYS D 62 17.81 37.09 -3.13
CA LYS D 62 16.45 37.58 -2.99
C LYS D 62 15.96 38.15 -4.31
N ASP D 63 14.68 37.91 -4.61
CA ASP D 63 14.10 38.37 -5.85
C ASP D 63 14.10 39.90 -5.92
N TYR D 64 14.65 40.43 -7.02
CA TYR D 64 14.64 41.86 -7.31
C TYR D 64 15.23 42.69 -6.18
N GLU D 65 16.30 42.19 -5.56
CA GLU D 65 17.04 42.90 -4.53
C GLU D 65 18.52 42.65 -4.72
N CYS D 66 19.32 43.71 -4.67
CA CYS D 66 20.76 43.57 -4.79
C CYS D 66 21.37 43.16 -3.46
N ALA D 67 22.67 42.82 -3.50
CA ALA D 67 23.35 42.36 -2.30
C ALA D 67 23.41 43.46 -1.23
N CYS D 68 23.69 44.69 -1.63
CA CYS D 68 23.80 45.80 -0.69
C CYS D 68 22.47 46.49 -0.41
N GLY D 69 21.40 46.07 -1.07
CA GLY D 69 20.09 46.66 -0.83
C GLY D 69 19.86 48.01 -1.46
N LYS D 70 20.77 48.49 -2.31
CA LYS D 70 20.59 49.79 -2.94
C LYS D 70 19.39 49.79 -3.87
N TYR D 71 19.21 48.72 -4.65
CA TYR D 71 18.12 48.60 -5.61
C TYR D 71 17.19 47.49 -5.17
N LYS D 72 15.90 47.79 -5.11
CA LYS D 72 14.87 46.83 -4.70
C LYS D 72 13.67 46.95 -5.62
N ARG D 73 12.78 45.95 -5.52
CA ARG D 73 11.54 45.90 -6.30
C ARG D 73 11.80 45.63 -7.78
N ILE D 74 10.75 45.28 -8.51
CA ILE D 74 10.87 44.90 -9.91
C ILE D 74 11.22 46.09 -10.80
N ARG D 75 11.04 47.32 -10.31
CA ARG D 75 11.23 48.49 -11.17
C ARG D 75 12.67 48.67 -11.61
N TYR D 76 13.63 48.04 -10.93
CA TYR D 76 15.03 48.10 -11.33
C TYR D 76 15.49 46.84 -12.05
N ARG D 77 14.58 46.18 -12.77
CA ARG D 77 14.93 44.95 -13.47
C ARG D 77 15.99 45.20 -14.53
N GLY D 78 16.99 44.32 -14.59
CA GLY D 78 18.06 44.43 -15.56
C GLY D 78 19.18 45.36 -15.16
N ILE D 79 19.09 46.02 -14.02
CA ILE D 79 20.12 46.96 -13.59
C ILE D 79 21.12 46.24 -12.70
N VAL D 80 22.40 46.40 -13.01
CA VAL D 80 23.47 45.88 -12.17
C VAL D 80 23.92 46.98 -11.22
N CYS D 81 23.89 46.69 -9.93
CA CYS D 81 24.21 47.70 -8.92
C CYS D 81 25.68 48.09 -9.02
N ASP D 82 25.95 49.40 -9.02
CA ASP D 82 27.31 49.89 -9.12
C ASP D 82 28.11 49.65 -7.85
N ARG D 83 27.45 49.45 -6.72
CA ARG D 83 28.14 49.29 -5.45
C ARG D 83 28.55 47.84 -5.17
N CYS D 84 27.68 46.87 -5.50
CA CYS D 84 27.96 45.47 -5.22
C CYS D 84 28.10 44.62 -6.48
N GLY D 85 27.73 45.13 -7.65
CA GLY D 85 27.89 44.38 -8.88
C GLY D 85 26.90 43.26 -9.07
N VAL D 86 25.77 43.28 -8.37
CA VAL D 86 24.77 42.22 -8.47
C VAL D 86 23.61 42.71 -9.32
N GLU D 87 23.21 41.90 -10.30
CA GLU D 87 22.09 42.24 -11.17
C GLU D 87 20.77 42.06 -10.43
N VAL D 88 19.85 43.00 -10.66
CA VAL D 88 18.54 42.96 -10.02
C VAL D 88 17.63 42.09 -10.90
N THR D 89 17.35 40.88 -10.44
CA THR D 89 16.59 39.92 -11.23
C THR D 89 15.97 38.89 -10.30
N GLU D 90 15.45 37.81 -10.88
CA GLU D 90 14.80 36.76 -10.11
C GLU D 90 15.82 35.86 -9.42
N LYS D 91 15.36 35.19 -8.36
CA LYS D 91 16.23 34.24 -7.66
C LYS D 91 16.45 32.99 -8.50
N LYS D 92 15.55 32.71 -9.45
CA LYS D 92 15.66 31.51 -10.27
C LYS D 92 16.95 31.48 -11.07
N VAL D 93 17.54 32.64 -11.35
CA VAL D 93 18.78 32.69 -12.12
C VAL D 93 19.93 32.03 -11.41
N ARG D 94 19.85 31.84 -10.09
CA ARG D 94 20.90 31.16 -9.35
C ARG D 94 20.96 29.68 -9.66
N ARG D 95 20.14 29.21 -10.60
CA ARG D 95 20.19 27.83 -11.07
C ARG D 95 20.85 27.68 -12.43
N ASP D 96 21.06 28.78 -13.16
CA ASP D 96 21.55 28.73 -14.52
C ASP D 96 22.91 29.39 -14.71
N ARG D 97 23.26 30.39 -13.91
CA ARG D 97 24.53 31.09 -14.08
C ARG D 97 25.68 30.22 -13.60
N VAL D 98 26.74 30.15 -14.40
CA VAL D 98 27.88 29.27 -14.17
C VAL D 98 29.13 30.12 -13.97
N GLY D 99 29.98 29.68 -13.04
CA GLY D 99 31.26 30.30 -12.80
C GLY D 99 32.42 29.46 -13.31
N HIS D 100 33.60 30.06 -13.30
CA HIS D 100 34.81 29.39 -13.77
C HIS D 100 35.96 29.67 -12.81
N ILE D 101 36.92 28.75 -12.84
CA ILE D 101 38.12 28.84 -12.02
C ILE D 101 39.32 28.88 -12.95
N ASN D 102 40.12 29.94 -12.86
CA ASN D 102 41.29 30.09 -13.70
C ASN D 102 42.49 29.43 -13.02
N LEU D 103 42.94 28.31 -13.56
CA LEU D 103 44.03 27.56 -12.96
C LEU D 103 45.38 28.12 -13.38
N VAL D 104 46.31 28.19 -12.42
CA VAL D 104 47.65 28.67 -12.72
C VAL D 104 48.35 27.71 -13.67
N VAL D 105 48.27 26.41 -13.41
CA VAL D 105 48.90 25.41 -14.27
C VAL D 105 47.83 24.48 -14.83
N PRO D 106 48.00 23.98 -16.06
CA PRO D 106 47.03 23.03 -16.61
C PRO D 106 47.09 21.69 -15.88
N VAL D 107 45.97 20.97 -15.91
CA VAL D 107 45.83 19.68 -15.27
C VAL D 107 44.99 18.76 -16.15
N ALA D 108 45.29 17.46 -16.09
CA ALA D 108 44.60 16.49 -16.91
C ALA D 108 43.35 15.95 -16.19
N HIS D 109 42.28 15.73 -16.94
CA HIS D 109 41.07 15.14 -16.39
C HIS D 109 41.28 13.65 -16.13
N ILE D 110 40.86 13.20 -14.95
CA ILE D 110 40.89 11.77 -14.63
C ILE D 110 40.21 10.93 -15.70
N TRP D 111 39.18 11.49 -16.34
CA TRP D 111 38.33 10.70 -17.24
C TRP D 111 39.09 10.18 -18.44
N TYR D 112 40.18 10.84 -18.84
CA TYR D 112 40.85 10.51 -20.07
C TYR D 112 42.21 9.86 -19.87
N PHE D 113 42.68 9.71 -18.64
CA PHE D 113 43.88 8.92 -18.39
C PHE D 113 43.67 7.81 -17.37
N ARG D 114 42.52 7.74 -16.71
CA ARG D 114 42.24 6.66 -15.78
C ARG D 114 41.15 5.71 -16.28
N SER D 115 40.23 6.20 -17.11
CA SER D 115 39.24 5.33 -17.71
C SER D 115 39.89 4.39 -18.72
N LEU D 116 39.33 3.19 -18.83
CA LEU D 116 39.84 2.19 -19.78
C LEU D 116 38.99 2.20 -21.03
N PRO D 117 39.56 2.46 -22.22
CA PRO D 117 40.96 2.79 -22.49
C PRO D 117 41.27 4.27 -22.23
N ASN D 118 42.51 4.60 -21.90
CA ASN D 118 42.90 5.99 -21.66
C ASN D 118 43.17 6.67 -22.99
N LYS D 119 42.53 7.82 -23.21
CA LYS D 119 42.61 8.47 -24.51
C LYS D 119 43.97 9.12 -24.72
N ILE D 120 44.50 9.78 -23.68
CA ILE D 120 45.79 10.44 -23.81
C ILE D 120 46.90 9.42 -24.04
N GLY D 121 46.87 8.31 -23.30
CA GLY D 121 47.90 7.29 -23.48
C GLY D 121 47.89 6.70 -24.87
N TYR D 122 46.71 6.49 -25.44
CA TYR D 122 46.63 5.89 -26.77
C TYR D 122 46.97 6.92 -27.85
N LEU D 123 46.67 8.20 -27.61
CA LEU D 123 47.04 9.24 -28.56
C LEU D 123 48.56 9.43 -28.60
N LEU D 124 49.18 9.55 -27.42
CA LEU D 124 50.62 9.74 -27.33
C LEU D 124 51.41 8.45 -27.47
N GLY D 125 50.76 7.29 -27.37
CA GLY D 125 51.47 6.03 -27.43
C GLY D 125 52.17 5.64 -26.15
N LEU D 126 51.99 6.40 -25.08
CA LEU D 126 52.65 6.13 -23.81
C LEU D 126 51.81 5.21 -22.95
N PRO D 127 52.43 4.27 -22.24
CA PRO D 127 51.68 3.44 -21.31
C PRO D 127 51.12 4.25 -20.16
N SER D 128 50.16 3.65 -19.44
CA SER D 128 49.46 4.37 -18.38
C SER D 128 50.40 4.81 -17.27
N LYS D 129 51.35 3.95 -16.90
CA LYS D 129 52.27 4.29 -15.82
C LYS D 129 53.11 5.53 -16.16
N LYS D 130 53.66 5.57 -17.38
CA LYS D 130 54.46 6.71 -17.79
C LYS D 130 53.63 7.99 -17.83
N LEU D 131 52.39 7.88 -18.30
CA LEU D 131 51.49 9.02 -18.27
C LEU D 131 51.24 9.49 -16.85
N ASP D 132 51.14 8.55 -15.90
CA ASP D 132 50.99 8.93 -14.50
C ASP D 132 52.22 9.66 -13.99
N MET D 133 53.42 9.18 -14.34
CA MET D 133 54.63 9.89 -13.92
C MET D 133 54.66 11.31 -14.49
N ILE D 134 54.21 11.48 -15.73
CA ILE D 134 54.12 12.82 -16.30
C ILE D 134 53.13 13.67 -15.51
N ILE D 135 51.92 13.14 -15.29
CA ILE D 135 50.82 13.95 -14.77
C ILE D 135 51.12 14.41 -13.35
N TYR D 136 51.61 13.50 -12.50
CA TYR D 136 51.90 13.83 -11.12
C TYR D 136 53.26 14.47 -10.93
N TYR D 137 53.89 14.92 -12.02
CA TYR D 137 55.12 15.71 -11.95
C TYR D 137 56.28 14.93 -11.36
N GLU D 138 56.64 13.82 -12.02
CA GLU D 138 57.79 13.01 -11.63
C GLU D 138 58.98 13.18 -12.56
N ARG D 139 58.79 13.02 -13.86
CA ARG D 139 59.90 13.03 -14.81
C ARG D 139 59.60 13.99 -15.95
N TYR D 140 60.64 14.67 -16.40
CA TYR D 140 60.57 15.48 -17.61
C TYR D 140 60.55 14.57 -18.84
N VAL D 141 60.00 15.08 -19.93
CA VAL D 141 59.95 14.37 -21.20
C VAL D 141 60.35 15.32 -22.31
N VAL D 142 61.19 14.85 -23.22
CA VAL D 142 61.67 15.68 -24.33
C VAL D 142 60.54 15.91 -25.31
N ILE D 143 60.09 17.15 -25.41
CA ILE D 143 59.13 17.53 -26.45
C ILE D 143 59.82 17.67 -27.80
N GLN D 144 61.03 18.23 -27.81
CA GLN D 144 61.78 18.44 -29.04
C GLN D 144 63.28 18.33 -28.73
N PRO D 145 63.94 17.26 -29.17
CA PRO D 145 65.37 17.11 -28.85
C PRO D 145 66.25 18.20 -29.40
N GLY D 146 65.93 18.72 -30.59
CA GLY D 146 66.76 19.76 -31.19
C GLY D 146 68.18 19.26 -31.44
N ILE D 147 69.16 20.05 -31.00
CA ILE D 147 70.57 19.71 -31.17
C ILE D 147 71.18 19.12 -29.91
N ALA D 148 70.42 19.00 -28.84
CA ALA D 148 70.95 18.45 -27.59
C ALA D 148 71.27 16.97 -27.76
N LYS D 149 72.46 16.59 -27.30
CA LYS D 149 72.91 15.21 -27.35
C LYS D 149 73.22 14.71 -25.95
N GLY D 150 73.25 13.40 -25.79
CA GLY D 150 73.48 12.79 -24.50
C GLY D 150 74.87 13.04 -23.98
N PRO D 151 75.09 12.76 -22.69
CA PRO D 151 76.42 12.96 -22.12
C PRO D 151 77.50 12.13 -22.79
N GLU D 152 77.18 10.93 -23.25
CA GLU D 152 78.10 10.08 -23.99
C GLU D 152 77.98 10.26 -25.50
N GLY D 153 77.12 11.16 -25.95
CA GLY D 153 76.91 11.38 -27.37
C GLY D 153 75.72 10.66 -27.96
N GLU D 154 74.89 10.02 -27.14
CA GLU D 154 73.73 9.32 -27.66
C GLU D 154 72.69 10.30 -28.17
N GLU D 155 71.99 9.90 -29.23
CA GLU D 155 70.92 10.72 -29.79
C GLU D 155 69.72 10.72 -28.87
N ILE D 156 69.18 11.90 -28.61
CA ILE D 156 67.98 12.06 -27.81
C ILE D 156 66.77 12.04 -28.74
N HIS D 157 65.80 11.20 -28.42
CA HIS D 157 64.59 11.06 -29.22
C HIS D 157 63.40 11.75 -28.55
N LYS D 158 62.39 12.05 -29.35
CA LYS D 158 61.16 12.61 -28.82
C LYS D 158 60.47 11.59 -27.92
N LEU D 159 59.73 12.09 -26.93
CA LEU D 159 59.03 11.31 -25.91
C LEU D 159 59.98 10.65 -24.92
N ASP D 160 61.27 10.98 -24.95
CA ASP D 160 62.21 10.37 -24.01
C ASP D 160 62.02 10.95 -22.61
N PHE D 161 62.09 10.09 -21.61
CA PHE D 161 61.88 10.47 -20.22
C PHE D 161 63.23 10.80 -19.59
N LEU D 162 63.31 11.97 -18.97
CA LEU D 162 64.53 12.42 -18.31
C LEU D 162 64.26 12.73 -16.85
N THR D 163 65.19 12.31 -15.99
CA THR D 163 65.15 12.71 -14.60
C THR D 163 65.57 14.17 -14.46
N GLU D 164 65.38 14.71 -13.25
CA GLU D 164 65.74 16.10 -13.01
C GLU D 164 67.24 16.33 -13.22
N GLU D 165 68.07 15.44 -12.69
CA GLU D 165 69.51 15.58 -12.86
C GLU D 165 69.91 15.51 -14.32
N GLU D 166 69.32 14.57 -15.07
CA GLU D 166 69.62 14.47 -16.50
C GLU D 166 69.18 15.72 -17.25
N TYR D 167 68.02 16.26 -16.89
CA TYR D 167 67.53 17.48 -17.54
C TYR D 167 68.46 18.65 -17.28
N LEU D 168 68.90 18.82 -16.03
CA LEU D 168 69.83 19.89 -15.73
C LEU D 168 71.17 19.70 -16.43
N ASN D 169 71.66 18.45 -16.49
CA ASN D 169 72.93 18.18 -17.17
C ASN D 169 72.83 18.51 -18.65
N ILE D 170 71.71 18.12 -19.29
CA ILE D 170 71.54 18.41 -20.71
C ILE D 170 71.43 19.91 -20.95
N LEU D 171 70.73 20.62 -20.06
CA LEU D 171 70.64 22.07 -20.18
C LEU D 171 72.02 22.73 -20.05
N GLU D 172 72.83 22.25 -19.10
CA GLU D 172 74.16 22.81 -18.91
C GLU D 172 75.07 22.52 -20.09
N SER D 173 74.97 21.32 -20.67
CA SER D 173 75.82 20.97 -21.81
C SER D 173 75.49 21.76 -23.06
N LEU D 174 74.31 22.37 -23.12
CA LEU D 174 73.85 23.13 -24.27
C LEU D 174 74.34 24.59 -24.19
N PRO D 175 74.48 25.25 -25.33
CA PRO D 175 74.77 26.69 -25.32
C PRO D 175 73.58 27.48 -24.78
N SER D 176 73.88 28.64 -24.22
CA SER D 176 72.81 29.48 -23.66
C SER D 176 71.90 30.03 -24.75
N GLU D 177 72.38 30.11 -25.99
CA GLU D 177 71.56 30.65 -27.07
C GLU D 177 70.40 29.72 -27.41
N ASN D 178 70.52 28.44 -27.08
CA ASN D 178 69.44 27.50 -27.38
C ASN D 178 68.17 27.84 -26.61
N GLN D 179 68.31 28.25 -25.36
CA GLN D 179 67.14 28.58 -24.54
C GLN D 179 66.37 29.77 -25.11
N TYR D 180 67.05 30.67 -25.83
CA TYR D 180 66.41 31.85 -26.37
C TYR D 180 65.78 31.62 -27.74
N LEU D 181 65.91 30.42 -28.29
CA LEU D 181 65.26 30.12 -29.56
C LEU D 181 63.75 30.01 -29.39
N GLU D 182 63.02 30.28 -30.47
CA GLU D 182 61.58 30.14 -30.45
C GLU D 182 61.18 28.67 -30.39
N GLU D 183 59.97 28.42 -29.88
CA GLU D 183 59.49 27.05 -29.75
C GLU D 183 59.30 26.37 -31.10
N ASN D 184 59.15 27.15 -32.17
CA ASN D 184 59.00 26.58 -33.50
C ASN D 184 60.34 26.24 -34.16
N ASP D 185 61.45 26.61 -33.54
CA ASP D 185 62.76 26.31 -34.10
C ASP D 185 63.04 24.81 -33.94
N PRO D 186 63.32 24.09 -35.03
CA PRO D 186 63.60 22.65 -34.90
C PRO D 186 64.87 22.34 -34.11
N ASN D 187 65.81 23.28 -34.02
CA ASN D 187 67.06 23.07 -33.30
C ASN D 187 66.94 23.28 -31.80
N LYS D 188 65.86 23.92 -31.34
CA LYS D 188 65.70 24.18 -29.91
C LYS D 188 65.45 22.88 -29.16
N PHE D 189 66.07 22.76 -27.98
CA PHE D 189 65.80 21.63 -27.10
C PHE D 189 64.67 22.00 -26.16
N ILE D 190 63.53 21.32 -26.30
CA ILE D 190 62.35 21.56 -25.48
C ILE D 190 62.06 20.28 -24.72
N ALA D 191 62.04 20.36 -23.39
CA ALA D 191 61.71 19.24 -22.54
C ALA D 191 60.98 19.78 -21.31
N LYS D 192 59.69 19.49 -21.21
CA LYS D 192 58.87 19.94 -20.09
C LYS D 192 58.38 18.73 -19.31
N MET D 193 57.49 19.00 -18.37
CA MET D 193 57.01 17.99 -17.44
C MET D 193 55.57 18.33 -17.04
N GLY D 194 54.73 17.29 -17.00
CA GLY D 194 53.38 17.44 -16.53
C GLY D 194 52.35 17.67 -17.61
N ALA D 195 51.20 18.19 -17.17
CA ALA D 195 50.09 18.47 -18.08
C ALA D 195 50.44 19.53 -19.11
N GLU D 196 51.35 20.46 -18.79
CA GLU D 196 51.83 21.39 -19.80
C GLU D 196 52.55 20.66 -20.92
N CYS D 197 53.40 19.69 -20.56
CA CYS D 197 54.03 18.84 -21.57
C CYS D 197 52.98 18.06 -22.34
N LEU D 198 51.93 17.60 -21.64
CA LEU D 198 50.88 16.84 -22.31
C LEU D 198 50.15 17.66 -23.36
N ILE D 199 49.79 18.91 -23.04
CA ILE D 199 49.07 19.73 -24.00
C ILE D 199 50.00 20.13 -25.15
N ASP D 200 51.26 20.44 -24.84
CA ASP D 200 52.21 20.76 -25.89
C ASP D 200 52.40 19.59 -26.83
N LEU D 201 52.39 18.36 -26.30
CA LEU D 201 52.61 17.18 -27.13
C LEU D 201 51.36 16.83 -27.92
N LEU D 202 50.17 17.01 -27.33
CA LEU D 202 48.93 16.72 -28.04
C LEU D 202 48.68 17.71 -29.16
N ALA D 203 49.06 18.98 -28.95
CA ALA D 203 48.81 19.99 -29.97
C ALA D 203 49.64 19.76 -31.22
N ARG D 204 50.71 18.98 -31.12
CA ARG D 204 51.58 18.71 -32.25
C ARG D 204 51.20 17.44 -33.00
N ILE D 205 50.13 16.77 -32.59
CA ILE D 205 49.72 15.52 -33.24
C ILE D 205 48.98 15.85 -34.53
N ASP D 206 49.42 15.22 -35.62
CA ASP D 206 48.65 15.18 -36.85
C ASP D 206 47.77 13.94 -36.79
N LEU D 207 46.49 14.14 -36.45
CA LEU D 207 45.59 13.01 -36.26
C LEU D 207 45.49 12.14 -37.51
N GLU D 208 45.43 12.78 -38.67
CA GLU D 208 45.36 12.05 -39.93
C GLU D 208 46.62 11.20 -40.10
N GLN D 209 47.78 11.82 -39.89
CA GLN D 209 49.05 11.09 -40.00
C GLN D 209 49.18 10.01 -38.94
N LEU D 210 48.69 10.28 -37.73
CA LEU D 210 48.75 9.26 -36.68
C LEU D 210 47.91 8.05 -37.07
N SER D 211 46.72 8.28 -37.62
CA SER D 211 45.91 7.17 -38.11
C SER D 211 46.62 6.44 -39.23
N TYR D 212 47.29 7.18 -40.11
CA TYR D 212 48.07 6.55 -41.18
C TYR D 212 49.09 5.58 -40.62
N GLU D 213 49.92 6.06 -39.70
CA GLU D 213 50.99 5.23 -39.15
C GLU D 213 50.44 4.05 -38.37
N LEU D 214 49.37 4.28 -37.60
CA LEU D 214 48.79 3.17 -36.83
C LEU D 214 48.20 2.10 -37.74
N ARG D 215 47.49 2.51 -38.80
CA ARG D 215 46.96 1.53 -39.75
C ARG D 215 48.08 0.76 -40.41
N HIS D 216 49.15 1.45 -40.84
CA HIS D 216 50.24 0.75 -41.52
C HIS D 216 50.95 -0.21 -40.57
N LYS D 217 51.15 0.22 -39.32
CA LYS D 217 51.79 -0.64 -38.33
C LYS D 217 50.94 -1.88 -38.07
N ALA D 218 49.62 -1.71 -37.94
CA ALA D 218 48.74 -2.86 -37.75
C ALA D 218 48.80 -3.79 -38.95
N ASN D 219 48.83 -3.24 -40.17
CA ASN D 219 48.87 -4.07 -41.37
C ASN D 219 50.19 -4.81 -41.52
N THR D 220 51.31 -4.22 -41.10
CA THR D 220 52.62 -4.78 -41.41
C THR D 220 53.27 -5.53 -40.25
N GLU D 221 52.92 -5.22 -39.01
CA GLU D 221 53.57 -5.86 -37.88
C GLU D 221 53.24 -7.34 -37.82
N THR D 222 54.27 -8.16 -37.60
CA THR D 222 54.07 -9.60 -37.49
C THR D 222 53.66 -10.03 -36.08
N SER D 223 53.96 -9.22 -35.07
CA SER D 223 53.61 -9.56 -33.69
C SER D 223 52.12 -9.36 -33.47
N LYS D 224 51.45 -10.36 -32.89
CA LYS D 224 50.02 -10.25 -32.64
C LYS D 224 49.72 -9.20 -31.57
N GLN D 225 50.52 -9.16 -30.50
CA GLN D 225 50.29 -8.19 -29.43
C GLN D 225 50.51 -6.77 -29.93
N ARG D 226 51.58 -6.54 -30.69
CA ARG D 226 51.83 -5.22 -31.25
C ARG D 226 50.74 -4.82 -32.24
N LYS D 227 50.28 -5.76 -33.05
CA LYS D 227 49.19 -5.46 -33.97
C LYS D 227 47.92 -5.07 -33.22
N THR D 228 47.61 -5.79 -32.15
CA THR D 228 46.42 -5.47 -31.35
C THR D 228 46.56 -4.10 -30.71
N GLU D 229 47.75 -3.78 -30.18
CA GLU D 229 47.96 -2.47 -29.56
C GLU D 229 47.85 -1.35 -30.59
N ALA D 230 48.41 -1.56 -31.77
CA ALA D 230 48.32 -0.57 -32.83
C ALA D 230 46.87 -0.36 -33.26
N LEU D 231 46.11 -1.44 -33.40
CA LEU D 231 44.69 -1.32 -33.74
C LEU D 231 43.92 -0.59 -32.64
N LYS D 232 44.25 -0.86 -31.38
CA LYS D 232 43.55 -0.22 -30.28
C LYS D 232 43.82 1.28 -30.26
N ARG D 233 45.06 1.70 -30.50
CA ARG D 233 45.36 3.12 -30.63
C ARG D 233 44.66 3.72 -31.85
N LEU D 234 44.64 2.96 -32.95
CA LEU D 234 43.97 3.41 -34.15
C LEU D 234 42.50 3.67 -33.89
N GLN D 235 41.89 2.86 -33.02
CA GLN D 235 40.47 3.05 -32.70
C GLN D 235 40.23 4.41 -32.08
N VAL D 236 41.03 4.79 -31.08
CA VAL D 236 40.87 6.08 -30.45
C VAL D 236 41.09 7.20 -31.46
N VAL D 237 42.14 7.08 -32.30
CA VAL D 237 42.42 8.20 -33.21
C VAL D 237 41.33 8.32 -34.27
N GLU D 238 40.78 7.19 -34.76
CA GLU D 238 39.73 7.31 -35.78
C GLU D 238 38.46 7.88 -35.17
N ALA D 239 38.15 7.50 -33.93
CA ALA D 239 36.99 8.09 -33.27
C ALA D 239 37.15 9.60 -33.11
N LEU D 240 38.34 10.03 -32.68
CA LEU D 240 38.55 11.45 -32.48
C LEU D 240 38.56 12.19 -33.81
N ARG D 241 39.00 11.54 -34.88
CA ARG D 241 38.96 12.15 -36.21
C ARG D 241 37.53 12.27 -36.71
N GLU D 242 36.72 11.21 -36.54
CA GLU D 242 35.32 11.26 -36.92
C GLU D 242 34.58 12.30 -36.09
N SER D 243 35.11 12.64 -34.92
CA SER D 243 34.53 13.74 -34.14
C SER D 243 34.68 15.09 -34.84
N GLN D 244 35.70 15.26 -35.68
CA GLN D 244 36.01 16.58 -36.23
C GLN D 244 35.00 17.08 -37.26
N ASP D 245 34.48 16.20 -38.12
CA ASP D 245 33.51 16.67 -39.11
C ASP D 245 32.23 17.16 -38.44
N ASN D 246 31.78 16.48 -37.39
CA ASN D 246 30.60 16.90 -36.64
C ASN D 246 30.82 18.24 -35.95
N ARG D 247 31.98 18.45 -35.34
CA ARG D 247 32.21 19.62 -34.49
C ARG D 247 33.71 19.78 -34.28
N GLU D 248 34.09 20.93 -33.74
CA GLU D 248 35.48 21.17 -33.38
C GLU D 248 35.83 20.35 -32.15
N ASN D 249 36.65 19.31 -32.33
CA ASN D 249 37.04 18.42 -31.23
C ASN D 249 38.55 18.24 -31.31
N ASN D 250 39.27 19.12 -30.60
CA ASN D 250 40.72 19.19 -30.60
C ASN D 250 41.28 18.41 -29.40
N PRO D 251 42.27 17.53 -29.66
CA PRO D 251 42.76 16.66 -28.58
C PRO D 251 43.34 17.40 -27.39
N GLU D 252 43.97 18.57 -27.61
CA GLU D 252 44.59 19.27 -26.49
C GLU D 252 43.55 19.89 -25.55
N TRP D 253 42.27 19.88 -25.93
CA TRP D 253 41.21 20.30 -25.01
C TRP D 253 41.05 19.31 -23.86
N MET D 254 41.66 18.14 -23.95
CA MET D 254 41.65 17.16 -22.86
C MET D 254 42.38 17.65 -21.63
N ILE D 255 43.22 18.67 -21.76
CA ILE D 255 43.91 19.29 -20.64
C ILE D 255 43.31 20.67 -20.46
N MET D 256 42.69 20.92 -19.30
CA MET D 256 41.98 22.17 -19.06
C MET D 256 42.86 23.16 -18.29
N LYS D 257 42.86 24.40 -18.76
CA LYS D 257 43.38 25.58 -18.08
C LYS D 257 42.36 26.23 -17.16
N VAL D 258 41.08 25.89 -17.32
CA VAL D 258 39.98 26.49 -16.58
C VAL D 258 39.01 25.40 -16.15
N ILE D 259 38.45 25.55 -14.96
CA ILE D 259 37.47 24.61 -14.41
C ILE D 259 36.16 25.35 -14.18
N PRO D 260 35.04 24.86 -14.69
CA PRO D 260 33.76 25.53 -14.45
C PRO D 260 33.20 25.20 -13.07
N VAL D 261 32.36 26.09 -12.56
CA VAL D 261 31.72 25.93 -11.26
C VAL D 261 30.22 25.92 -11.47
N ILE D 262 29.56 24.83 -11.07
CA ILE D 262 28.14 24.62 -11.32
C ILE D 262 27.32 25.64 -10.54
N PRO D 263 26.10 25.95 -10.96
CA PRO D 263 25.28 26.91 -10.21
C PRO D 263 25.06 26.47 -8.78
N PRO D 264 25.05 27.41 -7.84
CA PRO D 264 25.03 27.04 -6.42
C PRO D 264 23.80 26.28 -5.98
N GLU D 265 22.63 26.56 -6.57
CA GLU D 265 21.41 25.89 -6.13
C GLU D 265 21.44 24.39 -6.35
N LEU D 266 22.28 23.91 -7.28
CA LEU D 266 22.46 22.48 -7.47
C LEU D 266 23.42 21.87 -6.45
N ARG D 267 24.13 22.70 -5.69
CA ARG D 267 24.97 22.26 -4.58
C ARG D 267 24.62 23.10 -3.35
N PRO D 268 23.41 22.95 -2.83
CA PRO D 268 22.89 23.96 -1.91
C PRO D 268 23.58 23.94 -0.56
N LEU D 269 23.54 25.10 0.10
CA LEU D 269 23.96 25.26 1.49
C LEU D 269 22.70 25.59 2.28
N VAL D 270 21.99 24.54 2.70
CA VAL D 270 20.68 24.69 3.33
C VAL D 270 20.87 24.89 4.84
N PRO D 271 20.42 26.01 5.39
CA PRO D 271 20.51 26.19 6.85
C PRO D 271 19.50 25.32 7.57
N LEU D 272 19.96 24.63 8.60
CA LEU D 272 19.12 23.77 9.42
C LEU D 272 18.71 24.49 10.70
N ASP D 273 17.71 23.94 11.37
CA ASP D 273 17.26 24.51 12.64
C ASP D 273 18.36 24.42 13.68
N GLY D 274 18.56 25.52 14.41
CA GLY D 274 19.61 25.60 15.39
C GLY D 274 20.90 26.26 14.94
N GLY D 275 20.90 26.89 13.76
CA GLY D 275 22.09 27.55 13.26
C GLY D 275 23.04 26.67 12.50
N ARG D 276 22.73 25.38 12.34
CA ARG D 276 23.59 24.48 11.60
C ARG D 276 23.27 24.54 10.10
N PHE D 277 24.27 24.22 9.29
CA PHE D 277 24.16 24.29 7.85
C PHE D 277 24.43 22.93 7.23
N ALA D 278 23.57 22.53 6.29
CA ALA D 278 23.77 21.31 5.53
C ALA D 278 24.38 21.66 4.17
N THR D 279 25.53 21.07 3.89
CA THR D 279 26.30 21.41 2.70
C THR D 279 26.57 20.18 1.86
N SER D 280 26.75 20.39 0.57
CA SER D 280 27.13 19.32 -0.34
C SER D 280 28.64 19.18 -0.39
N ASP D 281 29.11 17.99 -0.78
CA ASP D 281 30.55 17.76 -0.88
C ASP D 281 31.17 18.62 -1.97
N LEU D 282 30.43 18.88 -3.05
CA LEU D 282 30.98 19.64 -4.18
C LEU D 282 31.54 20.98 -3.72
N ASN D 283 30.89 21.63 -2.76
CA ASN D 283 31.42 22.87 -2.20
C ASN D 283 32.79 22.64 -1.59
N ASP D 284 32.95 21.55 -0.83
CA ASP D 284 34.24 21.26 -0.21
C ASP D 284 35.31 20.99 -1.25
N LEU D 285 34.97 20.23 -2.30
CA LEU D 285 35.97 19.92 -3.33
C LEU D 285 36.39 21.17 -4.08
N TYR D 286 35.42 22.03 -4.44
CA TYR D 286 35.76 23.29 -5.10
C TYR D 286 36.61 24.17 -4.18
N ARG D 287 36.27 24.22 -2.89
CA ARG D 287 37.03 25.01 -1.94
C ARG D 287 38.48 24.53 -1.87
N ARG D 288 38.67 23.21 -1.82
CA ARG D 288 40.01 22.64 -1.83
C ARG D 288 40.76 23.04 -3.10
N VAL D 289 40.07 22.98 -4.25
CA VAL D 289 40.72 23.32 -5.51
C VAL D 289 41.19 24.78 -5.51
N ILE D 290 40.32 25.69 -5.07
CA ILE D 290 40.71 27.11 -5.04
C ILE D 290 41.86 27.33 -4.05
N ILE D 291 41.81 26.67 -2.90
CA ILE D 291 42.88 26.84 -1.91
C ILE D 291 44.21 26.41 -2.52
N ARG D 292 44.24 25.26 -3.18
CA ARG D 292 45.50 24.76 -3.73
C ARG D 292 45.98 25.61 -4.89
N ASN D 293 45.06 26.06 -5.75
CA ASN D 293 45.45 26.92 -6.86
C ASN D 293 46.01 28.25 -6.36
N ASN D 294 45.37 28.83 -5.34
CA ASN D 294 45.87 30.08 -4.78
C ASN D 294 47.23 29.90 -4.11
N ARG D 295 47.43 28.77 -3.43
CA ARG D 295 48.73 28.50 -2.84
C ARG D 295 49.80 28.37 -3.91
N LEU D 296 49.47 27.69 -5.02
CA LEU D 296 50.41 27.60 -6.14
C LEU D 296 50.73 28.97 -6.71
N LYS D 297 49.71 29.82 -6.87
CA LYS D 297 49.95 31.16 -7.41
C LYS D 297 50.84 31.97 -6.49
N ARG D 298 50.59 31.89 -5.18
CA ARG D 298 51.42 32.62 -4.22
C ARG D 298 52.86 32.12 -4.24
N LEU D 299 53.05 30.79 -4.26
CA LEU D 299 54.40 30.24 -4.30
C LEU D 299 55.12 30.61 -5.59
N MET D 300 54.39 30.68 -6.70
CA MET D 300 54.97 31.18 -7.94
C MET D 300 55.40 32.64 -7.79
N GLU D 301 54.58 33.45 -7.12
CA GLU D 301 54.92 34.86 -6.95
C GLU D 301 56.15 35.06 -6.09
N ILE D 302 56.33 34.21 -5.07
CA ILE D 302 57.49 34.31 -4.18
C ILE D 302 58.67 33.49 -4.67
N LYS D 303 58.50 32.74 -5.76
CA LYS D 303 59.56 31.92 -6.34
C LYS D 303 60.08 30.90 -5.32
N ALA D 304 59.19 29.97 -4.96
CA ALA D 304 59.52 28.91 -4.02
C ALA D 304 60.48 27.91 -4.67
N PRO D 305 61.17 27.09 -3.87
CA PRO D 305 62.05 26.08 -4.47
C PRO D 305 61.26 25.07 -5.30
N GLU D 306 61.92 24.52 -6.32
CA GLU D 306 61.22 23.77 -7.36
C GLU D 306 60.56 22.51 -6.81
N VAL D 307 61.15 21.90 -5.79
CA VAL D 307 60.54 20.70 -5.21
C VAL D 307 59.19 21.04 -4.59
N ILE D 308 59.13 22.13 -3.83
CA ILE D 308 57.87 22.54 -3.21
C ILE D 308 56.85 22.94 -4.28
N LEU D 309 57.31 23.63 -5.32
CA LEU D 309 56.40 24.02 -6.41
C LEU D 309 55.83 22.80 -7.12
N ARG D 310 56.68 21.80 -7.38
CA ARG D 310 56.18 20.58 -8.02
C ARG D 310 55.22 19.84 -7.11
N ASN D 311 55.50 19.81 -5.80
CA ASN D 311 54.59 19.18 -4.86
C ASN D 311 53.22 19.87 -4.85
N GLU D 312 53.22 21.21 -4.85
CA GLU D 312 51.96 21.93 -4.85
C GLU D 312 51.21 21.77 -6.17
N LYS D 313 51.93 21.72 -7.29
CA LYS D 313 51.28 21.43 -8.56
C LYS D 313 50.68 20.04 -8.59
N ARG D 314 51.40 19.06 -8.04
CA ARG D 314 50.86 17.70 -7.95
C ARG D 314 49.62 17.66 -7.06
N MET D 315 49.62 18.43 -5.97
CA MET D 315 48.45 18.47 -5.10
C MET D 315 47.28 19.18 -5.77
N LEU D 316 47.55 20.19 -6.60
CA LEU D 316 46.49 20.79 -7.40
C LEU D 316 45.91 19.77 -8.39
N GLN D 317 46.78 18.99 -9.02
CA GLN D 317 46.30 17.92 -9.90
C GLN D 317 45.44 16.92 -9.14
N GLU D 318 45.87 16.57 -7.93
CA GLU D 318 45.09 15.66 -7.10
C GLU D 318 43.73 16.26 -6.75
N ALA D 319 43.68 17.55 -6.43
CA ALA D 319 42.41 18.21 -6.12
C ALA D 319 41.48 18.21 -7.32
N VAL D 320 42.00 18.51 -8.51
CA VAL D 320 41.17 18.49 -9.71
C VAL D 320 40.67 17.09 -10.00
N ASP D 321 41.55 16.09 -9.89
CA ASP D 321 41.17 14.70 -10.11
C ASP D 321 40.09 14.27 -9.13
N SER D 322 40.24 14.64 -7.86
CA SER D 322 39.23 14.32 -6.86
C SER D 322 37.91 14.99 -7.16
N LEU D 323 37.92 16.30 -7.46
CA LEU D 323 36.70 17.01 -7.78
C LEU D 323 35.97 16.39 -8.97
N PHE D 324 36.72 15.93 -9.97
CA PHE D 324 36.06 15.31 -11.11
C PHE D 324 35.54 13.91 -10.76
N ASP D 325 36.41 13.00 -10.33
CA ASP D 325 35.93 11.67 -9.95
C ASP D 325 36.81 11.20 -8.79
N ASN D 326 36.37 11.50 -7.57
CA ASN D 326 37.10 11.06 -6.38
C ASN D 326 37.15 9.54 -6.24
N THR D 327 36.04 8.85 -6.56
CA THR D 327 35.91 7.44 -6.20
C THR D 327 36.96 6.55 -6.84
N ARG D 328 37.50 6.92 -8.00
CA ARG D 328 38.50 6.07 -8.64
C ARG D 328 39.85 6.11 -7.94
N LYS D 329 40.11 7.13 -7.13
CA LYS D 329 41.32 7.16 -6.33
C LYS D 329 41.28 6.10 -5.23
N ALA D 330 42.40 5.42 -5.04
CA ALA D 330 42.54 4.54 -3.88
C ALA D 330 42.50 5.34 -2.59
N SER D 331 43.18 6.48 -2.57
CA SER D 331 43.15 7.39 -1.42
C SER D 331 42.15 8.52 -1.67
N ALA D 332 40.88 8.13 -1.76
CA ALA D 332 39.82 9.10 -1.97
C ALA D 332 39.67 10.00 -0.75
N VAL D 333 39.40 11.28 -0.99
CA VAL D 333 39.24 12.23 0.10
C VAL D 333 37.97 11.91 0.87
N LYS D 334 38.09 11.75 2.18
CA LYS D 334 36.99 11.30 3.02
C LYS D 334 36.67 12.33 4.08
N THR D 335 35.47 12.23 4.63
CA THR D 335 35.05 13.10 5.72
C THR D 335 35.68 12.64 7.04
N GLU D 336 35.32 13.34 8.11
CA GLU D 336 35.77 12.93 9.45
C GLU D 336 35.17 11.58 9.83
N SER D 337 34.01 11.23 9.28
CA SER D 337 33.38 9.94 9.51
C SER D 337 33.86 8.87 8.54
N ASN D 338 34.99 9.09 7.89
CA ASN D 338 35.60 8.15 6.95
C ASN D 338 34.74 7.88 5.72
N ARG D 339 33.76 8.73 5.44
CA ARG D 339 32.94 8.56 4.24
C ARG D 339 33.56 9.32 3.08
N PRO D 340 33.85 8.67 1.95
CA PRO D 340 34.43 9.38 0.81
C PRO D 340 33.49 10.46 0.29
N LEU D 341 34.07 11.57 -0.14
CA LEU D 341 33.28 12.70 -0.61
C LEU D 341 32.67 12.39 -1.97
N LYS D 342 31.44 12.88 -2.18
CA LYS D 342 30.74 12.70 -3.44
C LYS D 342 31.22 13.74 -4.44
N SER D 343 31.76 13.28 -5.56
CA SER D 343 32.30 14.17 -6.58
C SER D 343 31.23 14.48 -7.63
N LEU D 344 31.63 15.24 -8.65
CA LEU D 344 30.72 15.54 -9.75
C LEU D 344 30.35 14.28 -10.53
N SER D 345 31.32 13.37 -10.70
CA SER D 345 31.03 12.12 -11.40
C SER D 345 30.05 11.26 -10.62
N ASP D 346 30.13 11.31 -9.29
CA ASP D 346 29.25 10.49 -8.46
C ASP D 346 27.79 10.95 -8.54
N SER D 347 27.55 12.17 -9.02
CA SER D 347 26.18 12.65 -9.17
C SER D 347 25.46 12.01 -10.34
N LEU D 348 26.18 11.30 -11.21
CA LEU D 348 25.59 10.76 -12.43
C LEU D 348 25.33 9.26 -12.37
N LYS D 349 26.32 8.45 -12.00
CA LYS D 349 26.12 7.02 -12.00
C LYS D 349 25.45 6.57 -10.71
N GLY D 350 25.10 5.28 -10.67
CA GLY D 350 24.48 4.68 -9.51
C GLY D 350 22.96 4.83 -9.52
N LYS D 351 22.33 4.03 -8.66
CA LYS D 351 20.88 4.09 -8.52
C LYS D 351 20.42 5.46 -8.04
N GLN D 352 21.28 6.20 -7.35
CA GLN D 352 20.95 7.52 -6.84
C GLN D 352 21.48 8.65 -7.72
N GLY D 353 21.97 8.33 -8.90
CA GLY D 353 22.37 9.37 -9.83
C GLY D 353 21.18 10.04 -10.49
N ARG D 354 21.46 11.09 -11.26
CA ARG D 354 20.38 11.86 -11.86
C ARG D 354 19.53 11.00 -12.79
N PHE D 355 20.18 10.19 -13.62
CA PHE D 355 19.49 9.44 -14.67
C PHE D 355 18.38 8.57 -14.09
N ARG D 356 18.71 7.75 -13.08
CA ARG D 356 17.75 6.79 -12.57
C ARG D 356 16.90 7.33 -11.44
N GLN D 357 17.22 8.51 -10.90
CA GLN D 357 16.49 9.01 -9.75
C GLN D 357 15.55 10.16 -10.09
N ASN D 358 16.02 11.15 -10.86
CA ASN D 358 15.21 12.34 -11.11
C ASN D 358 14.68 12.45 -12.53
N LEU D 359 14.97 11.49 -13.41
CA LEU D 359 14.55 11.57 -14.80
C LEU D 359 13.55 10.48 -15.18
N LEU D 360 13.66 9.30 -14.58
CA LEU D 360 12.76 8.20 -14.96
C LEU D 360 11.46 8.20 -14.15
N GLY D 361 11.39 8.94 -13.05
CA GLY D 361 10.19 9.00 -12.25
C GLY D 361 10.04 10.38 -11.63
N LYS D 362 8.78 10.76 -11.38
CA LYS D 362 8.50 12.09 -10.87
C LYS D 362 7.15 12.10 -10.16
N ARG D 363 6.96 13.12 -9.32
CA ARG D 363 5.68 13.38 -8.70
C ARG D 363 4.94 14.47 -9.47
N VAL D 364 3.62 14.34 -9.56
CA VAL D 364 2.84 15.14 -10.49
C VAL D 364 1.77 15.94 -9.76
N ASP D 365 1.45 17.09 -10.33
CA ASP D 365 0.30 17.88 -9.92
C ASP D 365 -0.97 17.36 -10.58
N TYR D 366 -2.09 17.97 -10.22
CA TYR D 366 -3.41 17.58 -10.72
C TYR D 366 -3.65 16.09 -10.49
N SER D 367 -3.28 15.62 -9.31
CA SER D 367 -3.38 14.21 -8.95
C SER D 367 -4.09 14.07 -7.63
N ALA D 368 -4.55 12.85 -7.35
CA ALA D 368 -5.32 12.56 -6.14
C ALA D 368 -5.25 11.08 -5.83
N ARG D 369 -5.80 10.72 -4.67
CA ARG D 369 -5.74 9.33 -4.20
C ARG D 369 -6.72 9.15 -3.04
N SER D 370 -7.41 8.02 -3.03
CA SER D 370 -8.35 7.69 -1.98
C SER D 370 -8.63 6.19 -2.02
N VAL D 371 -9.56 5.75 -1.16
CA VAL D 371 -9.94 4.34 -1.13
C VAL D 371 -11.02 4.10 -2.18
N ILE D 372 -11.05 2.89 -2.71
CA ILE D 372 -11.97 2.53 -3.79
C ILE D 372 -13.07 1.63 -3.28
N VAL D 373 -14.30 1.93 -3.70
CA VAL D 373 -15.48 1.15 -3.37
C VAL D 373 -16.20 0.78 -4.66
N VAL D 374 -17.06 -0.24 -4.57
CA VAL D 374 -17.68 -0.78 -5.77
C VAL D 374 -18.94 0.01 -6.12
N GLY D 375 -18.93 0.60 -7.32
CA GLY D 375 -20.09 1.23 -7.91
C GLY D 375 -20.84 0.40 -8.94
N PRO D 376 -21.48 -0.70 -8.53
CA PRO D 376 -22.04 -1.63 -9.53
C PRO D 376 -23.13 -1.03 -10.41
N GLU D 377 -23.75 0.08 -10.01
CA GLU D 377 -24.74 0.74 -10.86
C GLU D 377 -24.13 1.56 -11.98
N MET D 378 -22.80 1.71 -12.01
CA MET D 378 -22.17 2.53 -13.02
C MET D 378 -21.93 1.75 -14.31
N LYS D 379 -21.69 2.49 -15.39
CA LYS D 379 -21.34 1.89 -16.67
C LYS D 379 -19.86 1.56 -16.71
N LEU D 380 -19.47 0.83 -17.76
CA LEU D 380 -18.09 0.32 -17.84
C LEU D 380 -17.08 1.46 -17.97
N TYR D 381 -17.46 2.57 -18.58
CA TYR D 381 -16.55 3.69 -18.79
C TYR D 381 -16.70 4.79 -17.75
N GLU D 382 -17.47 4.56 -16.69
CA GLU D 382 -17.72 5.57 -15.68
C GLU D 382 -17.08 5.19 -14.36
N CYS D 383 -16.62 6.21 -13.63
CA CYS D 383 -16.13 6.06 -12.27
C CYS D 383 -16.75 7.13 -11.39
N GLY D 384 -17.03 6.77 -10.14
CA GLY D 384 -17.57 7.72 -9.20
C GLY D 384 -16.47 8.52 -8.53
N LEU D 385 -16.61 9.83 -8.51
CA LEU D 385 -15.56 10.69 -7.98
C LEU D 385 -16.11 11.51 -6.81
N PRO D 386 -15.48 11.44 -5.64
CA PRO D 386 -15.94 12.23 -4.50
C PRO D 386 -15.89 13.73 -4.77
N LYS D 387 -16.77 14.46 -4.09
CA LYS D 387 -16.96 15.88 -4.39
C LYS D 387 -15.72 16.70 -4.08
N ASP D 388 -15.08 16.44 -2.93
CA ASP D 388 -13.88 17.21 -2.58
C ASP D 388 -12.74 16.93 -3.57
N MET D 389 -12.54 15.67 -3.93
CA MET D 389 -11.51 15.32 -4.89
C MET D 389 -11.75 15.98 -6.25
N ALA D 390 -12.98 15.93 -6.74
CA ALA D 390 -13.30 16.56 -8.01
C ALA D 390 -13.13 18.07 -7.94
N ALA D 391 -13.53 18.68 -6.82
CA ALA D 391 -13.42 20.12 -6.68
C ALA D 391 -11.96 20.56 -6.67
N GLU D 392 -11.09 19.80 -6.00
CA GLU D 392 -9.69 20.17 -5.97
C GLU D 392 -9.00 19.91 -7.30
N LEU D 393 -9.29 18.77 -7.93
CA LEU D 393 -8.65 18.44 -9.20
C LEU D 393 -9.08 19.38 -10.31
N TYR D 394 -10.38 19.61 -10.45
CA TYR D 394 -10.93 20.46 -11.49
C TYR D 394 -11.00 21.93 -11.09
N LYS D 395 -10.18 22.34 -10.12
CA LYS D 395 -10.26 23.71 -9.60
C LYS D 395 -10.07 24.78 -10.66
N PRO D 396 -9.06 24.74 -11.54
CA PRO D 396 -8.92 25.83 -12.52
C PRO D 396 -10.03 25.85 -13.56
N PHE D 397 -10.60 24.71 -13.93
CA PHE D 397 -11.75 24.71 -14.84
C PHE D 397 -12.96 25.38 -14.18
N ILE D 398 -13.21 25.07 -12.91
CA ILE D 398 -14.28 25.73 -12.19
C ILE D 398 -14.01 27.23 -12.09
N ILE D 399 -12.75 27.60 -11.90
CA ILE D 399 -12.40 29.02 -11.87
C ILE D 399 -12.72 29.68 -13.21
N ARG D 400 -12.36 29.02 -14.30
CA ARG D 400 -12.64 29.55 -15.63
C ARG D 400 -14.14 29.77 -15.82
N LYS D 401 -14.94 28.78 -15.41
CA LYS D 401 -16.39 28.91 -15.58
C LYS D 401 -16.96 29.99 -14.67
N LEU D 402 -16.37 30.18 -13.48
CA LEU D 402 -16.82 31.26 -12.61
C LEU D 402 -16.54 32.63 -13.22
N ILE D 403 -15.35 32.83 -13.80
CA ILE D 403 -15.08 34.12 -14.45
C ILE D 403 -15.94 34.29 -15.69
N GLU D 404 -16.21 33.21 -16.42
CA GLU D 404 -17.07 33.32 -17.60
C GLU D 404 -18.49 33.71 -17.22
N ARG D 405 -18.99 33.17 -16.10
CA ARG D 405 -20.34 33.48 -15.65
C ARG D 405 -20.47 34.88 -15.06
N GLY D 406 -19.36 35.56 -14.80
CA GLY D 406 -19.40 36.89 -14.25
C GLY D 406 -19.60 36.98 -12.75
N ILE D 407 -19.71 35.85 -12.06
CA ILE D 407 -19.90 35.87 -10.62
C ILE D 407 -18.69 36.48 -9.93
N VAL D 408 -17.49 36.10 -10.36
CA VAL D 408 -16.26 36.60 -9.76
C VAL D 408 -15.33 37.08 -10.87
N LYS D 409 -14.69 38.22 -10.63
CA LYS D 409 -13.79 38.83 -11.60
C LYS D 409 -12.34 38.41 -11.42
N THR D 410 -11.98 37.86 -10.26
CA THR D 410 -10.61 37.49 -9.95
C THR D 410 -10.54 36.03 -9.55
N VAL D 411 -9.35 35.45 -9.74
CA VAL D 411 -9.15 34.04 -9.36
C VAL D 411 -9.23 33.87 -7.86
N LYS D 412 -8.87 34.90 -7.09
CA LYS D 412 -8.94 34.80 -5.64
C LYS D 412 -10.37 34.63 -5.15
N SER D 413 -11.30 35.41 -5.70
CA SER D 413 -12.69 35.27 -5.32
C SER D 413 -13.26 33.93 -5.76
N ALA D 414 -12.83 33.45 -6.93
CA ALA D 414 -13.24 32.12 -7.37
C ALA D 414 -12.75 31.05 -6.42
N LYS D 415 -11.51 31.17 -5.96
CA LYS D 415 -10.97 30.22 -4.99
C LYS D 415 -11.76 30.29 -3.68
N LYS D 416 -12.11 31.50 -3.24
CA LYS D 416 -12.92 31.64 -2.03
C LYS D 416 -14.27 30.95 -2.19
N ILE D 417 -14.91 31.12 -3.34
CA ILE D 417 -16.20 30.48 -3.59
C ILE D 417 -16.05 28.96 -3.60
N ILE D 418 -15.01 28.46 -4.26
CA ILE D 418 -14.82 27.02 -4.35
C ILE D 418 -14.57 26.42 -2.96
N ASP D 419 -13.77 27.11 -2.13
CA ASP D 419 -13.46 26.59 -0.81
C ASP D 419 -14.70 26.51 0.07
N LYS D 420 -15.69 27.38 -0.15
CA LYS D 420 -16.91 27.37 0.64
C LYS D 420 -17.89 26.29 0.20
N LYS D 421 -17.64 25.63 -0.93
CA LYS D 421 -18.44 24.51 -1.41
C LYS D 421 -19.90 24.93 -1.64
N GLU D 422 -20.08 26.02 -2.36
CA GLU D 422 -21.41 26.51 -2.68
C GLU D 422 -22.07 25.64 -3.74
N PRO D 423 -23.41 25.63 -3.81
CA PRO D 423 -24.08 24.79 -4.81
C PRO D 423 -23.73 25.13 -6.25
N VAL D 424 -23.45 26.41 -6.55
CA VAL D 424 -23.06 26.80 -7.90
C VAL D 424 -21.79 26.06 -8.32
N VAL D 425 -20.90 25.81 -7.36
CA VAL D 425 -19.68 25.05 -7.66
C VAL D 425 -20.05 23.66 -8.16
N TRP D 426 -21.01 23.00 -7.51
CA TRP D 426 -21.42 21.67 -7.95
C TRP D 426 -22.12 21.73 -9.30
N ASP D 427 -22.94 22.76 -9.51
CA ASP D 427 -23.62 22.90 -10.80
C ASP D 427 -22.62 23.04 -11.94
N ILE D 428 -21.56 23.82 -11.72
CA ILE D 428 -20.52 23.97 -12.74
C ILE D 428 -19.71 22.69 -12.89
N LEU D 429 -19.38 22.03 -11.77
CA LEU D 429 -18.54 20.85 -11.81
C LEU D 429 -19.24 19.70 -12.53
N GLU D 430 -20.57 19.64 -12.44
CA GLU D 430 -21.31 18.60 -13.15
C GLU D 430 -21.11 18.72 -14.65
N ASN D 431 -21.14 19.94 -15.18
CA ASN D 431 -20.87 20.15 -16.60
C ASN D 431 -19.40 19.97 -16.94
N VAL D 432 -18.51 20.38 -16.03
CA VAL D 432 -17.07 20.29 -16.31
C VAL D 432 -16.63 18.84 -16.39
N LEU D 433 -17.21 17.97 -15.55
CA LEU D 433 -16.84 16.56 -15.57
C LEU D 433 -17.17 15.90 -16.89
N LYS D 434 -18.18 16.40 -17.60
CA LYS D 434 -18.63 15.76 -18.83
C LYS D 434 -17.59 15.94 -19.92
N GLY D 435 -17.21 14.82 -20.55
CA GLY D 435 -16.26 14.86 -21.63
C GLY D 435 -14.81 15.04 -21.22
N HIS D 436 -14.50 14.96 -19.93
CA HIS D 436 -13.14 15.15 -19.42
C HIS D 436 -12.78 13.97 -18.53
N PRO D 437 -12.37 12.86 -19.12
CA PRO D 437 -12.09 11.66 -18.31
C PRO D 437 -10.84 11.83 -17.44
N VAL D 438 -10.81 11.06 -16.36
CA VAL D 438 -9.65 10.97 -15.49
C VAL D 438 -9.00 9.62 -15.70
N LEU D 439 -7.79 9.48 -15.18
CA LEU D 439 -7.02 8.26 -15.32
C LEU D 439 -6.84 7.60 -13.96
N LEU D 440 -7.23 6.34 -13.85
CA LEU D 440 -7.17 5.60 -12.61
C LEU D 440 -6.00 4.62 -12.65
N ASN D 441 -5.15 4.67 -11.63
CA ASN D 441 -3.95 3.86 -11.56
C ASN D 441 -3.83 3.22 -10.20
N ARG D 442 -3.54 1.92 -10.16
CA ARG D 442 -3.25 1.20 -8.93
C ARG D 442 -1.84 0.64 -8.99
N ALA D 443 -1.04 0.96 -7.98
CA ALA D 443 0.30 0.38 -7.96
C ALA D 443 0.25 -1.04 -7.39
N PRO D 444 1.08 -1.96 -7.90
CA PRO D 444 2.02 -1.80 -9.01
C PRO D 444 1.32 -1.85 -10.37
N THR D 445 1.83 -1.10 -11.35
CA THR D 445 1.26 -1.11 -12.70
C THR D 445 2.04 -2.12 -13.54
N LEU D 446 1.59 -3.37 -13.46
CA LEU D 446 2.30 -4.46 -14.11
C LEU D 446 2.06 -4.48 -15.61
N HIS D 447 0.88 -4.08 -16.07
CA HIS D 447 0.58 -3.99 -17.48
C HIS D 447 -0.10 -2.65 -17.75
N ARG D 448 -0.28 -2.34 -19.04
CA ARG D 448 -0.81 -1.04 -19.42
C ARG D 448 -2.25 -0.84 -18.94
N LEU D 449 -2.97 -1.93 -18.70
CA LEU D 449 -4.32 -1.82 -18.15
C LEU D 449 -4.32 -1.33 -16.71
N GLY D 450 -3.15 -1.26 -16.06
CA GLY D 450 -3.05 -0.65 -14.74
C GLY D 450 -3.34 0.83 -14.72
N ILE D 451 -3.42 1.47 -15.87
CA ILE D 451 -3.88 2.85 -16.00
C ILE D 451 -5.01 2.85 -17.04
N GLN D 452 -6.20 3.27 -16.62
CA GLN D 452 -7.35 3.30 -17.51
C GLN D 452 -8.09 4.63 -17.35
N ALA D 453 -8.77 5.03 -18.42
CA ALA D 453 -9.52 6.27 -18.43
C ALA D 453 -10.99 6.00 -18.19
N PHE D 454 -11.58 6.78 -17.27
CA PHE D 454 -12.98 6.64 -16.90
C PHE D 454 -13.64 8.02 -16.95
N GLN D 455 -14.93 8.02 -17.27
CA GLN D 455 -15.70 9.26 -17.22
C GLN D 455 -16.16 9.52 -15.79
N PRO D 456 -15.71 10.60 -15.15
CA PRO D 456 -16.02 10.80 -13.73
C PRO D 456 -17.47 11.20 -13.51
N LYS D 457 -18.00 10.80 -12.35
CA LYS D 457 -19.32 11.20 -11.89
C LYS D 457 -19.22 11.64 -10.43
N LEU D 458 -19.92 12.73 -10.10
CA LEU D 458 -19.92 13.20 -8.72
C LEU D 458 -20.72 12.24 -7.85
N ILE D 459 -20.16 11.91 -6.67
CA ILE D 459 -20.80 11.02 -5.72
C ILE D 459 -20.66 11.60 -4.32
N GLU D 460 -21.36 10.97 -3.37
CA GLU D 460 -21.24 11.34 -1.97
C GLU D 460 -20.22 10.44 -1.28
N GLY D 461 -19.52 11.02 -0.30
CA GLY D 461 -18.53 10.31 0.46
C GLY D 461 -17.11 10.71 0.09
N LYS D 462 -16.17 9.92 0.60
CA LYS D 462 -14.76 10.16 0.35
C LYS D 462 -14.05 8.98 -0.30
N ALA D 463 -14.78 8.04 -0.89
CA ALA D 463 -14.19 6.90 -1.56
C ALA D 463 -14.50 6.94 -3.05
N ILE D 464 -13.54 6.51 -3.87
CA ILE D 464 -13.70 6.48 -5.31
C ILE D 464 -14.49 5.24 -5.70
N ARG D 465 -15.50 5.41 -6.54
CA ARG D 465 -16.30 4.28 -7.00
C ARG D 465 -15.71 3.69 -8.27
N LEU D 466 -15.46 2.39 -8.26
CA LEU D 466 -14.88 1.68 -9.38
C LEU D 466 -15.88 0.68 -9.95
N HIS D 467 -15.88 0.54 -11.26
CA HIS D 467 -16.71 -0.46 -11.91
C HIS D 467 -16.15 -1.84 -11.63
N PRO D 468 -16.99 -2.82 -11.32
CA PRO D 468 -16.48 -4.16 -10.97
C PRO D 468 -15.68 -4.83 -12.06
N LEU D 469 -15.96 -4.54 -13.33
CA LEU D 469 -15.28 -5.24 -14.42
C LEU D 469 -13.83 -4.77 -14.60
N ALA D 470 -13.47 -3.61 -14.06
CA ALA D 470 -12.09 -3.14 -14.15
C ALA D 470 -11.20 -3.74 -13.06
N CYS D 471 -11.78 -4.46 -12.10
CA CYS D 471 -11.01 -4.98 -10.98
C CYS D 471 -9.99 -6.00 -11.46
N THR D 472 -10.38 -6.88 -12.39
CA THR D 472 -9.45 -7.90 -12.86
C THR D 472 -8.24 -7.27 -13.55
N ALA D 473 -8.47 -6.24 -14.36
CA ALA D 473 -7.37 -5.54 -15.00
C ALA D 473 -6.50 -4.83 -13.97
N PHE D 474 -7.12 -4.19 -12.98
CA PHE D 474 -6.39 -3.46 -11.95
C PHE D 474 -5.86 -4.36 -10.84
N ASN D 475 -6.29 -5.62 -10.78
CA ASN D 475 -5.98 -6.50 -9.66
C ASN D 475 -6.38 -5.87 -8.33
N ALA D 476 -7.54 -5.20 -8.32
CA ALA D 476 -7.99 -4.42 -7.19
C ALA D 476 -9.22 -5.07 -6.56
N ASP D 477 -9.14 -5.31 -5.26
CA ASP D 477 -10.29 -5.72 -4.46
C ASP D 477 -10.67 -4.57 -3.52
N PHE D 478 -11.73 -4.77 -2.77
CA PHE D 478 -12.29 -3.73 -1.90
C PHE D 478 -12.06 -4.07 -0.42
N ASP D 479 -10.87 -4.58 -0.11
CA ASP D 479 -10.48 -4.87 1.25
C ASP D 479 -9.57 -3.80 1.85
N GLY D 480 -9.48 -2.63 1.20
CA GLY D 480 -8.66 -1.55 1.71
C GLY D 480 -7.73 -0.96 0.67
N ASP D 481 -7.89 -1.39 -0.58
CA ASP D 481 -7.01 -0.92 -1.65
C ASP D 481 -7.25 0.56 -1.94
N GLN D 482 -6.21 1.21 -2.45
CA GLN D 482 -6.27 2.62 -2.85
C GLN D 482 -5.79 2.75 -4.28
N MET D 483 -6.28 3.78 -4.96
CA MET D 483 -5.90 4.06 -6.33
C MET D 483 -5.60 5.55 -6.51
N ALA D 484 -4.66 5.84 -7.40
CA ALA D 484 -4.30 7.21 -7.71
C ALA D 484 -5.13 7.72 -8.88
N VAL D 485 -5.50 9.00 -8.81
CA VAL D 485 -6.30 9.65 -9.83
C VAL D 485 -5.44 10.68 -10.53
N HIS D 486 -5.34 10.60 -11.85
CA HIS D 486 -4.56 11.52 -12.64
C HIS D 486 -5.46 12.21 -13.66
N LEU D 487 -5.33 13.54 -13.74
CA LEU D 487 -6.21 14.34 -14.58
C LEU D 487 -5.47 14.87 -15.79
N PRO D 488 -5.78 14.39 -16.99
CA PRO D 488 -5.23 15.03 -18.20
C PRO D 488 -5.78 16.43 -18.38
N LEU D 489 -4.96 17.30 -18.98
CA LEU D 489 -5.32 18.70 -19.14
C LEU D 489 -5.57 19.11 -20.59
N GLY D 490 -4.62 18.85 -21.48
CA GLY D 490 -4.72 19.29 -22.85
C GLY D 490 -5.68 18.46 -23.68
N PRO D 491 -6.18 19.03 -24.78
CA PRO D 491 -7.08 18.27 -25.66
C PRO D 491 -6.45 17.02 -26.24
N GLU D 492 -5.15 17.06 -26.56
CA GLU D 492 -4.47 15.86 -27.02
C GLU D 492 -4.50 14.77 -25.98
N ALA D 493 -4.25 15.11 -24.72
CA ALA D 493 -4.28 14.12 -23.65
C ALA D 493 -5.69 13.57 -23.44
N ILE D 494 -6.70 14.43 -23.50
CA ILE D 494 -8.08 13.98 -23.30
C ILE D 494 -8.50 13.04 -24.41
N LEU D 495 -8.19 13.38 -25.67
CA LEU D 495 -8.51 12.50 -26.78
C LEU D 495 -7.73 11.19 -26.67
N GLU D 496 -6.47 11.27 -26.27
CA GLU D 496 -5.66 10.08 -26.06
C GLU D 496 -6.32 9.14 -25.06
N ALA D 497 -6.74 9.67 -23.92
CA ALA D 497 -7.41 8.86 -22.92
C ALA D 497 -8.70 8.26 -23.46
N GLN D 498 -9.54 9.09 -24.09
CA GLN D 498 -10.84 8.62 -24.54
C GLN D 498 -10.71 7.53 -25.60
N LEU D 499 -9.70 7.63 -26.48
CA LEU D 499 -9.63 6.75 -27.64
C LEU D 499 -8.67 5.58 -27.44
N LEU D 500 -7.80 5.60 -26.44
CA LEU D 500 -6.92 4.46 -26.20
C LEU D 500 -7.06 3.87 -24.81
N MET D 501 -7.27 4.70 -23.78
CA MET D 501 -7.23 4.23 -22.41
C MET D 501 -8.61 4.10 -21.77
N LEU D 502 -9.69 4.36 -22.50
CA LEU D 502 -11.02 4.21 -21.94
C LEU D 502 -11.28 2.75 -21.60
N ALA D 503 -11.95 2.52 -20.47
CA ALA D 503 -12.17 1.16 -20.00
C ALA D 503 -13.02 0.36 -20.98
N SER D 504 -14.01 1.01 -21.60
CA SER D 504 -14.84 0.32 -22.58
C SER D 504 -14.04 -0.12 -23.80
N GLN D 505 -13.01 0.62 -24.18
CA GLN D 505 -12.13 0.22 -25.28
C GLN D 505 -11.13 -0.85 -24.87
N ASN D 506 -10.84 -0.99 -23.57
CA ASN D 506 -9.90 -2.00 -23.11
C ASN D 506 -10.63 -3.26 -22.64
N ILE D 507 -11.32 -3.93 -23.56
CA ILE D 507 -11.97 -5.20 -23.25
C ILE D 507 -10.98 -6.35 -23.33
N LEU D 508 -9.98 -6.24 -24.20
CA LEU D 508 -9.10 -7.35 -24.54
C LEU D 508 -7.83 -7.31 -23.71
N ASN D 509 -7.26 -8.49 -23.46
CA ASN D 509 -5.95 -8.58 -22.83
C ASN D 509 -4.87 -8.43 -23.89
N PRO D 510 -3.99 -7.43 -23.80
CA PRO D 510 -2.93 -7.29 -24.81
C PRO D 510 -2.00 -8.48 -24.88
N ALA D 511 -1.88 -9.26 -23.81
CA ALA D 511 -0.99 -10.41 -23.82
C ALA D 511 -1.46 -11.49 -24.81
N ASN D 512 -2.76 -11.75 -24.86
CA ASN D 512 -3.27 -12.85 -25.67
C ASN D 512 -4.47 -12.50 -26.52
N GLY D 513 -5.08 -11.33 -26.34
CA GLY D 513 -6.27 -10.98 -27.10
C GLY D 513 -7.57 -11.51 -26.52
N SER D 514 -7.52 -12.25 -25.42
CA SER D 514 -8.73 -12.71 -24.76
C SER D 514 -9.37 -11.58 -23.96
N PRO D 515 -10.70 -11.60 -23.80
CA PRO D 515 -11.35 -10.54 -23.03
C PRO D 515 -10.88 -10.54 -21.59
N ILE D 516 -10.66 -9.33 -21.05
CA ILE D 516 -10.26 -9.19 -19.66
C ILE D 516 -11.38 -8.60 -18.80
N THR D 517 -12.37 -7.95 -19.40
CA THR D 517 -13.52 -7.46 -18.67
C THR D 517 -14.60 -8.53 -18.61
N VAL D 518 -14.26 -9.69 -18.06
CA VAL D 518 -15.20 -10.80 -17.91
C VAL D 518 -15.89 -10.66 -16.56
N PRO D 519 -17.19 -10.92 -16.49
CA PRO D 519 -17.87 -10.91 -15.18
C PRO D 519 -17.27 -11.93 -14.24
N SER D 520 -17.34 -11.63 -12.94
CA SER D 520 -16.74 -12.48 -11.92
C SER D 520 -17.60 -12.47 -10.65
N GLN D 521 -17.43 -13.53 -9.86
CA GLN D 521 -18.08 -13.68 -8.56
C GLN D 521 -19.59 -13.51 -8.62
N ASP D 522 -20.11 -12.41 -8.09
CA ASP D 522 -21.56 -12.21 -8.02
C ASP D 522 -22.20 -12.32 -9.39
N MET D 523 -21.58 -11.68 -10.40
CA MET D 523 -22.15 -11.69 -11.74
C MET D 523 -22.21 -13.10 -12.32
N VAL D 524 -21.10 -13.84 -12.21
CA VAL D 524 -21.05 -15.18 -12.77
C VAL D 524 -22.02 -16.10 -12.04
N LEU D 525 -22.08 -15.99 -10.71
CA LEU D 525 -23.01 -16.82 -9.95
C LEU D 525 -24.45 -16.52 -10.34
N GLY D 526 -24.80 -15.24 -10.49
CA GLY D 526 -26.16 -14.89 -10.88
C GLY D 526 -26.50 -15.37 -12.29
N LEU D 527 -25.59 -15.18 -13.24
CA LEU D 527 -25.83 -15.63 -14.60
C LEU D 527 -25.98 -17.16 -14.66
N TYR D 528 -25.13 -17.87 -13.91
CA TYR D 528 -25.21 -19.33 -13.84
C TYR D 528 -26.54 -19.77 -13.23
N TYR D 529 -26.97 -19.08 -12.17
CA TYR D 529 -28.24 -19.42 -11.52
C TYR D 529 -29.41 -19.19 -12.46
N MET D 530 -29.38 -18.09 -13.22
CA MET D 530 -30.48 -17.79 -14.12
C MET D 530 -30.51 -18.73 -15.31
N THR D 531 -29.35 -19.10 -15.84
CA THR D 531 -29.28 -19.91 -17.05
C THR D 531 -29.30 -21.40 -16.77
N LYS D 532 -29.31 -21.83 -15.51
CA LYS D 532 -29.37 -23.25 -15.20
C LYS D 532 -30.79 -23.77 -15.35
N GLU D 533 -30.91 -25.04 -15.71
CA GLU D 533 -32.21 -25.66 -15.93
C GLU D 533 -32.64 -26.47 -14.70
N LYS D 534 -33.95 -26.51 -14.46
CA LYS D 534 -34.53 -27.32 -13.40
C LYS D 534 -35.64 -28.18 -13.99
N ARG D 535 -35.61 -29.46 -13.67
CA ARG D 535 -36.59 -30.41 -14.18
C ARG D 535 -37.67 -30.67 -13.13
N SER D 536 -38.88 -30.96 -13.61
CA SER D 536 -40.01 -31.15 -12.72
C SER D 536 -39.91 -32.46 -11.97
N THR D 537 -40.27 -32.43 -10.69
CA THR D 537 -40.37 -33.59 -9.83
C THR D 537 -41.70 -33.56 -9.09
N PRO D 538 -42.23 -34.72 -8.69
CA PRO D 538 -43.51 -34.72 -7.97
C PRO D 538 -43.50 -33.88 -6.71
N GLU D 539 -42.38 -33.82 -6.00
CA GLU D 539 -42.30 -32.99 -4.80
C GLU D 539 -42.21 -31.51 -5.14
N GLU D 540 -41.45 -31.15 -6.18
CA GLU D 540 -41.23 -29.75 -6.54
C GLU D 540 -41.53 -29.56 -8.03
N PRO D 541 -42.80 -29.51 -8.42
CA PRO D 541 -43.14 -29.25 -9.83
C PRO D 541 -42.60 -27.91 -10.28
N VAL D 542 -42.18 -27.85 -11.54
CA VAL D 542 -41.65 -26.62 -12.14
C VAL D 542 -42.74 -25.98 -12.98
N ILE D 543 -43.04 -24.71 -12.71
CA ILE D 543 -44.13 -24.03 -13.37
C ILE D 543 -43.75 -23.70 -14.81
N GLY D 544 -44.62 -24.04 -15.75
CA GLY D 544 -44.43 -23.66 -17.13
C GLY D 544 -43.56 -24.58 -17.95
N GLU D 545 -43.24 -25.77 -17.47
CA GLU D 545 -42.38 -26.67 -18.22
C GLU D 545 -43.12 -27.25 -19.42
N GLY D 546 -42.44 -27.29 -20.56
CA GLY D 546 -42.99 -27.86 -21.77
C GLY D 546 -43.77 -26.90 -22.65
N LEU D 547 -44.00 -25.67 -22.19
CA LEU D 547 -44.77 -24.71 -22.97
C LEU D 547 -43.99 -24.28 -24.22
N THR D 548 -44.73 -23.91 -25.25
CA THR D 548 -44.16 -23.37 -26.48
C THR D 548 -44.50 -21.90 -26.57
N PHE D 549 -43.58 -21.11 -27.13
CA PHE D 549 -43.73 -19.67 -27.20
C PHE D 549 -43.38 -19.18 -28.60
N TYR D 550 -44.07 -18.12 -29.03
CA TYR D 550 -43.83 -17.60 -30.38
C TYR D 550 -42.55 -16.79 -30.46
N SER D 551 -42.14 -16.15 -29.37
CA SER D 551 -40.89 -15.40 -29.34
C SER D 551 -40.50 -15.16 -27.89
N SER D 552 -39.43 -14.39 -27.70
CA SER D 552 -39.01 -14.02 -26.35
C SER D 552 -40.05 -13.11 -25.69
N GLU D 553 -40.90 -12.47 -26.48
CA GLU D 553 -41.93 -11.58 -25.92
C GLU D 553 -42.90 -12.36 -25.05
N GLU D 554 -43.40 -13.50 -25.55
CA GLU D 554 -44.33 -14.30 -24.76
C GLU D 554 -43.63 -14.93 -23.57
N VAL D 555 -42.35 -15.28 -23.70
CA VAL D 555 -41.60 -15.81 -22.57
C VAL D 555 -41.50 -14.75 -21.47
N GLU D 556 -41.19 -13.51 -21.85
CA GLU D 556 -41.13 -12.43 -20.87
C GLU D 556 -42.50 -12.19 -20.24
N ILE D 557 -43.56 -12.25 -21.04
CA ILE D 557 -44.91 -12.07 -20.50
C ILE D 557 -45.23 -13.14 -19.47
N ALA D 558 -44.92 -14.39 -19.79
CA ALA D 558 -45.20 -15.49 -18.86
C ALA D 558 -44.35 -15.38 -17.60
N PHE D 559 -43.08 -15.03 -17.75
CA PHE D 559 -42.21 -14.88 -16.57
C PHE D 559 -42.69 -13.76 -15.67
N ASN D 560 -43.08 -12.63 -16.25
CA ASN D 560 -43.57 -11.52 -15.45
C ASN D 560 -44.91 -11.86 -14.80
N GLU D 561 -45.70 -12.71 -15.45
CA GLU D 561 -46.97 -13.16 -14.89
C GLU D 561 -46.80 -14.29 -13.89
N ARG D 562 -45.56 -14.75 -13.68
CA ARG D 562 -45.26 -15.86 -12.78
C ARG D 562 -45.97 -17.15 -13.21
N LYS D 563 -46.25 -17.28 -14.50
CA LYS D 563 -46.84 -18.49 -15.05
C LYS D 563 -45.79 -19.46 -15.58
N VAL D 564 -44.51 -19.14 -15.45
CA VAL D 564 -43.42 -20.02 -15.85
C VAL D 564 -42.24 -19.75 -14.94
N ALA D 565 -41.50 -20.81 -14.61
CA ALA D 565 -40.34 -20.69 -13.75
C ALA D 565 -39.15 -20.16 -14.52
N LEU D 566 -38.19 -19.57 -13.80
CA LEU D 566 -36.98 -19.05 -14.43
C LEU D 566 -36.13 -20.17 -15.00
N ASN D 567 -36.12 -21.33 -14.35
CA ASN D 567 -35.29 -22.46 -14.76
C ASN D 567 -36.08 -23.52 -15.52
N ALA D 568 -37.29 -23.20 -15.96
CA ALA D 568 -38.13 -24.17 -16.65
C ALA D 568 -37.61 -24.43 -18.05
N ILE D 569 -37.71 -25.69 -18.49
CA ILE D 569 -37.35 -26.07 -19.85
C ILE D 569 -38.53 -25.77 -20.77
N ILE D 570 -38.33 -24.86 -21.72
CA ILE D 570 -39.40 -24.37 -22.58
C ILE D 570 -38.94 -24.46 -24.03
N LYS D 571 -39.89 -24.23 -24.94
CA LYS D 571 -39.63 -24.13 -26.37
C LYS D 571 -40.02 -22.74 -26.86
N VAL D 572 -39.13 -22.12 -27.61
CA VAL D 572 -39.33 -20.77 -28.13
C VAL D 572 -38.94 -20.73 -29.59
N ARG D 573 -39.50 -19.78 -30.33
CA ARG D 573 -39.14 -19.57 -31.73
C ARG D 573 -38.37 -18.26 -31.86
N THR D 574 -37.14 -18.34 -32.34
CA THR D 574 -36.31 -17.16 -32.49
C THR D 574 -35.22 -17.44 -33.52
N LYS D 575 -34.46 -16.40 -33.85
CA LYS D 575 -33.40 -16.50 -34.85
C LYS D 575 -32.23 -17.33 -34.33
N ASP D 576 -31.72 -18.21 -35.17
CA ASP D 576 -30.52 -18.96 -34.86
C ASP D 576 -29.86 -19.38 -36.18
N PHE D 577 -28.55 -19.56 -36.13
CA PHE D 577 -27.81 -19.96 -37.33
C PHE D 577 -28.19 -21.37 -37.74
N ASN D 578 -28.36 -21.56 -39.05
CA ASN D 578 -28.57 -22.89 -39.60
C ASN D 578 -27.23 -23.51 -39.99
N GLU D 579 -27.28 -24.70 -40.60
CA GLU D 579 -26.06 -25.38 -40.99
C GLU D 579 -25.29 -24.64 -42.08
N ALA D 580 -25.95 -23.75 -42.81
CA ALA D 580 -25.29 -22.97 -43.85
C ALA D 580 -24.74 -21.65 -43.34
N GLY D 581 -25.03 -21.29 -42.10
CA GLY D 581 -24.58 -20.03 -41.55
C GLY D 581 -25.53 -18.86 -41.73
N GLU D 582 -26.79 -19.12 -42.07
CA GLU D 582 -27.78 -18.08 -42.28
C GLU D 582 -28.71 -17.98 -41.07
N LEU D 583 -29.39 -16.84 -40.96
CA LEU D 583 -30.23 -16.51 -39.82
C LEU D 583 -31.68 -16.88 -40.13
N VAL D 584 -32.18 -17.94 -39.50
CA VAL D 584 -33.53 -18.42 -39.74
C VAL D 584 -34.25 -18.65 -38.42
N ASN D 585 -35.58 -18.66 -38.48
CA ASN D 585 -36.41 -18.96 -37.31
C ASN D 585 -36.56 -20.46 -37.17
N LYS D 586 -36.43 -20.95 -35.94
CA LYS D 586 -36.70 -22.35 -35.65
C LYS D 586 -37.05 -22.49 -34.18
N ILE D 587 -37.79 -23.55 -33.86
CA ILE D 587 -38.21 -23.84 -32.49
C ILE D 587 -37.05 -24.57 -31.80
N ILE D 588 -36.54 -23.97 -30.73
CA ILE D 588 -35.39 -24.51 -30.01
C ILE D 588 -35.76 -24.68 -28.55
N GLU D 589 -35.41 -25.83 -27.99
CA GLU D 589 -35.65 -26.12 -26.58
C GLU D 589 -34.64 -25.34 -25.74
N THR D 590 -35.12 -24.56 -24.78
CA THR D 590 -34.28 -23.65 -24.03
C THR D 590 -34.85 -23.46 -22.63
N THR D 591 -34.33 -22.46 -21.93
CA THR D 591 -34.73 -22.12 -20.57
C THR D 591 -35.11 -20.64 -20.54
N VAL D 592 -36.10 -20.31 -19.69
CA VAL D 592 -36.59 -18.94 -19.61
C VAL D 592 -35.45 -17.98 -19.27
N GLY D 593 -34.59 -18.37 -18.32
CA GLY D 593 -33.45 -17.55 -18.00
C GLY D 593 -32.51 -17.36 -19.17
N ARG D 594 -32.32 -18.42 -19.97
CA ARG D 594 -31.49 -18.30 -21.16
C ARG D 594 -32.12 -17.37 -22.19
N VAL D 595 -33.45 -17.41 -22.32
CA VAL D 595 -34.13 -16.48 -23.22
C VAL D 595 -33.92 -15.04 -22.76
N LEU D 596 -34.08 -14.81 -21.45
CA LEU D 596 -33.87 -13.46 -20.92
C LEU D 596 -32.44 -13.01 -21.13
N PHE D 597 -31.48 -13.92 -20.98
CA PHE D 597 -30.08 -13.58 -21.25
C PHE D 597 -29.87 -13.23 -22.71
N ASN D 598 -30.51 -13.97 -23.61
CA ASN D 598 -30.38 -13.71 -25.04
C ASN D 598 -31.11 -12.44 -25.47
N THR D 599 -32.03 -11.93 -24.66
CA THR D 599 -32.69 -10.67 -25.02
C THR D 599 -31.72 -9.51 -25.12
N VAL D 600 -30.61 -9.54 -24.39
CA VAL D 600 -29.60 -8.49 -24.47
C VAL D 600 -28.41 -8.88 -25.32
N VAL D 601 -28.29 -10.13 -25.73
CA VAL D 601 -27.21 -10.58 -26.60
C VAL D 601 -27.38 -9.90 -27.96
N PRO D 602 -26.31 -9.39 -28.57
CA PRO D 602 -26.42 -8.84 -29.92
C PRO D 602 -26.92 -9.89 -30.89
N GLU D 603 -27.68 -9.45 -31.90
CA GLU D 603 -28.38 -10.39 -32.77
C GLU D 603 -27.39 -11.24 -33.53
N GLN D 604 -26.35 -10.63 -34.11
CA GLN D 604 -25.45 -11.31 -35.02
C GLN D 604 -24.75 -12.51 -34.39
N ALA D 605 -24.79 -12.64 -33.06
CA ALA D 605 -24.14 -13.75 -32.39
C ALA D 605 -24.98 -15.01 -32.37
N GLY D 606 -26.20 -14.98 -32.90
CA GLY D 606 -27.04 -16.14 -32.87
C GLY D 606 -27.76 -16.29 -31.54
N TYR D 607 -27.99 -17.55 -31.16
CA TYR D 607 -28.65 -17.88 -29.91
C TYR D 607 -27.66 -18.62 -29.01
N ILE D 608 -27.55 -18.17 -27.76
CA ILE D 608 -26.64 -18.78 -26.80
C ILE D 608 -27.47 -19.66 -25.87
N ASN D 609 -27.25 -20.97 -25.95
CA ASN D 609 -28.11 -21.93 -25.26
C ASN D 609 -27.31 -22.88 -24.38
N THR D 610 -26.40 -22.35 -23.59
CA THR D 610 -25.61 -23.15 -22.66
C THR D 610 -25.62 -22.49 -21.28
N VAL D 611 -25.38 -23.30 -20.25
CA VAL D 611 -25.30 -22.78 -18.90
C VAL D 611 -24.06 -21.90 -18.79
N LEU D 612 -24.25 -20.69 -18.27
CA LEU D 612 -23.20 -19.68 -18.31
C LEU D 612 -22.25 -19.86 -17.13
N ASN D 613 -20.97 -20.03 -17.44
CA ASN D 613 -19.89 -19.95 -16.49
C ASN D 613 -18.85 -18.95 -17.00
N LYS D 614 -17.79 -18.76 -16.21
CA LYS D 614 -16.79 -17.74 -16.55
C LYS D 614 -16.10 -18.04 -17.87
N LYS D 615 -15.74 -19.30 -18.10
CA LYS D 615 -15.08 -19.68 -19.35
C LYS D 615 -15.99 -19.49 -20.55
N SER D 616 -17.21 -20.00 -20.47
CA SER D 616 -18.17 -19.83 -21.55
C SER D 616 -18.48 -18.35 -21.75
N LEU D 617 -18.56 -17.58 -20.67
CA LEU D 617 -18.82 -16.15 -20.80
C LEU D 617 -17.68 -15.45 -21.54
N ARG D 618 -16.43 -15.81 -21.22
CA ARG D 618 -15.30 -15.23 -21.93
C ARG D 618 -15.34 -15.58 -23.41
N ASN D 619 -15.65 -16.84 -23.73
CA ASN D 619 -15.75 -17.24 -25.13
C ASN D 619 -16.88 -16.49 -25.83
N ILE D 620 -18.01 -16.30 -25.14
CA ILE D 620 -19.14 -15.60 -25.74
C ILE D 620 -18.80 -14.14 -26.02
N ILE D 621 -18.14 -13.47 -25.07
CA ILE D 621 -17.74 -12.09 -25.29
C ILE D 621 -16.75 -12.00 -26.44
N GLY D 622 -15.81 -12.93 -26.51
CA GLY D 622 -14.88 -12.95 -27.64
C GLY D 622 -15.58 -13.10 -28.97
N ASP D 623 -16.54 -14.03 -29.05
CA ASP D 623 -17.28 -14.23 -30.30
C ASP D 623 -18.10 -12.99 -30.65
N ILE D 624 -18.75 -12.39 -29.66
CA ILE D 624 -19.59 -11.22 -29.92
C ILE D 624 -18.74 -10.07 -30.43
N LEU D 625 -17.56 -9.86 -29.83
CA LEU D 625 -16.66 -8.83 -30.34
C LEU D 625 -16.11 -9.20 -31.72
N ALA D 626 -15.99 -10.50 -32.00
CA ALA D 626 -15.56 -10.91 -33.34
C ALA D 626 -16.58 -10.54 -34.39
N VAL D 627 -17.87 -10.71 -34.10
CA VAL D 627 -18.90 -10.43 -35.08
C VAL D 627 -19.41 -8.99 -35.04
N THR D 628 -19.17 -8.26 -33.94
CA THR D 628 -19.69 -6.91 -33.81
C THR D 628 -18.57 -5.94 -33.45
N ASP D 629 -18.91 -4.70 -33.10
CA ASP D 629 -17.93 -3.69 -32.75
C ASP D 629 -17.83 -3.59 -31.23
N VAL D 630 -16.84 -2.83 -30.76
CA VAL D 630 -16.53 -2.67 -29.35
C VAL D 630 -17.70 -2.06 -28.57
N PRO D 631 -18.34 -0.98 -29.02
CA PRO D 631 -19.43 -0.40 -28.23
C PRO D 631 -20.57 -1.38 -27.95
N THR D 632 -20.92 -2.21 -28.93
CA THR D 632 -21.97 -3.20 -28.71
C THR D 632 -21.56 -4.21 -27.66
N THR D 633 -20.30 -4.64 -27.68
CA THR D 633 -19.80 -5.57 -26.68
C THR D 633 -19.80 -4.93 -25.29
N ALA D 634 -19.45 -3.64 -25.21
CA ALA D 634 -19.49 -2.94 -23.92
C ALA D 634 -20.91 -2.86 -23.38
N ASP D 635 -21.87 -2.54 -24.25
CA ASP D 635 -23.27 -2.51 -23.82
C ASP D 635 -23.73 -3.90 -23.38
N PHE D 636 -23.31 -4.94 -24.10
CA PHE D 636 -23.63 -6.30 -23.70
C PHE D 636 -23.06 -6.63 -22.34
N LEU D 637 -21.81 -6.22 -22.09
CA LEU D 637 -21.18 -6.46 -20.80
C LEU D 637 -21.94 -5.76 -19.67
N ASP D 638 -22.34 -4.50 -19.90
CA ASP D 638 -23.11 -3.78 -18.88
C ASP D 638 -24.43 -4.48 -18.60
N LYS D 639 -25.15 -4.88 -19.64
CA LYS D 639 -26.44 -5.53 -19.46
C LYS D 639 -26.30 -6.86 -18.72
N ILE D 640 -25.31 -7.67 -19.11
CA ILE D 640 -25.15 -8.97 -18.44
C ILE D 640 -24.66 -8.78 -17.01
N LYS D 641 -23.87 -7.74 -16.74
CA LYS D 641 -23.48 -7.45 -15.38
C LYS D 641 -24.70 -7.15 -14.52
N THR D 642 -25.57 -6.26 -15.01
CA THR D 642 -26.76 -5.91 -14.26
C THR D 642 -27.66 -7.14 -14.07
N MET D 643 -27.82 -7.94 -15.12
CA MET D 643 -28.66 -9.14 -15.02
C MET D 643 -28.12 -10.13 -14.01
N GLY D 644 -26.80 -10.38 -14.04
CA GLY D 644 -26.21 -11.30 -13.09
C GLY D 644 -26.33 -10.82 -11.66
N TYR D 645 -26.08 -9.52 -11.44
CA TYR D 645 -26.22 -8.97 -10.10
C TYR D 645 -27.67 -9.10 -9.61
N GLU D 646 -28.63 -8.76 -10.47
CA GLU D 646 -30.03 -8.81 -10.07
C GLU D 646 -30.48 -10.24 -9.76
N PHE D 647 -30.08 -11.20 -10.59
CA PHE D 647 -30.55 -12.57 -10.39
C PHE D 647 -29.76 -13.29 -9.30
N ALA D 648 -28.58 -12.77 -8.93
CA ALA D 648 -27.92 -13.27 -7.74
C ALA D 648 -28.56 -12.70 -6.48
N PHE D 649 -28.97 -11.44 -6.52
CA PHE D 649 -29.64 -10.82 -5.38
C PHE D 649 -31.01 -11.45 -5.13
N LYS D 650 -31.75 -11.71 -6.20
CA LYS D 650 -33.11 -12.25 -6.05
C LYS D 650 -33.11 -13.65 -5.46
N GLY D 651 -32.12 -14.46 -5.82
CA GLY D 651 -32.08 -15.83 -5.33
C GLY D 651 -31.71 -15.97 -3.87
N GLY D 652 -31.11 -14.94 -3.28
CA GLY D 652 -30.68 -15.03 -1.89
C GLY D 652 -29.67 -16.11 -1.64
N LEU D 653 -28.71 -16.28 -2.54
CA LEU D 653 -27.75 -17.36 -2.44
C LEU D 653 -26.79 -17.13 -1.28
N SER D 654 -26.74 -18.06 -0.35
CA SER D 654 -26.06 -17.88 0.92
C SER D 654 -25.03 -18.97 1.16
N PHE D 655 -24.37 -18.88 2.32
CA PHE D 655 -23.43 -19.89 2.79
C PHE D 655 -23.90 -20.35 4.16
N SER D 656 -24.32 -21.61 4.25
CA SER D 656 -24.83 -22.18 5.48
C SER D 656 -24.12 -23.50 5.78
N LEU D 657 -24.18 -23.92 7.03
CA LEU D 657 -23.55 -25.18 7.41
C LEU D 657 -24.26 -26.37 6.76
N GLY D 658 -25.50 -26.18 6.31
CA GLY D 658 -26.21 -27.25 5.65
C GLY D 658 -25.76 -27.51 4.23
N ASP D 659 -25.20 -26.50 3.56
CA ASP D 659 -24.65 -26.70 2.22
C ASP D 659 -23.32 -27.45 2.26
N ILE D 660 -22.60 -27.39 3.37
CA ILE D 660 -21.35 -28.14 3.54
C ILE D 660 -21.75 -29.50 4.09
N ILE D 661 -22.04 -30.43 3.18
CA ILE D 661 -22.51 -31.76 3.54
C ILE D 661 -21.31 -32.69 3.64
N ILE D 662 -20.85 -32.95 4.86
CA ILE D 662 -19.81 -33.93 5.11
C ILE D 662 -20.40 -35.32 4.87
N PRO D 663 -19.79 -36.16 4.04
CA PRO D 663 -20.38 -37.47 3.77
C PRO D 663 -20.54 -38.29 5.04
N LYS D 664 -21.65 -39.03 5.12
CA LYS D 664 -21.87 -39.90 6.27
C LYS D 664 -20.89 -41.07 6.26
N GLU D 665 -20.32 -41.39 5.10
CA GLU D 665 -19.35 -42.47 4.98
C GLU D 665 -17.94 -42.01 5.31
N LYS D 666 -17.76 -40.75 5.68
CA LYS D 666 -16.42 -40.23 5.96
C LYS D 666 -15.74 -41.04 7.05
N HIS D 667 -16.46 -41.30 8.14
CA HIS D 667 -15.91 -42.10 9.23
C HIS D 667 -15.58 -43.51 8.77
N GLU D 668 -16.44 -44.11 7.95
CA GLU D 668 -16.23 -45.49 7.52
C GLU D 668 -14.98 -45.61 6.65
N MET D 669 -14.77 -44.68 5.71
CA MET D 669 -13.57 -44.77 4.88
C MET D 669 -12.31 -44.34 5.63
N ILE D 670 -12.44 -43.43 6.61
CA ILE D 670 -11.30 -43.17 7.47
C ILE D 670 -10.91 -44.42 8.24
N ALA D 671 -11.91 -45.16 8.74
CA ALA D 671 -11.64 -46.42 9.43
C ALA D 671 -10.99 -47.44 8.50
N GLU D 672 -11.50 -47.55 7.26
CA GLU D 672 -10.91 -48.50 6.33
C GLU D 672 -9.48 -48.15 5.99
N ALA D 673 -9.19 -46.85 5.81
CA ALA D 673 -7.81 -46.42 5.62
C ALA D 673 -6.96 -46.74 6.83
N ASN D 674 -7.51 -46.60 8.03
CA ASN D 674 -6.75 -46.92 9.24
C ASN D 674 -6.42 -48.41 9.32
N GLU D 675 -7.38 -49.27 8.97
CA GLU D 675 -7.07 -50.70 8.91
C GLU D 675 -6.04 -51.02 7.83
N GLN D 676 -6.11 -50.35 6.68
CA GLN D 676 -5.07 -50.59 5.66
C GLN D 676 -3.70 -50.14 6.14
N VAL D 677 -3.64 -49.01 6.84
CA VAL D 677 -2.38 -48.53 7.40
C VAL D 677 -1.87 -49.52 8.45
N ASP D 678 -2.78 -50.07 9.25
CA ASP D 678 -2.40 -51.10 10.23
C ASP D 678 -1.85 -52.34 9.53
N GLY D 679 -2.48 -52.74 8.43
CA GLY D 679 -1.95 -53.86 7.66
C GLY D 679 -0.54 -53.58 7.16
N ILE D 680 -0.32 -52.37 6.65
CA ILE D 680 1.02 -52.00 6.20
C ILE D 680 2.02 -52.03 7.37
N MET D 681 1.59 -51.55 8.54
CA MET D 681 2.50 -51.48 9.68
C MET D 681 2.89 -52.87 10.17
N MET D 682 1.91 -53.77 10.32
CA MET D 682 2.23 -55.14 10.72
C MET D 682 3.02 -55.87 9.63
N ASN D 683 2.80 -55.53 8.36
CA ASN D 683 3.64 -56.08 7.31
C ASN D 683 5.09 -55.63 7.48
N TYR D 684 5.29 -54.35 7.83
CA TYR D 684 6.64 -53.84 8.07
C TYR D 684 7.28 -54.52 9.28
N ASN D 685 6.50 -54.71 10.35
CA ASN D 685 7.05 -55.28 11.58
C ASN D 685 7.55 -56.71 11.36
N MET D 686 6.88 -57.48 10.52
CA MET D 686 7.34 -58.82 10.18
C MET D 686 8.43 -58.83 9.10
N GLY D 687 8.92 -57.65 8.70
CA GLY D 687 10.02 -57.58 7.77
C GLY D 687 9.66 -57.82 6.32
N LEU D 688 8.37 -57.79 5.97
CA LEU D 688 7.96 -58.02 4.60
C LEU D 688 8.27 -56.84 3.68
N ILE D 689 8.30 -55.62 4.21
CA ILE D 689 8.56 -54.43 3.42
C ILE D 689 9.58 -53.56 4.15
N THR D 690 10.18 -52.64 3.40
CA THR D 690 11.16 -51.73 3.94
C THR D 690 10.48 -50.49 4.51
N PHE D 691 11.28 -49.66 5.18
CA PHE D 691 10.76 -48.43 5.78
C PHE D 691 10.25 -47.48 4.71
N ASN D 692 11.02 -47.28 3.64
CA ASN D 692 10.58 -46.43 2.54
C ASN D 692 9.35 -47.00 1.86
N GLU D 693 9.30 -48.32 1.69
CA GLU D 693 8.13 -48.93 1.07
C GLU D 693 6.89 -48.76 1.95
N ARG D 694 7.04 -48.92 3.26
CA ARG D 694 5.92 -48.70 4.16
C ARG D 694 5.44 -47.25 4.12
N TYR D 695 6.40 -46.32 4.09
CA TYR D 695 6.05 -44.90 4.01
C TYR D 695 5.29 -44.59 2.72
N ASN D 696 5.77 -45.12 1.60
CA ASN D 696 5.11 -44.90 0.32
C ASN D 696 3.72 -45.52 0.30
N GLN D 697 3.58 -46.74 0.84
CA GLN D 697 2.28 -47.39 0.85
C GLN D 697 1.28 -46.64 1.72
N VAL D 698 1.73 -46.15 2.89
CA VAL D 698 0.85 -45.39 3.76
C VAL D 698 0.41 -44.09 3.09
N ILE D 699 1.35 -43.41 2.44
CA ILE D 699 0.99 -42.18 1.73
C ILE D 699 0.01 -42.49 0.61
N ASP D 700 0.23 -43.59 -0.11
CA ASP D 700 -0.68 -43.96 -1.20
C ASP D 700 -2.08 -44.24 -0.67
N VAL D 701 -2.18 -44.96 0.45
CA VAL D 701 -3.50 -45.26 1.02
C VAL D 701 -4.20 -43.98 1.44
N TRP D 702 -3.47 -43.08 2.12
CA TRP D 702 -4.08 -41.84 2.59
C TRP D 702 -4.51 -40.95 1.43
N THR D 703 -3.69 -40.88 0.38
CA THR D 703 -4.05 -40.01 -0.75
C THR D 703 -5.19 -40.61 -1.56
N SER D 704 -5.26 -41.94 -1.65
CA SER D 704 -6.41 -42.56 -2.29
C SER D 704 -7.69 -42.30 -1.51
N THR D 705 -7.62 -42.39 -0.17
CA THR D 705 -8.77 -42.06 0.65
C THR D 705 -9.19 -40.61 0.48
N ASN D 706 -8.22 -39.70 0.42
CA ASN D 706 -8.53 -38.28 0.22
C ASN D 706 -9.19 -38.06 -1.14
N ALA D 707 -8.69 -38.70 -2.19
CA ALA D 707 -9.28 -38.53 -3.52
C ALA D 707 -10.70 -39.08 -3.56
N MET D 708 -10.91 -40.26 -2.97
CA MET D 708 -12.25 -40.83 -2.95
C MET D 708 -13.20 -39.94 -2.16
N LEU D 709 -12.74 -39.40 -1.03
CA LEU D 709 -13.59 -38.54 -0.22
C LEU D 709 -13.91 -37.24 -0.94
N THR D 710 -12.94 -36.68 -1.66
CA THR D 710 -13.19 -35.47 -2.45
C THR D 710 -14.25 -35.75 -3.51
N GLU D 711 -14.12 -36.87 -4.22
CA GLU D 711 -15.09 -37.22 -5.25
C GLU D 711 -16.48 -37.42 -4.66
N LEU D 712 -16.56 -38.13 -3.53
CA LEU D 712 -17.85 -38.38 -2.90
C LEU D 712 -18.49 -37.08 -2.41
N ALA D 713 -17.70 -36.20 -1.81
CA ALA D 713 -18.22 -34.92 -1.33
C ALA D 713 -18.73 -34.07 -2.49
N MET D 714 -17.94 -34.03 -3.58
CA MET D 714 -18.37 -33.27 -4.75
C MET D 714 -19.66 -33.83 -5.33
N LYS D 715 -19.78 -35.16 -5.39
CA LYS D 715 -21.01 -35.77 -5.88
C LYS D 715 -22.20 -35.42 -4.99
N ARG D 716 -22.02 -35.49 -3.67
CA ARG D 716 -23.12 -35.17 -2.76
C ARG D 716 -23.57 -33.73 -2.93
N ILE D 717 -22.62 -32.79 -2.93
CA ILE D 717 -22.96 -31.38 -3.06
C ILE D 717 -23.56 -31.10 -4.43
N ARG D 718 -23.11 -31.81 -5.47
CA ARG D 718 -23.65 -31.62 -6.81
C ARG D 718 -25.09 -32.09 -6.91
N GLU D 719 -25.38 -33.31 -6.46
CA GLU D 719 -26.74 -33.82 -6.53
C GLU D 719 -27.69 -33.17 -5.52
N ASP D 720 -27.16 -32.46 -4.52
CA ASP D 720 -28.04 -31.76 -3.60
C ASP D 720 -28.83 -30.68 -4.32
N LYS D 721 -30.15 -30.69 -4.13
CA LYS D 721 -31.06 -29.67 -4.64
C LYS D 721 -30.95 -29.52 -6.16
N GLN D 722 -30.77 -30.65 -6.85
CA GLN D 722 -30.70 -30.68 -8.31
C GLN D 722 -29.65 -29.71 -8.86
N GLY D 723 -28.50 -29.64 -8.19
CA GLY D 723 -27.43 -28.77 -8.63
C GLY D 723 -27.58 -27.31 -8.25
N PHE D 724 -28.60 -26.96 -7.47
CA PHE D 724 -28.81 -25.59 -7.06
C PHE D 724 -28.29 -25.30 -5.66
N ASN D 725 -27.48 -26.20 -5.11
CA ASN D 725 -26.78 -25.90 -3.86
C ASN D 725 -25.88 -24.69 -4.07
N SER D 726 -25.91 -23.76 -3.12
CA SER D 726 -25.23 -22.48 -3.30
C SER D 726 -23.72 -22.67 -3.41
N VAL D 727 -23.15 -23.56 -2.59
CA VAL D 727 -21.71 -23.81 -2.66
C VAL D 727 -21.35 -24.44 -4.00
N TYR D 728 -22.14 -25.42 -4.45
CA TYR D 728 -21.89 -26.02 -5.75
C TYR D 728 -22.07 -25.02 -6.87
N MET D 729 -23.03 -24.10 -6.73
CA MET D 729 -23.21 -23.09 -7.76
C MET D 729 -22.04 -22.11 -7.78
N MET D 730 -21.49 -21.81 -6.60
CA MET D 730 -20.32 -20.95 -6.53
C MET D 730 -19.10 -21.61 -7.17
N LEU D 731 -18.92 -22.90 -6.93
CA LEU D 731 -17.73 -23.59 -7.44
C LEU D 731 -17.85 -23.89 -8.92
N ASP D 732 -18.96 -24.47 -9.36
CA ASP D 732 -19.13 -24.87 -10.74
C ASP D 732 -19.09 -23.68 -11.69
N SER D 733 -19.73 -22.57 -11.31
CA SER D 733 -19.75 -21.40 -12.18
C SER D 733 -18.37 -20.76 -12.33
N GLY D 734 -17.45 -21.03 -11.41
CA GLY D 734 -16.18 -20.36 -11.41
C GLY D 734 -16.17 -19.02 -10.71
N ALA D 735 -17.24 -18.69 -9.98
CA ALA D 735 -17.31 -17.42 -9.27
C ALA D 735 -16.25 -17.37 -8.16
N ARG D 736 -16.19 -18.42 -7.33
CA ARG D 736 -15.22 -18.49 -6.25
C ARG D 736 -15.08 -19.94 -5.81
N GLY D 737 -13.93 -20.25 -5.25
CA GLY D 737 -13.74 -21.57 -4.68
C GLY D 737 -13.18 -22.55 -5.69
N SER D 738 -12.45 -23.54 -5.18
CA SER D 738 -11.89 -24.61 -5.99
C SER D 738 -12.32 -25.96 -5.42
N LYS D 739 -11.97 -27.02 -6.14
CA LYS D 739 -12.26 -28.37 -5.65
C LYS D 739 -11.49 -28.66 -4.37
N GLU D 740 -10.25 -28.19 -4.28
CA GLU D 740 -9.45 -28.43 -3.08
C GLU D 740 -10.01 -27.70 -1.86
N GLN D 741 -10.48 -26.47 -2.05
CA GLN D 741 -11.03 -25.72 -0.92
C GLN D 741 -12.34 -26.34 -0.42
N ILE D 742 -13.19 -26.78 -1.34
CA ILE D 742 -14.41 -27.48 -0.95
C ILE D 742 -14.06 -28.80 -0.27
N ARG D 743 -13.00 -29.46 -0.73
CA ARG D 743 -12.52 -30.66 -0.06
C ARG D 743 -12.10 -30.36 1.38
N GLN D 744 -11.39 -29.26 1.58
CA GLN D 744 -10.96 -28.91 2.93
C GLN D 744 -12.13 -28.50 3.82
N LEU D 745 -13.17 -27.89 3.26
CA LEU D 745 -14.34 -27.55 4.05
C LEU D 745 -15.23 -28.75 4.35
N THR D 746 -15.20 -29.78 3.50
CA THR D 746 -16.08 -30.93 3.68
C THR D 746 -15.34 -32.22 4.00
N GLY D 747 -14.27 -32.54 3.29
CA GLY D 747 -13.58 -33.81 3.49
C GLY D 747 -12.51 -33.75 4.57
N MET D 748 -11.27 -34.02 4.19
CA MET D 748 -10.14 -33.93 5.10
C MET D 748 -9.04 -33.09 4.46
N ARG D 749 -8.37 -32.27 5.28
CA ARG D 749 -7.33 -31.40 4.77
C ARG D 749 -6.17 -32.19 4.16
N GLY D 750 -6.02 -33.44 4.53
CA GLY D 750 -5.07 -34.33 3.86
C GLY D 750 -3.67 -34.24 4.41
N LEU D 751 -2.74 -34.78 3.62
CA LEU D 751 -1.35 -34.86 4.02
C LEU D 751 -0.68 -33.49 4.00
N MET D 752 0.31 -33.31 4.86
CA MET D 752 1.04 -32.06 4.98
C MET D 752 2.55 -32.31 4.90
N ALA D 753 3.27 -31.30 4.43
CA ALA D 753 4.71 -31.41 4.24
C ALA D 753 5.45 -30.93 5.48
N LYS D 754 6.53 -31.62 5.82
CA LYS D 754 7.30 -31.27 6.99
C LYS D 754 8.14 -30.01 6.72
N PRO D 755 8.42 -29.21 7.74
CA PRO D 755 9.27 -28.03 7.57
C PRO D 755 10.77 -28.31 7.71
N LYS D 756 11.18 -29.56 7.63
CA LYS D 756 12.57 -29.93 7.92
C LYS D 756 13.54 -29.23 6.99
N LYS D 757 14.76 -29.01 7.48
CA LYS D 757 15.78 -28.23 6.76
C LYS D 757 16.70 -29.13 5.95
N SER D 758 16.19 -30.25 5.45
CA SER D 758 16.99 -31.17 4.65
C SER D 758 17.56 -30.45 3.44
N THR D 759 18.89 -30.36 3.38
CA THR D 759 19.53 -29.63 2.28
C THR D 759 19.50 -30.42 0.97
N ALA D 760 19.45 -31.75 1.05
CA ALA D 760 19.49 -32.58 -0.15
C ALA D 760 18.10 -32.76 -0.76
N GLY D 761 17.16 -33.31 0.01
CA GLY D 761 15.83 -33.57 -0.47
C GLY D 761 14.82 -32.51 -0.04
N GLY D 762 13.62 -32.63 -0.59
CA GLY D 762 12.54 -31.72 -0.26
C GLY D 762 11.83 -32.11 1.02
N GLY D 763 10.76 -31.36 1.31
CA GLY D 763 9.97 -31.61 2.50
C GLY D 763 9.26 -32.95 2.49
N GLU D 764 9.52 -33.76 3.51
CA GLU D 764 8.84 -35.05 3.63
C GLU D 764 7.39 -34.85 4.06
N ILE D 765 6.56 -35.83 3.72
CA ILE D 765 5.13 -35.75 4.03
C ILE D 765 4.86 -36.49 5.33
N ILE D 766 4.13 -35.83 6.24
CA ILE D 766 3.77 -36.44 7.51
C ILE D 766 2.87 -37.65 7.24
N GLU D 767 3.19 -38.77 7.88
CA GLU D 767 2.45 -40.01 7.64
C GLU D 767 1.03 -39.92 8.20
N ASN D 768 0.80 -39.06 9.18
CA ASN D 768 -0.54 -38.86 9.72
C ASN D 768 -1.13 -37.59 9.11
N PRO D 769 -2.11 -37.69 8.23
CA PRO D 769 -2.69 -36.49 7.61
C PRO D 769 -3.61 -35.76 8.58
N ILE D 770 -4.00 -34.56 8.17
CA ILE D 770 -4.98 -33.80 8.95
C ILE D 770 -6.35 -34.43 8.68
N LEU D 771 -6.80 -35.28 9.60
CA LEU D 771 -8.07 -35.98 9.43
C LEU D 771 -9.26 -35.03 9.46
N SER D 772 -9.22 -34.02 10.33
CA SER D 772 -10.36 -33.14 10.52
C SER D 772 -10.40 -32.07 9.43
N ASN D 773 -11.58 -31.49 9.25
CA ASN D 773 -11.80 -30.40 8.32
C ASN D 773 -12.23 -29.15 9.08
N PHE D 774 -12.47 -28.08 8.34
CA PHE D 774 -12.81 -26.80 8.96
C PHE D 774 -14.23 -26.79 9.51
N LYS D 775 -15.12 -27.64 9.01
CA LYS D 775 -16.44 -27.75 9.61
C LYS D 775 -16.38 -28.50 10.93
N GLU D 776 -15.61 -29.60 10.97
CA GLU D 776 -15.44 -30.35 12.21
C GLU D 776 -14.51 -29.63 13.19
N GLY D 777 -13.56 -28.87 12.68
CA GLY D 777 -12.60 -28.17 13.52
C GLY D 777 -11.31 -28.95 13.69
N LEU D 778 -10.18 -28.26 13.55
CA LEU D 778 -8.88 -28.90 13.66
C LEU D 778 -8.40 -28.92 15.10
N SER D 779 -7.70 -29.99 15.45
CA SER D 779 -7.10 -30.06 16.78
C SER D 779 -5.93 -29.09 16.90
N ILE D 780 -5.36 -29.01 18.11
CA ILE D 780 -4.23 -28.12 18.34
C ILE D 780 -3.05 -28.54 17.48
N LEU D 781 -2.77 -29.85 17.45
CA LEU D 781 -1.64 -30.36 16.68
C LEU D 781 -1.80 -30.08 15.20
N GLU D 782 -2.99 -30.32 14.65
CA GLU D 782 -3.21 -30.09 13.22
C GLU D 782 -3.09 -28.62 12.86
N TYR D 783 -3.60 -27.74 13.73
CA TYR D 783 -3.49 -26.31 13.49
C TYR D 783 -2.02 -25.87 13.50
N PHE D 784 -1.25 -26.38 14.47
CA PHE D 784 0.17 -26.07 14.53
C PHE D 784 0.88 -26.56 13.28
N ILE D 785 0.47 -27.72 12.75
CA ILE D 785 1.05 -28.23 11.51
C ILE D 785 0.74 -27.30 10.35
N SER D 786 -0.51 -26.85 10.24
CA SER D 786 -0.91 -26.04 9.09
C SER D 786 -0.29 -24.65 9.12
N THR D 787 0.02 -24.15 10.31
CA THR D 787 0.68 -22.84 10.40
C THR D 787 1.98 -22.81 9.62
N HIS D 788 2.71 -23.93 9.58
CA HIS D 788 3.95 -24.00 8.81
C HIS D 788 3.71 -23.63 7.35
N GLY D 789 2.75 -24.30 6.72
CA GLY D 789 2.48 -24.03 5.31
C GLY D 789 1.96 -22.63 5.09
N ALA D 790 1.09 -22.14 5.99
CA ALA D 790 0.58 -20.78 5.84
C ALA D 790 1.71 -19.76 5.84
N ARG D 791 2.58 -19.83 6.85
CA ARG D 791 3.69 -18.89 6.94
C ARG D 791 4.64 -19.03 5.77
N LYS D 792 4.90 -20.26 5.33
CA LYS D 792 5.79 -20.48 4.20
C LYS D 792 5.25 -19.81 2.94
N GLY D 793 3.94 -19.99 2.68
CA GLY D 793 3.35 -19.36 1.51
C GLY D 793 3.41 -17.85 1.55
N LEU D 794 3.08 -17.27 2.71
CA LEU D 794 3.13 -15.81 2.83
C LEU D 794 4.55 -15.30 2.58
N ALA D 795 5.54 -15.95 3.19
CA ALA D 795 6.93 -15.52 3.01
C ALA D 795 7.36 -15.64 1.55
N ASP D 796 7.00 -16.76 0.89
CA ASP D 796 7.39 -16.96 -0.49
C ASP D 796 6.82 -15.86 -1.38
N THR D 797 5.54 -15.55 -1.23
CA THR D 797 4.93 -14.51 -2.05
C THR D 797 5.61 -13.17 -1.81
N ALA D 798 5.77 -12.79 -0.54
CA ALA D 798 6.31 -11.48 -0.21
C ALA D 798 7.76 -11.34 -0.67
N LEU D 799 8.48 -12.46 -0.76
CA LEU D 799 9.89 -12.37 -1.15
C LEU D 799 10.08 -12.47 -2.66
N LYS D 800 9.14 -13.08 -3.39
CA LYS D 800 9.35 -13.25 -4.82
C LYS D 800 8.63 -12.23 -5.69
N THR D 801 7.71 -11.44 -5.11
CA THR D 801 7.13 -10.32 -5.86
C THR D 801 8.22 -9.41 -6.43
N ALA D 802 9.22 -9.08 -5.62
CA ALA D 802 10.27 -8.15 -6.06
C ALA D 802 11.12 -8.76 -7.17
N ASP D 803 11.40 -10.06 -7.11
CA ASP D 803 12.15 -10.71 -8.18
C ASP D 803 11.38 -10.66 -9.49
N ALA D 804 10.07 -10.90 -9.43
CA ALA D 804 9.26 -10.78 -10.65
C ALA D 804 9.31 -9.36 -11.19
N GLY D 805 9.21 -8.36 -10.30
CA GLY D 805 9.32 -6.97 -10.74
C GLY D 805 10.66 -6.66 -11.40
N TYR D 806 11.76 -7.20 -10.86
CA TYR D 806 13.07 -6.98 -11.46
C TYR D 806 13.15 -7.61 -12.84
N LEU D 807 12.59 -8.81 -13.01
CA LEU D 807 12.55 -9.41 -14.34
C LEU D 807 11.78 -8.53 -15.31
N THR D 808 10.65 -7.98 -14.86
CA THR D 808 9.87 -7.07 -15.71
C THR D 808 10.69 -5.85 -16.09
N ARG D 809 11.43 -5.27 -15.14
CA ARG D 809 12.25 -4.12 -15.43
C ARG D 809 13.31 -4.44 -16.48
N ARG D 810 13.98 -5.58 -16.34
CA ARG D 810 15.00 -5.96 -17.32
C ARG D 810 14.39 -6.16 -18.71
N LEU D 811 13.23 -6.80 -18.79
CA LEU D 811 12.58 -6.98 -20.08
C LEU D 811 12.22 -5.63 -20.71
N VAL D 812 11.69 -4.71 -19.91
CA VAL D 812 11.34 -3.39 -20.45
C VAL D 812 12.59 -2.68 -20.94
N ASP D 813 13.69 -2.77 -20.18
CA ASP D 813 14.92 -2.13 -20.61
C ASP D 813 15.43 -2.72 -21.92
N VAL D 814 15.32 -4.03 -22.10
CA VAL D 814 15.84 -4.65 -23.32
C VAL D 814 14.90 -4.48 -24.52
N SER D 815 13.61 -4.20 -24.31
CA SER D 815 12.67 -4.17 -25.40
C SER D 815 12.03 -2.80 -25.68
N GLN D 816 12.50 -1.73 -25.04
CA GLN D 816 11.81 -0.45 -25.14
C GLN D 816 11.87 0.14 -26.55
N ASP D 817 12.90 -0.20 -27.33
CA ASP D 817 13.16 0.47 -28.59
C ASP D 817 12.43 -0.15 -29.77
N VAL D 818 11.61 -1.18 -29.54
CA VAL D 818 10.88 -1.85 -30.63
C VAL D 818 9.58 -1.08 -30.85
N ILE D 819 9.50 -0.39 -31.99
CA ILE D 819 8.30 0.37 -32.36
C ILE D 819 8.00 0.09 -33.82
N ILE D 820 6.72 -0.14 -34.12
CA ILE D 820 6.27 -0.37 -35.48
C ILE D 820 6.41 0.94 -36.25
N ASN D 821 7.39 1.00 -37.15
CA ASN D 821 7.70 2.22 -37.88
C ASN D 821 7.40 2.15 -39.37
N THR D 822 7.44 0.96 -39.97
CA THR D 822 7.19 0.79 -41.39
C THR D 822 6.05 -0.21 -41.59
N GLU D 823 5.31 -0.02 -42.68
CA GLU D 823 4.17 -0.90 -42.95
C GLU D 823 4.63 -2.28 -43.42
N ASP D 824 5.61 -2.34 -44.31
CA ASP D 824 6.08 -3.61 -44.86
C ASP D 824 7.54 -3.49 -45.25
N CYS D 825 8.35 -4.44 -44.79
CA CYS D 825 9.75 -4.52 -45.18
C CYS D 825 10.00 -5.48 -46.34
N GLY D 826 8.97 -6.21 -46.79
CA GLY D 826 9.07 -7.03 -47.97
C GLY D 826 9.93 -8.27 -47.86
N THR D 827 10.15 -8.77 -46.65
CA THR D 827 10.97 -9.97 -46.49
C THR D 827 10.26 -11.19 -47.04
N LEU D 828 11.03 -12.12 -47.60
CA LEU D 828 10.52 -13.42 -48.00
C LEU D 828 10.79 -14.49 -46.95
N ARG D 829 11.36 -14.10 -45.81
CA ARG D 829 11.68 -15.03 -44.74
C ARG D 829 10.55 -15.04 -43.71
N GLY D 830 10.24 -16.23 -43.20
CA GLY D 830 9.19 -16.37 -42.21
C GLY D 830 9.47 -17.48 -41.20
N ILE D 831 8.47 -17.78 -40.38
CA ILE D 831 8.57 -18.83 -39.37
C ILE D 831 7.50 -19.87 -39.64
N GLU D 832 7.92 -21.13 -39.62
CA GLU D 832 7.04 -22.25 -39.95
C GLU D 832 6.35 -22.72 -38.67
N VAL D 833 5.04 -22.49 -38.58
CA VAL D 833 4.28 -22.68 -37.36
C VAL D 833 3.41 -23.93 -37.50
N GLU D 834 3.43 -24.79 -36.49
CA GLU D 834 2.66 -26.01 -36.46
C GLU D 834 1.94 -26.12 -35.12
N ALA D 835 0.95 -27.01 -35.07
CA ALA D 835 0.19 -27.22 -33.84
C ALA D 835 1.11 -27.75 -32.74
N LEU D 836 0.95 -27.21 -31.54
CA LEU D 836 1.80 -27.58 -30.41
C LEU D 836 1.24 -28.84 -29.76
N LYS D 837 2.00 -29.92 -29.82
CA LYS D 837 1.60 -31.20 -29.23
C LYS D 837 2.55 -31.56 -28.10
N LYS D 838 1.98 -31.96 -26.96
CA LYS D 838 2.76 -32.40 -25.82
C LYS D 838 2.13 -33.68 -25.29
N ASN D 839 2.89 -34.77 -25.32
CA ASN D 839 2.41 -36.08 -24.88
C ASN D 839 1.15 -36.51 -25.62
N GLU D 840 1.24 -36.46 -26.96
CA GLU D 840 0.17 -36.88 -27.87
C GLU D 840 -1.07 -36.00 -27.75
N GLU D 841 -1.00 -34.95 -26.93
CA GLU D 841 -2.13 -34.05 -26.76
C GLU D 841 -1.84 -32.71 -27.42
N VAL D 842 -2.76 -32.24 -28.24
CA VAL D 842 -2.63 -30.93 -28.87
C VAL D 842 -2.93 -29.88 -27.80
N VAL D 843 -1.93 -29.10 -27.43
CA VAL D 843 -2.13 -28.07 -26.42
C VAL D 843 -2.58 -26.77 -27.06
N GLU D 844 -1.99 -26.42 -28.19
CA GLU D 844 -2.38 -25.25 -28.97
C GLU D 844 -2.68 -25.68 -30.39
N THR D 845 -3.87 -25.36 -30.87
CA THR D 845 -4.23 -25.71 -32.24
C THR D 845 -3.47 -24.86 -33.24
N LEU D 846 -3.34 -25.38 -34.46
CA LEU D 846 -2.61 -24.67 -35.51
C LEU D 846 -3.30 -23.33 -35.82
N GLY D 847 -4.62 -23.33 -35.91
CA GLY D 847 -5.33 -22.10 -36.19
C GLY D 847 -5.17 -21.07 -35.09
N GLU D 848 -5.17 -21.51 -33.84
CA GLU D 848 -4.97 -20.60 -32.72
C GLU D 848 -3.58 -19.97 -32.76
N ARG D 849 -2.57 -20.75 -33.13
CA ARG D 849 -1.21 -20.20 -33.20
C ARG D 849 -1.03 -19.26 -34.39
N ILE D 850 -1.61 -19.59 -35.55
CA ILE D 850 -1.44 -18.72 -36.72
C ILE D 850 -2.46 -17.61 -36.79
N LEU D 851 -3.42 -17.57 -35.86
CA LEU D 851 -4.42 -16.51 -35.86
C LEU D 851 -3.74 -15.16 -35.65
N GLY D 852 -4.08 -14.20 -36.49
CA GLY D 852 -3.55 -12.85 -36.37
C GLY D 852 -2.24 -12.60 -37.08
N ARG D 853 -1.64 -13.61 -37.68
CA ARG D 853 -0.37 -13.45 -38.38
C ARG D 853 -0.62 -13.07 -39.84
N VAL D 854 0.48 -12.74 -40.54
CA VAL D 854 0.43 -12.40 -41.95
C VAL D 854 1.13 -13.51 -42.73
N SER D 855 0.47 -14.00 -43.77
CA SER D 855 0.96 -15.16 -44.50
C SER D 855 2.18 -14.80 -45.33
N LEU D 856 3.12 -15.75 -45.43
CA LEU D 856 4.31 -15.55 -46.25
C LEU D 856 4.00 -15.68 -47.73
N HIS D 857 3.56 -16.86 -48.16
CA HIS D 857 3.16 -17.11 -49.54
C HIS D 857 1.68 -17.46 -49.56
N ASP D 858 1.16 -17.65 -50.77
CA ASP D 858 -0.20 -18.15 -50.93
C ASP D 858 -0.27 -19.62 -50.54
N VAL D 859 -1.35 -20.00 -49.88
CA VAL D 859 -1.57 -21.38 -49.44
C VAL D 859 -2.83 -21.89 -50.14
N TYR D 860 -2.73 -23.06 -50.75
CA TYR D 860 -3.84 -23.68 -51.45
C TYR D 860 -4.25 -24.96 -50.76
N ASN D 861 -5.55 -25.26 -50.82
CA ASN D 861 -6.07 -26.48 -50.23
C ASN D 861 -5.56 -27.68 -51.00
N PRO D 862 -4.86 -28.62 -50.37
CA PRO D 862 -4.32 -29.77 -51.12
C PRO D 862 -5.39 -30.66 -51.72
N LEU D 863 -6.62 -30.63 -51.23
CA LEU D 863 -7.68 -31.49 -51.74
C LEU D 863 -8.56 -30.81 -52.78
N THR D 864 -8.78 -29.49 -52.66
CA THR D 864 -9.68 -28.77 -53.55
C THR D 864 -9.00 -27.67 -54.34
N GLU D 865 -7.71 -27.43 -54.11
CA GLU D 865 -6.92 -26.40 -54.81
C GLU D 865 -7.52 -25.00 -54.66
N GLU D 866 -8.32 -24.77 -53.64
CA GLU D 866 -8.90 -23.45 -53.41
C GLU D 866 -7.91 -22.55 -52.68
N LEU D 867 -7.90 -21.27 -53.05
CA LEU D 867 -7.02 -20.30 -52.41
C LEU D 867 -7.52 -20.03 -51.00
N ILE D 868 -6.85 -20.62 -50.01
CA ILE D 868 -7.22 -20.42 -48.61
C ILE D 868 -6.63 -19.13 -48.07
N LEU D 869 -5.34 -18.90 -48.31
CA LEU D 869 -4.63 -17.76 -47.77
C LEU D 869 -3.89 -17.02 -48.87
N LYS D 870 -3.90 -15.70 -48.77
CA LYS D 870 -3.18 -14.83 -49.71
C LYS D 870 -1.94 -14.27 -49.04
N ALA D 871 -0.83 -14.23 -49.79
CA ALA D 871 0.39 -13.65 -49.26
C ALA D 871 0.19 -12.17 -48.97
N GLY D 872 0.69 -11.73 -47.82
CA GLY D 872 0.51 -10.36 -47.40
C GLY D 872 -0.84 -10.03 -46.80
N GLN D 873 -1.56 -11.03 -46.28
CA GLN D 873 -2.87 -10.81 -45.71
C GLN D 873 -2.95 -11.41 -44.30
N GLU D 874 -3.70 -10.73 -43.44
CA GLU D 874 -3.91 -11.20 -42.07
C GLU D 874 -4.71 -12.48 -42.07
N ILE D 875 -4.44 -13.35 -41.09
CA ILE D 875 -5.19 -14.59 -40.92
C ILE D 875 -6.34 -14.33 -39.95
N SER D 876 -7.54 -14.16 -40.48
CA SER D 876 -8.70 -13.93 -39.64
C SER D 876 -9.26 -15.26 -39.13
N GLU D 877 -10.32 -15.16 -38.32
CA GLU D 877 -10.92 -16.36 -37.74
C GLU D 877 -11.53 -17.26 -38.80
N ALA D 878 -12.15 -16.68 -39.83
CA ALA D 878 -12.71 -17.49 -40.91
C ALA D 878 -11.61 -18.26 -41.64
N ASP D 879 -10.48 -17.60 -41.90
CA ASP D 879 -9.34 -18.30 -42.50
C ASP D 879 -8.81 -19.38 -41.57
N VAL D 880 -8.87 -19.14 -40.26
CA VAL D 880 -8.48 -20.17 -39.30
C VAL D 880 -9.37 -21.40 -39.43
N LYS D 881 -10.69 -21.17 -39.52
CA LYS D 881 -11.61 -22.29 -39.70
C LYS D 881 -11.35 -23.03 -41.01
N LYS D 882 -11.10 -22.28 -42.09
CA LYS D 882 -10.82 -22.91 -43.38
C LYS D 882 -9.55 -23.75 -43.31
N VAL D 883 -8.50 -23.25 -42.67
CA VAL D 883 -7.26 -24.01 -42.53
C VAL D 883 -7.51 -25.26 -41.69
N GLU D 884 -8.25 -25.13 -40.59
CA GLU D 884 -8.54 -26.30 -39.75
C GLU D 884 -9.36 -27.34 -40.50
N ALA D 885 -10.22 -26.91 -41.42
CA ALA D 885 -10.98 -27.85 -42.23
C ALA D 885 -10.11 -28.58 -43.24
N ALA D 886 -9.14 -27.89 -43.86
CA ALA D 886 -8.22 -28.45 -44.84
C ALA D 886 -7.11 -29.24 -44.16
N PRO D 887 -6.54 -30.25 -44.84
CA PRO D 887 -5.44 -31.03 -44.24
C PRO D 887 -4.10 -30.32 -44.36
N ILE D 888 -3.98 -29.18 -43.68
CA ILE D 888 -2.74 -28.42 -43.60
C ILE D 888 -2.19 -28.57 -42.19
N GLU D 889 -0.90 -28.88 -42.08
CA GLU D 889 -0.29 -29.11 -40.77
C GLU D 889 0.77 -28.08 -40.42
N LYS D 890 1.32 -27.38 -41.41
CA LYS D 890 2.36 -26.38 -41.18
C LYS D 890 2.08 -25.15 -42.04
N VAL D 891 2.14 -23.98 -41.42
CA VAL D 891 1.86 -22.71 -42.09
C VAL D 891 3.04 -21.78 -41.85
N GLU D 892 3.52 -21.15 -42.92
CA GLU D 892 4.63 -20.21 -42.85
C GLU D 892 4.06 -18.80 -42.76
N VAL D 893 4.40 -18.09 -41.68
CA VAL D 893 3.87 -16.75 -41.43
C VAL D 893 5.02 -15.81 -41.10
N ARG D 894 4.79 -14.52 -41.35
CA ARG D 894 5.79 -13.51 -41.06
C ARG D 894 5.85 -13.25 -39.56
N SER D 895 7.07 -13.21 -39.03
CA SER D 895 7.31 -13.11 -37.61
C SER D 895 8.32 -12.00 -37.34
N PRO D 896 8.28 -11.39 -36.15
CA PRO D 896 9.28 -10.38 -35.81
C PRO D 896 10.71 -10.88 -35.85
N LEU D 897 10.93 -12.16 -35.58
CA LEU D 897 12.31 -12.68 -35.55
C LEU D 897 12.97 -12.61 -36.93
N THR D 898 12.19 -12.73 -38.00
CA THR D 898 12.73 -12.74 -39.35
C THR D 898 12.52 -11.42 -40.07
N CYS D 899 12.14 -10.36 -39.36
CA CYS D 899 11.89 -9.08 -40.00
C CYS D 899 13.21 -8.44 -40.44
N GLU D 900 13.17 -7.71 -41.54
CA GLU D 900 14.35 -7.06 -42.11
C GLU D 900 14.27 -5.54 -42.05
N ALA D 901 13.48 -4.99 -41.12
CA ALA D 901 13.30 -3.55 -41.05
C ALA D 901 14.57 -2.88 -40.56
N ALA D 902 14.80 -1.65 -41.03
CA ALA D 902 15.98 -0.90 -40.60
C ALA D 902 15.90 -0.53 -39.12
N GLN D 903 14.77 0.01 -38.69
CA GLN D 903 14.55 0.35 -37.29
C GLN D 903 13.27 -0.31 -36.81
N GLY D 904 13.37 -1.06 -35.72
CA GLY D 904 12.18 -1.71 -35.18
C GLY D 904 11.68 -2.83 -36.06
N ILE D 905 10.37 -3.02 -36.06
CA ILE D 905 9.71 -4.09 -36.79
C ILE D 905 8.63 -3.50 -37.66
N CYS D 906 8.47 -4.06 -38.87
CA CYS D 906 7.41 -3.62 -39.77
C CYS D 906 6.06 -4.16 -39.31
N ALA D 907 5.00 -3.54 -39.82
CA ALA D 907 3.65 -3.88 -39.37
C ALA D 907 3.28 -5.32 -39.73
N LYS D 908 3.60 -5.75 -40.95
CA LYS D 908 3.17 -7.06 -41.40
C LYS D 908 3.86 -8.18 -40.64
N CYS D 909 5.15 -8.02 -40.29
CA CYS D 909 5.85 -9.07 -39.56
C CYS D 909 5.29 -9.26 -38.16
N TYR D 910 4.71 -8.20 -37.58
CA TYR D 910 4.11 -8.34 -36.26
C TYR D 910 2.77 -9.06 -36.32
N GLY D 911 1.87 -8.60 -37.19
CA GLY D 911 0.57 -9.22 -37.33
C GLY D 911 -0.54 -8.44 -36.67
N ARG D 912 -1.41 -9.16 -35.96
CA ARG D 912 -2.58 -8.54 -35.34
C ARG D 912 -2.22 -7.87 -34.02
N ASN D 913 -2.80 -6.70 -33.78
CA ASN D 913 -2.71 -6.04 -32.49
C ASN D 913 -3.68 -6.72 -31.54
N LEU D 914 -3.13 -7.39 -30.51
CA LEU D 914 -3.95 -8.22 -29.65
C LEU D 914 -4.90 -7.41 -28.78
N ALA D 915 -4.62 -6.12 -28.58
CA ALA D 915 -5.52 -5.27 -27.80
C ALA D 915 -6.77 -4.88 -28.56
N THR D 916 -6.73 -4.90 -29.89
CA THR D 916 -7.86 -4.53 -30.72
C THR D 916 -8.35 -5.63 -31.64
N ASN D 917 -7.66 -6.77 -31.68
CA ASN D 917 -7.93 -7.83 -32.66
C ASN D 917 -7.92 -7.31 -34.10
N LYS D 918 -7.17 -6.25 -34.35
CA LYS D 918 -6.98 -5.70 -35.68
C LYS D 918 -5.49 -5.70 -36.02
N MET D 919 -5.19 -5.41 -37.28
CA MET D 919 -3.80 -5.34 -37.71
C MET D 919 -3.09 -4.20 -36.99
N VAL D 920 -1.83 -4.46 -36.60
CA VAL D 920 -1.08 -3.46 -35.85
C VAL D 920 -0.88 -2.22 -36.72
N GLN D 921 -0.94 -1.05 -36.09
CA GLN D 921 -0.81 0.22 -36.78
C GLN D 921 0.53 0.87 -36.46
N ARG D 922 0.98 1.72 -37.39
CA ARG D 922 2.29 2.34 -37.26
C ARG D 922 2.32 3.29 -36.07
N GLY D 923 3.32 3.12 -35.21
CA GLY D 923 3.44 3.88 -33.98
C GLY D 923 3.28 3.08 -32.72
N GLU D 924 2.83 1.84 -32.81
CA GLU D 924 2.61 1.02 -31.63
C GLU D 924 3.93 0.67 -30.96
N ALA D 925 4.00 0.85 -29.64
CA ALA D 925 5.17 0.47 -28.86
C ALA D 925 5.05 -1.00 -28.44
N VAL D 926 5.28 -1.87 -29.44
CA VAL D 926 5.07 -3.30 -29.24
C VAL D 926 6.07 -3.88 -28.24
N GLY D 927 7.25 -3.28 -28.12
CA GLY D 927 8.25 -3.81 -27.21
C GLY D 927 7.84 -3.70 -25.75
N VAL D 928 7.33 -2.53 -25.36
CA VAL D 928 6.87 -2.34 -23.99
C VAL D 928 5.68 -3.24 -23.69
N VAL D 929 4.78 -3.39 -24.67
CA VAL D 929 3.64 -4.28 -24.50
C VAL D 929 4.11 -5.71 -24.30
N ALA D 930 5.10 -6.14 -25.09
CA ALA D 930 5.64 -7.49 -24.93
C ALA D 930 6.27 -7.69 -23.57
N ALA D 931 7.05 -6.71 -23.13
CA ALA D 931 7.72 -6.81 -21.83
C ALA D 931 6.70 -6.89 -20.69
N GLN D 932 5.68 -6.03 -20.73
CA GLN D 932 4.65 -6.05 -19.70
C GLN D 932 3.86 -7.34 -19.73
N SER D 933 3.55 -7.85 -20.92
CA SER D 933 2.80 -9.09 -21.05
C SER D 933 3.57 -10.27 -20.49
N ILE D 934 4.89 -10.31 -20.71
CA ILE D 934 5.69 -11.37 -20.12
C ILE D 934 5.85 -11.19 -18.62
N GLY D 935 5.98 -9.93 -18.15
CA GLY D 935 6.30 -9.70 -16.75
C GLY D 935 5.14 -9.82 -15.79
N GLU D 936 3.92 -9.47 -16.22
CA GLU D 936 2.78 -9.49 -15.31
C GLU D 936 2.48 -10.85 -14.72
N PRO D 937 2.37 -11.94 -15.49
CA PRO D 937 2.05 -13.23 -14.88
C PRO D 937 3.09 -13.71 -13.88
N GLY D 938 4.36 -13.40 -14.11
CA GLY D 938 5.39 -13.79 -13.15
C GLY D 938 5.14 -13.21 -11.78
N THR D 939 4.77 -11.94 -11.72
CA THR D 939 4.32 -11.36 -10.45
C THR D 939 3.04 -12.02 -9.97
N GLN D 940 2.12 -12.33 -10.89
CA GLN D 940 0.91 -13.03 -10.49
C GLN D 940 1.21 -14.44 -10.01
N LEU D 941 2.34 -15.00 -10.40
CA LEU D 941 2.74 -16.33 -9.95
C LEU D 941 3.22 -16.29 -8.49
N THR D 1138 7.46 -22.02 -7.98
CA THR D 1138 8.57 -21.36 -7.32
C THR D 1138 9.83 -21.41 -8.19
N GLY D 1139 9.90 -22.42 -9.05
CA GLY D 1139 11.04 -22.59 -9.94
C GLY D 1139 10.83 -22.02 -11.33
N GLY D 1140 9.59 -21.65 -11.64
CA GLY D 1140 9.30 -21.12 -12.96
C GLY D 1140 9.97 -19.79 -13.21
N LEU D 1141 9.90 -18.89 -12.24
CA LEU D 1141 10.54 -17.58 -12.40
C LEU D 1141 12.06 -17.67 -12.53
N PRO D 1142 12.78 -18.44 -11.70
CA PRO D 1142 14.22 -18.60 -11.96
C PRO D 1142 14.53 -19.22 -13.31
N ARG D 1143 13.69 -20.16 -13.77
CA ARG D 1143 13.90 -20.76 -15.08
C ARG D 1143 13.75 -19.72 -16.18
N VAL D 1144 12.73 -18.87 -16.08
CA VAL D 1144 12.52 -17.82 -17.05
C VAL D 1144 13.69 -16.83 -17.03
N THR D 1145 14.16 -16.47 -15.84
CA THR D 1145 15.28 -15.55 -15.73
C THR D 1145 16.55 -16.14 -16.34
N GLU D 1146 16.80 -17.43 -16.11
CA GLU D 1146 17.96 -18.09 -16.71
C GLU D 1146 17.84 -18.13 -18.23
N LEU D 1147 16.65 -18.44 -18.73
CA LEU D 1147 16.45 -18.49 -20.18
C LEU D 1147 16.66 -17.13 -20.83
N PHE D 1148 16.13 -16.07 -20.21
CA PHE D 1148 16.19 -14.76 -20.84
C PHE D 1148 17.59 -14.17 -20.76
N GLU D 1149 18.41 -14.65 -19.84
CA GLU D 1149 19.76 -14.14 -19.62
C GLU D 1149 20.82 -14.88 -20.43
N ALA D 1150 20.43 -15.90 -21.20
CA ALA D 1150 21.37 -16.73 -21.95
C ALA D 1150 22.43 -17.32 -21.02
N ARG D 1151 22.02 -17.68 -19.81
CA ARG D 1151 22.91 -18.23 -18.82
C ARG D 1151 23.03 -19.73 -18.98
N ASN D 1152 24.25 -20.23 -18.92
CA ASN D 1152 24.47 -21.67 -18.96
C ASN D 1152 23.88 -22.31 -17.72
N PRO D 1153 23.16 -23.42 -17.85
CA PRO D 1153 22.58 -24.06 -16.65
C PRO D 1153 23.66 -24.60 -15.73
N SER D 1154 23.30 -24.71 -14.45
CA SER D 1154 24.25 -25.22 -13.47
C SER D 1154 24.66 -26.67 -13.76
N ASN D 1155 23.82 -27.39 -14.51
CA ASN D 1155 24.13 -28.77 -14.92
C ASN D 1155 23.92 -28.87 -16.43
N PRO D 1156 24.87 -28.36 -17.22
CA PRO D 1156 24.75 -28.39 -18.68
C PRO D 1156 24.98 -29.78 -19.27
N ILE D 1217 20.40 -28.36 -22.41
CA ILE D 1217 21.19 -27.93 -23.56
C ILE D 1217 21.33 -26.41 -23.55
N THR D 1218 22.58 -25.94 -23.48
CA THR D 1218 22.84 -24.51 -23.46
C THR D 1218 22.45 -23.86 -24.79
N PRO D 1219 21.87 -22.66 -24.74
CA PRO D 1219 21.51 -21.98 -25.99
C PRO D 1219 22.70 -21.70 -26.90
N GLU D 1220 23.89 -21.52 -26.34
CA GLU D 1220 25.08 -21.31 -27.16
C GLU D 1220 25.36 -22.53 -28.04
N ASP D 1221 25.18 -23.74 -27.49
CA ASP D 1221 25.40 -24.94 -28.29
C ASP D 1221 24.43 -25.01 -29.46
N ILE D 1222 23.15 -24.68 -29.21
CA ILE D 1222 22.16 -24.71 -30.28
C ILE D 1222 22.47 -23.66 -31.33
N LEU D 1223 22.88 -22.47 -30.89
CA LEU D 1223 23.24 -21.42 -31.83
C LEU D 1223 24.43 -21.84 -32.68
N ALA D 1224 25.41 -22.50 -32.08
CA ALA D 1224 26.58 -22.94 -32.83
C ALA D 1224 26.24 -24.05 -33.81
N ILE D 1225 25.41 -25.00 -33.41
CA ILE D 1225 25.16 -26.19 -34.22
C ILE D 1225 24.04 -25.95 -35.24
N LYS D 1226 22.83 -25.66 -34.78
CA LYS D 1226 21.66 -25.64 -35.65
C LYS D 1226 21.39 -24.30 -36.31
N GLY D 1227 21.97 -23.21 -35.80
CA GLY D 1227 21.82 -21.91 -36.43
C GLY D 1227 21.07 -20.91 -35.58
N PRO D 1228 20.94 -19.68 -36.10
CA PRO D 1228 20.28 -18.63 -35.29
C PRO D 1228 18.78 -18.79 -35.20
N SER D 1229 18.11 -19.12 -36.30
CA SER D 1229 16.66 -19.27 -36.26
C SER D 1229 16.26 -20.43 -35.35
N ALA D 1230 17.03 -21.52 -35.37
CA ALA D 1230 16.74 -22.66 -34.51
C ALA D 1230 16.85 -22.29 -33.04
N VAL D 1231 17.89 -21.54 -32.66
CA VAL D 1231 18.04 -21.16 -31.27
C VAL D 1231 16.97 -20.16 -30.85
N GLN D 1232 16.57 -19.27 -31.77
CA GLN D 1232 15.48 -18.34 -31.47
C GLN D 1232 14.18 -19.10 -31.20
N GLN D 1233 13.88 -20.09 -32.05
CA GLN D 1233 12.69 -20.91 -31.85
C GLN D 1233 12.79 -21.70 -30.56
N TYR D 1234 13.97 -22.23 -30.24
CA TYR D 1234 14.13 -23.00 -29.01
C TYR D 1234 13.88 -22.13 -27.79
N LEU D 1235 14.44 -20.92 -27.77
CA LEU D 1235 14.24 -20.02 -26.64
C LEU D 1235 12.76 -19.64 -26.52
N VAL D 1236 12.11 -19.32 -27.63
CA VAL D 1236 10.70 -18.96 -27.58
C VAL D 1236 9.87 -20.12 -27.04
N ASN D 1237 10.12 -21.32 -27.55
CA ASN D 1237 9.34 -22.49 -27.13
C ASN D 1237 9.57 -22.80 -25.66
N GLU D 1238 10.81 -22.70 -25.19
CA GLU D 1238 11.10 -23.01 -23.80
C GLU D 1238 10.46 -22.01 -22.86
N VAL D 1239 10.59 -20.71 -23.15
CA VAL D 1239 9.98 -19.70 -22.30
C VAL D 1239 8.46 -19.85 -22.30
N GLN D 1240 7.87 -20.06 -23.47
CA GLN D 1240 6.43 -20.19 -23.55
C GLN D 1240 5.95 -21.46 -22.85
N GLU D 1241 6.73 -22.54 -22.89
CA GLU D 1241 6.37 -23.74 -22.16
C GLU D 1241 6.40 -23.50 -20.66
N VAL D 1242 7.42 -22.79 -20.16
CA VAL D 1242 7.49 -22.49 -18.74
C VAL D 1242 6.30 -21.64 -18.31
N TYR D 1243 5.93 -20.65 -19.14
CA TYR D 1243 4.77 -19.83 -18.82
C TYR D 1243 3.47 -20.63 -18.94
N ARG D 1244 3.43 -21.62 -19.83
CA ARG D 1244 2.22 -22.40 -20.03
C ARG D 1244 1.98 -23.37 -18.88
N LEU D 1245 3.05 -23.89 -18.28
CA LEU D 1245 2.88 -24.84 -17.18
C LEU D 1245 2.05 -24.26 -16.04
N GLN D 1246 2.05 -22.94 -15.90
CA GLN D 1246 1.31 -22.27 -14.83
C GLN D 1246 -0.08 -21.83 -15.27
N GLY D 1247 -0.52 -22.22 -16.46
CA GLY D 1247 -1.86 -21.89 -16.90
C GLY D 1247 -2.04 -20.47 -17.39
N VAL D 1248 -0.97 -19.79 -17.79
CA VAL D 1248 -1.04 -18.43 -18.29
C VAL D 1248 -0.84 -18.45 -19.81
N LYS D 1249 -1.73 -17.78 -20.53
CA LYS D 1249 -1.66 -17.73 -21.98
C LYS D 1249 -1.09 -16.37 -22.41
N ILE D 1250 0.07 -16.40 -23.06
CA ILE D 1250 0.68 -15.23 -23.66
C ILE D 1250 1.07 -15.59 -25.08
N ASN D 1251 0.79 -14.68 -26.02
CA ASN D 1251 1.06 -14.95 -27.42
C ASN D 1251 2.56 -15.07 -27.67
N ASP D 1252 2.91 -15.87 -28.68
CA ASP D 1252 4.32 -16.10 -28.99
C ASP D 1252 4.99 -14.85 -29.54
N LYS D 1253 4.22 -13.91 -30.09
CA LYS D 1253 4.81 -12.76 -30.76
C LYS D 1253 5.57 -11.86 -29.79
N HIS D 1254 5.15 -11.79 -28.53
CA HIS D 1254 5.88 -11.00 -27.55
C HIS D 1254 7.27 -11.59 -27.28
N PHE D 1255 7.34 -12.89 -27.04
CA PHE D 1255 8.63 -13.54 -26.86
C PHE D 1255 9.48 -13.43 -28.11
N GLU D 1256 8.86 -13.50 -29.29
CA GLU D 1256 9.60 -13.34 -30.53
C GLU D 1256 10.21 -11.94 -30.63
N VAL D 1257 9.44 -10.92 -30.25
CA VAL D 1257 9.95 -9.55 -30.26
C VAL D 1257 11.14 -9.41 -29.31
N VAL D 1258 11.03 -10.01 -28.13
CA VAL D 1258 12.12 -9.91 -27.15
C VAL D 1258 13.36 -10.64 -27.66
N VAL D 1259 13.18 -11.85 -28.19
CA VAL D 1259 14.31 -12.65 -28.65
C VAL D 1259 14.98 -11.98 -29.85
N ARG D 1260 14.21 -11.24 -30.66
CA ARG D 1260 14.84 -10.47 -31.74
C ARG D 1260 15.83 -9.47 -31.19
N GLN D 1261 15.48 -8.73 -30.14
CA GLN D 1261 16.42 -7.81 -29.51
C GLN D 1261 17.57 -8.56 -28.85
N MET D 1262 17.32 -9.79 -28.40
CA MET D 1262 18.38 -10.59 -27.79
C MET D 1262 19.43 -11.05 -28.80
N MET D 1263 19.18 -10.88 -30.10
CA MET D 1263 20.09 -11.34 -31.15
C MET D 1263 20.45 -10.23 -32.13
N ARG D 1264 20.82 -9.05 -31.64
CA ARG D 1264 21.13 -7.93 -32.50
C ARG D 1264 22.62 -7.73 -32.75
N LYS D 1265 23.48 -8.60 -32.22
CA LYS D 1265 24.92 -8.41 -32.29
C LYS D 1265 25.61 -9.63 -32.88
N VAL D 1266 26.81 -9.40 -33.40
CA VAL D 1266 27.67 -10.45 -33.94
C VAL D 1266 29.07 -10.29 -33.35
N GLN D 1267 29.82 -11.39 -33.35
CA GLN D 1267 31.18 -11.41 -32.84
C GLN D 1267 32.16 -11.58 -34.01
N ILE D 1268 33.14 -10.69 -34.09
CA ILE D 1268 34.00 -10.62 -35.27
C ILE D 1268 35.17 -11.59 -35.10
N GLN D 1269 35.41 -12.38 -36.14
CA GLN D 1269 36.46 -13.40 -36.11
C GLN D 1269 37.73 -12.95 -36.83
N ASP D 1270 37.62 -11.96 -37.71
CA ASP D 1270 38.76 -11.41 -38.43
C ASP D 1270 38.44 -9.97 -38.77
N SER D 1271 39.29 -9.05 -38.31
CA SER D 1271 39.07 -7.62 -38.56
C SER D 1271 39.32 -7.23 -40.01
N GLY D 1272 40.12 -7.98 -40.75
CA GLY D 1272 40.49 -7.56 -42.09
C GLY D 1272 41.21 -6.23 -42.03
N ASP D 1273 40.79 -5.29 -42.87
CA ASP D 1273 41.28 -3.92 -42.81
C ASP D 1273 40.28 -2.98 -42.15
N THR D 1274 39.19 -3.51 -41.60
CA THR D 1274 38.13 -2.68 -41.05
C THR D 1274 38.57 -2.04 -39.73
N THR D 1275 37.73 -1.13 -39.25
CA THR D 1275 37.98 -0.39 -38.03
C THR D 1275 37.89 -1.25 -36.77
N PHE D 1276 37.22 -2.40 -36.85
CA PHE D 1276 36.86 -3.15 -35.66
C PHE D 1276 38.03 -3.99 -35.16
N LEU D 1277 37.82 -4.67 -34.04
CA LEU D 1277 38.86 -5.34 -33.29
C LEU D 1277 38.47 -6.79 -33.02
N GLU D 1278 39.47 -7.63 -32.75
CA GLU D 1278 39.24 -9.06 -32.62
C GLU D 1278 38.39 -9.37 -31.39
N ASN D 1279 37.44 -10.29 -31.55
CA ASN D 1279 36.46 -10.66 -30.53
C ASN D 1279 35.61 -9.48 -30.06
N GLN D 1280 35.36 -8.50 -30.92
CA GLN D 1280 34.56 -7.36 -30.54
C GLN D 1280 33.09 -7.58 -30.89
N LEU D 1281 32.21 -7.19 -29.97
CA LEU D 1281 30.77 -7.27 -30.20
C LEU D 1281 30.28 -5.97 -30.81
N VAL D 1282 29.75 -6.05 -32.03
CA VAL D 1282 29.25 -4.88 -32.74
C VAL D 1282 27.85 -5.16 -33.25
N HIS D 1283 27.11 -4.09 -33.51
CA HIS D 1283 25.81 -4.22 -34.13
C HIS D 1283 25.95 -4.81 -35.53
N LYS D 1284 24.97 -5.61 -35.93
CA LYS D 1284 24.98 -6.19 -37.27
C LYS D 1284 24.90 -5.09 -38.33
N ASP D 1285 24.09 -4.07 -38.08
CA ASP D 1285 23.97 -2.98 -39.04
C ASP D 1285 25.29 -2.23 -39.19
N ASP D 1286 25.98 -1.99 -38.08
CA ASP D 1286 27.28 -1.31 -38.14
C ASP D 1286 28.30 -2.15 -38.90
N PHE D 1287 28.32 -3.47 -38.66
CA PHE D 1287 29.23 -4.35 -39.37
C PHE D 1287 28.96 -4.32 -40.87
N ILE D 1288 27.69 -4.42 -41.26
CA ILE D 1288 27.36 -4.41 -42.67
C ILE D 1288 27.70 -3.06 -43.30
N ASN D 1289 27.43 -1.96 -42.57
CA ASN D 1289 27.75 -0.64 -43.10
C ASN D 1289 29.26 -0.47 -43.30
N GLU D 1290 30.06 -0.92 -42.35
CA GLU D 1290 31.51 -0.82 -42.49
C GLU D 1290 32.01 -1.67 -43.65
N ASN D 1291 31.51 -2.91 -43.77
CA ASN D 1291 31.93 -3.78 -44.84
C ASN D 1291 31.56 -3.21 -46.21
N ASP D 1292 30.38 -2.60 -46.32
CA ASP D 1292 29.99 -1.96 -47.56
C ASP D 1292 30.83 -0.72 -47.84
N GLU D 1293 31.17 0.05 -46.81
CA GLU D 1293 31.97 1.25 -47.00
C GLU D 1293 33.38 0.92 -47.49
N ILE D 1294 34.01 -0.12 -46.94
CA ILE D 1294 35.37 -0.46 -47.35
C ILE D 1294 35.42 -1.28 -48.63
N PHE D 1295 34.28 -1.77 -49.12
CA PHE D 1295 34.30 -2.66 -50.28
C PHE D 1295 34.75 -1.93 -51.53
N GLY D 1296 35.62 -2.58 -52.31
CA GLY D 1296 36.09 -2.06 -53.56
C GLY D 1296 37.24 -1.07 -53.47
N LYS D 1297 37.70 -0.75 -52.27
CA LYS D 1297 38.78 0.21 -52.11
C LYS D 1297 40.13 -0.50 -52.06
N LYS D 1298 41.20 0.30 -52.01
CA LYS D 1298 42.56 -0.21 -52.01
C LYS D 1298 43.35 0.39 -50.86
N VAL D 1299 44.18 -0.44 -50.24
CA VAL D 1299 45.05 -0.03 -49.14
C VAL D 1299 46.47 0.09 -49.68
N VAL D 1300 47.09 1.23 -49.44
CA VAL D 1300 48.41 1.50 -50.00
C VAL D 1300 49.45 0.67 -49.24
N GLU D 1301 50.19 -0.16 -49.98
CA GLU D 1301 51.27 -0.95 -49.40
C GLU D 1301 52.59 -0.19 -49.42
N ASP D 1302 53.01 0.25 -50.60
CA ASP D 1302 54.23 1.05 -50.76
C ASP D 1302 53.87 2.32 -51.52
N ALA D 1303 54.15 3.48 -50.91
CA ALA D 1303 53.80 4.75 -51.52
C ALA D 1303 54.73 5.15 -52.66
N GLY D 1304 55.92 4.57 -52.73
CA GLY D 1304 56.85 4.95 -53.78
C GLY D 1304 57.25 6.41 -53.66
N ASP D 1305 57.09 7.14 -54.76
CA ASP D 1305 57.44 8.56 -54.82
C ASP D 1305 56.24 9.48 -54.70
N SER D 1306 55.06 8.93 -54.39
CA SER D 1306 53.86 9.76 -54.28
C SER D 1306 53.91 10.61 -53.02
N GLU D 1307 53.47 11.86 -53.14
CA GLU D 1307 53.47 12.78 -52.01
C GLU D 1307 52.09 12.94 -51.37
N ARG D 1308 51.01 12.65 -52.09
CA ARG D 1308 49.67 12.75 -51.54
C ARG D 1308 49.23 11.50 -50.80
N LEU D 1309 49.85 10.36 -51.07
CA LEU D 1309 49.49 9.09 -50.44
C LEU D 1309 50.66 8.56 -49.62
N LYS D 1310 50.37 8.16 -48.39
CA LYS D 1310 51.31 7.50 -47.52
C LYS D 1310 50.96 6.01 -47.39
N PRO D 1311 51.93 5.16 -47.05
CA PRO D 1311 51.61 3.74 -46.88
C PRO D 1311 50.71 3.53 -45.67
N GLY D 1312 49.53 2.99 -45.91
CA GLY D 1312 48.56 2.74 -44.87
C GLY D 1312 47.19 3.35 -45.08
N GLN D 1313 47.02 4.20 -46.08
CA GLN D 1313 45.71 4.79 -46.33
C GLN D 1313 44.88 3.89 -47.25
N ILE D 1314 43.60 3.77 -46.92
CA ILE D 1314 42.64 3.13 -47.80
C ILE D 1314 42.18 4.17 -48.82
N VAL D 1315 42.42 3.88 -50.11
CA VAL D 1315 42.04 4.77 -51.19
C VAL D 1315 41.11 4.03 -52.15
N THR D 1316 40.23 4.79 -52.78
CA THR D 1316 39.37 4.23 -53.81
C THR D 1316 40.18 3.88 -55.05
N ALA D 1317 39.67 2.94 -55.83
CA ALA D 1317 40.37 2.52 -57.04
C ALA D 1317 40.55 3.65 -58.03
N ARG D 1318 39.56 4.55 -58.13
CA ARG D 1318 39.69 5.71 -59.01
C ARG D 1318 40.82 6.63 -58.56
N GLN D 1319 40.90 6.89 -57.25
CA GLN D 1319 41.98 7.73 -56.73
C GLN D 1319 43.34 7.09 -56.95
N LEU D 1320 43.43 5.78 -56.72
CA LEU D 1320 44.70 5.08 -56.92
C LEU D 1320 45.11 5.12 -58.38
N ARG D 1321 44.15 4.92 -59.29
CA ARG D 1321 44.45 4.98 -60.72
C ARG D 1321 44.92 6.38 -61.12
N ASP D 1322 44.25 7.42 -60.60
CA ASP D 1322 44.66 8.79 -60.92
C ASP D 1322 46.06 9.08 -60.40
N GLU D 1323 46.36 8.64 -59.18
CA GLU D 1323 47.68 8.88 -58.60
C GLU D 1323 48.76 8.16 -59.39
N ASN D 1324 48.49 6.91 -59.79
CA ASN D 1324 49.47 6.18 -60.59
C ASN D 1324 49.65 6.81 -61.97
N SER D 1325 48.56 7.33 -62.56
CA SER D 1325 48.70 8.04 -63.83
C SER D 1325 49.56 9.28 -63.68
N ILE D 1326 49.35 10.04 -62.60
CA ILE D 1326 50.15 11.23 -62.35
C ILE D 1326 51.63 10.86 -62.18
N LEU D 1327 51.89 9.79 -61.41
CA LEU D 1327 53.27 9.36 -61.22
C LEU D 1327 53.89 8.87 -62.52
N ARG D 1328 53.11 8.18 -63.36
CA ARG D 1328 53.60 7.72 -64.66
C ARG D 1328 53.96 8.89 -65.56
N ARG D 1329 53.15 9.95 -65.53
CA ARG D 1329 53.50 11.16 -66.27
C ARG D 1329 54.79 11.76 -65.70
N GLU D 1330 54.98 11.65 -64.39
CA GLU D 1330 56.18 12.12 -63.71
C GLU D 1330 57.34 11.12 -63.81
N ASP D 1331 57.10 9.94 -64.38
CA ASP D 1331 58.12 8.90 -64.52
C ASP D 1331 58.69 8.51 -63.15
N LYS D 1332 57.82 8.40 -62.16
CA LYS D 1332 58.20 8.03 -60.81
C LYS D 1332 57.73 6.62 -60.49
N THR D 1333 58.20 6.10 -59.36
CA THR D 1333 57.78 4.77 -58.92
C THR D 1333 56.29 4.76 -58.61
N LEU D 1334 55.61 3.73 -59.11
CA LEU D 1334 54.16 3.64 -58.96
C LEU D 1334 53.78 3.16 -57.57
N VAL D 1335 52.58 3.56 -57.14
CA VAL D 1335 52.06 3.12 -55.85
C VAL D 1335 51.51 1.71 -55.97
N THR D 1336 51.94 0.82 -55.08
CA THR D 1336 51.42 -0.54 -55.02
C THR D 1336 50.40 -0.63 -53.89
N ALA D 1337 49.19 -1.07 -54.24
CA ALA D 1337 48.11 -1.16 -53.28
C ALA D 1337 47.43 -2.52 -53.38
N ARG D 1338 46.94 -3.01 -52.25
CA ARG D 1338 46.26 -4.29 -52.18
C ARG D 1338 44.75 -4.09 -52.04
N ASP D 1339 44.01 -5.11 -52.44
CA ASP D 1339 42.55 -5.05 -52.36
C ASP D 1339 42.10 -5.01 -50.90
N ALA D 1340 41.00 -4.30 -50.67
CA ALA D 1340 40.44 -4.21 -49.32
C ALA D 1340 39.92 -5.57 -48.88
N VAL D 1341 40.15 -5.91 -47.62
CA VAL D 1341 39.70 -7.18 -47.06
C VAL D 1341 38.57 -6.90 -46.08
N ALA D 1342 37.40 -7.48 -46.35
CA ALA D 1342 36.24 -7.27 -45.49
C ALA D 1342 36.39 -8.06 -44.20
N ALA D 1343 35.72 -7.58 -43.16
CA ALA D 1343 35.73 -8.26 -41.88
C ALA D 1343 34.68 -9.37 -41.85
N THR D 1344 34.97 -10.42 -41.11
CA THR D 1344 34.05 -11.54 -40.93
C THR D 1344 33.59 -11.59 -39.48
N ALA D 1345 32.37 -12.10 -39.28
CA ALA D 1345 31.79 -12.13 -37.95
C ALA D 1345 30.82 -13.30 -37.86
N THR D 1346 30.60 -13.75 -36.62
CA THR D 1346 29.65 -14.83 -36.36
C THR D 1346 28.55 -14.32 -35.41
N PRO D 1347 27.31 -14.75 -35.62
CA PRO D 1347 26.23 -14.30 -34.73
C PRO D 1347 26.41 -14.85 -33.32
N ILE D 1348 26.00 -14.05 -32.35
CA ILE D 1348 26.13 -14.42 -30.94
C ILE D 1348 24.80 -14.16 -30.24
N LEU D 1349 24.61 -14.84 -29.11
CA LEU D 1349 23.39 -14.71 -28.33
C LEU D 1349 23.71 -14.05 -27.00
N GLN D 1350 23.02 -12.96 -26.70
CA GLN D 1350 23.22 -12.22 -25.46
C GLN D 1350 22.04 -12.41 -24.53
N GLY D 1351 22.29 -12.18 -23.24
CA GLY D 1351 21.19 -12.03 -22.31
C GLY D 1351 20.54 -10.67 -22.44
N ILE D 1352 19.41 -10.50 -21.74
CA ILE D 1352 18.68 -9.23 -21.83
C ILE D 1352 19.50 -8.10 -21.23
N THR D 1353 20.21 -8.36 -20.13
CA THR D 1353 21.01 -7.32 -19.50
C THR D 1353 22.13 -6.84 -20.42
N ARG D 1354 22.87 -7.77 -21.02
CA ARG D 1354 23.96 -7.39 -21.92
C ARG D 1354 23.43 -6.67 -23.14
N ALA D 1355 22.32 -7.13 -23.70
CA ALA D 1355 21.74 -6.48 -24.87
C ALA D 1355 21.30 -5.05 -24.55
N SER D 1356 20.69 -4.85 -23.38
CA SER D 1356 20.29 -3.50 -22.99
C SER D 1356 21.50 -2.63 -22.69
N LEU D 1357 22.58 -3.22 -22.19
CA LEU D 1357 23.76 -2.44 -21.78
C LEU D 1357 24.47 -1.76 -22.94
N GLN D 1358 24.24 -2.19 -24.18
CA GLN D 1358 24.99 -1.71 -25.33
C GLN D 1358 24.12 -0.98 -26.34
N THR D 1359 23.23 -0.10 -25.88
CA THR D 1359 22.39 0.67 -26.78
C THR D 1359 23.21 1.69 -27.56
N LYS D 1360 22.66 2.12 -28.70
CA LYS D 1360 23.39 3.03 -29.58
C LYS D 1360 23.45 4.44 -29.03
N SER D 1361 22.34 4.93 -28.47
CA SER D 1361 22.32 6.28 -27.93
C SER D 1361 23.16 6.35 -26.66
N PHE D 1362 23.85 7.47 -26.47
CA PHE D 1362 24.72 7.60 -25.31
C PHE D 1362 23.96 8.08 -24.08
N ILE D 1363 22.85 8.80 -24.27
CA ILE D 1363 22.04 9.19 -23.12
C ILE D 1363 21.44 7.97 -22.45
N SER D 1364 20.88 7.05 -23.24
CA SER D 1364 20.29 5.84 -22.67
C SER D 1364 21.35 4.97 -22.01
N ALA D 1365 22.50 4.79 -22.68
CA ALA D 1365 23.56 3.97 -22.11
C ALA D 1365 24.10 4.57 -20.82
N ALA D 1366 24.29 5.89 -20.79
CA ALA D 1366 24.70 6.55 -19.55
C ALA D 1366 23.66 6.39 -18.47
N SER D 1367 22.37 6.46 -18.83
CA SER D 1367 21.30 6.26 -17.87
C SER D 1367 21.27 4.85 -17.32
N PHE D 1368 21.70 3.86 -18.09
CA PHE D 1368 21.57 2.48 -17.63
C PHE D 1368 22.69 2.10 -16.66
N GLN D 1369 23.93 2.06 -17.16
CA GLN D 1369 25.10 1.68 -16.36
C GLN D 1369 26.36 2.22 -17.03
N GLU D 1370 27.50 2.03 -16.36
CA GLU D 1370 28.81 2.53 -16.78
C GLU D 1370 28.71 3.93 -17.39
N THR D 1371 28.26 4.88 -16.58
CA THR D 1371 28.06 6.25 -17.05
C THR D 1371 29.38 6.88 -17.48
N THR D 1372 30.44 6.65 -16.70
CA THR D 1372 31.72 7.32 -16.96
C THR D 1372 32.29 6.94 -18.32
N LYS D 1373 32.40 5.65 -18.60
CA LYS D 1373 33.00 5.19 -19.85
C LYS D 1373 32.19 5.63 -21.06
N VAL D 1374 30.86 5.52 -20.97
CA VAL D 1374 30.00 5.91 -22.10
C VAL D 1374 30.11 7.41 -22.35
N LEU D 1375 30.05 8.21 -21.29
CA LEU D 1375 30.16 9.66 -21.47
C LEU D 1375 31.52 10.05 -22.02
N ASN D 1376 32.60 9.41 -21.55
CA ASN D 1376 33.92 9.68 -22.08
C ASN D 1376 34.00 9.37 -23.57
N GLU D 1377 33.55 8.18 -23.96
CA GLU D 1377 33.63 7.77 -25.36
C GLU D 1377 32.79 8.70 -26.23
N ALA D 1378 31.59 9.07 -25.76
CA ALA D 1378 30.75 9.98 -26.54
C ALA D 1378 31.41 11.35 -26.68
N ALA D 1379 31.97 11.88 -25.59
CA ALA D 1379 32.59 13.21 -25.66
C ALA D 1379 33.79 13.22 -26.58
N VAL D 1380 34.61 12.17 -26.52
CA VAL D 1380 35.75 12.10 -27.44
C VAL D 1380 35.28 11.95 -28.88
N ASN D 1381 34.32 11.06 -29.11
CA ASN D 1381 33.82 10.78 -30.45
C ASN D 1381 32.93 11.89 -30.98
N GLY D 1382 32.48 12.81 -30.14
CA GLY D 1382 31.55 13.82 -30.60
C GLY D 1382 30.22 13.23 -31.04
N LYS D 1383 29.75 12.20 -30.33
CA LYS D 1383 28.54 11.50 -30.72
C LYS D 1383 27.34 12.43 -30.70
N VAL D 1384 26.45 12.25 -31.66
CA VAL D 1384 25.23 13.02 -31.78
C VAL D 1384 24.04 12.09 -31.54
N ASP D 1385 23.21 12.42 -30.55
CA ASP D 1385 22.06 11.61 -30.21
C ASP D 1385 20.83 12.21 -30.89
N THR D 1386 20.20 11.42 -31.75
CA THR D 1386 19.04 11.86 -32.51
C THR D 1386 17.73 11.63 -31.78
N LEU D 1387 17.77 11.10 -30.55
CA LEU D 1387 16.59 10.85 -29.74
C LEU D 1387 15.60 9.93 -30.47
N GLU D 1388 16.06 8.70 -30.73
CA GLU D 1388 15.25 7.73 -31.47
C GLU D 1388 14.56 6.72 -30.57
N GLY D 1389 14.94 6.64 -29.30
CA GLY D 1389 14.32 5.70 -28.39
C GLY D 1389 13.32 6.34 -27.44
N LEU D 1390 12.78 5.52 -26.54
CA LEU D 1390 11.81 6.02 -25.58
C LEU D 1390 12.49 6.54 -24.31
N LYS D 1391 13.53 5.85 -23.85
CA LYS D 1391 14.20 6.24 -22.61
C LYS D 1391 14.81 7.63 -22.74
N GLU D 1392 15.45 7.92 -23.88
CA GLU D 1392 16.05 9.22 -24.09
C GLU D 1392 15.02 10.34 -24.03
N ASN D 1393 13.91 10.17 -24.76
CA ASN D 1393 12.89 11.21 -24.79
C ASN D 1393 12.19 11.36 -23.44
N VAL D 1394 12.07 10.26 -22.68
CA VAL D 1394 11.56 10.37 -21.32
C VAL D 1394 12.51 11.20 -20.46
N ILE D 1395 13.81 10.96 -20.61
CA ILE D 1395 14.81 11.69 -19.83
C ILE D 1395 14.76 13.18 -20.17
N VAL D 1396 14.76 13.51 -21.47
CA VAL D 1396 14.79 14.91 -21.88
C VAL D 1396 13.42 15.58 -21.80
N GLY D 1397 12.34 14.81 -21.71
CA GLY D 1397 11.03 15.42 -21.64
C GLY D 1397 10.43 15.85 -22.95
N HIS D 1398 10.81 15.20 -24.04
CA HIS D 1398 10.17 15.42 -25.33
C HIS D 1398 9.07 14.38 -25.56
N LYS D 1399 8.35 14.56 -26.66
CA LYS D 1399 7.36 13.55 -27.05
C LYS D 1399 8.05 12.24 -27.39
N ILE D 1400 7.51 11.15 -26.87
CA ILE D 1400 8.11 9.84 -27.19
C ILE D 1400 7.86 9.53 -28.66
N PRO D 1401 8.78 8.89 -29.36
CA PRO D 1401 8.59 8.56 -30.77
C PRO D 1401 7.75 7.31 -31.00
N ALA D 1402 6.60 7.24 -30.32
CA ALA D 1402 5.69 6.12 -30.46
C ALA D 1402 4.27 6.62 -30.32
N GLY D 1403 3.35 5.90 -30.96
CA GLY D 1403 1.95 6.28 -30.90
C GLY D 1403 1.71 7.64 -31.54
N THR D 1404 1.12 8.54 -30.77
CA THR D 1404 0.75 9.87 -31.26
C THR D 1404 1.96 10.75 -31.55
N GLY D 1405 3.07 10.56 -30.84
CA GLY D 1405 4.19 11.49 -30.89
C GLY D 1405 5.22 11.27 -31.96
N MET D 1406 4.92 10.52 -33.02
CA MET D 1406 5.88 10.34 -34.09
C MET D 1406 6.16 11.65 -34.81
N ARG D 1407 7.37 11.76 -35.36
CA ARG D 1407 7.82 13.03 -35.93
C ARG D 1407 7.04 13.40 -37.19
N ASP D 1408 6.47 12.40 -37.89
CA ASP D 1408 5.69 12.69 -39.08
C ASP D 1408 4.43 13.49 -38.77
N TYR D 1409 3.88 13.35 -37.57
CA TYR D 1409 2.60 13.97 -37.24
C TYR D 1409 2.73 15.44 -36.88
N ASP D 1410 3.94 15.93 -36.64
CA ASP D 1410 4.11 17.35 -36.34
C ASP D 1410 4.02 18.19 -37.60
N SER D 1411 4.20 17.58 -38.77
CA SER D 1411 4.15 18.29 -40.05
C SER D 1411 2.76 18.33 -40.64
N ILE D 1412 1.76 17.80 -39.95
CA ILE D 1412 0.40 17.72 -40.49
C ILE D 1412 -0.29 19.07 -40.29
N ILE D 1413 -0.86 19.60 -41.36
CA ILE D 1413 -1.66 20.82 -41.33
C ILE D 1413 -3.13 20.46 -41.50
N VAL D 1414 -3.96 20.92 -40.57
CA VAL D 1414 -5.37 20.59 -40.57
C VAL D 1414 -6.19 21.87 -40.75
N GLY D 1415 -7.46 21.69 -41.09
CA GLY D 1415 -8.37 22.80 -41.22
C GLY D 1415 -9.76 22.31 -41.53
N SER D 1416 -10.71 23.23 -41.47
CA SER D 1416 -12.09 22.90 -41.80
C SER D 1416 -12.23 22.65 -43.29
N LYS D 1417 -12.92 21.56 -43.64
CA LYS D 1417 -13.08 21.21 -45.05
C LYS D 1417 -13.91 22.26 -45.78
N GLU D 1418 -14.95 22.80 -45.13
CA GLU D 1418 -15.72 23.87 -45.74
C GLU D 1418 -14.87 25.11 -45.98
N GLU D 1419 -14.04 25.46 -45.00
CA GLU D 1419 -13.15 26.61 -45.15
C GLU D 1419 -12.13 26.37 -46.26
N TYR D 1420 -11.59 25.16 -46.34
CA TYR D 1420 -10.63 24.85 -47.40
C TYR D 1420 -11.29 24.91 -48.77
N ASP D 1421 -12.51 24.41 -48.88
CA ASP D 1421 -13.24 24.48 -50.15
C ASP D 1421 -13.52 25.93 -50.53
N GLU D 1422 -13.91 26.76 -49.56
CA GLU D 1422 -14.14 28.17 -49.84
C GLU D 1422 -12.86 28.86 -50.31
N ILE D 1423 -11.74 28.55 -49.65
CA ILE D 1423 -10.47 29.14 -50.05
C ILE D 1423 -10.07 28.72 -51.45
N MET D 1424 -10.26 27.43 -51.77
CA MET D 1424 -9.94 26.95 -53.11
C MET D 1424 -10.84 27.59 -54.16
N ALA D 1425 -12.13 27.76 -53.85
CA ALA D 1425 -13.05 28.41 -54.79
C ALA D 1425 -12.64 29.86 -55.00
N ARG D 1426 -12.26 30.55 -53.94
CA ARG D 1426 -11.82 31.94 -54.07
C ARG D 1426 -10.55 32.04 -54.90
N LYS D 1427 -9.61 31.10 -54.68
CA LYS D 1427 -8.38 31.08 -55.48
C LYS D 1427 -8.69 30.84 -56.95
N GLU D 1428 -9.60 29.91 -57.24
CA GLU D 1428 -9.98 29.65 -58.63
C GLU D 1428 -10.65 30.87 -59.25
N GLU D 1429 -11.51 31.56 -58.49
CA GLU D 1429 -12.16 32.77 -59.00
C GLU D 1429 -11.13 33.86 -59.29
N PHE D 1430 -10.16 34.04 -58.40
CA PHE D 1430 -9.09 35.01 -58.63
C PHE D 1430 -8.18 34.62 -59.77
N LYS D 1431 -8.05 33.33 -60.07
CA LYS D 1431 -7.23 32.89 -61.19
C LYS D 1431 -7.85 33.21 -62.54
N PHE D 1432 -9.16 33.49 -62.57
CA PHE D 1432 -9.84 33.82 -63.82
C PHE D 1432 -9.87 35.33 -64.03
N MET E 1 -19.09 29.50 -39.57
CA MET E 1 -19.03 29.03 -38.19
C MET E 1 -19.93 27.82 -37.99
N GLN E 2 -19.51 26.92 -37.10
CA GLN E 2 -20.29 25.72 -36.82
C GLN E 2 -21.59 26.08 -36.10
N ASP E 3 -22.64 25.32 -36.42
CA ASP E 3 -23.94 25.46 -35.75
C ASP E 3 -23.87 24.70 -34.43
N LEU E 4 -23.39 25.37 -33.39
CA LEU E 4 -23.22 24.73 -32.09
C LEU E 4 -24.55 24.33 -31.46
N LYS E 5 -25.65 24.95 -31.87
CA LYS E 5 -26.95 24.62 -31.28
C LYS E 5 -27.45 23.26 -31.74
N ASN E 6 -27.13 22.86 -32.97
CA ASN E 6 -27.64 21.64 -33.56
C ASN E 6 -26.55 20.58 -33.77
N THR E 7 -25.47 20.66 -32.98
CA THR E 7 -24.39 19.69 -33.13
C THR E 7 -24.83 18.32 -32.64
N LYS E 8 -24.31 17.28 -33.29
CA LYS E 8 -24.61 15.89 -32.94
C LYS E 8 -23.54 15.25 -32.07
N ALA E 9 -22.52 16.00 -31.67
CA ALA E 9 -21.46 15.42 -30.86
C ALA E 9 -21.99 15.03 -29.48
N PRO E 10 -21.54 13.90 -28.93
CA PRO E 10 -22.00 13.51 -27.59
C PRO E 10 -21.54 14.52 -26.55
N VAL E 11 -22.42 14.75 -25.56
CA VAL E 11 -22.10 15.70 -24.49
C VAL E 11 -21.02 15.14 -23.58
N SER E 12 -21.12 13.87 -23.20
CA SER E 12 -20.18 13.22 -22.29
C SER E 12 -19.35 12.20 -23.06
N THR E 13 -18.44 11.55 -22.34
CA THR E 13 -17.58 10.54 -22.95
C THR E 13 -18.42 9.35 -23.38
N ALA E 14 -18.16 8.83 -24.58
CA ALA E 14 -18.90 7.72 -25.14
C ALA E 14 -17.94 6.72 -25.75
N THR E 15 -18.40 5.47 -25.84
CA THR E 15 -17.61 4.40 -26.44
C THR E 15 -17.67 4.53 -27.96
N LEU E 16 -16.62 5.08 -28.55
CA LEU E 16 -16.57 5.28 -30.00
C LEU E 16 -15.99 4.04 -30.68
N ASN E 17 -16.40 3.84 -31.93
CA ASN E 17 -15.89 2.72 -32.73
C ASN E 17 -14.52 3.10 -33.28
N ARG E 18 -13.48 2.39 -32.82
CA ARG E 18 -12.13 2.70 -33.28
C ARG E 18 -11.97 2.46 -34.78
N ASN E 19 -12.64 1.43 -35.31
CA ASN E 19 -12.50 1.11 -36.73
C ASN E 19 -12.98 2.25 -37.62
N GLU E 20 -14.09 2.89 -37.24
CA GLU E 20 -14.58 4.02 -38.02
C GLU E 20 -13.69 5.24 -37.87
N PHE E 21 -13.12 5.43 -36.67
CA PHE E 21 -12.30 6.61 -36.42
C PHE E 21 -11.02 6.59 -37.26
N ASP E 22 -10.38 5.43 -37.39
CA ASP E 22 -9.12 5.32 -38.10
C ASP E 22 -9.27 4.77 -39.51
N SER E 23 -10.49 4.64 -40.02
CA SER E 23 -10.69 4.10 -41.36
C SER E 23 -10.08 5.00 -42.43
N LYS E 24 -10.21 6.32 -42.28
CA LYS E 24 -9.76 7.25 -43.32
C LYS E 24 -8.25 7.32 -43.42
N THR E 25 -7.54 7.28 -42.28
CA THR E 25 -6.09 7.37 -42.29
C THR E 25 -5.40 6.01 -42.16
N GLY E 26 -6.08 5.00 -41.64
CA GLY E 26 -5.44 3.72 -41.40
C GLY E 26 -4.57 3.67 -40.18
N ASN E 27 -4.51 4.76 -39.41
CA ASN E 27 -3.69 4.82 -38.20
C ASN E 27 -4.44 5.63 -37.17
N ILE E 28 -4.75 5.01 -36.02
CA ILE E 28 -5.54 5.69 -35.00
C ILE E 28 -4.77 6.87 -34.42
N TYR E 29 -3.44 6.77 -34.35
CA TYR E 29 -2.65 7.85 -33.75
C TYR E 29 -2.66 9.09 -34.63
N GLU E 30 -2.54 8.92 -35.95
CA GLU E 30 -2.63 10.06 -36.85
C GLU E 30 -4.00 10.72 -36.79
N ALA E 31 -5.06 9.90 -36.73
CA ALA E 31 -6.41 10.45 -36.61
C ALA E 31 -6.56 11.21 -35.30
N ILE E 32 -6.01 10.69 -34.21
CA ILE E 32 -6.08 11.37 -32.93
C ILE E 32 -5.36 12.71 -32.98
N SER E 33 -4.17 12.74 -33.61
CA SER E 33 -3.43 13.99 -33.73
C SER E 33 -4.21 15.02 -34.55
N ILE E 34 -4.78 14.60 -35.68
CA ILE E 34 -5.56 15.51 -36.51
C ILE E 34 -6.77 16.02 -35.74
N ALA E 35 -7.45 15.13 -35.02
CA ALA E 35 -8.61 15.51 -34.24
C ALA E 35 -8.25 16.50 -33.15
N SER E 36 -7.09 16.33 -32.51
CA SER E 36 -6.70 17.24 -31.45
C SER E 36 -6.31 18.62 -32.00
N LYS E 37 -5.66 18.65 -33.16
CA LYS E 37 -5.37 19.95 -33.78
C LYS E 37 -6.65 20.67 -34.15
N ARG E 38 -7.60 19.95 -34.75
CA ARG E 38 -8.91 20.54 -35.05
C ARG E 38 -9.63 20.96 -33.77
N ALA E 39 -9.43 20.20 -32.69
CA ALA E 39 -10.04 20.55 -31.42
C ALA E 39 -9.47 21.85 -30.86
N VAL E 40 -8.16 22.05 -31.02
CA VAL E 40 -7.55 23.31 -30.61
C VAL E 40 -8.14 24.46 -31.40
N GLN E 41 -8.28 24.28 -32.72
CA GLN E 41 -8.89 25.32 -33.54
C GLN E 41 -10.33 25.61 -33.11
N ILE E 42 -11.11 24.55 -32.86
CA ILE E 42 -12.49 24.70 -32.43
C ILE E 42 -12.57 25.41 -31.09
N ASN E 43 -11.68 25.06 -30.16
CA ASN E 43 -11.67 25.71 -28.86
C ASN E 43 -11.34 27.20 -28.98
N SER E 44 -10.40 27.54 -29.86
CA SER E 44 -10.10 28.95 -30.09
C SER E 44 -11.32 29.69 -30.63
N ASP E 45 -12.00 29.10 -31.62
CA ASP E 45 -13.17 29.75 -32.19
C ASP E 45 -14.29 29.91 -31.15
N ILE E 46 -14.49 28.86 -30.34
CA ILE E 46 -15.54 28.90 -29.32
C ILE E 46 -15.23 29.95 -28.27
N LYS E 47 -13.96 30.03 -27.85
CA LYS E 47 -13.57 31.06 -26.89
C LYS E 47 -13.79 32.45 -27.46
N LYS E 48 -13.46 32.67 -28.74
CA LYS E 48 -13.68 33.97 -29.34
C LYS E 48 -15.16 34.32 -29.37
N GLU E 49 -16.01 33.37 -29.78
CA GLU E 49 -17.45 33.63 -29.84
C GLU E 49 -18.02 33.91 -28.45
N LEU E 50 -17.61 33.13 -27.46
CA LEU E 50 -18.09 33.34 -26.09
C LEU E 50 -17.62 34.69 -25.55
N LEU E 51 -16.38 35.06 -25.84
CA LEU E 51 -15.88 36.36 -25.39
C LEU E 51 -16.67 37.50 -26.02
N GLU E 52 -16.97 37.40 -27.31
CA GLU E 52 -17.77 38.43 -27.96
C GLU E 52 -19.16 38.51 -27.34
N LYS E 53 -19.80 37.36 -27.11
CA LYS E 53 -21.13 37.35 -26.52
C LYS E 53 -21.12 37.94 -25.11
N LEU E 54 -20.13 37.59 -24.31
CA LEU E 54 -20.03 38.12 -22.95
C LEU E 54 -19.77 39.63 -22.96
N GLU E 55 -18.92 40.10 -23.88
CA GLU E 55 -18.69 41.54 -24.00
C GLU E 55 -19.98 42.26 -24.40
N GLU E 56 -20.81 41.61 -25.22
CA GLU E 56 -22.12 42.20 -25.54
C GLU E 56 -22.99 42.34 -24.31
N PHE E 57 -22.98 41.35 -23.42
CA PHE E 57 -23.81 41.35 -22.22
C PHE E 57 -23.08 41.85 -20.99
N ALA E 58 -21.84 42.33 -21.12
CA ALA E 58 -21.07 42.79 -19.97
C ALA E 58 -21.65 44.10 -19.45
N THR E 59 -21.88 44.17 -18.14
CA THR E 59 -22.38 45.38 -17.50
C THR E 59 -21.30 45.99 -16.63
N TYR E 60 -21.08 47.29 -16.80
CA TYR E 60 -20.04 48.00 -16.07
C TYR E 60 -20.55 48.36 -14.68
N SER E 61 -20.03 47.69 -13.65
CA SER E 61 -20.39 47.94 -12.27
C SER E 61 -19.17 48.46 -11.53
N ASP E 62 -19.33 49.59 -10.84
CA ASP E 62 -18.25 50.21 -10.08
C ASP E 62 -18.20 49.75 -8.63
N SER E 63 -19.08 48.82 -8.24
CA SER E 63 -19.10 48.34 -6.87
C SER E 63 -17.84 47.52 -6.58
N LEU E 64 -17.34 47.64 -5.34
CA LEU E 64 -16.16 46.91 -4.90
C LEU E 64 -16.48 45.52 -4.40
N GLU E 65 -17.70 45.03 -4.61
CA GLU E 65 -18.09 43.71 -4.14
C GLU E 65 -17.30 42.63 -4.88
N GLU E 66 -16.97 41.57 -4.14
CA GLU E 66 -16.24 40.44 -4.72
C GLU E 66 -17.13 39.52 -5.54
N VAL E 67 -18.45 39.60 -5.38
CA VAL E 67 -19.39 38.74 -6.07
C VAL E 67 -20.35 39.61 -6.87
N PHE E 68 -20.54 39.27 -8.14
CA PHE E 68 -21.46 39.98 -9.02
C PHE E 68 -22.52 39.02 -9.54
N GLU E 69 -23.68 39.56 -9.87
CA GLU E 69 -24.82 38.78 -10.37
C GLU E 69 -25.36 39.43 -11.64
N ASN E 70 -25.13 38.79 -12.78
CA ASN E 70 -25.64 39.24 -14.07
C ASN E 70 -26.39 38.05 -14.68
N LYS E 71 -27.72 38.09 -14.59
CA LYS E 71 -28.52 36.92 -14.96
C LYS E 71 -28.37 36.58 -16.44
N GLU E 72 -28.36 37.59 -17.31
CA GLU E 72 -28.21 37.32 -18.74
C GLU E 72 -26.83 36.74 -19.05
N GLN E 73 -25.78 37.29 -18.43
CA GLN E 73 -24.44 36.75 -18.61
C GLN E 73 -24.35 35.32 -18.10
N ILE E 74 -24.97 35.06 -16.95
CA ILE E 74 -24.98 33.70 -16.41
C ILE E 74 -25.70 32.75 -17.35
N GLU E 75 -26.81 33.20 -17.94
CA GLU E 75 -27.56 32.34 -18.86
C GLU E 75 -26.75 32.03 -20.12
N VAL E 76 -26.07 33.04 -20.67
CA VAL E 76 -25.24 32.81 -21.86
C VAL E 76 -24.10 31.86 -21.54
N SER E 77 -23.47 32.07 -20.38
CA SER E 77 -22.38 31.19 -19.96
C SER E 77 -22.87 29.75 -19.77
N LYS E 78 -24.05 29.59 -19.18
CA LYS E 78 -24.63 28.26 -19.00
C LYS E 78 -24.91 27.60 -20.34
N PHE E 79 -25.45 28.36 -21.30
CA PHE E 79 -25.72 27.81 -22.62
C PHE E 79 -24.43 27.33 -23.28
N TYR E 80 -23.36 28.12 -23.17
CA TYR E 80 -22.08 27.68 -23.73
C TYR E 80 -21.50 26.50 -22.95
N GLU E 81 -21.73 26.44 -21.64
CA GLU E 81 -21.23 25.34 -20.83
C GLU E 81 -21.90 24.02 -21.21
N LYS E 82 -23.20 24.03 -21.47
CA LYS E 82 -23.92 22.81 -21.79
C LYS E 82 -23.55 22.25 -23.16
N LEU E 83 -22.81 22.99 -23.97
CA LEU E 83 -22.40 22.51 -25.29
C LEU E 83 -21.36 21.40 -25.15
N PRO E 84 -21.24 20.53 -26.15
CA PRO E 84 -20.21 19.50 -26.10
C PRO E 84 -18.81 20.11 -26.08
N LYS E 85 -17.87 19.38 -25.48
CA LYS E 85 -16.51 19.85 -25.36
C LYS E 85 -15.85 19.95 -26.74
N PRO E 86 -14.85 20.83 -26.88
CA PRO E 86 -14.21 21.01 -28.20
C PRO E 86 -13.66 19.73 -28.82
N HIS E 87 -13.08 18.85 -28.01
CA HIS E 87 -12.54 17.61 -28.56
C HIS E 87 -13.65 16.69 -29.05
N ALA E 88 -14.80 16.68 -28.36
CA ALA E 88 -15.95 15.92 -28.84
C ALA E 88 -16.43 16.47 -30.19
N LEU E 89 -16.46 17.79 -30.33
CA LEU E 89 -16.84 18.38 -31.61
C LEU E 89 -15.84 18.02 -32.70
N ALA E 90 -14.55 17.99 -32.36
CA ALA E 90 -13.54 17.60 -33.33
C ALA E 90 -13.71 16.15 -33.76
N VAL E 91 -14.03 15.27 -32.80
CA VAL E 91 -14.28 13.86 -33.13
C VAL E 91 -15.50 13.74 -34.04
N GLN E 92 -16.56 14.48 -33.74
CA GLN E 92 -17.76 14.45 -34.57
C GLN E 92 -17.45 14.94 -35.99
N GLU E 93 -16.65 15.99 -36.10
CA GLU E 93 -16.23 16.49 -37.42
C GLU E 93 -15.41 15.43 -38.15
N TRP E 94 -14.51 14.76 -37.45
CA TRP E 94 -13.68 13.73 -38.07
C TRP E 94 -14.52 12.57 -38.58
N LEU E 95 -15.54 12.17 -37.82
CA LEU E 95 -16.39 11.07 -38.23
C LEU E 95 -17.22 11.43 -39.46
N GLU E 96 -17.60 12.70 -39.58
CA GLU E 96 -18.42 13.17 -40.70
C GLU E 96 -17.61 13.64 -41.89
N ASP E 97 -16.28 13.47 -41.86
CA ASP E 97 -15.40 13.86 -42.96
C ASP E 97 -15.45 15.36 -43.22
N LYS E 98 -15.47 16.14 -42.13
CA LYS E 98 -15.49 17.59 -42.21
C LYS E 98 -14.14 18.22 -41.86
N ILE E 99 -13.09 17.43 -41.79
CA ILE E 99 -11.76 17.93 -41.44
C ILE E 99 -10.82 17.68 -42.61
N TYR E 100 -10.13 18.73 -43.05
CA TYR E 100 -9.13 18.61 -44.11
C TYR E 100 -7.74 18.55 -43.51
N TYR E 101 -6.98 17.51 -43.89
CA TYR E 101 -5.64 17.32 -43.36
C TYR E 101 -4.68 17.07 -44.52
N ARG E 102 -3.44 17.52 -44.34
CA ARG E 102 -2.41 17.34 -45.34
C ARG E 102 -1.06 17.22 -44.64
N ASN E 103 -0.28 16.21 -45.03
CA ASN E 103 1.06 16.01 -44.49
C ASN E 103 2.06 16.75 -45.38
N THR E 104 2.67 17.80 -44.82
CA THR E 104 3.61 18.60 -45.61
C THR E 104 4.86 17.81 -45.99
N GLU E 105 5.36 16.97 -45.08
CA GLU E 105 6.55 16.19 -45.38
C GLU E 105 6.30 15.16 -46.48
N LYS E 106 5.10 14.56 -46.50
CA LYS E 106 4.80 13.57 -47.54
C LYS E 106 4.59 14.21 -48.90
N ASP E 107 4.11 15.45 -48.93
CA ASP E 107 3.87 16.15 -50.18
C ASP E 107 5.06 16.97 -50.65
N ALA E 108 6.17 16.95 -49.91
CA ALA E 108 7.35 17.71 -50.30
C ALA E 108 8.25 16.89 -51.21
#